data_3L72
#
_entry.id   3L72
#
_cell.length_a   172.614
_cell.length_b   181.548
_cell.length_c   241.033
_cell.angle_alpha   90.00
_cell.angle_beta   90.00
_cell.angle_gamma   90.00
#
_symmetry.space_group_name_H-M   'P 21 21 21'
#
loop_
_entity.id
_entity.type
_entity.pdbx_description
1 polymer 'MITOCHONDRIAL UBIQUINOL-CYTOCHROME-C REDUCTASE COMPLEX CORE PROTEIN I'
2 polymer 'MITOCHONDRIAL UBIQUINOL-CYTOCHROME-C REDUCTASE COMPLEX CORE PROTEIN 2'
3 polymer 'CYTOCHROME B'
4 polymer 'MITOCHONDRIAL CYTOCHROME C1, HEME PROTEIN'
5 polymer 'CYTOCHROME B-C1 COMPLEX SUBUNIT 5, RIESKE IRONSULFUR PROTEIN, MITOCHONDRIAL'
6 polymer 'MITOCHONDRIAL UBIQUINOL-CYTOCHROME C REDUCTASE 14 KDA PROTEIN'
7 polymer 'MITOCHONDRIAL UBIQUINOL-CYTOCHROME C REDUCTASE UBIQUINONE-BINDING PROTEIN QP-C'
8 polymer 'MITOCHONDRIAL UBIQUINOL-CYTOCHROME C REDUCTASE 11 KDA PROTEIN, COMPLEX III SUBUNIT VIII'
9 polymer 'CYTOCHROME B-C1 COMPLEX SUBUNIT RIESKE, MITOCHONDRIAL'
10 polymer 'MITOCHONDRIAL UBIQUINOL-CYTOCHROME C REDUCTASE 7.2 KDA PROTEIN'
11 non-polymer 'PROTOPORPHYRIN IX CONTAINING FE'
12 non-polymer 'methyl (2E)-{2-[(4-iodo-2,5-dimethylphenoxy)methyl]phenyl}(methoxyimino)ethanoate'
13 non-polymer 'Coenzyme Q10, (2Z,6E,10Z,14E,18E,22E,26Z)-isomer'
14 non-polymer CARDIOLIPIN
15 non-polymer 1,2-dioleoyl-sn-glycero-3-phosphoethanolamine
16 non-polymer GLYCEROL
17 non-polymer 'HEME C'
18 non-polymer 'octyl beta-D-glucopyranoside'
19 non-polymer 'FE2/S2 (INORGANIC) CLUSTER'
20 water water
#
loop_
_entity_poly.entity_id
_entity_poly.type
_entity_poly.pdbx_seq_one_letter_code
_entity_poly.pdbx_strand_id
1 'polypeptide(L)'
;AATYAQTLQNIPETNVTTLDNGLRVASEESSQPTCTVGVWIGAGSRYENEKNNGAGYFVEHLAFKGTKKRPCAAFEKEVE
SMGAHFNGYTSREQTAFYIKALSKDMPKVVELLADVVQNCALEESQIEKERGVILQELKEMDNDMTNVTFDYLHATAFQG
TALARTVEGTTENIKHLTRADLASYIDTHFKAPRMVLAAAGGISHKELVDAARQHFSGVSFTYKEDAVPILPRCRFTGSE
IRARDDALPVAHVALAVEGPGWADPDNVVLHVANAIIGRYDRTFGGGKHLSSRLAALAVEHKLCHSFQTFNTSYSDTGLF
GFHFVADPLSIDDMMFCAQGEWMRLCTSTTESEVKRAKNHLRSAMVAQLDGTTPVCETIGSHLLNYGRRISLEEWDSRIS
AVDARMVRDVCSKYIYDKCPALAAVGPIEQLLDYNRIRSGMYWIRF
;
A,N
2 'polypeptide(L)'
;SLKVAPKVAVSAAAERVKLCPGAEDLEITKLPNGLIIASLENFSPASRIGVFIKAGSRYETTANLGTAHLLRLASPLTTK
GASSFRITRGIEAVGGSLSVYSTREKMTYCVECLRDHVDTVMEYLLNVTTAPEFRPWEVTDLQPQLKVDKAVAFQSPQVG
VLENLHAAAYKTALANPLYCPDYRIGKITSEQLHHFVQNNFTSARMALVGIGVKHSDLKQVAEQFLNIRSGAGTSSAKAT
YWGGEIREQNGHSLVHAAVVTEGAAVGSAEANAFSVLQHVLGAGPLIKRGSSVTSKLYQGVAKATTQPFDASAFNVNYSD
SGLFGFYTISQAAHAGEVIRAAMNQLKAAAQGGVTEEDVTKAKNQLKATYLMSVETAQGLLNEIGSEALLSGTHTAPSVV
AQKIDSVTSADVVNAAKKFVSGKKSMAASGDLGSTPFLDEL
;
B,O
3 'polypeptide(L)'
;MAPNIRKSHPLLKMINNSLIDLPAPSNISAWWNFGSLLAVCLMTQILTGLLLAMHYTADTSLAFSSVAHTCRNVQYGWLI
RNLHANGASFFFICIFLHIGRGLYYGSYLYKETWNTGVILLLTLMATAFVGYVLPWGQMSFWGATVITNLFSAIPYIGHT
LVEWAWGGFSVDNPTLTRFFALHFLLPFAIAGITIIHLTFLHESGSNNPLGISSDSDKIPFHPYYSFKDILGLTLMLTPF
LTLALFSPNLLGDPENFTPANPLVTPPHIKPEWYFLFAYAILRSIPNKLGGVLALAASVLILFLIPFLHKSKQRTMTFRP
LSQTLFWLLVANLLILTWIGSQPVEHPFIIIGQMASLSYFTILLILFPTIGTLENKMLNY
;
C,P
4 'polypeptide(L)'
;GELELHPPAFPWSHGGPLSALDHSSVRRGFQVYKQVCSACHSMDYVAFRNLIGVTHTEAEAKALAEEVEVQDGPDENGEL
FMRPGKISDYFPKPYPNPEAARAANNGALPPDLSYIVNARHGGEDYVFSLLTGYCDPPAGVVVREGLHYNPYFPGQAIGM
APPIYNEILEYDDGTPATMSQIAKDVCTFLRWAAEPEHDQRKRMGLKMLLISALLTSLLYYMKRHKWSVLKSRKMAYRPP
K
;
D,Q
5 'polypeptide(L)'
;VHNDVTVPDFSAYRREDVMDATTSSQTSSEDRKGFSYLVTATACVATAYAAKNVVTQFISSLSASADVLALSKIEIKLSD
IPEGKNVAFKWRGKPLFVRHRTQAEINQEAEVDVSKLRDPQHDLDRVKKPEWVILVGVCTHLGCVPIANSGDFGGYYCPC
HGSHYDASGRIRKGPAPYNLEVPTYQFVGDDLVVVG
;
E,R
6 'polypeptide(L)'
;AARATVAGGGRLMDRIRKWYYNAAGFNKYGLMRDDTLYEDDDVKEALKRLPEDLYNERMFRIKRALDLSLKHRILPKEQW
VKYEEDKPYLEPYLKEVIRERLEREAWNKK
;
F,S
7 'polypeptide(L)'
;GIHFGNLARVRHIITYSLSPFEQRAIPNIFSDALPNVWRRFSSQVFKVAPPFLGAYLLYSWGTQEFERLKRKNPADYEND
Q
;
G,T
8 'polypeptide(L)' LRGSGEEEEEELVDPLTTIREHCEQTEKCVKARERLELCDARVSSRSHTEEQCTEELFDFLHARDHCVAHKLFNKLK H,U
9 'polypeptide(L)'
;(UNK)(UNK)(UNK)(UNK)(UNK)(UNK)(UNK)(UNK)(UNK)(UNK)(UNK)(UNK)(UNK)(UNK)(UNK)RPLLC
RESMSGRSARRDLVAGISLNAPASVRY
;
I,V
10 'polypeptide(L)' ALLRQAYSALFRRTSTFALTVVLGAVLFERAFDQGADAIFEHLNEGKLWKHIKHKYEASEE J,W
#
loop_
_chem_comp.id
_chem_comp.type
_chem_comp.name
_chem_comp.formula
BOG D-saccharide 'octyl beta-D-glucopyranoside' 'C14 H28 O6'
CDL non-polymer CARDIOLIPIN 'C81 H156 O17 P2 -2'
FES non-polymer 'FE2/S2 (INORGANIC) CLUSTER' 'Fe2 S2'
GOL non-polymer GLYCEROL 'C3 H8 O3'
HEC non-polymer 'HEME C' 'C34 H34 Fe N4 O4'
HEM non-polymer 'PROTOPORPHYRIN IX CONTAINING FE' 'C34 H32 Fe N4 O4'
IKR non-polymer 'methyl (2E)-{2-[(4-iodo-2,5-dimethylphenoxy)methyl]phenyl}(methoxyimino)ethanoate' 'C19 H20 I N O4'
PEE non-polymer 1,2-dioleoyl-sn-glycero-3-phosphoethanolamine 'C41 H78 N O8 P'
UQ non-polymer 'Coenzyme Q10, (2Z,6E,10Z,14E,18E,22E,26Z)-isomer' 'C59 H90 O4'
#
# COMPACT_ATOMS: atom_id res chain seq x y z
N ALA A 1 -20.68 37.32 -49.11
CA ALA A 1 -20.22 36.78 -50.42
C ALA A 1 -20.66 35.32 -50.59
N ALA A 2 -20.31 34.73 -51.73
CA ALA A 2 -20.65 33.34 -52.04
C ALA A 2 -20.51 32.43 -50.83
N THR A 3 -21.57 31.69 -50.51
CA THR A 3 -21.54 30.79 -49.35
C THR A 3 -21.08 29.38 -49.68
N TYR A 4 -20.84 28.61 -48.63
CA TYR A 4 -20.43 27.23 -48.76
C TYR A 4 -21.55 26.58 -49.56
N ALA A 5 -22.77 26.80 -49.10
CA ALA A 5 -23.97 26.26 -49.73
C ALA A 5 -23.90 26.20 -51.26
N GLN A 6 -23.34 27.24 -51.86
CA GLN A 6 -23.23 27.32 -53.30
C GLN A 6 -21.93 26.78 -53.88
N THR A 7 -20.80 27.17 -53.31
CA THR A 7 -19.51 26.71 -53.79
C THR A 7 -19.57 25.21 -54.04
N LEU A 8 -20.48 24.55 -53.35
CA LEU A 8 -20.66 23.11 -53.47
C LEU A 8 -21.31 22.72 -54.79
N GLN A 9 -22.04 23.65 -55.40
CA GLN A 9 -22.70 23.38 -56.67
C GLN A 9 -21.88 23.82 -57.88
N ASN A 10 -21.25 24.98 -57.76
CA ASN A 10 -20.43 25.49 -58.85
C ASN A 10 -19.23 24.61 -59.15
N ILE A 11 -19.15 23.49 -58.44
CA ILE A 11 -18.05 22.56 -58.67
C ILE A 11 -18.42 21.76 -59.91
N PRO A 12 -17.55 21.78 -60.94
CA PRO A 12 -17.81 21.05 -62.18
C PRO A 12 -18.15 19.58 -61.95
N GLU A 13 -19.23 19.13 -62.57
CA GLU A 13 -19.67 17.74 -62.43
C GLU A 13 -18.67 16.76 -63.04
N THR A 14 -18.74 15.51 -62.60
CA THR A 14 -17.82 14.51 -63.12
C THR A 14 -18.43 13.74 -64.27
N ASN A 15 -17.81 13.86 -65.43
CA ASN A 15 -18.26 13.18 -66.65
C ASN A 15 -17.87 11.71 -66.63
N VAL A 16 -18.82 10.84 -66.97
CA VAL A 16 -18.55 9.42 -66.98
C VAL A 16 -19.14 8.75 -68.22
N THR A 17 -18.28 8.06 -68.97
CA THR A 17 -18.72 7.38 -70.17
C THR A 17 -17.96 6.07 -70.30
N THR A 18 -18.68 4.99 -70.53
CA THR A 18 -18.06 3.67 -70.66
C THR A 18 -17.66 3.40 -72.11
N LEU A 19 -16.78 2.43 -72.31
CA LEU A 19 -16.33 2.05 -73.64
C LEU A 19 -16.79 0.61 -73.91
N ASP A 20 -16.94 0.26 -75.19
CA ASP A 20 -17.40 -1.06 -75.60
C ASP A 20 -16.74 -2.28 -74.94
N ASN A 21 -15.59 -2.08 -74.33
CA ASN A 21 -14.89 -3.20 -73.69
C ASN A 21 -15.09 -3.30 -72.19
N GLY A 22 -15.88 -2.38 -71.63
CA GLY A 22 -16.15 -2.38 -70.20
C GLY A 22 -15.44 -1.28 -69.42
N LEU A 23 -14.28 -0.87 -69.93
CA LEU A 23 -13.51 0.17 -69.27
C LEU A 23 -14.38 1.41 -69.13
N ARG A 24 -14.16 2.15 -68.05
CA ARG A 24 -14.92 3.36 -67.79
C ARG A 24 -13.99 4.57 -67.76
N VAL A 25 -14.45 5.67 -68.34
CA VAL A 25 -13.67 6.89 -68.38
C VAL A 25 -14.40 7.97 -67.60
N ALA A 26 -13.68 8.66 -66.72
CA ALA A 26 -14.30 9.72 -65.91
C ALA A 26 -13.33 10.86 -65.59
N SER A 27 -13.88 12.06 -65.41
CA SER A 27 -13.02 13.19 -65.14
C SER A 27 -13.73 14.44 -64.66
N GLU A 28 -13.01 15.23 -63.85
CA GLU A 28 -13.51 16.48 -63.33
C GLU A 28 -12.62 17.55 -63.91
N GLU A 29 -13.17 18.30 -64.86
CA GLU A 29 -12.46 19.36 -65.54
C GLU A 29 -12.35 20.65 -64.74
N SER A 30 -11.14 21.17 -64.64
CA SER A 30 -10.86 22.40 -63.90
C SER A 30 -10.05 23.36 -64.76
N SER A 31 -9.83 24.55 -64.21
CA SER A 31 -9.08 25.59 -64.88
C SER A 31 -7.59 25.30 -64.87
N GLN A 32 -7.16 24.50 -63.91
CA GLN A 32 -5.75 24.14 -63.74
C GLN A 32 -4.95 23.73 -64.98
N PRO A 33 -3.79 24.37 -65.18
CA PRO A 33 -2.86 24.16 -66.29
C PRO A 33 -2.18 22.79 -66.17
N THR A 34 -1.94 22.40 -64.92
CA THR A 34 -1.31 21.13 -64.62
C THR A 34 -2.45 20.13 -64.31
N CYS A 35 -2.12 18.85 -64.14
CA CYS A 35 -3.15 17.86 -63.87
C CYS A 35 -2.61 16.49 -63.47
N THR A 36 -3.53 15.53 -63.37
CA THR A 36 -3.22 14.13 -63.02
C THR A 36 -4.24 13.17 -63.63
N VAL A 37 -3.74 12.05 -64.14
CA VAL A 37 -4.60 11.03 -64.72
C VAL A 37 -3.98 9.66 -64.54
N GLY A 38 -4.82 8.67 -64.31
CA GLY A 38 -4.33 7.31 -64.14
C GLY A 38 -5.45 6.30 -64.15
N VAL A 39 -5.05 5.03 -64.09
CA VAL A 39 -5.98 3.90 -64.09
C VAL A 39 -6.09 3.28 -62.69
N TRP A 40 -7.32 3.21 -62.17
CA TRP A 40 -7.60 2.63 -60.86
C TRP A 40 -8.20 1.24 -61.06
N ILE A 41 -7.32 0.25 -60.96
CA ILE A 41 -7.70 -1.14 -61.13
C ILE A 41 -8.32 -1.78 -59.87
N GLY A 42 -9.38 -2.54 -60.09
CA GLY A 42 -10.04 -3.21 -58.99
C GLY A 42 -9.36 -4.55 -58.77
N ALA A 43 -8.10 -4.50 -58.34
CA ALA A 43 -7.36 -5.72 -58.07
C ALA A 43 -6.50 -5.50 -56.84
N GLY A 44 -6.30 -6.55 -56.06
CA GLY A 44 -5.50 -6.44 -54.86
C GLY A 44 -4.94 -7.74 -54.36
N SER A 45 -4.64 -7.78 -53.06
CA SER A 45 -4.11 -8.99 -52.46
C SER A 45 -5.28 -9.90 -52.17
N ARG A 46 -6.45 -9.29 -52.01
CA ARG A 46 -7.63 -10.06 -51.72
C ARG A 46 -7.86 -11.01 -52.87
N TYR A 47 -7.58 -10.53 -54.07
CA TYR A 47 -7.77 -11.34 -55.27
C TYR A 47 -6.69 -12.39 -55.44
N GLU A 48 -5.62 -12.29 -54.68
CA GLU A 48 -4.54 -13.25 -54.81
C GLU A 48 -4.90 -14.53 -54.06
N ASN A 49 -4.36 -15.64 -54.53
CA ASN A 49 -4.57 -16.93 -53.89
C ASN A 49 -3.33 -17.13 -53.00
N GLU A 50 -3.27 -18.25 -52.29
CA GLU A 50 -2.16 -18.51 -51.38
C GLU A 50 -0.81 -18.79 -52.05
N LYS A 51 -0.82 -19.17 -53.32
CA LYS A 51 0.42 -19.47 -54.02
C LYS A 51 0.96 -18.30 -54.83
N ASN A 52 0.12 -17.31 -55.10
CA ASN A 52 0.53 -16.13 -55.85
C ASN A 52 0.39 -14.87 -54.99
N ASN A 53 0.40 -15.05 -53.67
CA ASN A 53 0.28 -13.93 -52.74
C ASN A 53 1.45 -13.00 -52.97
N GLY A 54 1.17 -11.78 -53.40
CA GLY A 54 2.22 -10.81 -53.62
C GLY A 54 2.47 -10.44 -55.06
N ALA A 55 1.88 -11.17 -56.00
CA ALA A 55 2.05 -10.87 -57.42
C ALA A 55 1.69 -9.39 -57.68
N GLY A 56 0.46 -9.00 -57.32
CA GLY A 56 0.03 -7.63 -57.53
C GLY A 56 1.02 -6.59 -57.06
N TYR A 57 1.95 -6.99 -56.20
CA TYR A 57 2.97 -6.10 -55.64
C TYR A 57 4.27 -6.23 -56.43
N PHE A 58 4.59 -7.46 -56.82
CA PHE A 58 5.80 -7.76 -57.59
C PHE A 58 5.58 -7.06 -58.93
N VAL A 59 4.31 -6.98 -59.31
CA VAL A 59 3.89 -6.32 -60.54
C VAL A 59 4.00 -4.80 -60.37
N GLU A 60 3.49 -4.29 -59.25
CA GLU A 60 3.54 -2.85 -58.97
C GLU A 60 4.99 -2.38 -59.11
N HIS A 61 5.92 -3.30 -58.90
CA HIS A 61 7.35 -3.03 -58.98
C HIS A 61 7.93 -3.04 -60.38
N LEU A 62 7.31 -3.81 -61.28
CA LEU A 62 7.81 -3.89 -62.65
C LEU A 62 7.03 -3.02 -63.62
N ALA A 63 5.99 -2.36 -63.11
CA ALA A 63 5.16 -1.50 -63.93
C ALA A 63 5.91 -0.30 -64.52
N PHE A 64 7.05 0.05 -63.94
CA PHE A 64 7.81 1.20 -64.43
C PHE A 64 9.20 0.83 -64.90
N LYS A 65 9.48 -0.47 -64.95
CA LYS A 65 10.78 -0.92 -65.39
C LYS A 65 10.74 -1.22 -66.88
N GLY A 66 9.78 -0.59 -67.55
CA GLY A 66 9.63 -0.75 -68.98
C GLY A 66 8.49 -1.57 -69.55
N THR A 67 8.12 -1.24 -70.79
CA THR A 67 7.08 -1.90 -71.55
C THR A 67 7.74 -2.56 -72.76
N LYS A 68 6.93 -3.20 -73.60
CA LYS A 68 7.46 -3.88 -74.79
C LYS A 68 7.71 -2.86 -75.90
N LYS A 69 6.81 -1.88 -76.00
CA LYS A 69 6.94 -0.84 -77.02
C LYS A 69 8.11 0.11 -76.71
N ARG A 70 8.66 0.03 -75.48
CA ARG A 70 9.79 0.88 -75.08
C ARG A 70 10.42 0.44 -73.75
N PRO A 71 11.63 -0.16 -73.81
CA PRO A 71 12.35 -0.63 -72.63
C PRO A 71 12.57 0.39 -71.50
N CYS A 72 13.21 -0.06 -70.42
CA CYS A 72 13.49 0.75 -69.22
C CYS A 72 14.01 2.15 -69.50
N ALA A 73 15.28 2.23 -69.89
CA ALA A 73 15.93 3.50 -70.19
C ALA A 73 15.02 4.50 -70.92
N ALA A 74 14.49 4.06 -72.05
CA ALA A 74 13.61 4.87 -72.88
C ALA A 74 12.37 5.31 -72.12
N PHE A 75 11.67 4.32 -71.56
CA PHE A 75 10.45 4.59 -70.81
C PHE A 75 10.69 5.65 -69.75
N GLU A 76 11.67 5.42 -68.89
CA GLU A 76 11.99 6.37 -67.83
C GLU A 76 12.36 7.72 -68.43
N LYS A 77 13.33 7.70 -69.32
CA LYS A 77 13.78 8.92 -69.96
C LYS A 77 12.57 9.69 -70.50
N GLU A 78 11.74 9.03 -71.31
CA GLU A 78 10.56 9.66 -71.90
C GLU A 78 9.65 10.38 -70.90
N VAL A 79 9.49 9.78 -69.72
CA VAL A 79 8.63 10.35 -68.68
C VAL A 79 9.28 11.53 -67.98
N GLU A 80 10.49 11.32 -67.47
CA GLU A 80 11.22 12.38 -66.78
C GLU A 80 11.25 13.65 -67.63
N SER A 81 11.86 13.51 -68.82
CA SER A 81 12.04 14.60 -69.77
C SER A 81 10.82 15.46 -70.08
N MET A 82 9.63 15.01 -69.71
CA MET A 82 8.44 15.83 -69.95
C MET A 82 7.89 16.35 -68.63
N GLY A 83 8.72 16.20 -67.59
CA GLY A 83 8.40 16.66 -66.25
C GLY A 83 7.18 16.04 -65.62
N ALA A 84 6.79 14.86 -66.09
CA ALA A 84 5.63 14.15 -65.54
C ALA A 84 6.07 13.26 -64.39
N HIS A 85 5.18 13.10 -63.40
CA HIS A 85 5.47 12.27 -62.25
C HIS A 85 4.62 11.02 -62.31
N PHE A 86 5.30 9.88 -62.46
CA PHE A 86 4.59 8.61 -62.53
C PHE A 86 4.72 7.84 -61.22
N ASN A 87 3.57 7.59 -60.59
CA ASN A 87 3.52 6.88 -59.32
C ASN A 87 2.28 5.98 -59.30
N GLY A 88 2.16 5.20 -58.24
CA GLY A 88 1.04 4.31 -58.10
C GLY A 88 1.14 3.51 -56.82
N TYR A 89 0.26 2.53 -56.69
CA TYR A 89 0.27 1.68 -55.50
C TYR A 89 -0.55 0.40 -55.68
N THR A 90 -0.72 -0.31 -54.58
CA THR A 90 -1.46 -1.54 -54.60
C THR A 90 -1.88 -1.91 -53.16
N SER A 91 -3.19 -2.04 -52.94
CA SER A 91 -3.73 -2.39 -51.63
C SER A 91 -4.34 -3.79 -51.69
N ARG A 92 -5.28 -4.09 -50.78
CA ARG A 92 -5.91 -5.40 -50.73
C ARG A 92 -7.00 -5.56 -51.78
N GLU A 93 -7.75 -4.49 -51.98
CA GLU A 93 -8.81 -4.50 -52.96
C GLU A 93 -8.63 -3.39 -54.01
N GLN A 94 -7.43 -2.87 -54.19
CA GLN A 94 -7.30 -1.78 -55.14
C GLN A 94 -5.87 -1.43 -55.52
N THR A 95 -5.57 -1.48 -56.82
CA THR A 95 -4.25 -1.13 -57.32
C THR A 95 -4.50 0.16 -58.09
N ALA A 96 -3.45 0.94 -58.36
CA ALA A 96 -3.62 2.17 -59.12
C ALA A 96 -2.29 2.73 -59.62
N PHE A 97 -2.26 3.17 -60.88
CA PHE A 97 -1.07 3.76 -61.47
C PHE A 97 -1.55 5.05 -62.09
N TYR A 98 -1.04 6.17 -61.61
CA TYR A 98 -1.45 7.47 -62.12
C TYR A 98 -0.24 8.35 -62.44
N ILE A 99 -0.45 9.35 -63.32
CA ILE A 99 0.61 10.27 -63.71
C ILE A 99 0.26 11.74 -63.51
N LYS A 100 1.24 12.48 -63.02
CA LYS A 100 1.07 13.92 -62.79
C LYS A 100 1.83 14.68 -63.86
N ALA A 101 1.09 15.36 -64.73
CA ALA A 101 1.74 16.13 -65.79
C ALA A 101 0.96 17.39 -66.15
N LEU A 102 1.50 18.12 -67.12
CA LEU A 102 0.90 19.35 -67.60
C LEU A 102 -0.30 18.95 -68.46
N SER A 103 -1.43 19.62 -68.28
CA SER A 103 -2.64 19.32 -69.03
C SER A 103 -2.37 19.05 -70.51
N LYS A 104 -1.29 19.63 -71.02
CA LYS A 104 -0.89 19.46 -72.42
C LYS A 104 -0.66 17.99 -72.76
N ASP A 105 0.37 17.40 -72.17
CA ASP A 105 0.73 16.01 -72.44
C ASP A 105 -0.39 15.02 -72.13
N MET A 106 -1.51 15.51 -71.62
CA MET A 106 -2.65 14.67 -71.26
C MET A 106 -2.82 13.38 -72.08
N PRO A 107 -2.88 13.50 -73.43
CA PRO A 107 -3.04 12.36 -74.32
C PRO A 107 -1.82 11.44 -74.49
N LYS A 108 -0.62 12.02 -74.50
CA LYS A 108 0.58 11.18 -74.61
C LYS A 108 0.72 10.39 -73.31
N VAL A 109 0.10 10.92 -72.25
CA VAL A 109 0.12 10.29 -70.95
C VAL A 109 -0.77 9.06 -71.00
N VAL A 110 -2.01 9.26 -71.41
CA VAL A 110 -2.97 8.15 -71.51
C VAL A 110 -2.36 6.96 -72.23
N GLU A 111 -1.58 7.26 -73.27
CA GLU A 111 -0.91 6.23 -74.07
C GLU A 111 0.00 5.44 -73.17
N LEU A 112 0.77 6.18 -72.37
CA LEU A 112 1.72 5.62 -71.42
C LEU A 112 1.00 4.71 -70.42
N LEU A 113 0.01 5.26 -69.71
CA LEU A 113 -0.76 4.48 -68.75
C LEU A 113 -1.07 3.15 -69.42
N ALA A 114 -1.78 3.24 -70.54
CA ALA A 114 -2.17 2.09 -71.34
C ALA A 114 -1.04 1.11 -71.61
N ASP A 115 0.09 1.61 -72.10
CA ASP A 115 1.22 0.75 -72.40
C ASP A 115 1.72 0.01 -71.15
N VAL A 116 1.59 0.64 -69.98
CA VAL A 116 2.04 0.03 -68.73
C VAL A 116 1.22 -1.18 -68.28
N VAL A 117 -0.09 -0.98 -68.20
CA VAL A 117 -1.03 -2.02 -67.80
C VAL A 117 -1.06 -3.18 -68.80
N GLN A 118 -1.31 -2.86 -70.07
CA GLN A 118 -1.40 -3.84 -71.14
C GLN A 118 -0.10 -4.50 -71.61
N ASN A 119 0.96 -3.71 -71.81
CA ASN A 119 2.24 -4.27 -72.29
C ASN A 119 3.44 -4.17 -71.37
N CYS A 120 3.33 -4.64 -70.13
CA CYS A 120 4.48 -4.58 -69.24
C CYS A 120 5.51 -5.60 -69.71
N ALA A 121 6.74 -5.14 -69.92
CA ALA A 121 7.83 -6.00 -70.42
C ALA A 121 8.06 -7.27 -69.61
N LEU A 122 8.25 -7.13 -68.30
CA LEU A 122 8.48 -8.28 -67.42
C LEU A 122 9.80 -8.97 -67.79
N GLU A 123 10.82 -8.17 -68.05
CA GLU A 123 12.13 -8.69 -68.42
C GLU A 123 12.65 -9.67 -67.39
N GLU A 124 12.95 -10.88 -67.82
CA GLU A 124 13.46 -11.93 -66.95
C GLU A 124 14.57 -11.45 -66.01
N SER A 125 15.41 -10.54 -66.51
CA SER A 125 16.53 -10.00 -65.74
C SER A 125 16.13 -8.96 -64.69
N GLN A 126 15.07 -8.20 -64.98
CA GLN A 126 14.59 -7.17 -64.06
C GLN A 126 13.88 -7.85 -62.90
N ILE A 127 13.31 -9.02 -63.14
CA ILE A 127 12.60 -9.77 -62.13
C ILE A 127 13.53 -10.25 -61.02
N GLU A 128 14.73 -10.70 -61.38
CA GLU A 128 15.66 -11.17 -60.38
C GLU A 128 16.21 -10.05 -59.52
N LYS A 129 16.02 -8.81 -59.96
CA LYS A 129 16.49 -7.66 -59.21
C LYS A 129 15.40 -7.18 -58.25
N GLU A 130 14.17 -7.07 -58.77
CA GLU A 130 13.03 -6.65 -57.95
C GLU A 130 12.76 -7.65 -56.83
N ARG A 131 13.34 -8.83 -56.95
CA ARG A 131 13.16 -9.88 -55.96
C ARG A 131 13.91 -9.51 -54.68
N GLY A 132 15.19 -9.16 -54.84
CA GLY A 132 15.98 -8.76 -53.69
C GLY A 132 15.48 -7.44 -53.14
N VAL A 133 14.95 -6.61 -54.02
CA VAL A 133 14.42 -5.29 -53.67
C VAL A 133 13.18 -5.41 -52.79
N ILE A 134 12.21 -6.21 -53.23
CA ILE A 134 11.02 -6.40 -52.43
C ILE A 134 11.49 -6.97 -51.10
N LEU A 135 12.24 -8.07 -51.16
CA LEU A 135 12.76 -8.70 -49.94
C LEU A 135 13.33 -7.67 -48.96
N GLN A 136 13.90 -6.60 -49.50
CA GLN A 136 14.46 -5.53 -48.68
C GLN A 136 13.31 -4.77 -48.03
N GLU A 137 12.38 -4.30 -48.86
CA GLU A 137 11.25 -3.54 -48.37
C GLU A 137 10.47 -4.30 -47.30
N LEU A 138 10.50 -5.62 -47.37
CA LEU A 138 9.80 -6.41 -46.37
C LEU A 138 10.50 -6.26 -45.04
N LYS A 139 11.83 -6.27 -45.08
CA LYS A 139 12.66 -6.12 -43.89
C LYS A 139 12.65 -4.72 -43.33
N GLU A 140 12.35 -3.74 -44.18
CA GLU A 140 12.30 -2.38 -43.70
C GLU A 140 10.92 -2.16 -43.12
N MET A 141 9.90 -2.62 -43.82
CA MET A 141 8.52 -2.45 -43.36
C MET A 141 8.24 -3.25 -42.10
N ASP A 142 9.10 -4.23 -41.85
CA ASP A 142 8.97 -5.07 -40.68
C ASP A 142 9.30 -4.26 -39.45
N ASN A 143 9.87 -3.08 -39.66
CA ASN A 143 10.23 -2.22 -38.55
C ASN A 143 9.30 -1.06 -38.40
N ASP A 144 8.13 -1.14 -39.03
CA ASP A 144 7.16 -0.08 -38.91
C ASP A 144 5.97 -0.65 -38.15
N MET A 145 6.08 -0.60 -36.83
CA MET A 145 5.05 -1.10 -35.90
C MET A 145 3.64 -0.86 -36.35
N THR A 146 3.33 0.37 -36.76
CA THR A 146 1.98 0.70 -37.19
C THR A 146 1.51 -0.30 -38.26
N ASN A 147 2.40 -0.66 -39.16
CA ASN A 147 2.08 -1.62 -40.22
C ASN A 147 2.03 -3.02 -39.64
N VAL A 148 3.15 -3.47 -39.08
CA VAL A 148 3.17 -4.78 -38.49
C VAL A 148 1.90 -5.00 -37.68
N THR A 149 1.29 -3.90 -37.23
CA THR A 149 0.07 -3.97 -36.42
C THR A 149 -1.22 -4.13 -37.20
N PHE A 150 -1.41 -3.32 -38.24
CA PHE A 150 -2.64 -3.45 -39.02
C PHE A 150 -2.72 -4.74 -39.80
N ASP A 151 -1.57 -5.23 -40.25
CA ASP A 151 -1.54 -6.49 -40.98
C ASP A 151 -1.97 -7.55 -39.97
N TYR A 152 -1.31 -7.57 -38.80
CA TYR A 152 -1.69 -8.51 -37.77
C TYR A 152 -3.18 -8.37 -37.45
N LEU A 153 -3.70 -7.14 -37.44
CA LEU A 153 -5.11 -6.94 -37.16
C LEU A 153 -5.89 -7.78 -38.15
N HIS A 154 -5.70 -7.47 -39.44
CA HIS A 154 -6.37 -8.20 -40.54
C HIS A 154 -6.13 -9.69 -40.40
N ALA A 155 -4.86 -10.05 -40.33
CA ALA A 155 -4.44 -11.44 -40.18
C ALA A 155 -5.30 -12.27 -39.24
N THR A 156 -5.85 -11.63 -38.20
CA THR A 156 -6.69 -12.32 -37.23
C THR A 156 -8.15 -11.93 -37.42
N ALA A 157 -8.39 -10.66 -37.70
CA ALA A 157 -9.75 -10.18 -37.92
C ALA A 157 -10.44 -11.00 -38.99
N PHE A 158 -9.72 -11.24 -40.10
CA PHE A 158 -10.26 -12.03 -41.20
C PHE A 158 -9.53 -13.32 -41.35
N GLN A 159 -9.06 -13.85 -40.22
CA GLN A 159 -8.30 -15.08 -40.22
C GLN A 159 -8.96 -16.14 -41.08
N GLY A 160 -8.13 -16.90 -41.78
CA GLY A 160 -8.60 -17.97 -42.63
C GLY A 160 -9.21 -17.58 -43.97
N THR A 161 -9.16 -16.30 -44.30
CA THR A 161 -9.72 -15.84 -45.56
C THR A 161 -8.67 -15.02 -46.34
N ALA A 162 -9.09 -14.45 -47.47
CA ALA A 162 -8.20 -13.65 -48.31
C ALA A 162 -7.79 -12.35 -47.64
N LEU A 163 -8.76 -11.61 -47.13
CA LEU A 163 -8.47 -10.35 -46.47
C LEU A 163 -7.43 -10.49 -45.37
N ALA A 164 -7.18 -11.71 -44.92
CA ALA A 164 -6.20 -11.94 -43.86
C ALA A 164 -4.76 -11.94 -44.38
N ARG A 165 -4.58 -11.50 -45.62
CA ARG A 165 -3.25 -11.47 -46.25
C ARG A 165 -2.61 -10.10 -46.37
N THR A 166 -1.28 -10.09 -46.30
CA THR A 166 -0.48 -8.87 -46.43
C THR A 166 -0.43 -8.52 -47.92
N VAL A 167 -0.37 -7.24 -48.25
CA VAL A 167 -0.32 -6.85 -49.65
C VAL A 167 1.03 -7.21 -50.28
N GLU A 168 2.06 -7.27 -49.47
CA GLU A 168 3.37 -7.59 -50.00
C GLU A 168 3.53 -9.08 -50.22
N GLY A 169 2.81 -9.87 -49.45
CA GLY A 169 2.91 -11.32 -49.60
C GLY A 169 3.95 -12.02 -48.74
N THR A 170 3.99 -13.34 -48.84
CA THR A 170 4.91 -14.15 -48.07
C THR A 170 6.33 -13.92 -48.55
N THR A 171 7.27 -14.59 -47.88
CA THR A 171 8.66 -14.51 -48.26
C THR A 171 8.88 -15.54 -49.35
N GLU A 172 8.26 -16.71 -49.21
CA GLU A 172 8.41 -17.75 -50.22
C GLU A 172 7.88 -17.28 -51.57
N ASN A 173 6.70 -16.66 -51.56
CA ASN A 173 6.13 -16.14 -52.78
C ASN A 173 7.06 -15.11 -53.47
N ILE A 174 7.71 -14.27 -52.69
CA ILE A 174 8.61 -13.31 -53.29
C ILE A 174 9.79 -14.07 -53.89
N LYS A 175 10.30 -15.04 -53.14
CA LYS A 175 11.44 -15.85 -53.56
C LYS A 175 11.16 -16.78 -54.74
N HIS A 176 9.90 -17.02 -55.04
CA HIS A 176 9.60 -17.97 -56.10
C HIS A 176 8.65 -17.53 -57.20
N LEU A 177 7.90 -16.46 -57.01
CA LEU A 177 6.97 -16.05 -58.07
C LEU A 177 7.70 -16.05 -59.41
N THR A 178 7.03 -16.57 -60.44
CA THR A 178 7.58 -16.69 -61.80
C THR A 178 7.12 -15.66 -62.82
N ARG A 179 7.91 -15.53 -63.89
CA ARG A 179 7.59 -14.61 -64.99
C ARG A 179 6.15 -14.95 -65.35
N ALA A 180 5.83 -16.23 -65.22
CA ALA A 180 4.50 -16.76 -65.51
C ALA A 180 3.41 -16.11 -64.66
N ASP A 181 3.37 -16.47 -63.38
CA ASP A 181 2.36 -15.96 -62.45
C ASP A 181 2.22 -14.46 -62.58
N LEU A 182 3.35 -13.77 -62.68
CA LEU A 182 3.31 -12.32 -62.83
C LEU A 182 2.53 -12.03 -64.10
N ALA A 183 2.97 -12.67 -65.19
CA ALA A 183 2.31 -12.53 -66.47
C ALA A 183 0.82 -12.79 -66.24
N SER A 184 0.52 -14.02 -65.79
CA SER A 184 -0.84 -14.43 -65.50
C SER A 184 -1.65 -13.41 -64.72
N TYR A 185 -1.11 -12.96 -63.58
CA TYR A 185 -1.81 -11.98 -62.74
C TYR A 185 -2.31 -10.79 -63.55
N ILE A 186 -1.42 -10.23 -64.36
CA ILE A 186 -1.75 -9.08 -65.19
C ILE A 186 -2.88 -9.37 -66.16
N ASP A 187 -2.74 -10.48 -66.88
CA ASP A 187 -3.75 -10.89 -67.87
C ASP A 187 -5.07 -11.26 -67.21
N THR A 188 -4.98 -11.77 -65.99
CA THR A 188 -6.16 -12.19 -65.26
C THR A 188 -6.87 -11.04 -64.59
N HIS A 189 -6.11 -10.06 -64.11
CA HIS A 189 -6.74 -8.94 -63.40
C HIS A 189 -6.78 -7.59 -64.07
N PHE A 190 -5.71 -7.20 -64.76
CA PHE A 190 -5.72 -5.89 -65.40
C PHE A 190 -6.56 -5.88 -66.65
N LYS A 191 -7.88 -5.89 -66.46
CA LYS A 191 -8.82 -5.90 -67.57
C LYS A 191 -9.79 -4.73 -67.52
N ALA A 192 -10.15 -4.23 -68.70
CA ALA A 192 -11.05 -3.09 -68.88
C ALA A 192 -12.31 -2.98 -68.00
N PRO A 193 -13.09 -4.05 -67.90
CA PRO A 193 -14.31 -3.99 -67.07
C PRO A 193 -14.01 -3.70 -65.61
N ARG A 194 -12.77 -3.98 -65.23
CA ARG A 194 -12.28 -3.78 -63.87
C ARG A 194 -11.29 -2.58 -63.78
N MET A 195 -11.34 -1.67 -64.75
CA MET A 195 -10.44 -0.51 -64.75
C MET A 195 -11.18 0.80 -64.97
N VAL A 196 -10.63 1.87 -64.42
CA VAL A 196 -11.23 3.18 -64.57
C VAL A 196 -10.14 4.20 -64.87
N LEU A 197 -10.31 4.95 -65.95
CA LEU A 197 -9.36 5.96 -66.31
C LEU A 197 -9.96 7.23 -65.74
N ALA A 198 -9.32 7.75 -64.70
CA ALA A 198 -9.78 8.96 -64.03
C ALA A 198 -8.85 10.11 -64.35
N ALA A 199 -9.44 11.28 -64.59
CA ALA A 199 -8.68 12.46 -64.92
C ALA A 199 -9.21 13.64 -64.17
N ALA A 200 -8.30 14.45 -63.66
CA ALA A 200 -8.65 15.65 -62.93
C ALA A 200 -7.62 16.73 -63.26
N GLY A 201 -8.13 17.92 -63.57
CA GLY A 201 -7.27 19.04 -63.93
C GLY A 201 -7.84 19.77 -65.12
N GLY A 202 -6.96 20.45 -65.87
CA GLY A 202 -7.42 21.17 -67.04
C GLY A 202 -7.43 20.26 -68.26
N ILE A 203 -8.45 19.42 -68.35
CA ILE A 203 -8.57 18.49 -69.47
C ILE A 203 -10.00 18.37 -69.95
N SER A 204 -10.17 18.13 -71.25
CA SER A 204 -11.48 17.98 -71.86
C SER A 204 -11.89 16.51 -71.88
N HIS A 205 -13.01 16.21 -71.20
CA HIS A 205 -13.48 14.85 -71.13
C HIS A 205 -13.40 14.21 -72.50
N LYS A 206 -13.81 14.96 -73.52
CA LYS A 206 -13.80 14.48 -74.89
C LYS A 206 -12.42 14.02 -75.30
N GLU A 207 -11.49 14.94 -75.49
CA GLU A 207 -10.13 14.55 -75.90
C GLU A 207 -9.70 13.29 -75.17
N LEU A 208 -9.91 13.30 -73.86
CA LEU A 208 -9.55 12.19 -73.00
C LEU A 208 -10.24 10.90 -73.44
N VAL A 209 -11.57 10.92 -73.41
CA VAL A 209 -12.34 9.75 -73.81
C VAL A 209 -11.88 9.21 -75.16
N ASP A 210 -11.35 10.08 -76.02
CA ASP A 210 -10.88 9.65 -77.33
C ASP A 210 -9.57 8.89 -77.22
N ALA A 211 -8.61 9.49 -76.52
CA ALA A 211 -7.30 8.87 -76.35
C ALA A 211 -7.45 7.45 -75.83
N ALA A 212 -8.43 7.25 -74.97
CA ALA A 212 -8.69 5.93 -74.42
C ALA A 212 -9.09 5.01 -75.55
N ARG A 213 -10.12 5.41 -76.30
CA ARG A 213 -10.61 4.63 -77.42
C ARG A 213 -9.44 4.21 -78.28
N GLN A 214 -8.49 5.12 -78.44
CA GLN A 214 -7.33 4.87 -79.28
C GLN A 214 -6.30 3.91 -78.72
N HIS A 215 -5.97 4.04 -77.43
CA HIS A 215 -4.95 3.16 -76.84
C HIS A 215 -5.49 2.04 -75.94
N PHE A 216 -6.73 2.20 -75.47
CA PHE A 216 -7.36 1.17 -74.64
C PHE A 216 -8.16 0.31 -75.60
N SER A 217 -7.42 -0.34 -76.50
CA SER A 217 -7.98 -1.19 -77.54
C SER A 217 -8.20 -2.63 -77.08
N GLY A 218 -8.57 -3.47 -78.05
CA GLY A 218 -8.85 -4.86 -77.76
C GLY A 218 -10.28 -4.96 -77.28
N VAL A 219 -11.09 -5.76 -77.99
CA VAL A 219 -12.49 -5.95 -77.62
C VAL A 219 -12.71 -7.37 -77.11
N SER A 220 -13.59 -7.51 -76.13
CA SER A 220 -13.88 -8.82 -75.55
C SER A 220 -14.91 -9.60 -76.38
N PHE A 221 -14.62 -10.88 -76.59
CA PHE A 221 -15.48 -11.75 -77.38
C PHE A 221 -16.52 -12.49 -76.56
N THR A 222 -16.03 -13.36 -75.67
CA THR A 222 -16.92 -14.14 -74.81
C THR A 222 -17.60 -13.23 -73.79
N TYR A 223 -18.50 -13.80 -72.98
CA TYR A 223 -19.21 -13.04 -71.96
C TYR A 223 -18.38 -13.03 -70.68
N LYS A 224 -17.61 -14.10 -70.47
CA LYS A 224 -16.78 -14.24 -69.28
C LYS A 224 -15.76 -13.11 -69.15
N GLU A 225 -15.44 -12.45 -70.27
CA GLU A 225 -14.48 -11.35 -70.25
C GLU A 225 -15.07 -10.06 -69.70
N ASP A 226 -16.37 -9.84 -69.90
CA ASP A 226 -17.00 -8.62 -69.41
C ASP A 226 -17.83 -8.89 -68.17
N ALA A 227 -17.47 -9.96 -67.48
CA ALA A 227 -18.13 -10.35 -66.25
C ALA A 227 -17.23 -9.92 -65.10
N VAL A 228 -17.71 -8.98 -64.28
CA VAL A 228 -16.97 -8.51 -63.11
C VAL A 228 -17.23 -9.58 -62.05
N PRO A 229 -16.24 -10.48 -61.83
CA PRO A 229 -16.33 -11.59 -60.87
C PRO A 229 -16.56 -11.17 -59.41
N ILE A 230 -17.56 -11.80 -58.78
CA ILE A 230 -17.87 -11.51 -57.39
C ILE A 230 -16.91 -12.36 -56.53
N LEU A 231 -16.40 -11.73 -55.47
CA LEU A 231 -15.45 -12.36 -54.54
C LEU A 231 -16.08 -13.13 -53.38
N PRO A 232 -15.50 -14.32 -53.07
CA PRO A 232 -16.00 -15.14 -51.96
C PRO A 232 -15.85 -14.32 -50.69
N ARG A 233 -16.94 -14.16 -49.96
CA ARG A 233 -16.94 -13.35 -48.74
C ARG A 233 -15.90 -13.76 -47.67
N CYS A 234 -15.37 -12.75 -46.97
CA CYS A 234 -14.38 -12.94 -45.91
C CYS A 234 -15.05 -12.88 -44.54
N ARG A 235 -14.84 -13.94 -43.74
CA ARG A 235 -15.46 -14.03 -42.43
C ARG A 235 -14.69 -13.40 -41.29
N PHE A 236 -15.38 -12.54 -40.54
CA PHE A 236 -14.80 -11.85 -39.40
C PHE A 236 -14.79 -12.74 -38.15
N THR A 237 -13.76 -12.62 -37.33
CA THR A 237 -13.69 -13.43 -36.14
C THR A 237 -13.14 -12.69 -34.95
N GLY A 238 -13.98 -12.54 -33.92
CA GLY A 238 -13.53 -11.86 -32.72
C GLY A 238 -12.38 -12.68 -32.15
N SER A 239 -11.19 -12.10 -32.14
CA SER A 239 -10.05 -12.83 -31.62
C SER A 239 -8.91 -11.87 -31.38
N GLU A 240 -7.75 -12.43 -31.07
CA GLU A 240 -6.59 -11.60 -30.82
C GLU A 240 -5.30 -12.32 -31.17
N ILE A 241 -4.28 -11.49 -31.44
CA ILE A 241 -2.92 -11.92 -31.77
C ILE A 241 -2.06 -10.95 -30.97
N ARG A 242 -1.12 -11.50 -30.22
CA ARG A 242 -0.24 -10.70 -29.38
C ARG A 242 1.20 -11.03 -29.71
N ALA A 243 1.91 -10.05 -30.28
CA ALA A 243 3.32 -10.23 -30.65
C ALA A 243 4.15 -9.53 -29.58
N ARG A 244 4.63 -10.29 -28.61
CA ARG A 244 5.35 -9.66 -27.54
C ARG A 244 6.85 -9.62 -27.70
N ASP A 245 7.38 -8.43 -27.43
CA ASP A 245 8.79 -8.13 -27.49
C ASP A 245 8.96 -7.00 -26.52
N ASP A 246 9.35 -7.30 -25.29
CA ASP A 246 9.53 -6.27 -24.30
C ASP A 246 10.71 -5.35 -24.65
N ALA A 247 11.50 -5.78 -25.64
CA ALA A 247 12.66 -5.02 -26.10
C ALA A 247 12.26 -3.83 -26.96
N LEU A 248 11.01 -3.79 -27.41
CA LEU A 248 10.54 -2.64 -28.17
C LEU A 248 10.33 -1.51 -27.17
N PRO A 249 10.49 -0.26 -27.63
CA PRO A 249 10.34 0.97 -26.84
C PRO A 249 8.93 1.26 -26.39
N VAL A 250 8.00 1.24 -27.34
CA VAL A 250 6.61 1.49 -27.01
C VAL A 250 5.78 0.37 -27.60
N ALA A 251 4.56 0.24 -27.12
CA ALA A 251 3.69 -0.81 -27.57
C ALA A 251 2.57 -0.26 -28.47
N HIS A 252 2.11 -1.11 -29.38
CA HIS A 252 1.05 -0.76 -30.30
C HIS A 252 -0.16 -1.63 -30.06
N VAL A 253 -1.33 -1.03 -30.03
CA VAL A 253 -2.55 -1.78 -29.82
C VAL A 253 -3.64 -1.29 -30.77
N ALA A 254 -4.22 -2.21 -31.53
CA ALA A 254 -5.28 -1.89 -32.48
C ALA A 254 -6.48 -2.81 -32.21
N LEU A 255 -7.65 -2.20 -32.01
CA LEU A 255 -8.89 -2.94 -31.73
C LEU A 255 -9.98 -2.57 -32.73
N ALA A 256 -10.77 -3.55 -33.18
CA ALA A 256 -11.82 -3.25 -34.15
C ALA A 256 -12.96 -4.24 -34.27
N VAL A 257 -14.08 -3.74 -34.77
CA VAL A 257 -15.29 -4.54 -35.00
C VAL A 257 -15.50 -4.63 -36.52
N GLU A 258 -16.37 -5.53 -36.98
CA GLU A 258 -16.57 -5.65 -38.43
C GLU A 258 -17.42 -4.49 -38.99
N GLY A 259 -16.97 -3.97 -40.13
CA GLY A 259 -17.63 -2.86 -40.81
C GLY A 259 -18.60 -3.28 -41.91
N PRO A 260 -19.51 -2.40 -42.32
CA PRO A 260 -20.47 -2.74 -43.37
C PRO A 260 -19.97 -2.96 -44.80
N GLY A 261 -19.14 -2.05 -45.29
CA GLY A 261 -18.67 -2.18 -46.67
C GLY A 261 -19.10 -0.93 -47.43
N TRP A 262 -18.28 -0.51 -48.37
CA TRP A 262 -18.52 0.70 -49.16
C TRP A 262 -19.98 1.14 -49.30
N ALA A 263 -20.78 0.26 -49.90
CA ALA A 263 -22.18 0.52 -50.15
C ALA A 263 -23.02 1.18 -49.03
N ASP A 264 -23.08 0.53 -47.87
CA ASP A 264 -23.86 0.98 -46.71
C ASP A 264 -23.77 2.45 -46.29
N PRO A 265 -24.91 3.16 -46.29
CA PRO A 265 -25.05 4.56 -45.93
C PRO A 265 -24.56 4.85 -44.51
N ASP A 266 -24.55 3.83 -43.68
CA ASP A 266 -24.12 3.99 -42.32
C ASP A 266 -22.68 4.48 -42.26
N ASN A 267 -21.86 4.07 -43.24
CA ASN A 267 -20.47 4.48 -43.22
C ASN A 267 -20.36 5.97 -42.94
N VAL A 268 -21.37 6.72 -43.35
CA VAL A 268 -21.37 8.15 -43.11
C VAL A 268 -21.43 8.38 -41.60
N VAL A 269 -22.48 7.85 -40.96
CA VAL A 269 -22.66 8.01 -39.52
C VAL A 269 -21.40 7.56 -38.81
N LEU A 270 -20.94 6.35 -39.13
CA LEU A 270 -19.72 5.82 -38.53
C LEU A 270 -18.62 6.88 -38.53
N HIS A 271 -18.42 7.54 -39.66
CA HIS A 271 -17.39 8.58 -39.76
C HIS A 271 -17.66 9.78 -38.86
N VAL A 272 -18.93 10.15 -38.75
CA VAL A 272 -19.30 11.27 -37.89
C VAL A 272 -18.86 10.86 -36.48
N ALA A 273 -19.15 9.60 -36.13
CA ALA A 273 -18.80 9.05 -34.83
C ALA A 273 -17.30 9.16 -34.65
N ASN A 274 -16.54 8.56 -35.56
CA ASN A 274 -15.10 8.61 -35.49
C ASN A 274 -14.58 10.02 -35.31
N ALA A 275 -15.30 11.00 -35.86
CA ALA A 275 -14.89 12.40 -35.77
C ALA A 275 -15.05 12.95 -34.36
N ILE A 276 -16.00 12.37 -33.62
CA ILE A 276 -16.27 12.77 -32.25
C ILE A 276 -15.13 12.30 -31.35
N ILE A 277 -14.61 11.10 -31.60
CA ILE A 277 -13.49 10.55 -30.83
C ILE A 277 -12.16 11.07 -31.39
N GLY A 278 -12.16 11.39 -32.68
CA GLY A 278 -10.97 11.92 -33.34
C GLY A 278 -9.65 11.19 -33.25
N ARG A 279 -8.57 11.96 -33.11
CA ARG A 279 -7.22 11.42 -33.01
C ARG A 279 -6.32 12.35 -32.18
N TYR A 280 -5.09 11.90 -31.91
CA TYR A 280 -4.15 12.69 -31.12
C TYR A 280 -2.71 12.16 -31.20
N ASP A 281 -1.75 13.05 -30.94
CA ASP A 281 -0.35 12.69 -30.88
C ASP A 281 0.29 13.78 -30.04
N ARG A 282 1.40 13.47 -29.37
CA ARG A 282 2.08 14.43 -28.49
C ARG A 282 2.34 15.87 -28.99
N THR A 283 2.17 16.14 -30.28
CA THR A 283 2.43 17.50 -30.79
C THR A 283 1.17 18.29 -31.14
N PHE A 284 0.03 17.88 -30.63
CA PHE A 284 -1.18 18.64 -30.88
C PHE A 284 -1.08 19.77 -29.89
N GLY A 285 -1.25 21.00 -30.35
CA GLY A 285 -1.14 22.16 -29.48
C GLY A 285 -2.32 22.40 -28.55
N GLY A 286 -3.49 21.91 -28.95
CA GLY A 286 -4.68 22.09 -28.13
C GLY A 286 -4.49 21.49 -26.76
N GLY A 287 -3.67 20.44 -26.69
CA GLY A 287 -3.38 19.76 -25.44
C GLY A 287 -4.60 19.43 -24.60
N LYS A 288 -4.53 19.75 -23.33
CA LYS A 288 -5.61 19.48 -22.38
C LYS A 288 -6.97 20.11 -22.71
N HIS A 289 -7.01 20.97 -23.71
CA HIS A 289 -8.27 21.62 -24.05
C HIS A 289 -8.95 21.06 -25.29
N LEU A 290 -8.30 20.12 -25.97
CA LEU A 290 -8.87 19.49 -27.14
C LEU A 290 -10.30 19.06 -26.86
N SER A 291 -11.13 19.06 -27.89
CA SER A 291 -12.54 18.71 -27.75
C SER A 291 -12.76 17.20 -27.55
N SER A 292 -11.93 16.40 -28.22
CA SER A 292 -12.01 14.94 -28.12
C SER A 292 -11.70 14.51 -26.70
N ARG A 293 -12.69 13.91 -26.04
CA ARG A 293 -12.50 13.46 -24.67
C ARG A 293 -11.31 12.54 -24.55
N LEU A 294 -11.19 11.55 -25.44
CA LEU A 294 -10.08 10.62 -25.37
C LEU A 294 -8.73 11.34 -25.47
N ALA A 295 -8.64 12.36 -26.33
CA ALA A 295 -7.39 13.10 -26.46
C ALA A 295 -7.13 13.84 -25.15
N ALA A 296 -8.21 14.41 -24.59
CA ALA A 296 -8.12 15.16 -23.34
C ALA A 296 -7.44 14.29 -22.30
N LEU A 297 -8.10 13.20 -21.93
CA LEU A 297 -7.57 12.27 -20.94
C LEU A 297 -6.18 11.82 -21.34
N ALA A 298 -6.00 11.56 -22.63
CA ALA A 298 -4.69 11.13 -23.07
C ALA A 298 -3.64 12.13 -22.56
N VAL A 299 -4.01 13.41 -22.52
CA VAL A 299 -3.09 14.45 -22.06
C VAL A 299 -3.04 14.54 -20.52
N GLU A 300 -4.22 14.56 -19.89
CA GLU A 300 -4.34 14.66 -18.44
C GLU A 300 -3.60 13.53 -17.74
N HIS A 301 -3.58 12.36 -18.36
CA HIS A 301 -2.93 11.21 -17.74
C HIS A 301 -1.77 10.64 -18.54
N LYS A 302 -1.35 11.33 -19.59
CA LYS A 302 -0.25 10.85 -20.42
C LYS A 302 -0.47 9.36 -20.76
N LEU A 303 -1.63 9.07 -21.32
CA LEU A 303 -2.01 7.71 -21.70
C LEU A 303 -1.29 7.17 -22.94
N CYS A 304 -1.12 8.00 -23.98
CA CYS A 304 -0.49 7.53 -25.22
C CYS A 304 0.31 8.58 -25.98
N HIS A 305 1.26 8.13 -26.79
CA HIS A 305 2.09 9.00 -27.64
C HIS A 305 1.25 9.49 -28.81
N SER A 306 0.24 8.69 -29.16
CA SER A 306 -0.66 8.95 -30.28
C SER A 306 -1.78 7.91 -30.35
N PHE A 307 -2.88 8.28 -30.98
CA PHE A 307 -4.01 7.38 -31.16
C PHE A 307 -4.83 7.86 -32.34
N GLN A 308 -5.57 6.95 -32.94
CA GLN A 308 -6.37 7.29 -34.10
C GLN A 308 -7.55 6.37 -34.30
N THR A 309 -8.66 6.94 -34.75
CA THR A 309 -9.84 6.14 -35.04
C THR A 309 -9.75 5.90 -36.53
N PHE A 310 -10.31 4.80 -37.02
CA PHE A 310 -10.28 4.50 -38.43
C PHE A 310 -11.53 3.74 -38.85
N ASN A 311 -11.97 3.96 -40.09
CA ASN A 311 -13.14 3.23 -40.58
C ASN A 311 -12.82 2.64 -41.94
N THR A 312 -11.86 1.71 -41.97
CA THR A 312 -11.44 1.07 -43.20
C THR A 312 -12.58 0.29 -43.82
N SER A 313 -12.95 0.67 -45.05
CA SER A 313 -14.05 0.02 -45.74
C SER A 313 -13.54 -0.90 -46.83
N TYR A 314 -14.36 -1.88 -47.20
CA TYR A 314 -14.04 -2.82 -48.25
C TYR A 314 -15.31 -3.04 -49.04
N SER A 315 -15.18 -3.73 -50.16
CA SER A 315 -16.33 -4.01 -51.01
C SER A 315 -17.51 -4.57 -50.22
N ASP A 316 -17.31 -5.75 -49.61
CA ASP A 316 -18.34 -6.45 -48.84
C ASP A 316 -18.16 -6.49 -47.31
N THR A 317 -17.14 -5.82 -46.78
CA THR A 317 -16.89 -5.80 -45.33
C THR A 317 -16.17 -4.54 -44.84
N GLY A 318 -15.40 -4.65 -43.75
CA GLY A 318 -14.67 -3.50 -43.21
C GLY A 318 -14.18 -3.65 -41.75
N LEU A 319 -13.33 -2.73 -41.32
CA LEU A 319 -12.79 -2.74 -39.95
C LEU A 319 -13.05 -1.39 -39.32
N PHE A 320 -13.69 -1.38 -38.16
CA PHE A 320 -13.98 -0.12 -37.48
C PHE A 320 -13.31 -0.18 -36.14
N GLY A 321 -12.39 0.73 -35.87
CA GLY A 321 -11.74 0.68 -34.59
C GLY A 321 -10.87 1.86 -34.20
N PHE A 322 -9.74 1.53 -33.57
CA PHE A 322 -8.79 2.53 -33.12
C PHE A 322 -7.44 1.90 -32.85
N HIS A 323 -6.41 2.73 -32.92
CA HIS A 323 -5.04 2.31 -32.74
C HIS A 323 -4.29 3.35 -31.95
N PHE A 324 -3.66 2.92 -30.86
CA PHE A 324 -2.88 3.84 -30.06
C PHE A 324 -1.50 3.27 -29.83
N VAL A 325 -0.55 4.18 -29.61
CA VAL A 325 0.85 3.84 -29.36
C VAL A 325 1.10 4.39 -27.96
N ALA A 326 1.61 3.58 -27.05
CA ALA A 326 1.84 4.06 -25.69
C ALA A 326 3.00 3.39 -25.02
N ASP A 327 3.35 3.91 -23.86
CA ASP A 327 4.44 3.38 -23.06
C ASP A 327 3.91 2.09 -22.47
N PRO A 328 4.80 1.15 -22.19
CA PRO A 328 4.43 -0.16 -21.62
C PRO A 328 3.54 -0.11 -20.41
N LEU A 329 3.70 0.95 -19.60
CA LEU A 329 2.95 1.05 -18.38
C LEU A 329 1.67 1.88 -18.36
N SER A 330 1.17 2.24 -19.52
CA SER A 330 -0.09 3.00 -19.52
C SER A 330 -1.05 2.39 -20.53
N ILE A 331 -0.63 1.27 -21.12
CA ILE A 331 -1.43 0.56 -22.10
C ILE A 331 -2.81 0.35 -21.54
N ASP A 332 -2.85 -0.15 -20.32
CA ASP A 332 -4.12 -0.46 -19.69
C ASP A 332 -5.09 0.70 -19.50
N ASP A 333 -4.64 1.76 -18.86
CA ASP A 333 -5.53 2.87 -18.64
C ASP A 333 -6.01 3.39 -19.99
N MET A 334 -5.10 3.47 -20.97
CA MET A 334 -5.43 3.96 -22.30
C MET A 334 -6.57 3.19 -22.95
N MET A 335 -6.38 1.87 -23.06
CA MET A 335 -7.38 0.99 -23.65
C MET A 335 -8.70 1.16 -22.90
N PHE A 336 -8.58 1.27 -21.59
CA PHE A 336 -9.74 1.42 -20.76
C PHE A 336 -10.54 2.66 -21.13
N CYS A 337 -9.85 3.80 -21.18
CA CYS A 337 -10.50 5.06 -21.50
C CYS A 337 -11.04 5.04 -22.90
N ALA A 338 -10.28 4.45 -23.81
CA ALA A 338 -10.68 4.34 -25.19
C ALA A 338 -12.00 3.56 -25.33
N GLN A 339 -12.00 2.32 -24.87
CA GLN A 339 -13.21 1.51 -24.96
C GLN A 339 -14.35 2.30 -24.33
N GLY A 340 -14.05 2.95 -23.21
CA GLY A 340 -15.07 3.73 -22.55
C GLY A 340 -15.77 4.67 -23.50
N GLU A 341 -14.97 5.42 -24.26
CA GLU A 341 -15.52 6.37 -25.21
C GLU A 341 -16.41 5.69 -26.23
N TRP A 342 -15.99 4.50 -26.68
CA TRP A 342 -16.79 3.75 -27.63
C TRP A 342 -18.14 3.53 -26.99
N MET A 343 -18.12 3.03 -25.76
CA MET A 343 -19.36 2.78 -25.05
C MET A 343 -20.11 4.09 -24.86
N ARG A 344 -19.36 5.18 -24.71
CA ARG A 344 -19.98 6.49 -24.54
C ARG A 344 -20.74 6.86 -25.81
N LEU A 345 -20.29 6.33 -26.94
CA LEU A 345 -20.90 6.57 -28.25
C LEU A 345 -22.27 5.91 -28.41
N CYS A 346 -22.35 4.63 -28.08
CA CYS A 346 -23.61 3.92 -28.24
C CYS A 346 -24.65 4.37 -27.21
N THR A 347 -24.22 5.07 -26.17
CA THR A 347 -25.16 5.45 -25.12
C THR A 347 -25.47 6.89 -24.78
N SER A 348 -24.50 7.80 -24.90
CA SER A 348 -24.81 9.18 -24.50
C SER A 348 -24.35 10.36 -25.35
N THR A 349 -24.02 10.09 -26.62
CA THR A 349 -23.58 11.15 -27.53
C THR A 349 -24.55 12.34 -27.45
N THR A 350 -24.01 13.57 -27.45
CA THR A 350 -24.87 14.77 -27.39
C THR A 350 -24.96 15.37 -28.77
N GLU A 351 -25.96 16.23 -28.98
CA GLU A 351 -26.08 16.86 -30.28
C GLU A 351 -24.88 17.79 -30.42
N SER A 352 -24.39 18.29 -29.28
CA SER A 352 -23.24 19.19 -29.25
C SER A 352 -22.04 18.55 -29.92
N GLU A 353 -21.82 17.29 -29.58
CA GLU A 353 -20.68 16.54 -30.12
C GLU A 353 -20.84 16.31 -31.61
N VAL A 354 -22.00 15.81 -32.04
CA VAL A 354 -22.25 15.54 -33.45
C VAL A 354 -22.13 16.81 -34.30
N LYS A 355 -22.76 17.89 -33.84
CA LYS A 355 -22.72 19.17 -34.54
C LYS A 355 -21.27 19.47 -34.91
N ARG A 356 -20.38 19.37 -33.93
CA ARG A 356 -18.98 19.61 -34.15
C ARG A 356 -18.36 18.55 -35.06
N ALA A 357 -18.65 17.28 -34.76
CA ALA A 357 -18.11 16.17 -35.55
C ALA A 357 -18.42 16.33 -37.03
N LYS A 358 -19.60 16.82 -37.32
CA LYS A 358 -20.02 17.04 -38.70
C LYS A 358 -19.13 18.08 -39.35
N ASN A 359 -18.93 19.22 -38.70
CA ASN A 359 -18.07 20.28 -39.25
C ASN A 359 -16.65 19.79 -39.47
N HIS A 360 -16.19 18.87 -38.64
CA HIS A 360 -14.85 18.34 -38.82
C HIS A 360 -14.84 17.41 -40.04
N LEU A 361 -15.89 16.60 -40.17
CA LEU A 361 -15.96 15.68 -41.30
C LEU A 361 -16.10 16.44 -42.61
N ARG A 362 -16.87 17.54 -42.60
CA ARG A 362 -17.06 18.35 -43.81
C ARG A 362 -15.71 18.87 -44.29
N SER A 363 -14.96 19.48 -43.39
CA SER A 363 -13.64 20.01 -43.71
C SER A 363 -12.72 18.85 -44.09
N ALA A 364 -13.02 17.68 -43.55
CA ALA A 364 -12.24 16.50 -43.81
C ALA A 364 -12.42 16.00 -45.24
N MET A 365 -13.67 15.98 -45.70
CA MET A 365 -13.99 15.51 -47.06
C MET A 365 -13.46 16.47 -48.10
N VAL A 366 -13.59 17.76 -47.81
CA VAL A 366 -13.13 18.80 -48.70
C VAL A 366 -11.63 18.71 -48.77
N ALA A 367 -11.00 18.39 -47.65
CA ALA A 367 -9.55 18.27 -47.59
C ALA A 367 -9.01 17.12 -48.45
N GLN A 368 -9.89 16.22 -48.88
CA GLN A 368 -9.47 15.09 -49.70
C GLN A 368 -9.56 15.39 -51.20
N LEU A 369 -9.86 16.64 -51.52
CA LEU A 369 -9.96 17.07 -52.90
C LEU A 369 -9.14 18.35 -53.01
N ASP A 370 -7.92 18.28 -52.52
CA ASP A 370 -7.02 19.41 -52.53
C ASP A 370 -5.87 19.14 -53.48
N GLY A 371 -6.19 19.12 -54.77
CA GLY A 371 -5.20 18.87 -55.80
C GLY A 371 -5.79 17.95 -56.86
N THR A 372 -5.08 17.80 -57.97
CA THR A 372 -5.58 16.93 -59.03
C THR A 372 -5.45 15.48 -58.62
N THR A 373 -4.32 15.12 -58.04
CA THR A 373 -4.11 13.74 -57.60
C THR A 373 -5.22 13.33 -56.65
N PRO A 374 -5.40 14.06 -55.53
CA PRO A 374 -6.47 13.66 -54.60
C PRO A 374 -7.88 13.61 -55.24
N VAL A 375 -8.17 14.54 -56.13
CA VAL A 375 -9.46 14.54 -56.78
C VAL A 375 -9.58 13.33 -57.70
N CYS A 376 -8.49 13.03 -58.39
CA CYS A 376 -8.42 11.90 -59.31
C CYS A 376 -8.62 10.59 -58.54
N GLU A 377 -7.99 10.53 -57.37
CA GLU A 377 -8.04 9.37 -56.48
C GLU A 377 -9.47 9.08 -56.08
N THR A 378 -10.18 10.14 -55.71
CA THR A 378 -11.57 10.07 -55.28
C THR A 378 -12.48 9.56 -56.39
N ILE A 379 -12.20 10.02 -57.62
CA ILE A 379 -12.97 9.61 -58.78
C ILE A 379 -12.65 8.16 -59.10
N GLY A 380 -11.35 7.85 -59.19
CA GLY A 380 -10.92 6.49 -59.48
C GLY A 380 -11.53 5.49 -58.53
N SER A 381 -11.58 5.85 -57.25
CA SER A 381 -12.15 4.98 -56.22
C SER A 381 -13.66 5.04 -56.17
N HIS A 382 -14.24 6.23 -56.24
CA HIS A 382 -15.69 6.31 -56.19
C HIS A 382 -16.36 5.37 -57.18
N LEU A 383 -16.04 5.53 -58.46
CA LEU A 383 -16.63 4.66 -59.48
C LEU A 383 -16.42 3.22 -59.08
N LEU A 384 -15.16 2.84 -59.07
CA LEU A 384 -14.78 1.48 -58.73
C LEU A 384 -15.57 0.91 -57.53
N ASN A 385 -15.69 1.69 -56.45
CA ASN A 385 -16.38 1.27 -55.21
C ASN A 385 -17.85 1.60 -55.03
N TYR A 386 -18.23 2.85 -55.31
CA TYR A 386 -19.61 3.28 -55.16
C TYR A 386 -20.48 3.12 -56.41
N GLY A 387 -19.86 2.84 -57.57
CA GLY A 387 -20.62 2.68 -58.81
C GLY A 387 -20.85 3.96 -59.59
N ARG A 388 -20.24 5.04 -59.13
CA ARG A 388 -20.34 6.36 -59.75
C ARG A 388 -19.57 7.33 -58.85
N ARG A 389 -19.84 8.61 -59.00
CA ARG A 389 -19.17 9.58 -58.16
C ARG A 389 -20.19 10.28 -57.28
N ILE A 390 -19.79 10.55 -56.05
CA ILE A 390 -20.65 11.22 -55.10
C ILE A 390 -20.07 12.60 -54.84
N SER A 391 -20.81 13.63 -55.27
CA SER A 391 -20.40 15.02 -55.13
C SER A 391 -20.35 15.49 -53.69
N LEU A 392 -19.53 16.51 -53.43
CA LEU A 392 -19.44 17.04 -52.10
C LEU A 392 -20.82 17.56 -51.68
N GLU A 393 -21.62 17.96 -52.66
CA GLU A 393 -22.95 18.43 -52.33
C GLU A 393 -23.78 17.27 -51.81
N GLU A 394 -23.63 16.09 -52.43
CA GLU A 394 -24.40 14.93 -51.98
C GLU A 394 -23.98 14.61 -50.55
N TRP A 395 -22.69 14.29 -50.39
CA TRP A 395 -22.13 13.98 -49.09
C TRP A 395 -22.71 14.90 -48.03
N ASP A 396 -22.41 16.19 -48.14
CA ASP A 396 -22.87 17.17 -47.17
C ASP A 396 -24.33 17.01 -46.72
N SER A 397 -25.19 16.47 -47.58
CA SER A 397 -26.59 16.26 -47.22
C SER A 397 -26.67 15.10 -46.25
N ARG A 398 -26.01 14.01 -46.62
CA ARG A 398 -25.95 12.78 -45.84
C ARG A 398 -25.35 13.03 -44.47
N ILE A 399 -24.48 14.03 -44.39
CA ILE A 399 -23.85 14.39 -43.14
C ILE A 399 -24.75 15.28 -42.31
N SER A 400 -25.52 16.16 -42.96
CA SER A 400 -26.40 17.04 -42.18
C SER A 400 -27.60 16.25 -41.68
N ALA A 401 -27.73 15.02 -42.20
CA ALA A 401 -28.84 14.13 -41.82
C ALA A 401 -28.61 13.48 -40.46
N VAL A 402 -27.34 13.31 -40.10
CA VAL A 402 -26.94 12.70 -38.85
C VAL A 402 -27.19 13.56 -37.63
N ASP A 403 -27.79 12.94 -36.62
CA ASP A 403 -28.07 13.61 -35.35
C ASP A 403 -27.56 12.66 -34.27
N ALA A 404 -27.41 13.16 -33.05
CA ALA A 404 -26.92 12.30 -31.98
C ALA A 404 -27.66 10.95 -32.03
N ARG A 405 -28.97 10.99 -31.80
CA ARG A 405 -29.81 9.80 -31.81
C ARG A 405 -29.41 8.79 -32.90
N MET A 406 -29.07 9.31 -34.08
CA MET A 406 -28.67 8.47 -35.20
C MET A 406 -27.33 7.80 -34.94
N VAL A 407 -26.40 8.56 -34.39
CA VAL A 407 -25.06 8.06 -34.09
C VAL A 407 -25.12 6.93 -33.08
N ARG A 408 -25.92 7.12 -32.05
CA ARG A 408 -26.04 6.11 -31.01
C ARG A 408 -26.56 4.82 -31.60
N ASP A 409 -27.67 4.90 -32.32
CA ASP A 409 -28.22 3.69 -32.89
C ASP A 409 -27.28 2.96 -33.85
N VAL A 410 -26.49 3.71 -34.62
CA VAL A 410 -25.56 3.11 -35.58
C VAL A 410 -24.34 2.48 -34.91
N CYS A 411 -23.79 3.16 -33.91
CA CYS A 411 -22.64 2.65 -33.17
C CYS A 411 -23.07 1.44 -32.34
N SER A 412 -24.21 1.53 -31.68
CA SER A 412 -24.71 0.40 -30.91
C SER A 412 -24.78 -0.77 -31.87
N LYS A 413 -25.40 -0.54 -33.02
CA LYS A 413 -25.57 -1.55 -34.04
C LYS A 413 -24.30 -2.30 -34.39
N TYR A 414 -23.18 -1.57 -34.52
CA TYR A 414 -21.89 -2.18 -34.91
C TYR A 414 -20.86 -2.39 -33.79
N ILE A 415 -21.00 -1.66 -32.69
CA ILE A 415 -20.04 -1.76 -31.57
C ILE A 415 -20.50 -2.55 -30.36
N TYR A 416 -21.65 -2.16 -29.81
CA TYR A 416 -22.20 -2.77 -28.63
C TYR A 416 -22.31 -4.29 -28.57
N ASP A 417 -21.65 -4.82 -27.56
CA ASP A 417 -21.62 -6.24 -27.27
C ASP A 417 -21.01 -7.14 -28.37
N LYS A 418 -20.26 -6.55 -29.29
CA LYS A 418 -19.66 -7.36 -30.32
C LYS A 418 -18.34 -7.89 -29.79
N CYS A 419 -17.86 -9.00 -30.36
CA CYS A 419 -16.57 -9.55 -29.96
C CYS A 419 -15.61 -8.94 -30.96
N PRO A 420 -14.63 -8.15 -30.49
CA PRO A 420 -13.67 -7.52 -31.39
C PRO A 420 -12.40 -8.29 -31.74
N ALA A 421 -11.65 -7.71 -32.67
CA ALA A 421 -10.39 -8.30 -33.09
C ALA A 421 -9.37 -7.39 -32.44
N LEU A 422 -8.29 -7.99 -31.97
CA LEU A 422 -7.26 -7.25 -31.30
C LEU A 422 -5.87 -7.61 -31.77
N ALA A 423 -5.06 -6.58 -32.00
CA ALA A 423 -3.70 -6.79 -32.42
C ALA A 423 -2.80 -6.00 -31.48
N ALA A 424 -1.91 -6.71 -30.79
CA ALA A 424 -0.98 -6.08 -29.86
C ALA A 424 0.44 -6.46 -30.24
N VAL A 425 1.31 -5.46 -30.26
CA VAL A 425 2.70 -5.66 -30.62
C VAL A 425 3.61 -4.93 -29.64
N GLY A 426 4.69 -5.59 -29.22
CA GLY A 426 5.65 -4.98 -28.31
C GLY A 426 5.59 -5.40 -26.86
N PRO A 427 5.92 -4.50 -25.92
CA PRO A 427 5.92 -4.67 -24.45
C PRO A 427 4.51 -4.56 -23.92
N ILE A 428 3.66 -5.45 -24.41
CA ILE A 428 2.25 -5.48 -24.07
C ILE A 428 1.79 -6.17 -22.78
N GLU A 429 2.70 -6.49 -21.87
CA GLU A 429 2.31 -7.19 -20.65
C GLU A 429 1.20 -6.57 -19.86
N GLN A 430 1.15 -5.25 -19.78
CA GLN A 430 0.10 -4.62 -18.99
C GLN A 430 -1.32 -4.73 -19.57
N LEU A 431 -1.46 -4.73 -20.89
CA LEU A 431 -2.78 -4.83 -21.52
C LEU A 431 -3.11 -6.27 -21.43
N LEU A 432 -4.28 -6.63 -20.94
CA LEU A 432 -4.49 -8.06 -20.94
C LEU A 432 -5.90 -8.60 -20.97
N ASP A 433 -5.95 -9.92 -21.18
CA ASP A 433 -7.14 -10.71 -21.24
C ASP A 433 -8.20 -10.26 -22.23
N TYR A 434 -8.42 -11.10 -23.24
CA TYR A 434 -9.43 -10.83 -24.24
C TYR A 434 -10.74 -10.71 -23.49
N ASN A 435 -10.93 -11.56 -22.48
CA ASN A 435 -12.14 -11.55 -21.69
C ASN A 435 -12.42 -10.19 -21.14
N ARG A 436 -11.45 -9.63 -20.44
CA ARG A 436 -11.62 -8.32 -19.87
C ARG A 436 -11.96 -7.30 -20.97
N ILE A 437 -11.25 -7.38 -22.10
CA ILE A 437 -11.48 -6.46 -23.20
C ILE A 437 -12.85 -6.67 -23.80
N ARG A 438 -13.31 -7.91 -23.79
CA ARG A 438 -14.61 -8.23 -24.35
C ARG A 438 -15.71 -7.64 -23.50
N SER A 439 -15.48 -7.64 -22.21
CA SER A 439 -16.48 -7.10 -21.30
C SER A 439 -16.48 -5.57 -21.36
N GLY A 440 -15.48 -5.00 -22.02
CA GLY A 440 -15.45 -3.55 -22.16
C GLY A 440 -16.35 -3.14 -23.31
N MET A 441 -17.00 -4.12 -23.90
CA MET A 441 -17.87 -3.87 -25.03
C MET A 441 -19.30 -3.59 -24.61
N TYR A 442 -19.53 -3.34 -23.33
CA TYR A 442 -20.87 -3.04 -22.87
C TYR A 442 -20.99 -2.37 -21.50
N TRP A 443 -22.05 -1.58 -21.39
CA TRP A 443 -22.41 -0.81 -20.22
C TRP A 443 -21.66 0.53 -20.19
N ILE A 444 -22.40 1.61 -20.52
CA ILE A 444 -21.92 3.00 -20.55
C ILE A 444 -20.41 3.19 -20.50
N PRO B 21 -20.08 33.67 -62.05
CA PRO B 21 -19.64 32.27 -62.31
C PRO B 21 -18.51 31.88 -61.36
N GLY B 22 -17.27 32.07 -61.82
CA GLY B 22 -16.11 31.74 -61.00
C GLY B 22 -14.77 31.76 -61.70
N ALA B 23 -14.07 32.89 -61.63
CA ALA B 23 -12.76 33.00 -62.27
C ALA B 23 -12.36 34.41 -62.70
N GLU B 24 -11.24 34.88 -62.15
CA GLU B 24 -10.62 36.19 -62.45
C GLU B 24 -10.05 36.96 -61.24
N ASP B 25 -8.89 37.56 -61.49
CA ASP B 25 -8.12 38.41 -60.57
C ASP B 25 -7.32 37.82 -59.40
N LEU B 26 -6.88 38.73 -58.54
CA LEU B 26 -6.09 38.48 -57.34
C LEU B 26 -5.67 39.87 -56.87
N GLU B 27 -6.56 40.57 -56.19
CA GLU B 27 -6.25 41.91 -55.72
C GLU B 27 -5.08 41.90 -54.72
N ILE B 28 -4.59 43.06 -54.34
CA ILE B 28 -3.44 43.12 -53.43
C ILE B 28 -3.16 44.55 -52.89
N THR B 29 -4.13 45.08 -52.13
CA THR B 29 -4.02 46.42 -51.54
C THR B 29 -2.81 46.53 -50.61
N LYS B 30 -2.32 47.75 -50.38
CA LYS B 30 -1.16 47.94 -49.51
C LYS B 30 -1.31 49.05 -48.46
N LEU B 31 -2.37 48.95 -47.65
CA LEU B 31 -2.70 49.89 -46.56
C LEU B 31 -1.68 50.93 -46.04
N PRO B 32 -2.18 51.92 -45.27
CA PRO B 32 -1.35 52.99 -44.69
C PRO B 32 -0.01 52.52 -44.16
N ASN B 33 -0.04 51.99 -42.94
CA ASN B 33 1.12 51.49 -42.23
C ASN B 33 2.10 50.55 -42.96
N GLY B 34 1.81 50.22 -44.21
CA GLY B 34 2.69 49.33 -44.95
C GLY B 34 2.29 47.87 -44.85
N LEU B 35 1.11 47.62 -44.27
CA LEU B 35 0.57 46.27 -44.12
C LEU B 35 0.02 45.85 -45.47
N ILE B 36 0.20 44.58 -45.83
CA ILE B 36 -0.27 44.09 -47.12
C ILE B 36 -1.44 43.14 -47.01
N ILE B 37 -2.29 43.14 -48.04
CA ILE B 37 -3.45 42.28 -48.10
C ILE B 37 -3.47 41.67 -49.49
N ALA B 38 -3.52 40.34 -49.58
CA ALA B 38 -3.51 39.66 -50.87
C ALA B 38 -4.64 38.65 -50.98
N SER B 39 -5.77 39.07 -51.55
CA SER B 39 -6.93 38.22 -51.70
C SER B 39 -7.09 37.57 -53.07
N LEU B 40 -7.75 36.41 -53.09
CA LEU B 40 -8.03 35.67 -54.32
C LEU B 40 -9.19 34.73 -54.11
N GLU B 41 -10.34 35.08 -54.65
CA GLU B 41 -11.51 34.23 -54.52
C GLU B 41 -11.43 33.14 -55.61
N ASN B 42 -11.63 31.87 -55.24
CA ASN B 42 -11.58 30.79 -56.22
C ASN B 42 -12.76 29.86 -56.01
N PHE B 43 -13.73 30.37 -55.26
CA PHE B 43 -14.96 29.66 -54.95
C PHE B 43 -14.82 28.21 -54.49
N SER B 44 -13.77 27.95 -53.71
CA SER B 44 -13.56 26.61 -53.15
C SER B 44 -14.51 26.57 -51.97
N PRO B 45 -15.05 25.38 -51.66
CA PRO B 45 -15.97 25.31 -50.52
C PRO B 45 -15.31 25.66 -49.20
N ALA B 46 -14.00 25.91 -49.23
CA ALA B 46 -13.26 26.24 -48.02
C ALA B 46 -12.22 27.36 -48.16
N SER B 47 -12.18 28.20 -47.13
CA SER B 47 -11.27 29.33 -47.06
C SER B 47 -10.01 28.90 -46.32
N ARG B 48 -8.93 29.62 -46.54
CA ARG B 48 -7.65 29.30 -45.90
C ARG B 48 -6.86 30.61 -45.75
N ILE B 49 -7.11 31.30 -44.64
CA ILE B 49 -6.44 32.56 -44.34
C ILE B 49 -5.10 32.40 -43.60
N GLY B 50 -4.18 33.34 -43.83
CA GLY B 50 -2.88 33.27 -43.18
C GLY B 50 -2.16 34.60 -42.99
N VAL B 51 -1.36 34.68 -41.93
CA VAL B 51 -0.59 35.87 -41.62
C VAL B 51 0.89 35.56 -41.81
N PHE B 52 1.47 36.12 -42.87
CA PHE B 52 2.88 35.91 -43.17
C PHE B 52 3.68 37.02 -42.52
N ILE B 53 4.82 36.68 -41.93
CA ILE B 53 5.64 37.67 -41.25
C ILE B 53 7.13 37.43 -41.43
N LYS B 54 7.89 38.52 -41.38
CA LYS B 54 9.34 38.43 -41.50
C LYS B 54 9.87 38.26 -40.07
N ALA B 55 10.08 37.01 -39.66
CA ALA B 55 10.56 36.68 -38.33
C ALA B 55 11.33 35.37 -38.40
N GLY B 56 11.85 34.90 -37.27
CA GLY B 56 12.58 33.65 -37.32
C GLY B 56 13.89 33.63 -36.56
N SER B 57 14.55 32.48 -36.58
CA SER B 57 15.82 32.28 -35.89
C SER B 57 16.89 33.27 -36.32
N ARG B 58 16.68 33.86 -37.49
CA ARG B 58 17.61 34.82 -38.08
C ARG B 58 17.79 36.12 -37.28
N TYR B 59 16.78 36.48 -36.49
CA TYR B 59 16.84 37.70 -35.69
C TYR B 59 17.21 37.39 -34.23
N GLU B 60 17.48 36.13 -33.96
CA GLU B 60 17.85 35.71 -32.63
C GLU B 60 19.31 36.05 -32.36
N THR B 61 19.64 36.25 -31.10
CA THR B 61 20.99 36.57 -30.69
C THR B 61 21.38 35.50 -29.69
N THR B 62 22.68 35.38 -29.46
CA THR B 62 23.18 34.40 -28.50
C THR B 62 22.32 34.53 -27.24
N ALA B 63 21.91 35.76 -26.96
CA ALA B 63 21.11 36.09 -25.80
C ALA B 63 19.68 35.53 -25.73
N ASN B 64 18.99 35.42 -26.86
CA ASN B 64 17.61 34.90 -26.82
C ASN B 64 17.32 33.70 -27.72
N LEU B 65 18.37 33.00 -28.13
CA LEU B 65 18.24 31.82 -28.97
C LEU B 65 16.99 31.02 -28.66
N GLY B 66 16.47 30.33 -29.68
CA GLY B 66 15.29 29.50 -29.53
C GLY B 66 13.99 30.21 -29.23
N THR B 67 14.05 31.47 -28.79
CA THR B 67 12.84 32.22 -28.48
C THR B 67 11.84 32.23 -29.65
N ALA B 68 12.36 32.06 -30.86
CA ALA B 68 11.52 32.01 -32.06
C ALA B 68 10.75 30.69 -32.05
N HIS B 69 11.51 29.60 -31.95
CA HIS B 69 10.94 28.26 -31.89
C HIS B 69 9.76 28.18 -30.93
N LEU B 70 10.00 28.60 -29.69
CA LEU B 70 8.98 28.57 -28.63
C LEU B 70 7.75 29.35 -29.03
N LEU B 71 7.97 30.54 -29.56
CA LEU B 71 6.89 31.43 -29.98
C LEU B 71 5.98 30.70 -30.96
N ARG B 72 6.58 29.81 -31.75
CA ARG B 72 5.85 29.03 -32.74
C ARG B 72 4.89 28.08 -32.06
N LEU B 73 5.36 27.41 -31.01
CA LEU B 73 4.56 26.45 -30.25
C LEU B 73 3.57 27.17 -29.34
N ALA B 74 3.93 28.37 -28.93
CA ALA B 74 3.11 29.18 -28.03
C ALA B 74 1.81 29.70 -28.65
N SER B 75 1.58 29.41 -29.91
CA SER B 75 0.38 29.88 -30.59
C SER B 75 -0.95 29.67 -29.85
N PRO B 76 -1.11 28.51 -29.19
CA PRO B 76 -2.37 28.28 -28.46
C PRO B 76 -2.56 28.89 -27.07
N LEU B 77 -1.56 29.60 -26.54
CA LEU B 77 -1.64 30.22 -25.21
C LEU B 77 -2.66 31.35 -25.19
N THR B 78 -3.18 31.71 -24.02
CA THR B 78 -4.19 32.77 -23.91
C THR B 78 -3.75 34.11 -24.48
N THR B 79 -4.68 34.80 -25.13
CA THR B 79 -4.45 36.11 -25.73
C THR B 79 -5.32 37.09 -24.96
N LYS B 80 -5.12 38.39 -25.17
CA LYS B 80 -5.92 39.39 -24.46
C LYS B 80 -7.41 39.25 -24.80
N GLY B 81 -7.71 38.68 -25.95
CA GLY B 81 -9.11 38.52 -26.35
C GLY B 81 -9.69 37.11 -26.21
N ALA B 82 -8.87 36.11 -26.47
CA ALA B 82 -9.33 34.72 -26.38
C ALA B 82 -8.47 33.87 -25.45
N SER B 83 -9.14 33.04 -24.67
CA SER B 83 -8.48 32.16 -23.70
C SER B 83 -7.94 30.87 -24.34
N SER B 84 -6.81 30.42 -23.82
CA SER B 84 -6.14 29.20 -24.26
C SER B 84 -7.21 28.15 -24.56
N PHE B 85 -8.27 28.20 -23.77
CA PHE B 85 -9.40 27.31 -23.88
C PHE B 85 -10.25 27.61 -25.10
N ARG B 86 -10.81 28.82 -25.18
CA ARG B 86 -11.67 29.17 -26.30
C ARG B 86 -10.96 29.13 -27.64
N ILE B 87 -9.66 29.39 -27.66
CA ILE B 87 -8.92 29.35 -28.91
C ILE B 87 -9.03 27.96 -29.53
N THR B 88 -8.82 26.92 -28.71
CA THR B 88 -8.89 25.55 -29.22
C THR B 88 -10.32 25.05 -29.41
N ARG B 89 -11.14 25.15 -28.37
CA ARG B 89 -12.52 24.70 -28.49
C ARG B 89 -13.25 25.54 -29.54
N GLY B 90 -12.85 26.80 -29.66
CA GLY B 90 -13.47 27.69 -30.62
C GLY B 90 -13.21 27.32 -32.07
N ILE B 91 -11.93 27.15 -32.40
CA ILE B 91 -11.53 26.79 -33.75
C ILE B 91 -12.00 25.37 -34.07
N GLU B 92 -12.12 24.54 -33.04
CA GLU B 92 -12.55 23.14 -33.20
C GLU B 92 -14.04 23.02 -33.37
N ALA B 93 -14.78 23.91 -32.72
CA ALA B 93 -16.24 23.92 -32.79
C ALA B 93 -16.78 24.00 -34.22
N VAL B 94 -15.94 24.50 -35.14
CA VAL B 94 -16.34 24.67 -36.54
C VAL B 94 -15.48 23.84 -37.49
N GLY B 95 -14.96 22.72 -37.00
CA GLY B 95 -14.14 21.87 -37.83
C GLY B 95 -12.98 22.62 -38.44
N GLY B 96 -12.51 23.66 -37.76
CA GLY B 96 -11.40 24.44 -38.27
C GLY B 96 -10.04 23.97 -37.81
N SER B 97 -8.98 24.54 -38.37
CA SER B 97 -7.62 24.16 -37.98
C SER B 97 -6.84 25.43 -37.71
N LEU B 98 -5.60 25.27 -37.28
CA LEU B 98 -4.74 26.40 -36.96
C LEU B 98 -3.32 25.91 -36.81
N SER B 99 -2.39 26.56 -37.48
CA SER B 99 -1.00 26.15 -37.41
C SER B 99 0.01 27.26 -37.73
N VAL B 100 1.28 26.98 -37.41
CA VAL B 100 2.35 27.92 -37.65
C VAL B 100 3.50 27.21 -38.36
N TYR B 101 3.91 27.73 -39.53
CA TYR B 101 5.03 27.13 -40.24
C TYR B 101 6.10 28.21 -40.31
N SER B 102 7.36 27.83 -40.26
CA SER B 102 8.39 28.85 -40.31
C SER B 102 9.79 28.41 -40.75
N THR B 103 10.44 29.33 -41.45
CA THR B 103 11.80 29.14 -41.95
C THR B 103 12.66 29.94 -40.96
N ARG B 104 13.95 30.10 -41.26
CA ARG B 104 14.79 30.87 -40.38
C ARG B 104 14.46 32.36 -40.51
N GLU B 105 13.72 32.72 -41.56
CA GLU B 105 13.39 34.12 -41.78
C GLU B 105 11.95 34.47 -42.09
N LYS B 106 11.04 33.50 -42.01
CA LYS B 106 9.63 33.80 -42.26
C LYS B 106 8.74 32.97 -41.33
N MET B 107 7.63 33.54 -40.89
CA MET B 107 6.70 32.84 -40.01
C MET B 107 5.30 32.97 -40.57
N THR B 108 4.53 31.89 -40.54
CA THR B 108 3.19 31.96 -41.08
C THR B 108 2.12 31.32 -40.21
N TYR B 109 1.19 32.15 -39.74
CA TYR B 109 0.08 31.71 -38.91
C TYR B 109 -1.17 31.59 -39.76
N CYS B 110 -1.48 30.40 -40.26
CA CYS B 110 -2.68 30.23 -41.08
C CYS B 110 -3.73 29.29 -40.50
N VAL B 111 -4.99 29.55 -40.87
CA VAL B 111 -6.12 28.79 -40.39
C VAL B 111 -7.04 28.41 -41.56
N GLU B 112 -7.57 27.18 -41.54
CA GLU B 112 -8.49 26.70 -42.58
C GLU B 112 -9.87 26.50 -41.98
N CYS B 113 -10.89 26.42 -42.84
CA CYS B 113 -12.25 26.22 -42.37
C CYS B 113 -13.22 26.35 -43.51
N LEU B 114 -14.44 25.87 -43.29
CA LEU B 114 -15.47 25.97 -44.31
C LEU B 114 -15.68 27.47 -44.48
N ARG B 115 -16.22 27.87 -45.63
CA ARG B 115 -16.44 29.28 -45.93
C ARG B 115 -17.17 30.02 -44.83
N ASP B 116 -18.37 29.56 -44.49
CA ASP B 116 -19.21 30.21 -43.49
C ASP B 116 -18.58 30.41 -42.12
N HIS B 117 -17.39 29.88 -41.92
CA HIS B 117 -16.77 30.02 -40.61
C HIS B 117 -15.48 30.80 -40.60
N VAL B 118 -15.25 31.59 -41.64
CA VAL B 118 -14.03 32.39 -41.74
C VAL B 118 -13.92 33.45 -40.64
N ASP B 119 -14.95 34.29 -40.54
CA ASP B 119 -15.01 35.36 -39.54
C ASP B 119 -14.71 34.83 -38.13
N THR B 120 -15.26 33.66 -37.82
CA THR B 120 -15.07 33.03 -36.52
C THR B 120 -13.62 32.60 -36.29
N VAL B 121 -13.10 31.78 -37.21
CA VAL B 121 -11.72 31.30 -37.13
C VAL B 121 -10.73 32.46 -37.18
N MET B 122 -11.22 33.61 -37.62
CA MET B 122 -10.36 34.79 -37.73
C MET B 122 -10.04 35.40 -36.38
N GLU B 123 -11.07 35.54 -35.56
CA GLU B 123 -10.88 36.12 -34.25
C GLU B 123 -9.64 35.59 -33.58
N TYR B 124 -9.46 34.29 -33.64
CA TYR B 124 -8.31 33.70 -32.98
C TYR B 124 -7.02 34.03 -33.74
N LEU B 125 -7.07 33.92 -35.07
CA LEU B 125 -5.88 34.22 -35.88
C LEU B 125 -5.41 35.61 -35.53
N LEU B 126 -6.35 36.55 -35.55
CA LEU B 126 -6.07 37.95 -35.23
C LEU B 126 -5.43 38.02 -33.84
N ASN B 127 -6.11 37.42 -32.86
CA ASN B 127 -5.66 37.40 -31.48
C ASN B 127 -4.31 36.76 -31.24
N VAL B 128 -4.11 35.60 -31.81
CA VAL B 128 -2.86 34.89 -31.64
C VAL B 128 -1.62 35.67 -32.11
N THR B 129 -1.74 36.34 -33.25
CA THR B 129 -0.62 37.09 -33.85
C THR B 129 -0.41 38.54 -33.38
N THR B 130 -1.49 39.19 -32.94
CA THR B 130 -1.36 40.57 -32.50
C THR B 130 -1.49 40.77 -30.99
N ALA B 131 -2.37 39.98 -30.35
CA ALA B 131 -2.63 40.12 -28.91
C ALA B 131 -2.25 39.00 -27.91
N PRO B 132 -1.03 38.45 -28.01
CA PRO B 132 -0.65 37.40 -27.06
C PRO B 132 -0.33 37.93 -25.66
N GLU B 133 -0.58 37.12 -24.64
CA GLU B 133 -0.32 37.53 -23.26
C GLU B 133 0.89 36.86 -22.65
N PHE B 134 1.32 35.75 -23.26
CA PHE B 134 2.49 35.01 -22.77
C PHE B 134 2.59 35.06 -21.24
N ARG B 135 1.59 34.47 -20.58
CA ARG B 135 1.54 34.41 -19.13
C ARG B 135 2.61 33.46 -18.63
N PRO B 136 3.46 33.94 -17.70
CA PRO B 136 4.56 33.18 -17.10
C PRO B 136 4.28 31.68 -16.94
N TRP B 137 3.23 31.36 -16.17
CA TRP B 137 2.90 29.95 -15.97
C TRP B 137 2.62 29.27 -17.30
N GLU B 138 1.64 29.76 -18.06
CA GLU B 138 1.34 29.14 -19.34
C GLU B 138 2.65 28.91 -20.10
N VAL B 139 3.52 29.91 -20.10
CA VAL B 139 4.79 29.79 -20.79
C VAL B 139 5.64 28.69 -20.19
N THR B 140 5.85 28.76 -18.88
CA THR B 140 6.66 27.76 -18.19
C THR B 140 6.11 26.33 -18.40
N ASP B 141 4.79 26.18 -18.33
CA ASP B 141 4.16 24.88 -18.53
C ASP B 141 4.46 24.35 -19.93
N LEU B 142 4.53 25.27 -20.89
CA LEU B 142 4.77 24.93 -22.28
C LEU B 142 6.21 24.57 -22.61
N GLN B 143 7.14 25.37 -22.12
CA GLN B 143 8.55 25.19 -22.40
C GLN B 143 9.11 23.78 -22.49
N PRO B 144 8.76 22.89 -21.58
CA PRO B 144 9.33 21.56 -21.70
C PRO B 144 8.94 20.88 -23.03
N GLN B 145 7.92 21.41 -23.70
CA GLN B 145 7.47 20.88 -24.97
C GLN B 145 8.52 20.98 -26.07
N LEU B 146 9.36 22.00 -26.02
CA LEU B 146 10.42 22.17 -27.00
C LEU B 146 11.28 20.92 -26.98
N LYS B 147 11.40 20.31 -25.82
CA LYS B 147 12.20 19.11 -25.66
C LYS B 147 11.64 18.03 -26.58
N VAL B 148 10.32 17.93 -26.65
CA VAL B 148 9.64 16.94 -27.48
C VAL B 148 9.53 17.32 -28.96
N ASP B 149 8.78 18.38 -29.26
CA ASP B 149 8.62 18.82 -30.64
C ASP B 149 9.93 18.69 -31.41
N LYS B 150 11.03 18.98 -30.72
CA LYS B 150 12.37 18.91 -31.29
C LYS B 150 12.87 17.47 -31.50
N ALA B 151 12.50 16.57 -30.58
CA ALA B 151 12.93 15.18 -30.66
C ALA B 151 12.21 14.39 -31.76
N VAL B 152 10.97 14.74 -32.06
CA VAL B 152 10.24 14.06 -33.12
C VAL B 152 10.93 14.47 -34.41
N ALA B 153 11.22 15.76 -34.54
CA ALA B 153 11.86 16.32 -35.71
C ALA B 153 13.20 15.65 -36.02
N PHE B 154 14.09 15.66 -35.04
CA PHE B 154 15.42 15.09 -35.22
C PHE B 154 15.45 13.60 -35.53
N GLN B 155 14.27 13.00 -35.62
CA GLN B 155 14.17 11.58 -35.93
C GLN B 155 14.68 11.34 -37.33
N SER B 156 14.50 12.35 -38.18
CA SER B 156 14.94 12.31 -39.58
C SER B 156 16.34 12.93 -39.60
N PRO B 157 17.39 12.13 -39.85
CA PRO B 157 18.77 12.67 -39.86
C PRO B 157 18.82 13.81 -40.85
N GLN B 158 17.97 13.69 -41.87
CA GLN B 158 17.83 14.69 -42.91
C GLN B 158 17.90 16.10 -42.25
N VAL B 159 17.24 16.28 -41.10
CA VAL B 159 17.20 17.57 -40.39
C VAL B 159 18.39 17.84 -39.46
N GLY B 160 19.16 16.80 -39.18
CA GLY B 160 20.32 16.97 -38.32
C GLY B 160 21.42 17.67 -39.05
N VAL B 161 21.77 17.17 -40.23
CA VAL B 161 22.84 17.76 -41.03
C VAL B 161 22.49 19.16 -41.51
N LEU B 162 21.21 19.46 -41.66
CA LEU B 162 20.80 20.79 -42.12
C LEU B 162 20.97 21.88 -41.09
N GLU B 163 20.71 21.56 -39.82
CA GLU B 163 20.90 22.53 -38.76
C GLU B 163 22.40 22.87 -38.73
N ASN B 164 23.22 21.83 -38.64
CA ASN B 164 24.66 21.98 -38.60
C ASN B 164 25.22 22.60 -39.86
N LEU B 165 24.60 22.32 -41.01
CA LEU B 165 25.08 22.89 -42.26
C LEU B 165 25.03 24.39 -42.09
N HIS B 166 23.82 24.92 -41.96
CA HIS B 166 23.64 26.35 -41.78
C HIS B 166 24.61 26.96 -40.77
N ALA B 167 25.04 26.17 -39.79
CA ALA B 167 25.96 26.67 -38.79
C ALA B 167 27.35 26.82 -39.39
N ALA B 168 27.84 25.78 -40.05
CA ALA B 168 29.18 25.78 -40.65
C ALA B 168 29.27 26.69 -41.88
N ALA B 169 28.14 26.95 -42.51
CA ALA B 169 28.14 27.79 -43.67
C ALA B 169 27.99 29.25 -43.28
N TYR B 170 27.67 29.52 -42.02
CA TYR B 170 27.51 30.90 -41.60
C TYR B 170 28.22 31.29 -40.29
N LYS B 171 28.05 32.55 -39.90
CA LYS B 171 28.64 33.09 -38.69
C LYS B 171 27.56 33.80 -37.90
N THR B 172 26.39 33.94 -38.51
CA THR B 172 25.28 34.64 -37.87
C THR B 172 23.95 34.50 -38.61
N ALA B 173 22.94 35.20 -38.11
CA ALA B 173 21.59 35.21 -38.69
C ALA B 173 21.04 33.85 -39.15
N LEU B 174 21.50 33.40 -40.30
CA LEU B 174 21.07 32.14 -40.84
C LEU B 174 21.81 30.98 -40.18
N ALA B 175 22.96 31.27 -39.59
CA ALA B 175 23.73 30.23 -38.92
C ALA B 175 22.99 29.78 -37.67
N ASN B 176 21.92 30.52 -37.34
CA ASN B 176 21.11 30.20 -36.16
C ASN B 176 20.22 29.00 -36.41
N PRO B 177 20.19 28.03 -35.47
CA PRO B 177 19.37 26.81 -35.56
C PRO B 177 17.86 27.11 -35.59
N LEU B 178 17.12 26.27 -36.30
CA LEU B 178 15.68 26.42 -36.44
C LEU B 178 14.92 25.92 -35.21
N TYR B 179 15.57 25.00 -34.49
CA TYR B 179 15.03 24.41 -33.28
C TYR B 179 15.87 24.82 -32.06
N CYS B 180 15.21 25.44 -31.09
CA CYS B 180 15.86 25.91 -29.87
C CYS B 180 16.95 24.98 -29.40
N PRO B 181 18.16 25.50 -29.19
CA PRO B 181 19.25 24.64 -28.72
C PRO B 181 18.88 24.10 -27.34
N ASP B 182 19.46 22.96 -26.99
CA ASP B 182 19.17 22.29 -25.74
C ASP B 182 19.31 23.11 -24.44
N TYR B 183 20.46 23.74 -24.25
CA TYR B 183 20.69 24.53 -23.03
C TYR B 183 19.63 25.58 -22.78
N ARG B 184 19.09 26.14 -23.85
CA ARG B 184 18.09 27.17 -23.68
C ARG B 184 16.69 26.67 -23.42
N ILE B 185 16.52 25.35 -23.30
CA ILE B 185 15.19 24.84 -23.03
C ILE B 185 14.84 25.19 -21.60
N GLY B 186 13.73 25.90 -21.44
CA GLY B 186 13.27 26.29 -20.14
C GLY B 186 13.84 27.59 -19.59
N LYS B 187 14.76 28.20 -20.34
CA LYS B 187 15.40 29.45 -19.92
C LYS B 187 14.92 30.69 -20.64
N ILE B 188 13.95 30.50 -21.54
CA ILE B 188 13.35 31.60 -22.30
C ILE B 188 12.31 32.31 -21.41
N THR B 189 12.24 33.64 -21.49
CA THR B 189 11.31 34.38 -20.65
C THR B 189 10.09 34.90 -21.39
N SER B 190 9.06 35.28 -20.62
CA SER B 190 7.85 35.83 -21.20
C SER B 190 8.21 37.14 -21.87
N GLU B 191 9.27 37.77 -21.34
CA GLU B 191 9.77 39.02 -21.91
C GLU B 191 10.27 38.68 -23.30
N GLN B 192 11.38 37.94 -23.34
CA GLN B 192 12.00 37.55 -24.60
C GLN B 192 10.96 37.35 -25.69
N LEU B 193 9.84 36.74 -25.33
CA LEU B 193 8.77 36.53 -26.28
C LEU B 193 8.19 37.87 -26.69
N HIS B 194 7.49 38.54 -25.76
CA HIS B 194 6.90 39.83 -26.05
C HIS B 194 7.83 40.69 -26.90
N HIS B 195 9.02 40.95 -26.37
CA HIS B 195 10.00 41.77 -27.08
C HIS B 195 10.19 41.26 -28.49
N PHE B 196 10.41 39.96 -28.63
CA PHE B 196 10.57 39.40 -29.96
C PHE B 196 9.35 39.71 -30.82
N VAL B 197 8.17 39.64 -30.21
CA VAL B 197 6.92 39.92 -30.93
C VAL B 197 6.74 41.41 -31.21
N GLN B 198 7.05 42.23 -30.22
CA GLN B 198 6.93 43.67 -30.38
C GLN B 198 7.87 44.13 -31.49
N ASN B 199 9.11 43.62 -31.46
CA ASN B 199 10.13 44.01 -32.41
C ASN B 199 10.04 43.47 -33.84
N ASN B 200 9.41 42.31 -34.03
CA ASN B 200 9.36 41.74 -35.37
C ASN B 200 7.99 41.60 -36.02
N PHE B 201 6.96 41.47 -35.21
CA PHE B 201 5.61 41.34 -35.77
C PHE B 201 5.03 42.74 -35.93
N THR B 202 5.57 43.51 -36.87
CA THR B 202 5.13 44.89 -37.12
C THR B 202 4.58 45.08 -38.54
N SER B 203 3.42 45.73 -38.63
CA SER B 203 2.70 45.98 -39.89
C SER B 203 3.48 45.93 -41.21
N ALA B 204 4.63 46.59 -41.26
CA ALA B 204 5.43 46.62 -42.49
C ALA B 204 6.17 45.33 -42.81
N ARG B 205 6.15 44.39 -41.86
CA ARG B 205 6.81 43.09 -42.00
C ARG B 205 5.76 41.97 -42.14
N MET B 206 4.50 42.37 -42.03
CA MET B 206 3.38 41.43 -42.10
C MET B 206 2.48 41.56 -43.32
N ALA B 207 1.91 40.44 -43.72
CA ALA B 207 0.99 40.37 -44.86
C ALA B 207 -0.17 39.44 -44.51
N LEU B 208 -1.39 39.90 -44.79
CA LEU B 208 -2.58 39.10 -44.52
C LEU B 208 -3.12 38.48 -45.80
N VAL B 209 -2.47 37.43 -46.30
CA VAL B 209 -2.89 36.75 -47.53
C VAL B 209 -4.21 36.02 -47.27
N GLY B 210 -4.70 35.25 -48.24
CA GLY B 210 -5.95 34.54 -48.04
C GLY B 210 -6.71 34.07 -49.27
N ILE B 211 -6.89 32.76 -49.37
CA ILE B 211 -7.60 32.11 -50.48
C ILE B 211 -9.09 31.88 -50.11
N GLY B 212 -9.94 31.72 -51.11
CA GLY B 212 -11.36 31.49 -50.85
C GLY B 212 -12.12 32.62 -50.16
N VAL B 213 -11.67 33.86 -50.36
CA VAL B 213 -12.33 35.02 -49.75
C VAL B 213 -12.39 36.20 -50.73
N LYS B 214 -13.29 37.13 -50.45
CA LYS B 214 -13.43 38.33 -51.29
C LYS B 214 -12.51 39.39 -50.72
N HIS B 215 -11.69 40.02 -51.57
CA HIS B 215 -10.74 41.02 -51.12
C HIS B 215 -11.29 42.11 -50.20
N SER B 216 -12.51 42.55 -50.49
CA SER B 216 -13.16 43.59 -49.71
C SER B 216 -13.19 43.28 -48.22
N ASP B 217 -13.59 42.07 -47.87
CA ASP B 217 -13.69 41.64 -46.48
C ASP B 217 -12.34 41.51 -45.80
N LEU B 218 -11.42 40.78 -46.42
CA LEU B 218 -10.09 40.59 -45.84
C LEU B 218 -9.50 41.95 -45.55
N LYS B 219 -9.86 42.92 -46.40
CA LYS B 219 -9.38 44.28 -46.24
C LYS B 219 -10.05 44.91 -45.01
N GLN B 220 -11.38 44.97 -45.02
CA GLN B 220 -12.16 45.52 -43.91
C GLN B 220 -11.62 45.06 -42.57
N VAL B 221 -11.30 43.77 -42.50
CA VAL B 221 -10.77 43.14 -41.30
C VAL B 221 -9.41 43.76 -40.96
N ALA B 222 -8.42 43.50 -41.80
CA ALA B 222 -7.07 44.02 -41.61
C ALA B 222 -7.04 45.43 -41.04
N GLU B 223 -7.95 46.28 -41.54
CA GLU B 223 -8.03 47.66 -41.10
C GLU B 223 -8.39 47.86 -39.63
N GLN B 224 -9.69 47.89 -39.33
CA GLN B 224 -10.16 48.09 -37.96
C GLN B 224 -9.57 47.23 -36.83
N PHE B 225 -9.07 46.04 -37.17
CA PHE B 225 -8.53 45.16 -36.13
C PHE B 225 -7.02 45.04 -35.96
N LEU B 226 -6.27 44.94 -37.04
CA LEU B 226 -4.81 44.82 -36.91
C LEU B 226 -4.17 46.04 -36.26
N ASN B 227 -3.99 45.93 -34.94
CA ASN B 227 -3.44 46.98 -34.09
C ASN B 227 -2.05 46.70 -33.48
N ILE B 228 -1.03 46.59 -34.33
CA ILE B 228 0.36 46.33 -33.90
C ILE B 228 1.23 47.35 -34.67
N ARG B 229 0.55 47.97 -35.62
CA ARG B 229 1.05 49.00 -36.54
C ARG B 229 2.53 49.11 -36.93
N SER B 230 2.75 50.02 -37.88
CA SER B 230 4.02 50.35 -38.51
C SER B 230 5.30 50.18 -37.71
N GLY B 231 6.37 49.91 -38.46
CA GLY B 231 7.67 49.71 -37.85
C GLY B 231 8.49 48.73 -38.65
N ALA B 232 9.73 48.53 -38.22
CA ALA B 232 10.64 47.61 -38.85
C ALA B 232 11.43 46.97 -37.71
N GLY B 233 11.25 47.53 -36.52
CA GLY B 233 11.91 47.04 -35.31
C GLY B 233 13.31 46.49 -35.55
N THR B 234 13.62 45.38 -34.90
CA THR B 234 14.93 44.76 -35.05
C THR B 234 15.26 44.52 -36.53
N SER B 235 16.52 44.76 -36.89
CA SER B 235 16.99 44.55 -38.26
C SER B 235 17.89 43.35 -38.27
N SER B 236 17.55 42.35 -39.08
CA SER B 236 18.39 41.17 -39.14
C SER B 236 19.82 41.56 -39.48
N ALA B 237 20.77 40.99 -38.78
CA ALA B 237 22.17 41.28 -39.03
C ALA B 237 22.56 40.65 -40.37
N LYS B 238 23.27 41.41 -41.20
CA LYS B 238 23.72 40.91 -42.50
C LYS B 238 24.33 39.52 -42.31
N ALA B 239 23.90 38.57 -43.12
CA ALA B 239 24.40 37.21 -43.05
C ALA B 239 25.77 37.04 -43.69
N THR B 240 26.80 36.88 -42.86
CA THR B 240 28.16 36.70 -43.36
C THR B 240 28.26 35.27 -43.87
N TYR B 241 29.41 34.89 -44.40
CA TYR B 241 29.58 33.52 -44.86
C TYR B 241 30.84 32.98 -44.20
N TRP B 242 30.70 31.88 -43.47
CA TRP B 242 31.83 31.26 -42.79
C TRP B 242 32.58 30.29 -43.69
N GLY B 243 31.90 29.21 -44.07
CA GLY B 243 32.54 28.23 -44.92
C GLY B 243 33.36 27.26 -44.09
N GLY B 244 32.68 26.64 -43.15
CA GLY B 244 33.33 25.67 -42.28
C GLY B 244 32.65 24.34 -42.43
N GLU B 245 33.23 23.30 -41.84
CA GLU B 245 32.63 21.99 -41.94
C GLU B 245 32.43 21.36 -40.57
N ILE B 246 31.19 20.92 -40.32
CA ILE B 246 30.83 20.28 -39.06
C ILE B 246 30.57 18.79 -39.30
N ARG B 247 31.21 17.94 -38.51
CA ARG B 247 31.04 16.51 -38.67
C ARG B 247 30.53 15.87 -37.38
N GLU B 248 29.62 14.90 -37.53
CA GLU B 248 29.05 14.21 -36.37
C GLU B 248 29.12 12.69 -36.40
N GLN B 249 30.11 12.13 -35.71
CA GLN B 249 30.27 10.69 -35.63
C GLN B 249 29.18 10.17 -34.70
N ASN B 250 28.29 9.34 -35.22
CA ASN B 250 27.20 8.82 -34.40
C ASN B 250 26.89 7.33 -34.55
N GLY B 251 27.65 6.63 -35.37
CA GLY B 251 27.41 5.20 -35.52
C GLY B 251 26.44 4.71 -36.58
N HIS B 252 25.53 5.58 -37.03
CA HIS B 252 24.55 5.21 -38.06
C HIS B 252 25.14 4.49 -39.27
N SER B 253 24.42 3.49 -39.75
CA SER B 253 24.89 2.75 -40.93
C SER B 253 24.80 3.67 -42.15
N LEU B 254 24.12 4.80 -41.99
CA LEU B 254 23.96 5.73 -43.08
C LEU B 254 24.59 7.10 -42.84
N VAL B 255 25.45 7.49 -43.78
CA VAL B 255 26.14 8.78 -43.72
C VAL B 255 25.37 9.78 -44.59
N HIS B 256 25.02 10.92 -44.02
CA HIS B 256 24.35 11.96 -44.77
C HIS B 256 25.39 13.04 -44.94
N ALA B 257 25.49 13.59 -46.14
CA ALA B 257 26.47 14.63 -46.39
C ALA B 257 25.86 15.74 -47.23
N ALA B 258 26.26 16.97 -46.93
CA ALA B 258 25.77 18.10 -47.68
C ALA B 258 26.95 19.05 -47.87
N VAL B 259 27.40 19.16 -49.12
CA VAL B 259 28.51 20.04 -49.44
C VAL B 259 27.91 21.13 -50.28
N VAL B 260 28.00 22.37 -49.82
CA VAL B 260 27.43 23.48 -50.57
C VAL B 260 28.36 24.69 -50.61
N THR B 261 27.92 25.73 -51.30
CA THR B 261 28.68 26.95 -51.43
C THR B 261 27.70 28.10 -51.49
N GLU B 262 28.19 29.30 -51.25
CA GLU B 262 27.37 30.51 -51.31
C GLU B 262 26.56 30.36 -52.59
N GLY B 263 25.26 30.64 -52.53
CA GLY B 263 24.44 30.49 -53.72
C GLY B 263 23.85 31.80 -54.21
N ALA B 264 22.55 31.78 -54.45
CA ALA B 264 21.86 32.97 -54.92
C ALA B 264 20.96 33.47 -53.80
N ALA B 265 20.46 34.69 -53.96
CA ALA B 265 19.58 35.27 -52.96
C ALA B 265 18.17 35.21 -53.51
N VAL B 266 17.20 35.56 -52.68
CA VAL B 266 15.81 35.53 -53.09
C VAL B 266 15.70 36.50 -54.25
N GLY B 267 15.06 36.08 -55.34
CA GLY B 267 14.91 36.96 -56.49
C GLY B 267 16.17 37.33 -57.25
N SER B 268 17.34 36.98 -56.70
CA SER B 268 18.61 37.27 -57.36
C SER B 268 18.45 37.03 -58.86
N ALA B 269 19.19 37.78 -59.67
CA ALA B 269 19.12 37.60 -61.11
C ALA B 269 19.70 36.20 -61.32
N GLU B 270 20.84 35.98 -60.67
CA GLU B 270 21.57 34.73 -60.74
C GLU B 270 20.73 33.53 -60.25
N ALA B 271 19.73 33.79 -59.42
CA ALA B 271 18.85 32.76 -58.84
C ALA B 271 18.46 31.60 -59.73
N ASN B 272 17.46 31.85 -60.59
CA ASN B 272 16.93 30.86 -61.52
C ASN B 272 17.99 30.01 -62.18
N ALA B 273 19.19 30.55 -62.32
CA ALA B 273 20.28 29.79 -62.93
C ALA B 273 20.46 28.47 -62.18
N PHE B 274 20.65 28.56 -60.87
CA PHE B 274 20.83 27.39 -60.02
C PHE B 274 19.61 26.49 -60.04
N SER B 275 18.44 27.10 -59.86
CA SER B 275 17.19 26.36 -59.87
C SER B 275 17.25 25.38 -61.05
N VAL B 276 17.82 25.84 -62.17
CA VAL B 276 17.94 25.02 -63.36
C VAL B 276 19.14 24.08 -63.25
N LEU B 277 20.27 24.59 -62.78
CA LEU B 277 21.45 23.73 -62.62
C LEU B 277 21.08 22.61 -61.68
N GLN B 278 20.10 22.91 -60.83
CA GLN B 278 19.57 21.97 -59.84
C GLN B 278 18.94 20.82 -60.62
N HIS B 279 17.88 21.15 -61.36
CA HIS B 279 17.16 20.17 -62.15
C HIS B 279 17.98 19.48 -63.23
N VAL B 280 19.17 19.98 -63.49
CA VAL B 280 20.04 19.38 -64.49
C VAL B 280 20.88 18.29 -63.83
N LEU B 281 21.18 18.51 -62.57
CA LEU B 281 21.97 17.56 -61.79
C LEU B 281 21.03 16.53 -61.19
N GLY B 282 19.75 16.87 -61.17
CA GLY B 282 18.71 15.99 -60.64
C GLY B 282 18.28 16.38 -59.23
N ALA B 283 16.97 16.50 -59.00
CA ALA B 283 16.49 16.87 -57.67
C ALA B 283 15.14 16.25 -57.26
N GLY B 284 15.19 15.02 -56.76
CA GLY B 284 13.98 14.35 -56.29
C GLY B 284 13.15 13.50 -57.24
N PRO B 285 13.50 12.21 -57.40
CA PRO B 285 12.82 11.24 -58.27
C PRO B 285 11.37 11.52 -58.69
N LEU B 286 11.03 11.12 -59.92
CA LEU B 286 9.70 11.31 -60.50
C LEU B 286 9.02 9.98 -60.86
N ILE B 287 9.77 8.89 -60.75
CA ILE B 287 9.28 7.54 -61.03
C ILE B 287 9.43 6.70 -59.76
N LYS B 288 8.32 6.23 -59.21
CA LYS B 288 8.34 5.42 -57.99
C LYS B 288 9.33 4.24 -58.11
N ARG B 289 10.35 4.20 -57.25
CA ARG B 289 11.37 3.14 -57.26
C ARG B 289 12.18 3.13 -58.54
N GLY B 290 12.15 4.25 -59.26
CA GLY B 290 12.88 4.33 -60.50
C GLY B 290 14.22 5.02 -60.41
N SER B 291 15.02 4.80 -61.44
CA SER B 291 16.34 5.40 -61.58
C SER B 291 16.09 6.72 -62.30
N SER B 292 16.92 7.72 -62.02
CA SER B 292 16.75 9.01 -62.67
C SER B 292 17.84 9.17 -63.72
N VAL B 293 17.45 9.05 -64.98
CA VAL B 293 18.38 9.18 -66.08
C VAL B 293 18.59 10.66 -66.39
N THR B 294 17.49 11.42 -66.26
CA THR B 294 17.49 12.86 -66.47
C THR B 294 18.25 13.54 -65.33
N SER B 295 18.78 12.72 -64.42
CA SER B 295 19.54 13.19 -63.27
C SER B 295 21.01 12.78 -63.44
N LYS B 296 21.82 13.76 -63.86
CA LYS B 296 23.25 13.53 -64.08
C LYS B 296 23.91 13.11 -62.79
N LEU B 297 23.66 13.87 -61.73
CA LEU B 297 24.23 13.60 -60.42
C LEU B 297 23.94 12.16 -60.02
N TYR B 298 22.66 11.80 -59.98
CA TYR B 298 22.24 10.45 -59.61
C TYR B 298 22.96 9.43 -60.49
N GLN B 299 22.74 9.54 -61.79
CA GLN B 299 23.35 8.65 -62.79
C GLN B 299 24.86 8.48 -62.62
N GLY B 300 25.56 9.59 -62.42
CA GLY B 300 27.00 9.54 -62.25
C GLY B 300 27.40 8.86 -60.97
N VAL B 301 26.69 9.16 -59.89
CA VAL B 301 27.00 8.56 -58.60
C VAL B 301 26.72 7.07 -58.65
N ALA B 302 25.72 6.69 -59.44
CA ALA B 302 25.34 5.30 -59.58
C ALA B 302 26.47 4.46 -60.17
N LYS B 303 27.18 5.04 -61.13
CA LYS B 303 28.29 4.35 -61.78
C LYS B 303 29.45 4.17 -60.79
N ALA B 304 29.60 5.12 -59.87
CA ALA B 304 30.68 5.11 -58.87
C ALA B 304 30.49 4.15 -57.70
N THR B 305 29.27 4.08 -57.18
CA THR B 305 28.98 3.19 -56.05
C THR B 305 28.31 1.90 -56.49
N THR B 306 28.08 1.02 -55.53
CA THR B 306 27.47 -0.27 -55.78
C THR B 306 26.17 -0.47 -54.99
N GLN B 307 26.22 -0.16 -53.71
CA GLN B 307 25.08 -0.33 -52.83
C GLN B 307 24.15 0.87 -52.84
N PRO B 308 22.91 0.68 -52.33
CA PRO B 308 21.85 1.68 -52.23
C PRO B 308 22.31 3.06 -51.80
N PHE B 309 21.58 4.08 -52.24
CA PHE B 309 21.92 5.46 -51.92
C PHE B 309 20.96 6.45 -52.57
N ASP B 310 21.27 7.72 -52.40
CA ASP B 310 20.53 8.80 -53.01
C ASP B 310 21.39 10.05 -52.93
N ALA B 311 21.32 10.86 -53.99
CA ALA B 311 22.07 12.10 -54.06
C ALA B 311 21.26 13.12 -54.86
N SER B 312 21.20 14.38 -54.39
CA SER B 312 20.44 15.38 -55.12
C SER B 312 21.03 16.80 -55.12
N ALA B 313 20.36 17.67 -55.86
CA ALA B 313 20.77 19.06 -55.97
C ALA B 313 20.08 19.85 -54.87
N PHE B 314 20.89 20.43 -53.99
CA PHE B 314 20.42 21.21 -52.87
C PHE B 314 20.39 22.71 -53.21
N ASN B 315 19.23 23.34 -53.07
CA ASN B 315 19.14 24.76 -53.35
C ASN B 315 18.28 25.59 -52.39
N VAL B 316 18.91 26.59 -51.78
CA VAL B 316 18.25 27.47 -50.83
C VAL B 316 18.40 28.94 -51.24
N ASN B 317 17.29 29.68 -51.18
CA ASN B 317 17.32 31.09 -51.53
C ASN B 317 16.80 31.92 -50.36
N TYR B 318 17.72 32.63 -49.71
CA TYR B 318 17.42 33.50 -48.55
C TYR B 318 17.51 34.98 -48.88
N SER B 319 16.74 35.78 -48.15
CA SER B 319 16.70 37.24 -48.33
C SER B 319 18.02 37.85 -48.80
N ASP B 320 19.07 37.69 -47.99
CA ASP B 320 20.37 38.26 -48.34
C ASP B 320 21.43 37.22 -48.62
N SER B 321 21.02 36.01 -48.97
CA SER B 321 22.00 34.98 -49.25
C SER B 321 21.34 33.71 -49.77
N GLY B 322 22.13 32.66 -49.92
CA GLY B 322 21.59 31.41 -50.41
C GLY B 322 22.63 30.31 -50.33
N LEU B 323 22.17 29.08 -50.46
CA LEU B 323 23.07 27.93 -50.41
C LEU B 323 22.79 27.06 -51.62
N PHE B 324 23.79 26.28 -52.03
CA PHE B 324 23.65 25.42 -53.19
C PHE B 324 24.73 24.36 -53.25
N GLY B 325 24.31 23.15 -53.59
CA GLY B 325 25.23 22.04 -53.69
C GLY B 325 24.48 20.73 -53.73
N PHE B 326 25.15 19.65 -53.37
CA PHE B 326 24.50 18.35 -53.38
C PHE B 326 24.32 17.81 -51.96
N TYR B 327 23.61 16.69 -51.84
CA TYR B 327 23.35 16.03 -50.56
C TYR B 327 23.30 14.51 -50.80
N THR B 328 24.13 13.76 -50.09
CA THR B 328 24.16 12.32 -50.29
C THR B 328 23.95 11.39 -49.09
N ILE B 329 23.00 10.48 -49.25
CA ILE B 329 22.71 9.48 -48.24
C ILE B 329 23.34 8.22 -48.82
N SER B 330 24.31 7.65 -48.12
CA SER B 330 25.00 6.46 -48.63
C SER B 330 25.43 5.53 -47.52
N GLN B 331 25.83 4.32 -47.86
CA GLN B 331 26.29 3.42 -46.81
C GLN B 331 27.60 3.99 -46.33
N ALA B 332 27.86 3.83 -45.04
CA ALA B 332 29.07 4.34 -44.42
C ALA B 332 30.36 4.00 -45.15
N ALA B 333 30.44 2.79 -45.71
CA ALA B 333 31.65 2.37 -46.40
C ALA B 333 31.81 3.06 -47.75
N HIS B 334 30.72 3.11 -48.50
CA HIS B 334 30.76 3.71 -49.83
C HIS B 334 30.39 5.18 -49.74
N ALA B 335 30.89 5.85 -48.72
CA ALA B 335 30.59 7.26 -48.56
C ALA B 335 31.63 8.04 -49.34
N GLY B 336 32.87 7.56 -49.30
CA GLY B 336 33.95 8.22 -50.00
C GLY B 336 33.63 8.30 -51.48
N GLU B 337 33.56 7.15 -52.12
CA GLU B 337 33.27 7.09 -53.54
C GLU B 337 32.01 7.86 -53.91
N VAL B 338 31.00 7.86 -53.03
CA VAL B 338 29.77 8.57 -53.35
C VAL B 338 29.92 10.07 -53.39
N ILE B 339 30.47 10.64 -52.34
CA ILE B 339 30.63 12.08 -52.29
C ILE B 339 31.60 12.60 -53.37
N ARG B 340 32.67 11.83 -53.62
CA ARG B 340 33.66 12.17 -54.64
C ARG B 340 32.98 12.20 -55.99
N ALA B 341 32.34 11.08 -56.34
CA ALA B 341 31.63 10.97 -57.60
C ALA B 341 30.63 12.11 -57.72
N ALA B 342 29.97 12.45 -56.61
CA ALA B 342 29.00 13.54 -56.61
C ALA B 342 29.66 14.85 -57.01
N MET B 343 30.96 14.96 -56.71
CA MET B 343 31.77 16.15 -57.01
C MET B 343 32.15 16.27 -58.50
N ASN B 344 32.94 15.32 -58.98
CA ASN B 344 33.38 15.31 -60.37
C ASN B 344 32.20 15.61 -61.26
N GLN B 345 31.06 15.05 -60.88
CA GLN B 345 29.82 15.23 -61.63
C GLN B 345 29.29 16.66 -61.55
N LEU B 346 29.85 17.44 -60.64
CA LEU B 346 29.43 18.82 -60.50
C LEU B 346 30.44 19.67 -61.25
N LYS B 347 31.69 19.20 -61.28
CA LYS B 347 32.77 19.88 -61.99
C LYS B 347 32.62 19.67 -63.49
N ALA B 348 32.39 18.41 -63.88
CA ALA B 348 32.22 18.05 -65.27
C ALA B 348 31.06 18.79 -65.91
N ALA B 349 30.22 19.37 -65.07
CA ALA B 349 29.06 20.12 -65.52
C ALA B 349 29.37 21.60 -65.47
N ALA B 350 30.43 21.92 -64.74
CA ALA B 350 30.86 23.31 -64.60
C ALA B 350 31.78 23.62 -65.78
N GLN B 351 31.97 22.61 -66.61
CA GLN B 351 32.82 22.73 -67.78
C GLN B 351 32.05 22.32 -69.04
N GLY B 352 31.08 23.13 -69.44
CA GLY B 352 30.30 22.86 -70.62
C GLY B 352 29.75 21.44 -70.76
N GLY B 353 29.62 20.74 -69.63
CA GLY B 353 29.09 19.38 -69.64
C GLY B 353 27.58 19.40 -69.58
N VAL B 354 26.99 20.48 -70.09
CA VAL B 354 25.55 20.66 -70.11
C VAL B 354 25.03 20.84 -71.55
N THR B 355 24.25 19.86 -72.02
CA THR B 355 23.67 19.88 -73.36
C THR B 355 22.63 21.00 -73.46
N GLU B 356 22.40 21.47 -74.68
CA GLU B 356 21.42 22.53 -74.90
C GLU B 356 20.05 21.94 -74.54
N GLU B 357 19.98 20.62 -74.57
CA GLU B 357 18.77 19.90 -74.26
C GLU B 357 18.59 19.69 -72.75
N ASP B 358 19.69 19.38 -72.06
CA ASP B 358 19.60 19.19 -70.61
C ASP B 358 18.96 20.44 -70.04
N VAL B 359 19.34 21.58 -70.59
CA VAL B 359 18.80 22.86 -70.17
C VAL B 359 17.33 22.93 -70.56
N THR B 360 17.00 22.22 -71.64
CA THR B 360 15.63 22.19 -72.16
C THR B 360 14.73 21.33 -71.26
N LYS B 361 15.20 20.15 -70.90
CA LYS B 361 14.44 19.23 -70.06
C LYS B 361 14.25 19.80 -68.66
N ALA B 362 15.30 20.35 -68.07
CA ALA B 362 15.25 20.94 -66.74
C ALA B 362 14.26 22.11 -66.73
N LYS B 363 14.37 22.98 -67.72
CA LYS B 363 13.49 24.13 -67.84
C LYS B 363 12.01 23.75 -67.70
N ASN B 364 11.67 22.55 -68.14
CA ASN B 364 10.28 22.08 -68.05
C ASN B 364 10.00 21.54 -66.66
N GLN B 365 10.83 20.61 -66.22
CA GLN B 365 10.67 19.98 -64.89
C GLN B 365 10.48 21.06 -63.84
N LEU B 366 11.16 22.19 -64.03
CA LEU B 366 11.03 23.28 -63.10
C LEU B 366 9.66 23.95 -63.27
N LYS B 367 9.28 24.21 -64.52
CA LYS B 367 7.98 24.83 -64.81
C LYS B 367 6.87 23.92 -64.26
N ALA B 368 7.03 22.62 -64.52
CA ALA B 368 6.07 21.62 -64.08
C ALA B 368 5.97 21.64 -62.56
N THR B 369 7.07 21.26 -61.91
CA THR B 369 7.15 21.24 -60.47
C THR B 369 6.51 22.50 -59.89
N TYR B 370 6.94 23.66 -60.36
CA TYR B 370 6.37 24.92 -59.88
C TYR B 370 4.83 24.87 -59.90
N LEU B 371 4.26 24.58 -61.08
CA LEU B 371 2.82 24.52 -61.29
C LEU B 371 2.02 23.57 -60.41
N MET B 372 2.56 22.37 -60.22
CA MET B 372 1.90 21.35 -59.42
C MET B 372 1.93 21.77 -57.97
N SER B 373 2.96 22.55 -57.61
CA SER B 373 3.15 23.05 -56.25
C SER B 373 2.00 23.92 -55.80
N VAL B 374 1.20 24.36 -56.77
CA VAL B 374 0.13 25.23 -56.43
C VAL B 374 -1.28 24.65 -56.56
N GLU B 375 -1.36 23.31 -56.59
CA GLU B 375 -2.66 22.63 -56.65
C GLU B 375 -3.17 22.55 -55.20
N THR B 376 -2.22 22.47 -54.26
CA THR B 376 -2.47 22.40 -52.82
C THR B 376 -2.91 23.76 -52.30
N ALA B 377 -4.06 23.82 -51.64
CA ALA B 377 -4.53 25.09 -51.08
C ALA B 377 -3.42 25.71 -50.21
N GLN B 378 -2.58 24.87 -49.66
CA GLN B 378 -1.46 25.32 -48.83
C GLN B 378 -0.39 25.91 -49.74
N GLY B 379 -0.10 25.19 -50.82
CA GLY B 379 0.89 25.63 -51.80
C GLY B 379 0.55 26.95 -52.47
N LEU B 380 -0.70 27.09 -52.89
CA LEU B 380 -1.17 28.31 -53.54
C LEU B 380 -1.03 29.46 -52.54
N LEU B 381 -1.67 29.33 -51.39
CA LEU B 381 -1.59 30.38 -50.37
C LEU B 381 -0.16 30.76 -50.01
N ASN B 382 0.75 29.80 -50.12
CA ASN B 382 2.13 30.10 -49.79
C ASN B 382 2.77 30.89 -50.92
N GLU B 383 2.36 30.63 -52.15
CA GLU B 383 2.93 31.37 -53.26
C GLU B 383 2.44 32.81 -53.16
N ILE B 384 1.12 32.99 -53.23
CA ILE B 384 0.52 34.31 -53.13
C ILE B 384 1.11 35.09 -51.96
N GLY B 385 1.38 34.40 -50.86
CA GLY B 385 1.94 35.05 -49.68
C GLY B 385 3.37 35.53 -49.85
N SER B 386 4.31 34.59 -49.97
CA SER B 386 5.73 34.92 -50.12
C SER B 386 6.00 36.16 -50.95
N GLU B 387 5.24 36.31 -52.04
CA GLU B 387 5.40 37.47 -52.90
C GLU B 387 4.88 38.70 -52.19
N ALA B 388 3.60 38.71 -51.86
CA ALA B 388 3.00 39.84 -51.19
C ALA B 388 3.78 40.28 -49.94
N LEU B 389 4.81 39.52 -49.55
CA LEU B 389 5.60 39.88 -48.38
C LEU B 389 7.00 40.39 -48.76
N LEU B 390 7.77 39.59 -49.49
CA LEU B 390 9.13 39.99 -49.91
C LEU B 390 9.15 40.81 -51.20
N SER B 391 8.03 41.49 -51.49
CA SER B 391 7.92 42.31 -52.69
C SER B 391 6.73 43.24 -52.54
N GLY B 392 5.53 42.68 -52.66
CA GLY B 392 4.32 43.48 -52.55
C GLY B 392 3.57 43.36 -53.85
N THR B 393 3.96 42.37 -54.63
CA THR B 393 3.37 42.13 -55.94
C THR B 393 3.27 40.64 -56.27
N HIS B 394 2.36 40.33 -57.18
CA HIS B 394 2.18 38.95 -57.62
C HIS B 394 2.65 38.76 -59.06
N THR B 395 3.82 38.15 -59.20
CA THR B 395 4.42 37.90 -60.51
C THR B 395 3.59 36.88 -61.30
N ALA B 396 2.84 37.34 -62.30
CA ALA B 396 2.01 36.45 -63.11
C ALA B 396 2.73 35.14 -63.44
N PRO B 397 1.97 34.04 -63.60
CA PRO B 397 2.54 32.72 -63.90
C PRO B 397 3.29 32.61 -65.22
N SER B 398 2.97 33.49 -66.18
CA SER B 398 3.64 33.46 -67.49
C SER B 398 4.92 34.28 -67.43
N VAL B 399 4.99 35.19 -66.48
CA VAL B 399 6.16 36.03 -66.29
C VAL B 399 7.28 35.16 -65.73
N VAL B 400 6.96 34.35 -64.73
CA VAL B 400 7.94 33.47 -64.12
C VAL B 400 8.45 32.45 -65.14
N ALA B 401 7.57 32.09 -66.08
CA ALA B 401 7.91 31.14 -67.15
C ALA B 401 8.95 31.79 -68.01
N GLN B 402 8.62 32.96 -68.55
CA GLN B 402 9.54 33.72 -69.38
C GLN B 402 10.88 33.95 -68.66
N LYS B 403 10.83 33.99 -67.33
CA LYS B 403 12.03 34.21 -66.52
C LYS B 403 12.87 32.96 -66.39
N ILE B 404 12.20 31.82 -66.31
CA ILE B 404 12.90 30.56 -66.16
C ILE B 404 13.58 30.07 -67.45
N ASP B 405 12.86 30.04 -68.58
CA ASP B 405 13.47 29.58 -69.83
C ASP B 405 14.47 30.57 -70.41
N SER B 406 14.42 31.82 -69.95
CA SER B 406 15.34 32.86 -70.41
C SER B 406 16.67 32.70 -69.70
N VAL B 407 17.07 31.44 -69.51
CA VAL B 407 18.33 31.11 -68.85
C VAL B 407 19.26 30.40 -69.82
N THR B 408 20.36 31.05 -70.18
CA THR B 408 21.31 30.49 -71.14
C THR B 408 22.02 29.22 -70.71
N SER B 409 22.43 28.46 -71.71
CA SER B 409 23.17 27.23 -71.51
C SER B 409 24.44 27.60 -70.72
N ALA B 410 24.82 28.87 -70.80
CA ALA B 410 26.00 29.35 -70.10
C ALA B 410 25.67 29.62 -68.64
N ASP B 411 24.71 30.50 -68.39
CA ASP B 411 24.29 30.84 -67.03
C ASP B 411 24.37 29.63 -66.12
N VAL B 412 23.88 28.51 -66.64
CA VAL B 412 23.89 27.24 -65.93
C VAL B 412 25.32 26.77 -65.69
N VAL B 413 26.10 26.61 -66.76
CA VAL B 413 27.48 26.15 -66.63
C VAL B 413 28.27 27.06 -65.71
N ASN B 414 27.92 28.35 -65.72
CA ASN B 414 28.60 29.34 -64.88
C ASN B 414 28.26 29.09 -63.41
N ALA B 415 26.96 28.87 -63.13
CA ALA B 415 26.52 28.60 -61.77
C ALA B 415 27.37 27.43 -61.27
N ALA B 416 27.47 26.41 -62.10
CA ALA B 416 28.25 25.23 -61.76
C ALA B 416 29.68 25.63 -61.41
N LYS B 417 30.21 26.63 -62.09
CA LYS B 417 31.57 27.08 -61.81
C LYS B 417 31.63 27.73 -60.43
N LYS B 418 30.75 28.71 -60.21
CA LYS B 418 30.70 29.43 -58.94
C LYS B 418 30.81 28.46 -57.77
N PHE B 419 30.33 27.23 -57.99
CA PHE B 419 30.37 26.20 -56.96
C PHE B 419 31.79 25.68 -56.84
N VAL B 420 32.33 25.16 -57.94
CA VAL B 420 33.68 24.58 -57.95
C VAL B 420 34.75 25.57 -57.53
N SER B 421 34.46 26.86 -57.69
CA SER B 421 35.39 27.90 -57.33
C SER B 421 35.26 28.35 -55.87
N GLY B 422 34.05 28.75 -55.49
CA GLY B 422 33.80 29.21 -54.13
C GLY B 422 34.37 28.39 -52.97
N LYS B 423 34.22 28.92 -51.76
CA LYS B 423 34.70 28.25 -50.55
C LYS B 423 33.55 27.39 -50.08
N LYS B 424 33.78 26.08 -50.03
CA LYS B 424 32.73 25.16 -49.60
C LYS B 424 32.68 25.00 -48.09
N SER B 425 31.51 24.57 -47.62
CA SER B 425 31.24 24.30 -46.22
C SER B 425 30.36 23.05 -46.22
N MET B 426 30.89 21.98 -45.67
CA MET B 426 30.20 20.68 -45.61
C MET B 426 29.58 20.39 -44.24
N ALA B 427 28.73 19.36 -44.18
CA ALA B 427 28.07 18.93 -42.95
C ALA B 427 27.67 17.46 -43.11
N ALA B 428 28.22 16.58 -42.27
CA ALA B 428 27.90 15.15 -42.38
C ALA B 428 27.63 14.46 -41.04
N SER B 429 26.64 13.58 -41.01
CA SER B 429 26.30 12.85 -39.79
C SER B 429 25.96 11.38 -40.02
N GLY B 430 26.82 10.51 -39.53
CA GLY B 430 26.62 9.08 -39.67
C GLY B 430 27.91 8.48 -39.21
N ASP B 431 28.20 7.25 -39.60
CA ASP B 431 29.47 6.65 -39.20
C ASP B 431 30.46 7.23 -40.23
N LEU B 432 30.88 8.46 -39.98
CA LEU B 432 31.78 9.18 -40.87
C LEU B 432 33.16 8.56 -41.09
N GLY B 433 33.39 7.40 -40.51
CA GLY B 433 34.67 6.72 -40.65
C GLY B 433 35.32 6.82 -42.01
N SER B 434 34.59 6.44 -43.06
CA SER B 434 35.12 6.49 -44.42
C SER B 434 34.72 7.73 -45.20
N THR B 435 34.05 8.66 -44.55
CA THR B 435 33.63 9.91 -45.19
C THR B 435 34.84 10.86 -45.32
N PRO B 436 34.90 11.65 -46.41
CA PRO B 436 36.02 12.57 -46.60
C PRO B 436 35.80 13.98 -46.03
N PHE B 437 36.91 14.66 -45.74
CA PHE B 437 36.92 16.02 -45.20
C PHE B 437 36.90 17.04 -46.35
N LEU B 438 36.16 18.13 -46.15
CA LEU B 438 36.03 19.21 -47.14
C LEU B 438 37.34 19.51 -47.87
N ASP B 439 38.47 19.42 -47.16
CA ASP B 439 39.76 19.70 -47.77
C ASP B 439 40.34 18.46 -48.45
N GLU B 440 39.47 17.54 -48.85
CA GLU B 440 39.95 16.35 -49.52
C GLU B 440 39.17 16.19 -50.80
N LEU B 441 38.25 17.13 -51.03
CA LEU B 441 37.45 17.10 -52.24
C LEU B 441 38.08 18.09 -53.23
N MET C 1 -6.48 12.08 -9.44
CA MET C 1 -6.07 10.68 -9.15
C MET C 1 -5.80 9.90 -10.45
N ALA C 2 -6.49 8.78 -10.64
CA ALA C 2 -6.33 7.94 -11.83
C ALA C 2 -7.64 7.86 -12.60
N PRO C 3 -7.59 7.42 -13.87
CA PRO C 3 -8.80 7.30 -14.70
C PRO C 3 -9.97 6.53 -14.05
N ASN C 4 -9.85 5.21 -13.90
CA ASN C 4 -10.95 4.44 -13.28
C ASN C 4 -10.88 4.43 -11.75
N ILE C 5 -12.02 4.71 -11.13
CA ILE C 5 -12.14 4.78 -9.68
C ILE C 5 -11.92 3.45 -8.96
N ARG C 6 -11.38 2.48 -9.68
CA ARG C 6 -11.13 1.15 -9.12
C ARG C 6 -9.73 1.10 -8.48
N LYS C 7 -8.74 1.69 -9.15
CA LYS C 7 -7.35 1.70 -8.67
C LYS C 7 -6.96 2.93 -7.83
N SER C 8 -7.78 3.99 -7.90
CA SER C 8 -7.50 5.21 -7.13
C SER C 8 -8.15 5.24 -5.73
N HIS C 9 -9.43 4.83 -5.63
CA HIS C 9 -10.17 4.79 -4.36
C HIS C 9 -9.39 4.03 -3.28
N PRO C 10 -9.31 4.55 -2.05
CA PRO C 10 -8.55 3.83 -1.02
C PRO C 10 -9.11 2.46 -0.61
N LEU C 11 -10.34 2.14 -1.01
CA LEU C 11 -10.97 0.85 -0.69
C LEU C 11 -11.22 -0.03 -1.93
N LEU C 12 -11.82 0.56 -2.97
CA LEU C 12 -12.10 -0.16 -4.20
C LEU C 12 -10.80 -0.64 -4.80
N LYS C 13 -9.72 0.07 -4.47
CA LYS C 13 -8.36 -0.25 -4.90
C LYS C 13 -7.92 -1.49 -4.14
N MET C 14 -8.53 -1.71 -2.98
CA MET C 14 -8.21 -2.87 -2.17
C MET C 14 -8.94 -4.08 -2.71
N ILE C 15 -10.26 -3.95 -2.90
CA ILE C 15 -11.08 -5.02 -3.42
C ILE C 15 -10.55 -5.41 -4.79
N ASN C 16 -10.20 -4.40 -5.57
CA ASN C 16 -9.67 -4.58 -6.90
C ASN C 16 -8.27 -5.18 -6.94
N ASN C 17 -7.35 -4.61 -6.18
CA ASN C 17 -5.97 -5.08 -6.17
C ASN C 17 -5.71 -6.38 -5.36
N SER C 18 -6.78 -7.12 -5.07
CA SER C 18 -6.66 -8.38 -4.34
C SER C 18 -7.75 -9.42 -4.73
N LEU C 19 -8.57 -9.07 -5.73
CA LEU C 19 -9.64 -9.93 -6.18
C LEU C 19 -10.16 -9.61 -7.58
N ILE C 20 -9.45 -8.79 -8.35
CA ILE C 20 -9.98 -8.46 -9.67
C ILE C 20 -8.89 -8.21 -10.68
N ASP C 21 -7.94 -7.36 -10.33
CA ASP C 21 -6.85 -7.08 -11.25
C ASP C 21 -5.64 -7.78 -10.70
N LEU C 22 -5.90 -8.62 -9.70
CA LEU C 22 -4.88 -9.40 -9.04
C LEU C 22 -4.27 -10.41 -9.97
N PRO C 23 -2.94 -10.38 -10.13
CA PRO C 23 -2.20 -11.31 -10.99
C PRO C 23 -2.14 -12.72 -10.44
N ALA C 24 -2.68 -13.66 -11.21
CA ALA C 24 -2.68 -15.05 -10.81
C ALA C 24 -2.10 -15.91 -11.91
N PRO C 25 -1.40 -16.99 -11.53
CA PRO C 25 -0.78 -17.91 -12.50
C PRO C 25 -1.86 -18.48 -13.42
N SER C 26 -1.53 -18.68 -14.68
CA SER C 26 -2.51 -19.18 -15.63
C SER C 26 -2.87 -20.63 -15.37
N ASN C 27 -1.99 -21.34 -14.68
CA ASN C 27 -2.22 -22.76 -14.46
C ASN C 27 -2.58 -23.26 -13.08
N ILE C 28 -2.76 -22.39 -12.10
CA ILE C 28 -3.10 -22.93 -10.78
C ILE C 28 -4.34 -23.81 -10.95
N SER C 29 -4.29 -25.01 -10.36
CA SER C 29 -5.36 -26.00 -10.47
C SER C 29 -6.50 -25.87 -9.48
N ALA C 30 -7.19 -26.98 -9.30
CA ALA C 30 -8.32 -27.05 -8.38
C ALA C 30 -7.84 -27.02 -6.95
N TRP C 31 -6.62 -27.52 -6.72
CA TRP C 31 -6.10 -27.51 -5.38
C TRP C 31 -5.82 -26.09 -4.91
N TRP C 32 -6.25 -25.10 -5.67
CA TRP C 32 -6.03 -23.72 -5.28
C TRP C 32 -7.34 -23.06 -4.92
N ASN C 33 -8.41 -23.84 -4.97
CA ASN C 33 -9.75 -23.36 -4.67
C ASN C 33 -10.04 -23.31 -3.17
N PHE C 34 -9.33 -24.14 -2.43
CA PHE C 34 -9.57 -24.21 -1.01
C PHE C 34 -9.35 -22.93 -0.24
N GLY C 35 -8.46 -22.07 -0.71
CA GLY C 35 -8.25 -20.82 -0.03
C GLY C 35 -9.56 -20.04 0.08
N SER C 36 -10.24 -19.91 -1.04
CA SER C 36 -11.51 -19.19 -1.05
C SER C 36 -12.59 -19.93 -0.29
N LEU C 37 -12.63 -21.25 -0.47
CA LEU C 37 -13.61 -22.02 0.28
C LEU C 37 -13.39 -21.76 1.77
N LEU C 38 -12.13 -21.89 2.21
CA LEU C 38 -11.81 -21.68 3.61
C LEU C 38 -12.35 -20.35 4.03
N ALA C 39 -12.12 -19.34 3.20
CA ALA C 39 -12.60 -17.99 3.51
C ALA C 39 -14.11 -18.06 3.62
N VAL C 40 -14.76 -18.46 2.53
CA VAL C 40 -16.21 -18.54 2.51
C VAL C 40 -16.72 -19.32 3.69
N CYS C 41 -16.14 -20.50 3.86
CA CYS C 41 -16.45 -21.40 4.95
C CYS C 41 -16.48 -20.59 6.28
N LEU C 42 -15.44 -19.80 6.53
CA LEU C 42 -15.33 -18.96 7.73
C LEU C 42 -16.49 -18.03 7.90
N MET C 43 -16.79 -17.24 6.88
CA MET C 43 -17.88 -16.30 6.99
C MET C 43 -19.14 -17.03 7.34
N THR C 44 -19.36 -18.17 6.71
CA THR C 44 -20.56 -18.95 7.00
C THR C 44 -20.69 -19.45 8.43
N GLN C 45 -19.58 -19.91 9.04
CA GLN C 45 -19.63 -20.38 10.42
C GLN C 45 -20.04 -19.24 11.33
N ILE C 46 -19.34 -18.12 11.18
CA ILE C 46 -19.59 -16.94 11.97
C ILE C 46 -21.04 -16.48 11.81
N LEU C 47 -21.58 -16.62 10.62
CA LEU C 47 -22.95 -16.22 10.44
C LEU C 47 -23.91 -17.19 11.14
N THR C 48 -23.75 -18.49 10.88
CA THR C 48 -24.62 -19.49 11.52
C THR C 48 -24.42 -19.46 13.03
N GLY C 49 -23.17 -19.29 13.45
CA GLY C 49 -22.90 -19.25 14.87
C GLY C 49 -23.61 -18.11 15.58
N LEU C 50 -23.55 -16.91 15.00
CA LEU C 50 -24.22 -15.76 15.61
C LEU C 50 -25.70 -16.09 15.77
N LEU C 51 -26.30 -16.55 14.68
CA LEU C 51 -27.69 -16.90 14.70
C LEU C 51 -28.03 -17.90 15.79
N LEU C 52 -27.09 -18.79 16.11
CA LEU C 52 -27.31 -19.79 17.15
C LEU C 52 -27.08 -19.16 18.50
N ALA C 53 -26.05 -18.34 18.59
CA ALA C 53 -25.72 -17.68 19.85
C ALA C 53 -26.88 -16.80 20.32
N MET C 54 -27.78 -16.48 19.41
CA MET C 54 -28.91 -15.65 19.76
C MET C 54 -30.02 -16.41 20.42
N HIS C 55 -29.82 -17.70 20.61
CA HIS C 55 -30.82 -18.51 21.26
C HIS C 55 -30.18 -19.43 22.29
N TYR C 56 -28.87 -19.33 22.43
CA TYR C 56 -28.13 -20.15 23.37
C TYR C 56 -28.04 -19.55 24.76
N THR C 57 -28.00 -20.41 25.78
CA THR C 57 -27.86 -19.94 27.15
C THR C 57 -26.67 -20.66 27.77
N ALA C 58 -25.60 -19.93 28.03
CA ALA C 58 -24.40 -20.53 28.60
C ALA C 58 -24.51 -20.77 30.10
N ASP C 59 -25.12 -21.88 30.45
CA ASP C 59 -25.26 -22.23 31.86
C ASP C 59 -25.54 -23.71 31.93
N THR C 60 -24.74 -24.43 32.70
CA THR C 60 -24.91 -25.87 32.84
C THR C 60 -26.36 -26.33 32.97
N SER C 61 -27.20 -25.52 33.61
CA SER C 61 -28.60 -25.91 33.79
C SER C 61 -29.46 -25.66 32.56
N LEU C 62 -28.98 -24.91 31.59
CA LEU C 62 -29.80 -24.62 30.43
C LEU C 62 -29.10 -24.83 29.11
N ALA C 63 -27.81 -25.11 29.17
CA ALA C 63 -27.06 -25.29 27.94
C ALA C 63 -27.73 -26.30 27.02
N PHE C 64 -27.75 -27.56 27.46
CA PHE C 64 -28.33 -28.64 26.67
C PHE C 64 -29.72 -28.34 26.16
N SER C 65 -30.57 -27.82 27.03
CA SER C 65 -31.95 -27.53 26.62
C SER C 65 -32.12 -26.29 25.69
N SER C 66 -31.23 -25.30 25.81
CA SER C 66 -31.29 -24.08 24.99
C SER C 66 -31.05 -24.44 23.53
N VAL C 67 -30.15 -25.40 23.34
CA VAL C 67 -29.83 -25.93 22.03
C VAL C 67 -31.07 -26.68 21.52
N ALA C 68 -31.59 -27.59 22.35
CA ALA C 68 -32.77 -28.37 21.99
C ALA C 68 -33.90 -27.41 21.66
N HIS C 69 -34.04 -26.37 22.46
CA HIS C 69 -35.07 -25.39 22.22
C HIS C 69 -34.83 -24.77 20.85
N THR C 70 -33.57 -24.40 20.58
CA THR C 70 -33.24 -23.78 19.30
C THR C 70 -33.63 -24.66 18.14
N CYS C 71 -33.42 -25.96 18.26
CA CYS C 71 -33.77 -26.86 17.18
C CYS C 71 -35.26 -27.07 17.05
N ARG C 72 -35.90 -27.36 18.19
CA ARG C 72 -37.34 -27.63 18.25
C ARG C 72 -38.31 -26.45 18.15
N ASN C 73 -37.89 -25.25 18.54
CA ASN C 73 -38.81 -24.13 18.50
C ASN C 73 -38.44 -23.00 17.57
N VAL C 74 -37.15 -22.76 17.39
CA VAL C 74 -36.71 -21.65 16.54
C VAL C 74 -36.90 -21.90 15.05
N GLN C 75 -37.54 -20.95 14.39
CA GLN C 75 -37.76 -21.05 12.96
C GLN C 75 -36.44 -21.43 12.32
N TYR C 76 -36.44 -22.53 11.57
CA TYR C 76 -35.24 -23.01 10.92
C TYR C 76 -34.02 -23.17 11.85
N GLY C 77 -34.27 -23.15 13.15
CA GLY C 77 -33.18 -23.32 14.08
C GLY C 77 -32.51 -24.67 13.86
N TRP C 78 -33.34 -25.68 13.68
CA TRP C 78 -32.82 -27.02 13.45
C TRP C 78 -31.86 -27.03 12.27
N LEU C 79 -32.15 -26.23 11.26
CA LEU C 79 -31.33 -26.17 10.05
C LEU C 79 -30.02 -25.50 10.34
N ILE C 80 -30.12 -24.28 10.86
CA ILE C 80 -28.97 -23.47 11.24
C ILE C 80 -28.02 -24.30 12.11
N ARG C 81 -28.58 -24.99 13.10
CA ARG C 81 -27.77 -25.84 13.97
C ARG C 81 -26.95 -26.79 13.09
N ASN C 82 -27.61 -27.58 12.24
CA ASN C 82 -26.91 -28.53 11.35
C ASN C 82 -25.76 -27.84 10.63
N LEU C 83 -26.12 -26.99 9.70
CA LEU C 83 -25.15 -26.22 8.96
C LEU C 83 -23.92 -25.82 9.81
N HIS C 84 -24.15 -25.32 11.03
CA HIS C 84 -23.02 -24.89 11.85
C HIS C 84 -22.14 -26.06 12.23
N ALA C 85 -22.73 -27.09 12.83
CA ALA C 85 -21.95 -28.24 13.27
C ALA C 85 -21.30 -28.95 12.09
N ASN C 86 -22.03 -29.09 11.00
CA ASN C 86 -21.47 -29.73 9.81
C ASN C 86 -20.47 -28.80 9.09
N GLY C 87 -20.71 -27.49 9.22
CA GLY C 87 -19.84 -26.47 8.63
C GLY C 87 -18.45 -26.58 9.23
N ALA C 88 -18.39 -26.98 10.49
CA ALA C 88 -17.11 -27.17 11.15
C ALA C 88 -16.33 -28.22 10.35
N SER C 89 -17.02 -29.30 9.96
CA SER C 89 -16.38 -30.37 9.19
C SER C 89 -15.94 -29.88 7.84
N PHE C 90 -16.87 -29.31 7.07
CA PHE C 90 -16.51 -28.80 5.76
C PHE C 90 -15.24 -27.99 5.97
N PHE C 91 -15.26 -27.15 7.01
CA PHE C 91 -14.11 -26.29 7.31
C PHE C 91 -12.82 -27.09 7.40
N PHE C 92 -12.81 -28.12 8.26
CA PHE C 92 -11.62 -28.96 8.41
C PHE C 92 -11.24 -29.71 7.16
N ILE C 93 -12.22 -30.31 6.50
CA ILE C 93 -11.94 -30.98 5.25
C ILE C 93 -11.22 -29.96 4.38
N CYS C 94 -11.87 -28.83 4.16
CA CYS C 94 -11.23 -27.82 3.35
C CYS C 94 -9.83 -27.48 3.85
N ILE C 95 -9.68 -27.22 5.14
CA ILE C 95 -8.36 -26.86 5.63
C ILE C 95 -7.31 -27.95 5.50
N PHE C 96 -7.70 -29.21 5.50
CA PHE C 96 -6.70 -30.28 5.35
C PHE C 96 -6.21 -30.41 3.90
N LEU C 97 -7.11 -30.19 2.95
CA LEU C 97 -6.70 -30.24 1.56
C LEU C 97 -5.83 -28.99 1.31
N HIS C 98 -6.24 -27.84 1.87
CA HIS C 98 -5.48 -26.60 1.72
C HIS C 98 -4.03 -26.89 2.16
N ILE C 99 -3.88 -27.55 3.30
CA ILE C 99 -2.56 -27.89 3.80
C ILE C 99 -1.85 -28.88 2.89
N GLY C 100 -2.52 -29.99 2.58
CA GLY C 100 -1.93 -31.00 1.72
C GLY C 100 -1.35 -30.37 0.47
N ARG C 101 -2.19 -29.61 -0.22
CA ARG C 101 -1.78 -28.91 -1.43
C ARG C 101 -0.48 -28.17 -1.15
N GLY C 102 -0.47 -27.41 -0.06
CA GLY C 102 0.73 -26.66 0.29
C GLY C 102 1.99 -27.49 0.44
N LEU C 103 1.84 -28.65 1.05
CA LEU C 103 2.96 -29.56 1.25
C LEU C 103 3.47 -30.10 -0.07
N TYR C 104 2.58 -30.66 -0.86
CA TYR C 104 2.91 -31.24 -2.15
C TYR C 104 3.55 -30.25 -3.11
N TYR C 105 2.97 -29.07 -3.30
CA TYR C 105 3.55 -28.08 -4.23
C TYR C 105 4.49 -27.03 -3.62
N GLY C 106 5.09 -27.38 -2.50
CA GLY C 106 6.04 -26.51 -1.84
C GLY C 106 5.62 -25.09 -1.54
N SER C 107 4.33 -24.86 -1.38
CA SER C 107 3.84 -23.53 -1.10
C SER C 107 4.41 -22.97 0.20
N TYR C 108 4.79 -23.88 1.09
CA TYR C 108 5.35 -23.51 2.37
C TYR C 108 6.64 -22.73 2.23
N LEU C 109 7.16 -22.67 1.01
CA LEU C 109 8.40 -21.92 0.83
C LEU C 109 8.07 -20.44 1.02
N TYR C 110 6.76 -20.15 1.03
CA TYR C 110 6.26 -18.80 1.26
C TYR C 110 6.12 -18.72 2.78
N LYS C 111 7.27 -18.84 3.46
CA LYS C 111 7.35 -18.86 4.91
C LYS C 111 6.35 -18.08 5.75
N GLU C 112 6.19 -16.79 5.51
CA GLU C 112 5.22 -16.05 6.31
C GLU C 112 3.81 -16.45 5.97
N THR C 113 3.51 -16.50 4.67
CA THR C 113 2.18 -16.88 4.27
C THR C 113 1.86 -18.20 4.97
N TRP C 114 2.86 -19.09 4.99
CA TRP C 114 2.73 -20.40 5.62
C TRP C 114 2.56 -20.39 7.14
N ASN C 115 3.54 -19.83 7.85
CA ASN C 115 3.45 -19.78 9.31
C ASN C 115 2.13 -19.15 9.80
N THR C 116 1.62 -18.15 9.11
CA THR C 116 0.35 -17.56 9.50
C THR C 116 -0.73 -18.64 9.30
N GLY C 117 -0.59 -19.44 8.25
CA GLY C 117 -1.54 -20.50 8.03
C GLY C 117 -1.55 -21.44 9.21
N VAL C 118 -0.36 -21.86 9.62
CA VAL C 118 -0.24 -22.73 10.77
C VAL C 118 -0.98 -22.10 11.93
N ILE C 119 -0.73 -20.82 12.18
CA ILE C 119 -1.42 -20.13 13.26
C ILE C 119 -2.94 -20.19 13.03
N LEU C 120 -3.37 -20.02 11.78
CA LEU C 120 -4.79 -20.10 11.48
C LEU C 120 -5.31 -21.47 11.91
N LEU C 121 -4.65 -22.53 11.46
CA LEU C 121 -5.04 -23.89 11.83
C LEU C 121 -5.21 -24.05 13.35
N LEU C 122 -4.15 -23.71 14.09
CA LEU C 122 -4.18 -23.80 15.53
C LEU C 122 -5.39 -23.06 16.09
N THR C 123 -5.59 -21.81 15.66
CA THR C 123 -6.74 -21.08 16.17
C THR C 123 -8.04 -21.81 15.86
N LEU C 124 -8.17 -22.28 14.62
CA LEU C 124 -9.38 -23.00 14.25
C LEU C 124 -9.59 -24.21 15.16
N MET C 125 -8.51 -24.94 15.45
CA MET C 125 -8.63 -26.11 16.31
C MET C 125 -9.18 -25.77 17.69
N ALA C 126 -8.60 -24.73 18.30
CA ALA C 126 -9.05 -24.31 19.61
C ALA C 126 -10.55 -23.98 19.54
N THR C 127 -10.91 -23.24 18.49
CA THR C 127 -12.28 -22.81 18.27
C THR C 127 -13.30 -23.96 18.28
N ALA C 128 -13.05 -24.99 17.47
CA ALA C 128 -13.95 -26.14 17.43
C ALA C 128 -13.92 -26.85 18.78
N PHE C 129 -12.76 -26.82 19.44
CA PHE C 129 -12.67 -27.46 20.72
C PHE C 129 -13.66 -26.88 21.72
N VAL C 130 -13.60 -25.56 21.92
CA VAL C 130 -14.50 -24.89 22.85
C VAL C 130 -15.93 -24.97 22.35
N GLY C 131 -16.10 -24.82 21.05
CA GLY C 131 -17.45 -24.91 20.50
C GLY C 131 -18.14 -26.21 20.86
N TYR C 132 -17.39 -27.32 20.78
CA TYR C 132 -17.95 -28.64 21.07
C TYR C 132 -18.47 -28.78 22.50
N VAL C 133 -17.92 -28.00 23.42
CA VAL C 133 -18.36 -28.08 24.79
C VAL C 133 -19.72 -27.41 25.01
N LEU C 134 -20.01 -26.41 24.19
CA LEU C 134 -21.25 -25.66 24.35
C LEU C 134 -22.60 -26.39 24.50
N PRO C 135 -22.86 -27.43 23.68
CA PRO C 135 -24.13 -28.16 23.80
C PRO C 135 -24.24 -28.96 25.10
N TRP C 136 -23.15 -29.01 25.83
CA TRP C 136 -23.09 -29.68 27.13
C TRP C 136 -23.72 -31.09 27.15
N GLY C 137 -23.29 -31.92 26.22
CA GLY C 137 -23.78 -33.29 26.16
C GLY C 137 -22.70 -34.13 26.82
N GLN C 138 -22.89 -35.44 26.86
CA GLN C 138 -21.90 -36.30 27.49
C GLN C 138 -20.50 -36.15 26.92
N MET C 139 -20.40 -36.21 25.59
CA MET C 139 -19.10 -36.11 24.95
C MET C 139 -18.53 -34.72 25.16
N SER C 140 -19.39 -33.70 25.07
CA SER C 140 -18.95 -32.33 25.27
C SER C 140 -18.20 -32.22 26.58
N PHE C 141 -18.85 -32.72 27.63
CA PHE C 141 -18.28 -32.67 28.96
C PHE C 141 -16.99 -33.46 29.11
N TRP C 142 -17.05 -34.75 28.79
CA TRP C 142 -15.89 -35.58 28.94
C TRP C 142 -14.76 -35.22 27.99
N GLY C 143 -15.10 -34.69 26.83
CA GLY C 143 -14.05 -34.29 25.90
C GLY C 143 -13.30 -33.15 26.58
N ALA C 144 -14.08 -32.20 27.07
CA ALA C 144 -13.53 -31.05 27.79
C ALA C 144 -12.66 -31.61 28.91
N THR C 145 -13.19 -32.56 29.66
CA THR C 145 -12.47 -33.17 30.76
C THR C 145 -11.15 -33.82 30.35
N VAL C 146 -11.23 -34.85 29.52
CA VAL C 146 -10.05 -35.54 29.05
C VAL C 146 -8.90 -34.61 28.66
N ILE C 147 -9.19 -33.76 27.67
CA ILE C 147 -8.22 -32.82 27.13
C ILE C 147 -7.65 -31.81 28.11
N THR C 148 -8.50 -30.99 28.72
CA THR C 148 -8.00 -29.99 29.66
C THR C 148 -7.20 -30.67 30.77
N ASN C 149 -7.57 -31.90 31.12
CA ASN C 149 -6.88 -32.62 32.17
C ASN C 149 -5.44 -32.95 31.86
N LEU C 150 -5.06 -32.81 30.60
CA LEU C 150 -3.68 -33.12 30.23
C LEU C 150 -2.71 -32.10 30.79
N PHE C 151 -3.08 -30.84 30.82
CA PHE C 151 -2.18 -29.81 31.31
C PHE C 151 -1.61 -30.13 32.68
N SER C 152 -2.40 -30.75 33.54
CA SER C 152 -1.92 -31.08 34.87
C SER C 152 -0.66 -31.93 34.81
N ALA C 153 -0.29 -32.35 33.61
CA ALA C 153 0.90 -33.17 33.38
C ALA C 153 2.14 -32.31 33.10
N ILE C 154 1.93 -31.02 32.91
CA ILE C 154 3.01 -30.09 32.69
C ILE C 154 3.64 -29.98 34.07
N PRO C 155 4.94 -29.71 34.17
CA PRO C 155 5.58 -29.61 35.49
C PRO C 155 5.38 -28.29 36.27
N TYR C 156 5.17 -28.43 37.58
CA TYR C 156 5.00 -27.30 38.49
C TYR C 156 3.79 -26.41 38.18
N ILE C 157 3.91 -25.66 37.10
CA ILE C 157 2.85 -24.76 36.64
C ILE C 157 1.70 -25.57 36.06
N GLY C 158 1.73 -26.87 36.28
CA GLY C 158 0.69 -27.73 35.76
C GLY C 158 -0.64 -27.65 36.47
N HIS C 159 -0.73 -28.34 37.60
CA HIS C 159 -1.96 -28.37 38.40
C HIS C 159 -2.60 -27.02 38.61
N THR C 160 -1.87 -25.97 38.27
CA THR C 160 -2.40 -24.63 38.42
C THR C 160 -2.98 -24.13 37.10
N LEU C 161 -2.23 -24.30 36.02
CA LEU C 161 -2.72 -23.85 34.73
C LEU C 161 -4.10 -24.47 34.48
N VAL C 162 -4.37 -25.61 35.11
CA VAL C 162 -5.65 -26.28 34.91
C VAL C 162 -6.80 -25.72 35.75
N GLU C 163 -6.59 -25.65 37.06
CA GLU C 163 -7.62 -25.16 37.98
C GLU C 163 -7.86 -23.68 37.74
N TRP C 164 -7.21 -23.18 36.70
CA TRP C 164 -7.32 -21.80 36.30
C TRP C 164 -8.22 -21.78 35.08
N ALA C 165 -7.93 -22.66 34.13
CA ALA C 165 -8.72 -22.77 32.92
C ALA C 165 -10.13 -23.17 33.26
N TRP C 166 -10.28 -24.13 34.19
CA TRP C 166 -11.61 -24.58 34.61
C TRP C 166 -12.34 -23.53 35.43
N GLY C 167 -11.55 -22.69 36.09
CA GLY C 167 -12.12 -21.66 36.94
C GLY C 167 -12.68 -22.32 38.17
N GLY C 168 -12.17 -23.53 38.43
CA GLY C 168 -12.62 -24.29 39.56
C GLY C 168 -11.80 -25.54 39.74
N PHE C 169 -12.47 -26.62 40.12
CA PHE C 169 -11.77 -27.87 40.36
C PHE C 169 -12.06 -28.95 39.33
N SER C 170 -13.17 -28.81 38.62
CA SER C 170 -13.53 -29.77 37.58
C SER C 170 -14.23 -28.95 36.52
N VAL C 171 -14.50 -29.56 35.38
CA VAL C 171 -15.20 -28.82 34.35
C VAL C 171 -16.60 -28.53 34.88
N ASP C 172 -16.93 -27.27 35.10
CA ASP C 172 -18.25 -26.92 35.60
C ASP C 172 -18.68 -25.61 34.95
N ASN C 173 -19.82 -25.06 35.38
CA ASN C 173 -20.37 -23.86 34.79
C ASN C 173 -19.31 -22.80 34.52
N PRO C 174 -18.43 -22.53 35.50
CA PRO C 174 -17.40 -21.52 35.26
C PRO C 174 -16.66 -21.75 33.95
N THR C 175 -16.38 -23.00 33.63
CA THR C 175 -15.67 -23.34 32.42
C THR C 175 -16.56 -23.07 31.21
N LEU C 176 -17.79 -23.57 31.30
CA LEU C 176 -18.73 -23.41 30.20
C LEU C 176 -18.85 -21.96 29.77
N THR C 177 -19.10 -21.08 30.73
CA THR C 177 -19.26 -19.67 30.39
C THR C 177 -18.07 -19.02 29.71
N ARG C 178 -16.85 -19.36 30.16
CA ARG C 178 -15.69 -18.78 29.53
C ARG C 178 -15.45 -19.43 28.16
N PHE C 179 -15.85 -20.68 28.00
CA PHE C 179 -15.68 -21.35 26.72
C PHE C 179 -16.62 -20.69 25.68
N PHE C 180 -17.85 -20.38 26.07
CA PHE C 180 -18.77 -19.72 25.14
C PHE C 180 -18.10 -18.42 24.67
N ALA C 181 -17.66 -17.59 25.63
CA ALA C 181 -16.99 -16.33 25.29
C ALA C 181 -15.80 -16.60 24.36
N LEU C 182 -14.93 -17.52 24.73
CA LEU C 182 -13.80 -17.85 23.89
C LEU C 182 -14.20 -18.23 22.48
N HIS C 183 -15.24 -19.05 22.36
CA HIS C 183 -15.74 -19.53 21.08
C HIS C 183 -16.36 -18.38 20.28
N PHE C 184 -17.00 -17.45 20.98
CA PHE C 184 -17.61 -16.32 20.29
C PHE C 184 -16.50 -15.44 19.72
N LEU C 185 -15.37 -15.40 20.42
CA LEU C 185 -14.24 -14.57 20.07
C LEU C 185 -13.29 -15.05 18.98
N LEU C 186 -12.67 -16.21 19.18
CA LEU C 186 -11.69 -16.76 18.23
C LEU C 186 -11.98 -16.64 16.74
N PRO C 187 -13.24 -16.86 16.33
CA PRO C 187 -13.54 -16.75 14.89
C PRO C 187 -13.12 -15.38 14.36
N PHE C 188 -13.35 -14.32 15.12
CA PHE C 188 -12.94 -13.01 14.66
C PHE C 188 -11.40 -12.97 14.57
N ALA C 189 -10.74 -13.49 15.58
CA ALA C 189 -9.29 -13.53 15.56
C ALA C 189 -8.86 -14.23 14.27
N ILE C 190 -9.59 -15.28 13.90
CA ILE C 190 -9.29 -16.05 12.71
C ILE C 190 -9.39 -15.16 11.49
N ALA C 191 -10.55 -14.51 11.36
CA ALA C 191 -10.80 -13.60 10.26
C ALA C 191 -9.67 -12.58 10.22
N GLY C 192 -9.38 -12.01 11.39
CA GLY C 192 -8.31 -11.03 11.46
C GLY C 192 -7.06 -11.58 10.80
N ILE C 193 -6.49 -12.59 11.45
CA ILE C 193 -5.29 -13.24 10.95
C ILE C 193 -5.41 -13.67 9.50
N THR C 194 -6.59 -14.13 9.08
CA THR C 194 -6.75 -14.49 7.68
C THR C 194 -6.37 -13.30 6.78
N ILE C 195 -6.65 -12.09 7.23
CA ILE C 195 -6.28 -10.93 6.41
C ILE C 195 -4.77 -10.90 6.26
N ILE C 196 -4.06 -11.03 7.39
CA ILE C 196 -2.58 -11.04 7.39
C ILE C 196 -2.03 -12.12 6.43
N HIS C 197 -2.62 -13.33 6.52
CA HIS C 197 -2.26 -14.49 5.69
C HIS C 197 -2.31 -14.07 4.23
N LEU C 198 -3.45 -13.56 3.77
CA LEU C 198 -3.56 -13.13 2.38
C LEU C 198 -2.64 -11.97 2.04
N THR C 199 -2.27 -11.17 3.03
CA THR C 199 -1.37 -10.05 2.77
C THR C 199 0.05 -10.54 2.46
N PHE C 200 0.62 -11.35 3.33
CA PHE C 200 1.93 -11.91 3.05
C PHE C 200 1.85 -12.63 1.69
N LEU C 201 0.76 -13.38 1.49
CA LEU C 201 0.61 -14.08 0.22
C LEU C 201 0.86 -13.12 -0.91
N HIS C 202 -0.01 -12.14 -1.07
CA HIS C 202 0.11 -11.15 -2.15
C HIS C 202 1.46 -10.55 -2.42
N GLU C 203 2.36 -10.62 -1.43
CA GLU C 203 3.72 -10.11 -1.60
C GLU C 203 4.40 -10.86 -2.73
N SER C 204 4.36 -12.19 -2.64
CA SER C 204 4.97 -13.08 -3.62
C SER C 204 4.04 -13.42 -4.78
N GLY C 205 2.80 -13.73 -4.43
CA GLY C 205 1.83 -14.10 -5.42
C GLY C 205 1.66 -15.60 -5.28
N SER C 206 0.65 -16.16 -5.96
CA SER C 206 0.40 -17.59 -5.88
C SER C 206 1.49 -18.44 -6.52
N ASN C 207 1.81 -19.52 -5.84
CA ASN C 207 2.76 -20.46 -6.37
C ASN C 207 1.89 -21.18 -7.42
N ASN C 208 2.44 -22.16 -8.15
CA ASN C 208 1.61 -22.88 -9.12
C ASN C 208 2.12 -24.29 -9.29
N PRO C 209 1.25 -25.24 -9.68
CA PRO C 209 1.57 -26.66 -9.89
C PRO C 209 2.92 -27.09 -10.47
N LEU C 210 3.54 -26.28 -11.32
CA LEU C 210 4.82 -26.67 -11.87
C LEU C 210 5.98 -26.19 -11.00
N GLY C 211 5.78 -25.08 -10.30
CA GLY C 211 6.84 -24.53 -9.45
C GLY C 211 7.93 -23.76 -10.18
N ILE C 212 7.54 -22.99 -11.19
CA ILE C 212 8.47 -22.18 -11.98
C ILE C 212 7.81 -20.85 -12.30
N SER C 213 8.60 -19.78 -12.37
CA SER C 213 8.06 -18.44 -12.63
C SER C 213 6.84 -18.41 -13.55
N SER C 214 5.71 -17.95 -13.01
CA SER C 214 4.50 -17.84 -13.79
C SER C 214 4.26 -16.38 -14.24
N ASP C 215 5.32 -15.58 -14.30
CA ASP C 215 5.24 -14.16 -14.72
C ASP C 215 5.15 -14.15 -16.24
N SER C 216 5.67 -15.23 -16.80
CA SER C 216 5.71 -15.48 -18.23
C SER C 216 4.30 -15.60 -18.75
N ASP C 217 3.36 -15.85 -17.84
CA ASP C 217 1.96 -16.01 -18.22
C ASP C 217 0.97 -15.82 -17.08
N LYS C 218 0.64 -14.57 -16.74
CA LYS C 218 -0.32 -14.31 -15.67
C LYS C 218 -1.66 -13.80 -16.20
N ILE C 219 -2.72 -14.11 -15.45
CA ILE C 219 -4.07 -13.72 -15.83
C ILE C 219 -4.77 -12.99 -14.68
N PRO C 220 -5.71 -12.11 -15.01
CA PRO C 220 -6.43 -11.38 -13.97
C PRO C 220 -7.30 -12.34 -13.16
N PHE C 221 -7.30 -12.21 -11.83
CA PHE C 221 -8.11 -13.07 -10.96
C PHE C 221 -9.53 -13.20 -11.53
N HIS C 222 -10.13 -12.06 -11.87
CA HIS C 222 -11.46 -12.04 -12.47
C HIS C 222 -11.31 -11.95 -14.01
N PRO C 223 -12.10 -12.71 -14.76
CA PRO C 223 -13.13 -13.66 -14.36
C PRO C 223 -12.60 -15.06 -14.13
N TYR C 224 -11.39 -15.34 -14.59
CA TYR C 224 -10.82 -16.67 -14.46
C TYR C 224 -11.05 -17.37 -13.15
N TYR C 225 -10.52 -16.81 -12.07
CA TYR C 225 -10.66 -17.45 -10.77
C TYR C 225 -11.91 -17.06 -9.97
N SER C 226 -12.60 -16.03 -10.41
CA SER C 226 -13.83 -15.66 -9.74
C SER C 226 -14.68 -16.86 -10.07
N PHE C 227 -14.93 -17.04 -11.37
CA PHE C 227 -15.71 -18.16 -11.86
C PHE C 227 -15.21 -19.50 -11.39
N LYS C 228 -13.91 -19.73 -11.55
CA LYS C 228 -13.36 -21.02 -11.13
C LYS C 228 -13.63 -21.30 -9.65
N ASP C 229 -13.50 -20.27 -8.81
CA ASP C 229 -13.75 -20.44 -7.39
C ASP C 229 -15.23 -20.68 -7.11
N ILE C 230 -16.11 -19.93 -7.75
CA ILE C 230 -17.53 -20.13 -7.53
C ILE C 230 -17.95 -21.53 -7.92
N LEU C 231 -17.31 -22.10 -8.92
CA LEU C 231 -17.63 -23.46 -9.35
C LEU C 231 -17.18 -24.40 -8.23
N GLY C 232 -15.94 -24.18 -7.79
CA GLY C 232 -15.38 -24.98 -6.73
C GLY C 232 -16.30 -24.94 -5.53
N LEU C 233 -16.90 -23.77 -5.29
CA LEU C 233 -17.81 -23.61 -4.15
C LEU C 233 -18.98 -24.59 -4.25
N THR C 234 -19.72 -24.48 -5.33
CA THR C 234 -20.88 -25.34 -5.57
C THR C 234 -20.50 -26.81 -5.61
N LEU C 235 -19.40 -27.13 -6.27
CA LEU C 235 -19.00 -28.52 -6.31
C LEU C 235 -18.88 -29.06 -4.89
N MET C 236 -18.13 -28.38 -4.03
CA MET C 236 -18.00 -28.87 -2.65
C MET C 236 -19.29 -28.75 -1.86
N LEU C 237 -19.85 -27.55 -1.87
CA LEU C 237 -21.09 -27.31 -1.15
C LEU C 237 -22.14 -28.43 -1.35
N THR C 238 -22.16 -29.05 -2.52
CA THR C 238 -23.15 -30.11 -2.78
C THR C 238 -23.07 -31.28 -1.78
N PRO C 239 -21.91 -31.95 -1.67
CA PRO C 239 -21.92 -33.04 -0.68
C PRO C 239 -22.16 -32.53 0.75
N PHE C 240 -21.55 -31.39 1.11
CA PHE C 240 -21.75 -30.79 2.44
C PHE C 240 -23.24 -30.83 2.76
N LEU C 241 -24.02 -30.14 1.95
CA LEU C 241 -25.45 -30.08 2.14
C LEU C 241 -26.12 -31.44 2.08
N THR C 242 -25.64 -32.32 1.19
CA THR C 242 -26.20 -33.66 1.07
C THR C 242 -26.08 -34.39 2.40
N LEU C 243 -24.86 -34.44 2.94
CA LEU C 243 -24.61 -35.06 4.23
C LEU C 243 -25.42 -34.32 5.31
N ALA C 244 -25.43 -33.01 5.25
CA ALA C 244 -26.15 -32.21 6.24
C ALA C 244 -27.67 -32.31 6.17
N LEU C 245 -28.19 -32.59 4.99
CA LEU C 245 -29.64 -32.67 4.86
C LEU C 245 -30.21 -34.08 4.83
N PHE C 246 -29.41 -35.07 4.47
CA PHE C 246 -29.96 -36.41 4.44
C PHE C 246 -29.45 -37.27 5.59
N SER C 247 -28.17 -37.17 5.90
CA SER C 247 -27.58 -37.94 6.99
C SER C 247 -26.99 -37.00 8.06
N PRO C 248 -27.84 -36.20 8.70
CA PRO C 248 -27.47 -35.23 9.72
C PRO C 248 -26.46 -35.63 10.78
N ASN C 249 -26.53 -36.87 11.25
CA ASN C 249 -25.62 -37.30 12.32
C ASN C 249 -24.62 -38.34 11.93
N LEU C 250 -24.43 -38.52 10.63
CA LEU C 250 -23.47 -39.51 10.19
C LEU C 250 -22.17 -39.33 10.96
N LEU C 251 -21.80 -38.09 11.19
CA LEU C 251 -20.55 -37.78 11.87
C LEU C 251 -20.60 -37.68 13.41
N GLY C 252 -21.68 -37.11 13.93
CA GLY C 252 -21.80 -36.94 15.37
C GLY C 252 -21.99 -38.14 16.26
N ASP C 253 -21.28 -38.13 17.39
CA ASP C 253 -21.36 -39.18 18.39
C ASP C 253 -22.72 -39.06 19.05
N PRO C 254 -23.44 -40.18 19.24
CA PRO C 254 -24.77 -40.12 19.86
C PRO C 254 -24.76 -39.83 21.35
N GLU C 255 -23.65 -40.14 22.00
CA GLU C 255 -23.48 -39.90 23.43
C GLU C 255 -23.70 -38.43 23.74
N ASN C 256 -23.81 -37.61 22.70
CA ASN C 256 -23.99 -36.20 22.90
C ASN C 256 -25.43 -35.77 22.78
N PHE C 257 -26.32 -36.73 22.96
CA PHE C 257 -27.74 -36.50 22.93
C PHE C 257 -28.21 -36.81 24.33
N THR C 258 -27.22 -37.05 25.17
CA THR C 258 -27.43 -37.38 26.56
C THR C 258 -26.72 -36.29 27.36
N PRO C 259 -27.48 -35.55 28.18
CA PRO C 259 -26.93 -34.47 29.00
C PRO C 259 -25.71 -34.90 29.80
N ALA C 260 -24.66 -34.09 29.72
CA ALA C 260 -23.43 -34.34 30.44
C ALA C 260 -23.77 -34.74 31.86
N ASN C 261 -23.03 -35.70 32.40
CA ASN C 261 -23.21 -36.20 33.76
C ASN C 261 -21.85 -36.71 34.25
N PRO C 262 -21.26 -36.02 35.24
CA PRO C 262 -19.96 -36.31 35.86
C PRO C 262 -19.90 -37.62 36.61
N LEU C 263 -21.05 -38.27 36.80
CA LEU C 263 -21.05 -39.54 37.52
C LEU C 263 -21.19 -40.71 36.57
N VAL C 264 -20.80 -40.49 35.33
CA VAL C 264 -20.87 -41.54 34.34
C VAL C 264 -19.87 -41.23 33.26
N THR C 265 -18.80 -42.02 33.22
CA THR C 265 -17.82 -41.82 32.19
C THR C 265 -18.25 -42.62 30.98
N PRO C 266 -18.29 -41.99 29.80
CA PRO C 266 -18.70 -42.80 28.67
C PRO C 266 -17.68 -43.88 28.34
N PRO C 267 -18.16 -44.97 27.75
CA PRO C 267 -17.41 -46.15 27.32
C PRO C 267 -16.19 -45.75 26.53
N HIS C 268 -16.42 -45.10 25.39
CA HIS C 268 -15.31 -44.66 24.56
C HIS C 268 -15.38 -43.17 24.25
N ILE C 269 -14.50 -42.41 24.88
CA ILE C 269 -14.45 -40.98 24.67
C ILE C 269 -13.58 -40.72 23.48
N LYS C 270 -14.16 -40.21 22.40
CA LYS C 270 -13.38 -39.91 21.21
C LYS C 270 -13.91 -38.64 20.53
N PRO C 271 -13.01 -37.83 19.96
CA PRO C 271 -13.33 -36.57 19.28
C PRO C 271 -14.01 -36.74 17.94
N GLU C 272 -14.38 -35.62 17.33
CA GLU C 272 -14.98 -35.66 16.01
C GLU C 272 -13.90 -36.14 15.07
N TRP C 273 -14.27 -36.63 13.90
CA TRP C 273 -13.27 -37.15 12.99
C TRP C 273 -12.00 -36.33 12.84
N TYR C 274 -12.15 -35.01 12.72
CA TYR C 274 -11.00 -34.13 12.49
C TYR C 274 -9.96 -33.97 13.59
N PHE C 275 -10.11 -34.70 14.69
CA PHE C 275 -9.16 -34.64 15.80
C PHE C 275 -8.61 -36.03 16.06
N LEU C 276 -9.31 -37.04 15.53
CA LEU C 276 -8.92 -38.45 15.69
C LEU C 276 -7.43 -38.66 15.50
N PHE C 277 -6.94 -38.27 14.33
CA PHE C 277 -5.53 -38.44 14.05
C PHE C 277 -4.66 -37.99 15.23
N ALA C 278 -4.97 -36.84 15.82
CA ALA C 278 -4.18 -36.33 16.95
C ALA C 278 -4.43 -37.07 18.26
N TYR C 279 -5.66 -37.57 18.39
CA TYR C 279 -6.07 -38.31 19.57
C TYR C 279 -5.26 -39.61 19.60
N ALA C 280 -5.00 -40.15 18.41
CA ALA C 280 -4.26 -41.38 18.25
C ALA C 280 -2.80 -41.21 18.67
N ILE C 281 -2.17 -40.15 18.17
CA ILE C 281 -0.78 -39.92 18.50
C ILE C 281 -0.67 -39.60 19.97
N LEU C 282 -1.75 -39.10 20.55
CA LEU C 282 -1.74 -38.75 21.96
C LEU C 282 -1.63 -39.99 22.82
N ARG C 283 -2.36 -41.01 22.41
CA ARG C 283 -2.41 -42.26 23.14
C ARG C 283 -1.30 -43.22 22.79
N SER C 284 -0.50 -42.86 21.78
CA SER C 284 0.62 -43.70 21.37
C SER C 284 1.69 -43.67 22.44
N ILE C 285 1.91 -42.50 23.03
CA ILE C 285 2.90 -42.35 24.07
C ILE C 285 2.21 -42.47 25.41
N PRO C 286 2.31 -43.63 26.07
CA PRO C 286 1.67 -43.80 27.37
C PRO C 286 2.58 -43.19 28.46
N ASN C 287 2.26 -41.94 28.82
CA ASN C 287 2.99 -41.15 29.80
C ASN C 287 2.34 -39.80 29.66
N LYS C 288 1.31 -39.57 30.47
CA LYS C 288 0.56 -38.33 30.38
C LYS C 288 1.32 -37.17 29.73
N LEU C 289 2.52 -36.87 30.21
CA LEU C 289 3.28 -35.76 29.61
C LEU C 289 3.79 -36.07 28.20
N GLY C 290 4.57 -37.13 28.06
CA GLY C 290 5.08 -37.49 26.75
C GLY C 290 3.98 -37.53 25.69
N GLY C 291 2.82 -38.06 26.06
CA GLY C 291 1.71 -38.12 25.12
C GLY C 291 1.27 -36.73 24.73
N VAL C 292 1.34 -35.81 25.69
CA VAL C 292 0.95 -34.43 25.43
C VAL C 292 1.93 -33.78 24.46
N LEU C 293 3.22 -33.91 24.74
CA LEU C 293 4.22 -33.35 23.85
C LEU C 293 4.03 -33.94 22.46
N ALA C 294 3.83 -35.26 22.40
CA ALA C 294 3.65 -35.93 21.11
C ALA C 294 2.46 -35.37 20.34
N LEU C 295 1.42 -34.97 21.07
CA LEU C 295 0.27 -34.39 20.43
C LEU C 295 0.68 -33.01 19.98
N ALA C 296 1.23 -32.25 20.92
CA ALA C 296 1.69 -30.90 20.63
C ALA C 296 2.45 -30.89 19.32
N ALA C 297 3.55 -31.62 19.29
CA ALA C 297 4.38 -31.65 18.10
C ALA C 297 3.72 -32.22 16.83
N SER C 298 2.66 -33.01 16.99
CA SER C 298 2.01 -33.58 15.81
C SER C 298 1.49 -32.46 14.93
N VAL C 299 1.20 -31.32 15.56
CA VAL C 299 0.69 -30.18 14.82
C VAL C 299 1.76 -29.11 14.68
N LEU C 300 2.51 -28.86 15.75
CA LEU C 300 3.57 -27.86 15.69
C LEU C 300 4.66 -28.22 14.69
N ILE C 301 4.68 -29.48 14.26
CA ILE C 301 5.66 -29.97 13.30
C ILE C 301 5.58 -29.17 11.99
N LEU C 302 4.38 -28.70 11.64
CA LEU C 302 4.18 -27.91 10.42
C LEU C 302 5.11 -26.71 10.35
N PHE C 303 5.44 -26.13 11.49
CA PHE C 303 6.35 -24.98 11.52
C PHE C 303 7.75 -25.34 11.01
N LEU C 304 8.09 -26.63 10.99
CA LEU C 304 9.41 -27.07 10.54
C LEU C 304 9.49 -27.43 9.06
N ILE C 305 8.35 -27.73 8.44
CA ILE C 305 8.36 -28.12 7.04
C ILE C 305 9.26 -27.28 6.14
N PRO C 306 9.21 -25.93 6.27
CA PRO C 306 10.04 -25.03 5.45
C PRO C 306 11.53 -25.32 5.55
N PHE C 307 11.98 -25.68 6.73
CA PHE C 307 13.40 -25.93 6.90
C PHE C 307 13.82 -27.32 6.52
N LEU C 308 12.86 -28.16 6.16
CA LEU C 308 13.17 -29.53 5.78
C LEU C 308 12.99 -29.74 4.28
N HIS C 309 13.15 -28.68 3.50
CA HIS C 309 13.01 -28.78 2.06
C HIS C 309 14.41 -28.86 1.49
N LYS C 310 14.73 -29.99 0.88
CA LYS C 310 16.07 -30.18 0.32
C LYS C 310 16.05 -30.25 -1.19
N SER C 311 14.87 -30.42 -1.79
CA SER C 311 14.80 -30.51 -3.26
C SER C 311 15.24 -29.26 -3.98
N LYS C 312 15.79 -29.46 -5.19
CA LYS C 312 16.28 -28.36 -6.03
C LYS C 312 15.12 -27.76 -6.81
N GLN C 313 14.01 -28.49 -6.77
CA GLN C 313 12.77 -28.12 -7.44
C GLN C 313 11.76 -27.82 -6.33
N ARG C 314 10.81 -26.93 -6.62
CA ARG C 314 9.83 -26.55 -5.60
C ARG C 314 8.73 -27.58 -5.29
N THR C 315 8.09 -28.09 -6.33
CA THR C 315 7.01 -29.05 -6.19
C THR C 315 7.42 -30.51 -6.33
N MET C 316 6.46 -31.39 -6.09
CA MET C 316 6.67 -32.82 -6.20
C MET C 316 6.20 -33.33 -7.58
N THR C 317 5.83 -32.39 -8.46
CA THR C 317 5.34 -32.76 -9.77
C THR C 317 6.32 -33.64 -10.53
N PHE C 318 7.60 -33.31 -10.40
CA PHE C 318 8.65 -34.04 -11.11
C PHE C 318 9.54 -34.89 -10.19
N ARG C 319 9.02 -35.26 -9.03
CA ARG C 319 9.77 -36.06 -8.08
C ARG C 319 8.96 -37.28 -7.66
N PRO C 320 8.83 -38.26 -8.57
CA PRO C 320 8.06 -39.47 -8.30
C PRO C 320 8.34 -40.14 -6.98
N LEU C 321 9.56 -40.00 -6.48
CA LEU C 321 9.85 -40.61 -5.20
C LEU C 321 9.11 -39.89 -4.10
N SER C 322 9.30 -38.58 -4.01
CA SER C 322 8.63 -37.80 -2.99
C SER C 322 7.12 -38.03 -3.04
N GLN C 323 6.57 -38.10 -4.24
CA GLN C 323 5.15 -38.32 -4.40
C GLN C 323 4.63 -39.52 -3.62
N THR C 324 5.18 -40.69 -3.89
CA THR C 324 4.69 -41.86 -3.19
C THR C 324 4.92 -41.68 -1.68
N LEU C 325 6.05 -41.09 -1.30
CA LEU C 325 6.31 -40.86 0.11
C LEU C 325 5.18 -39.99 0.66
N PHE C 326 4.82 -38.97 -0.12
CA PHE C 326 3.74 -38.03 0.22
C PHE C 326 2.41 -38.76 0.41
N TRP C 327 2.07 -39.59 -0.57
CA TRP C 327 0.83 -40.36 -0.50
C TRP C 327 0.87 -41.41 0.57
N LEU C 328 2.07 -41.81 0.94
CA LEU C 328 2.26 -42.77 2.00
C LEU C 328 1.84 -42.03 3.27
N LEU C 329 2.36 -40.83 3.45
CA LEU C 329 2.02 -39.98 4.58
C LEU C 329 0.52 -39.81 4.68
N VAL C 330 -0.11 -39.42 3.57
CA VAL C 330 -1.55 -39.23 3.56
C VAL C 330 -2.20 -40.47 4.14
N ALA C 331 -1.92 -41.60 3.51
CA ALA C 331 -2.47 -42.84 3.98
C ALA C 331 -2.09 -43.03 5.46
N ASN C 332 -0.85 -42.69 5.80
CA ASN C 332 -0.35 -42.80 7.16
C ASN C 332 -1.37 -42.11 8.10
N LEU C 333 -1.93 -41.00 7.64
CA LEU C 333 -2.89 -40.23 8.41
C LEU C 333 -4.27 -40.89 8.52
N LEU C 334 -4.73 -41.52 7.44
CA LEU C 334 -6.01 -42.22 7.52
C LEU C 334 -5.89 -43.27 8.61
N ILE C 335 -4.84 -44.06 8.54
CA ILE C 335 -4.63 -45.07 9.52
C ILE C 335 -4.70 -44.42 10.91
N LEU C 336 -3.92 -43.36 11.12
CA LEU C 336 -3.95 -42.72 12.44
C LEU C 336 -5.38 -42.29 12.79
N THR C 337 -6.12 -41.79 11.83
CA THR C 337 -7.49 -41.37 12.13
C THR C 337 -8.31 -42.60 12.58
N TRP C 338 -8.19 -43.69 11.82
CA TRP C 338 -8.89 -44.93 12.14
C TRP C 338 -8.53 -45.35 13.57
N ILE C 339 -7.25 -45.37 13.87
CA ILE C 339 -6.84 -45.77 15.21
C ILE C 339 -7.47 -44.91 16.28
N GLY C 340 -7.59 -43.61 16.03
CA GLY C 340 -8.18 -42.71 17.00
C GLY C 340 -9.61 -43.05 17.38
N SER C 341 -10.33 -43.67 16.45
CA SER C 341 -11.71 -44.05 16.69
C SER C 341 -11.82 -45.43 17.32
N GLN C 342 -10.68 -46.06 17.57
CA GLN C 342 -10.68 -47.39 18.16
C GLN C 342 -10.26 -47.38 19.61
N PRO C 343 -10.63 -48.42 20.36
CA PRO C 343 -10.29 -48.54 21.78
C PRO C 343 -8.82 -48.88 21.99
N VAL C 344 -8.35 -48.63 23.20
CA VAL C 344 -6.96 -48.90 23.53
C VAL C 344 -6.77 -50.36 23.87
N GLU C 345 -6.66 -51.19 22.83
CA GLU C 345 -6.48 -52.61 22.97
C GLU C 345 -5.75 -53.17 21.75
N HIS C 346 -4.98 -54.23 21.95
CA HIS C 346 -4.28 -54.84 20.85
C HIS C 346 -5.38 -55.26 19.88
N PRO C 347 -5.12 -55.27 18.56
CA PRO C 347 -3.89 -54.89 17.84
C PRO C 347 -3.66 -53.38 17.76
N PHE C 348 -4.75 -52.63 17.79
CA PHE C 348 -4.76 -51.18 17.72
C PHE C 348 -3.60 -50.47 18.41
N ILE C 349 -3.34 -50.81 19.67
CA ILE C 349 -2.27 -50.13 20.40
C ILE C 349 -0.94 -50.17 19.65
N ILE C 350 -0.56 -51.34 19.17
CA ILE C 350 0.71 -51.42 18.47
C ILE C 350 0.62 -50.70 17.13
N ILE C 351 -0.41 -51.02 16.35
CA ILE C 351 -0.61 -50.39 15.05
C ILE C 351 -0.54 -48.87 15.28
N GLY C 352 -1.10 -48.43 16.41
CA GLY C 352 -1.11 -47.03 16.77
C GLY C 352 0.28 -46.44 16.86
N GLN C 353 1.09 -46.91 17.80
CA GLN C 353 2.45 -46.40 17.96
C GLN C 353 3.24 -46.44 16.66
N MET C 354 2.95 -47.43 15.82
CA MET C 354 3.66 -47.52 14.57
C MET C 354 3.42 -46.29 13.72
N ALA C 355 2.18 -46.10 13.30
CA ALA C 355 1.81 -44.94 12.49
C ALA C 355 2.39 -43.67 13.06
N SER C 356 2.25 -43.50 14.37
CA SER C 356 2.81 -42.34 15.06
C SER C 356 4.27 -42.27 14.71
N LEU C 357 4.98 -43.36 14.98
CA LEU C 357 6.39 -43.42 14.68
C LEU C 357 6.69 -43.01 13.25
N SER C 358 6.00 -43.63 12.29
CA SER C 358 6.23 -43.30 10.89
C SER C 358 5.92 -41.84 10.60
N TYR C 359 4.78 -41.37 11.08
CA TYR C 359 4.41 -39.98 10.86
C TYR C 359 5.61 -39.05 11.02
N PHE C 360 6.19 -39.00 12.21
CA PHE C 360 7.33 -38.13 12.45
C PHE C 360 8.55 -38.48 11.60
N THR C 361 8.75 -39.76 11.36
CA THR C 361 9.87 -40.17 10.56
C THR C 361 9.75 -39.62 9.14
N ILE C 362 8.62 -39.88 8.52
CA ILE C 362 8.38 -39.43 7.16
C ILE C 362 8.66 -37.95 6.98
N LEU C 363 8.15 -37.13 7.89
CA LEU C 363 8.35 -35.68 7.81
C LEU C 363 9.72 -35.17 8.26
N LEU C 364 10.34 -35.86 9.23
CA LEU C 364 11.63 -35.40 9.73
C LEU C 364 12.85 -36.06 9.10
N ILE C 365 12.72 -37.32 8.73
CA ILE C 365 13.84 -38.03 8.16
C ILE C 365 13.71 -38.35 6.71
N LEU C 366 12.66 -39.08 6.34
CA LEU C 366 12.51 -39.48 4.96
C LEU C 366 12.44 -38.34 3.95
N PHE C 367 11.38 -37.54 4.02
CA PHE C 367 11.24 -36.44 3.09
C PHE C 367 12.54 -35.72 2.83
N PRO C 368 13.17 -35.18 3.89
CA PRO C 368 14.43 -34.48 3.65
C PRO C 368 15.48 -35.34 2.96
N THR C 369 15.56 -36.59 3.35
CA THR C 369 16.52 -37.51 2.78
C THR C 369 16.23 -37.82 1.31
N ILE C 370 15.05 -38.37 1.03
CA ILE C 370 14.66 -38.72 -0.34
C ILE C 370 14.87 -37.56 -1.27
N GLY C 371 14.61 -36.35 -0.77
CA GLY C 371 14.77 -35.15 -1.58
C GLY C 371 16.21 -34.91 -1.97
N THR C 372 17.13 -35.13 -1.03
CA THR C 372 18.56 -34.98 -1.28
C THR C 372 18.92 -35.99 -2.37
N LEU C 373 18.68 -37.25 -2.05
CA LEU C 373 18.94 -38.37 -2.96
C LEU C 373 18.36 -38.08 -4.35
N GLU C 374 17.18 -37.50 -4.37
CA GLU C 374 16.57 -37.17 -5.64
C GLU C 374 17.45 -36.16 -6.43
N ASN C 375 18.00 -35.18 -5.74
CA ASN C 375 18.81 -34.18 -6.43
C ASN C 375 19.98 -34.84 -7.08
N LYS C 376 20.54 -35.84 -6.41
CA LYS C 376 21.69 -36.53 -6.95
C LYS C 376 21.31 -37.31 -8.20
N MET C 377 20.09 -37.84 -8.23
CA MET C 377 19.65 -38.57 -9.41
C MET C 377 19.45 -37.67 -10.62
N LEU C 378 19.40 -36.37 -10.41
CA LEU C 378 19.25 -35.42 -11.51
C LEU C 378 20.63 -34.99 -11.89
N ASN C 379 21.60 -35.42 -11.08
CA ASN C 379 23.00 -35.10 -11.27
C ASN C 379 23.19 -33.62 -10.91
N TYR C 380 22.70 -33.27 -9.72
CA TYR C 380 22.75 -31.92 -9.16
C TYR C 380 23.38 -31.97 -7.76
N GLY D 1 -16.34 -57.52 29.17
CA GLY D 1 -16.86 -58.21 27.97
C GLY D 1 -16.83 -57.30 26.75
N GLU D 2 -16.54 -57.90 25.58
CA GLU D 2 -16.51 -57.16 24.31
C GLU D 2 -17.54 -57.71 23.32
N LEU D 3 -18.14 -58.85 23.66
CA LEU D 3 -19.14 -59.46 22.79
C LEU D 3 -20.46 -58.70 22.93
N GLU D 4 -21.05 -58.37 21.79
CA GLU D 4 -22.31 -57.63 21.78
C GLU D 4 -23.05 -58.04 20.52
N LEU D 5 -24.36 -58.18 20.61
CA LEU D 5 -25.11 -58.54 19.41
C LEU D 5 -25.65 -57.27 18.75
N HIS D 6 -25.26 -57.05 17.50
CA HIS D 6 -25.70 -55.86 16.77
C HIS D 6 -27.02 -56.10 16.06
N PRO D 7 -27.97 -55.16 16.22
CA PRO D 7 -29.30 -55.23 15.62
C PRO D 7 -29.32 -55.19 14.11
N PRO D 8 -30.26 -55.93 13.51
CA PRO D 8 -30.38 -55.97 12.04
C PRO D 8 -30.93 -54.64 11.55
N ALA D 9 -31.12 -54.50 10.24
CA ALA D 9 -31.63 -53.24 9.71
C ALA D 9 -33.01 -53.40 9.11
N PHE D 10 -34.02 -53.05 9.89
CA PHE D 10 -35.38 -53.16 9.39
C PHE D 10 -35.58 -52.06 8.37
N PRO D 11 -36.38 -52.34 7.33
CA PRO D 11 -36.68 -51.40 6.26
C PRO D 11 -37.80 -50.44 6.61
N TRP D 12 -37.51 -49.46 7.46
CA TRP D 12 -38.53 -48.49 7.86
C TRP D 12 -39.14 -47.71 6.69
N SER D 13 -40.40 -47.34 6.88
CA SER D 13 -41.15 -46.57 5.89
C SER D 13 -40.52 -45.19 5.69
N HIS D 14 -39.69 -44.77 6.67
CA HIS D 14 -39.05 -43.47 6.63
C HIS D 14 -37.55 -43.58 6.49
N GLY D 15 -37.10 -44.68 5.91
CA GLY D 15 -35.69 -44.87 5.72
C GLY D 15 -35.15 -44.13 4.51
N GLY D 16 -35.91 -44.16 3.42
CA GLY D 16 -35.53 -43.50 2.18
C GLY D 16 -35.16 -42.04 2.36
N PRO D 17 -34.17 -41.54 1.60
CA PRO D 17 -33.76 -40.15 1.73
C PRO D 17 -34.93 -39.24 1.39
N LEU D 18 -35.67 -39.60 0.37
CA LEU D 18 -36.78 -38.78 -0.01
C LEU D 18 -38.07 -39.26 0.64
N SER D 19 -37.97 -40.29 1.45
CA SER D 19 -39.16 -40.85 2.09
C SER D 19 -39.50 -40.31 3.47
N ALA D 20 -40.68 -39.73 3.56
CA ALA D 20 -41.21 -39.16 4.78
C ALA D 20 -41.51 -40.21 5.85
N LEU D 21 -42.11 -39.74 6.95
CA LEU D 21 -42.49 -40.61 8.05
C LEU D 21 -43.93 -41.00 7.78
N ASP D 22 -44.35 -42.22 8.15
CA ASP D 22 -45.74 -42.63 7.98
C ASP D 22 -46.50 -42.08 9.18
N HIS D 23 -47.11 -40.91 9.00
CA HIS D 23 -47.81 -40.26 10.10
C HIS D 23 -48.86 -41.10 10.79
N SER D 24 -49.42 -42.08 10.09
CA SER D 24 -50.43 -42.94 10.68
C SER D 24 -49.75 -43.82 11.73
N SER D 25 -48.58 -44.36 11.36
CA SER D 25 -47.81 -45.22 12.26
C SER D 25 -47.35 -44.44 13.48
N VAL D 26 -47.09 -43.15 13.30
CA VAL D 26 -46.65 -42.33 14.42
C VAL D 26 -47.78 -42.10 15.39
N ARG D 27 -48.96 -41.78 14.86
CA ARG D 27 -50.12 -41.55 15.72
C ARG D 27 -50.31 -42.70 16.69
N ARG D 28 -50.18 -43.92 16.18
CA ARG D 28 -50.31 -45.09 17.03
C ARG D 28 -49.15 -45.12 18.02
N GLY D 29 -47.93 -45.03 17.50
CA GLY D 29 -46.76 -45.04 18.37
C GLY D 29 -46.95 -44.13 19.56
N PHE D 30 -47.65 -43.03 19.33
CA PHE D 30 -47.91 -42.08 20.38
C PHE D 30 -48.67 -42.79 21.49
N GLN D 31 -49.77 -43.42 21.12
CA GLN D 31 -50.60 -44.14 22.08
C GLN D 31 -49.75 -45.11 22.89
N VAL D 32 -48.94 -45.88 22.19
CA VAL D 32 -48.06 -46.83 22.83
C VAL D 32 -47.26 -46.11 23.92
N TYR D 33 -46.70 -44.96 23.57
CA TYR D 33 -45.94 -44.19 24.55
C TYR D 33 -46.88 -43.69 25.63
N LYS D 34 -47.94 -43.02 25.19
CA LYS D 34 -48.93 -42.44 26.08
C LYS D 34 -49.56 -43.40 27.04
N GLN D 35 -49.73 -44.66 26.64
CA GLN D 35 -50.38 -45.63 27.51
C GLN D 35 -49.49 -46.71 28.10
N VAL D 36 -48.24 -46.79 27.66
CA VAL D 36 -47.35 -47.82 28.16
C VAL D 36 -46.02 -47.36 28.71
N CYS D 37 -45.30 -46.59 27.91
CA CYS D 37 -43.97 -46.12 28.32
C CYS D 37 -44.00 -44.92 29.25
N SER D 38 -44.91 -43.99 28.98
CA SER D 38 -45.02 -42.78 29.76
C SER D 38 -45.27 -43.12 31.22
N ALA D 39 -45.31 -44.40 31.52
CA ALA D 39 -45.55 -44.84 32.88
C ALA D 39 -44.26 -44.76 33.66
N CYS D 40 -43.14 -44.85 32.94
CA CYS D 40 -41.82 -44.79 33.59
C CYS D 40 -40.90 -43.91 32.76
N HIS D 41 -41.33 -43.59 31.55
CA HIS D 41 -40.51 -42.77 30.67
C HIS D 41 -40.95 -41.34 30.40
N SER D 42 -40.06 -40.38 30.68
CA SER D 42 -40.34 -38.97 30.43
C SER D 42 -40.08 -38.62 28.98
N MET D 43 -40.66 -37.51 28.54
CA MET D 43 -40.48 -37.08 27.16
C MET D 43 -40.50 -35.57 27.27
N ASP D 44 -39.64 -35.08 28.13
CA ASP D 44 -39.58 -33.65 28.42
C ASP D 44 -39.55 -32.64 27.29
N TYR D 45 -39.11 -33.01 26.10
CA TYR D 45 -39.06 -32.03 25.01
C TYR D 45 -40.25 -31.98 24.06
N VAL D 46 -41.24 -32.85 24.23
CA VAL D 46 -42.38 -32.77 23.34
C VAL D 46 -43.56 -32.19 24.10
N ALA D 47 -44.43 -31.47 23.41
CA ALA D 47 -45.58 -30.87 24.05
C ALA D 47 -46.81 -31.24 23.24
N PHE D 48 -47.95 -31.28 23.89
CA PHE D 48 -49.20 -31.64 23.24
C PHE D 48 -49.44 -30.90 21.94
N ARG D 49 -49.05 -29.63 21.89
CA ARG D 49 -49.22 -28.84 20.68
C ARG D 49 -48.42 -29.40 19.50
N ASN D 50 -47.25 -29.98 19.80
CA ASN D 50 -46.39 -30.54 18.77
C ASN D 50 -47.11 -31.60 17.95
N LEU D 51 -48.16 -32.20 18.52
CA LEU D 51 -48.93 -33.26 17.87
C LEU D 51 -49.87 -32.72 16.79
N ILE D 52 -50.33 -31.49 17.01
CA ILE D 52 -51.25 -30.84 16.06
C ILE D 52 -50.69 -30.78 14.65
N GLY D 53 -51.48 -31.21 13.68
CA GLY D 53 -51.02 -31.18 12.30
C GLY D 53 -49.99 -32.25 11.94
N VAL D 54 -49.60 -33.07 12.92
CA VAL D 54 -48.61 -34.10 12.67
C VAL D 54 -49.28 -35.46 12.76
N THR D 55 -49.94 -35.70 13.89
CA THR D 55 -50.64 -36.95 14.11
C THR D 55 -52.05 -36.72 14.67
N HIS D 56 -52.29 -35.54 15.22
CA HIS D 56 -53.61 -35.27 15.78
C HIS D 56 -54.30 -34.00 15.33
N THR D 57 -55.59 -33.95 15.65
CA THR D 57 -56.46 -32.82 15.35
C THR D 57 -56.09 -31.81 16.40
N GLU D 58 -56.37 -30.55 16.15
CA GLU D 58 -56.08 -29.55 17.16
C GLU D 58 -57.03 -29.88 18.31
N ALA D 59 -58.23 -30.32 17.97
CA ALA D 59 -59.26 -30.69 18.95
C ALA D 59 -58.73 -31.82 19.81
N GLU D 60 -58.28 -32.88 19.14
CA GLU D 60 -57.73 -34.04 19.81
C GLU D 60 -56.61 -33.68 20.76
N ALA D 61 -55.72 -32.80 20.29
CA ALA D 61 -54.57 -32.35 21.07
C ALA D 61 -54.97 -31.69 22.38
N LYS D 62 -55.98 -30.83 22.30
CA LYS D 62 -56.47 -30.13 23.49
C LYS D 62 -57.02 -31.16 24.48
N ALA D 63 -57.82 -32.09 23.97
CA ALA D 63 -58.40 -33.16 24.80
C ALA D 63 -57.29 -33.88 25.55
N LEU D 64 -56.36 -34.44 24.79
CA LEU D 64 -55.23 -35.16 25.34
C LEU D 64 -54.53 -34.43 26.47
N ALA D 65 -54.33 -33.13 26.28
CA ALA D 65 -53.64 -32.29 27.24
C ALA D 65 -54.43 -32.07 28.52
N GLU D 66 -55.76 -32.11 28.40
CA GLU D 66 -56.63 -31.91 29.55
C GLU D 66 -56.81 -33.21 30.34
N GLU D 67 -56.43 -34.35 29.74
CA GLU D 67 -56.51 -35.63 30.41
C GLU D 67 -55.49 -35.62 31.52
N VAL D 68 -54.72 -34.54 31.59
CA VAL D 68 -53.67 -34.39 32.58
C VAL D 68 -53.82 -33.17 33.48
N GLU D 69 -53.39 -33.31 34.73
CA GLU D 69 -53.43 -32.20 35.70
C GLU D 69 -52.01 -31.69 35.85
N VAL D 70 -51.83 -30.37 35.79
CA VAL D 70 -50.49 -29.82 35.94
C VAL D 70 -50.40 -28.87 37.12
N GLN D 71 -49.21 -28.78 37.69
CA GLN D 71 -48.99 -27.92 38.82
C GLN D 71 -48.51 -26.55 38.41
N ASP D 72 -49.34 -25.56 38.63
CA ASP D 72 -48.98 -24.20 38.31
C ASP D 72 -48.80 -23.44 39.64
N GLY D 73 -48.89 -22.12 39.59
CA GLY D 73 -48.71 -21.31 40.79
C GLY D 73 -47.41 -20.53 40.73
N PRO D 74 -47.09 -19.74 41.77
CA PRO D 74 -47.89 -19.59 42.98
C PRO D 74 -49.12 -18.72 42.75
N ASP D 75 -50.14 -18.90 43.60
CA ASP D 75 -51.37 -18.12 43.52
C ASP D 75 -51.23 -16.91 44.41
N GLU D 76 -52.35 -16.40 44.90
CA GLU D 76 -52.34 -15.25 45.78
C GLU D 76 -51.44 -15.50 46.99
N ASN D 77 -51.75 -16.52 47.76
CA ASN D 77 -50.98 -16.84 48.96
C ASN D 77 -49.64 -17.47 48.68
N GLY D 78 -49.22 -17.45 47.42
CA GLY D 78 -47.94 -18.04 47.08
C GLY D 78 -48.04 -19.54 47.12
N GLU D 79 -49.27 -20.04 47.06
CA GLU D 79 -49.51 -21.47 47.10
C GLU D 79 -49.46 -22.08 45.69
N LEU D 80 -48.97 -23.31 45.60
CA LEU D 80 -48.93 -23.98 44.31
C LEU D 80 -50.32 -24.55 44.15
N PHE D 81 -50.63 -25.13 42.99
CA PHE D 81 -51.96 -25.68 42.79
C PHE D 81 -52.07 -26.42 41.47
N MET D 82 -53.11 -27.24 41.34
CA MET D 82 -53.32 -28.00 40.12
C MET D 82 -54.27 -27.27 39.18
N ARG D 83 -54.20 -27.63 37.92
CA ARG D 83 -55.04 -27.06 36.88
C ARG D 83 -55.00 -28.07 35.75
N PRO D 84 -55.98 -28.04 34.85
CA PRO D 84 -55.97 -29.00 33.73
C PRO D 84 -54.94 -28.60 32.67
N GLY D 85 -54.47 -29.58 31.89
CA GLY D 85 -53.48 -29.31 30.87
C GLY D 85 -53.90 -28.49 29.68
N LYS D 86 -52.92 -27.82 29.06
CA LYS D 86 -53.13 -26.99 27.87
C LYS D 86 -52.19 -27.55 26.80
N ILE D 87 -52.45 -27.24 25.54
CA ILE D 87 -51.59 -27.74 24.48
C ILE D 87 -50.17 -27.22 24.62
N SER D 88 -50.04 -26.11 25.34
CA SER D 88 -48.76 -25.47 25.60
C SER D 88 -47.93 -26.20 26.64
N ASP D 89 -48.50 -27.24 27.24
CA ASP D 89 -47.80 -28.01 28.26
C ASP D 89 -47.02 -29.17 27.67
N TYR D 90 -45.89 -29.46 28.30
CA TYR D 90 -45.05 -30.57 27.84
C TYR D 90 -45.53 -31.88 28.46
N PHE D 91 -45.31 -32.99 27.74
CA PHE D 91 -45.72 -34.30 28.26
C PHE D 91 -45.33 -34.41 29.72
N PRO D 92 -46.15 -35.11 30.50
CA PRO D 92 -46.00 -35.33 31.94
C PRO D 92 -44.84 -36.24 32.34
N LYS D 93 -44.14 -35.84 33.40
CA LYS D 93 -43.03 -36.62 33.93
C LYS D 93 -43.63 -37.65 34.88
N PRO D 94 -43.11 -38.87 34.87
CA PRO D 94 -43.66 -39.90 35.76
C PRO D 94 -43.10 -39.81 37.18
N TYR D 95 -41.91 -39.26 37.32
CA TYR D 95 -41.29 -39.12 38.64
C TYR D 95 -40.77 -37.71 38.83
N PRO D 96 -40.61 -37.29 40.08
CA PRO D 96 -40.10 -35.96 40.45
C PRO D 96 -38.63 -35.73 40.13
N ASN D 97 -37.84 -36.80 40.26
CA ASN D 97 -36.40 -36.76 40.02
C ASN D 97 -35.86 -38.17 39.90
N PRO D 98 -34.68 -38.35 39.25
CA PRO D 98 -34.13 -39.70 39.09
C PRO D 98 -34.16 -40.51 40.39
N GLU D 99 -33.76 -39.88 41.48
CA GLU D 99 -33.75 -40.53 42.79
C GLU D 99 -35.08 -41.25 43.00
N ALA D 100 -36.18 -40.56 42.73
CA ALA D 100 -37.51 -41.13 42.91
C ALA D 100 -37.78 -42.18 41.83
N ALA D 101 -37.38 -41.87 40.61
CA ALA D 101 -37.57 -42.77 39.49
C ALA D 101 -36.88 -44.09 39.78
N ARG D 102 -35.62 -44.03 40.20
CA ARG D 102 -34.87 -45.23 40.52
C ARG D 102 -35.57 -46.00 41.63
N ALA D 103 -35.97 -45.26 42.67
CA ALA D 103 -36.65 -45.84 43.80
C ALA D 103 -37.77 -46.78 43.38
N ALA D 104 -38.49 -46.40 42.32
CA ALA D 104 -39.58 -47.21 41.85
C ALA D 104 -39.24 -48.16 40.69
N ASN D 105 -37.96 -48.35 40.40
CA ASN D 105 -37.58 -49.23 39.31
C ASN D 105 -36.37 -50.07 39.64
N ASN D 106 -36.01 -50.06 40.92
CA ASN D 106 -34.87 -50.82 41.43
C ASN D 106 -33.54 -50.13 41.19
N GLY D 107 -33.47 -48.85 41.49
CA GLY D 107 -32.24 -48.13 41.28
C GLY D 107 -31.98 -47.93 39.80
N ALA D 108 -32.84 -48.53 38.98
CA ALA D 108 -32.75 -48.43 37.52
C ALA D 108 -33.33 -47.10 37.12
N LEU D 109 -32.76 -46.47 36.11
CA LEU D 109 -33.26 -45.17 35.70
C LEU D 109 -33.84 -45.14 34.30
N PRO D 110 -35.18 -45.23 34.18
CA PRO D 110 -35.76 -45.19 32.84
C PRO D 110 -35.50 -43.81 32.24
N PRO D 111 -34.55 -43.74 31.30
CA PRO D 111 -34.17 -42.50 30.62
C PRO D 111 -35.30 -41.81 29.85
N ASP D 112 -35.18 -40.49 29.69
CA ASP D 112 -36.18 -39.71 28.99
C ASP D 112 -36.09 -40.18 27.55
N LEU D 113 -37.24 -40.35 26.89
CA LEU D 113 -37.22 -40.84 25.53
C LEU D 113 -37.13 -39.79 24.43
N SER D 114 -37.15 -38.52 24.80
CA SER D 114 -37.10 -37.45 23.81
C SER D 114 -36.12 -37.65 22.68
N TYR D 115 -34.85 -37.88 23.01
CA TYR D 115 -33.80 -38.05 22.00
C TYR D 115 -33.22 -39.47 21.95
N ILE D 116 -33.95 -40.43 22.50
CA ILE D 116 -33.43 -41.80 22.56
C ILE D 116 -32.94 -42.43 21.25
N VAL D 117 -33.73 -42.34 20.19
CA VAL D 117 -33.30 -42.96 18.93
C VAL D 117 -31.97 -42.40 18.39
N ASN D 118 -31.60 -41.18 18.77
CA ASN D 118 -30.33 -40.62 18.30
C ASN D 118 -29.32 -40.70 19.42
N ALA D 119 -29.72 -41.26 20.55
CA ALA D 119 -28.83 -41.37 21.69
C ALA D 119 -28.22 -42.75 21.81
N ARG D 120 -28.78 -43.71 21.09
CA ARG D 120 -28.27 -45.07 21.14
C ARG D 120 -27.81 -45.45 19.73
N HIS D 121 -26.65 -46.10 19.64
CA HIS D 121 -26.17 -46.52 18.32
C HIS D 121 -27.19 -47.52 17.80
N GLY D 122 -27.74 -47.27 16.62
CA GLY D 122 -28.69 -48.22 16.09
C GLY D 122 -30.03 -47.58 15.90
N GLY D 123 -30.29 -46.52 16.65
CA GLY D 123 -31.56 -45.86 16.51
C GLY D 123 -32.72 -46.82 16.63
N GLU D 124 -33.78 -46.59 15.85
CA GLU D 124 -34.95 -47.44 15.93
C GLU D 124 -34.65 -48.91 15.70
N ASP D 125 -33.72 -49.22 14.80
CA ASP D 125 -33.37 -50.62 14.57
C ASP D 125 -32.90 -51.25 15.87
N TYR D 126 -32.29 -50.44 16.74
CA TYR D 126 -31.80 -50.92 18.02
C TYR D 126 -32.98 -51.02 18.97
N VAL D 127 -33.60 -49.88 19.26
CA VAL D 127 -34.75 -49.86 20.15
C VAL D 127 -35.75 -50.96 19.82
N PHE D 128 -35.93 -51.22 18.54
CA PHE D 128 -36.86 -52.27 18.13
C PHE D 128 -36.36 -53.64 18.55
N SER D 129 -35.17 -54.00 18.08
CA SER D 129 -34.58 -55.29 18.43
C SER D 129 -34.64 -55.54 19.93
N LEU D 130 -34.39 -54.50 20.73
CA LEU D 130 -34.42 -54.62 22.18
C LEU D 130 -35.81 -54.97 22.69
N LEU D 131 -36.80 -54.22 22.26
CA LEU D 131 -38.18 -54.45 22.69
C LEU D 131 -38.64 -55.87 22.36
N THR D 132 -38.57 -56.19 21.08
CA THR D 132 -38.95 -57.49 20.59
C THR D 132 -37.69 -58.34 20.58
N GLY D 133 -37.21 -58.71 21.76
CA GLY D 133 -36.00 -59.50 21.78
C GLY D 133 -35.58 -60.07 23.11
N TYR D 134 -36.40 -59.89 24.14
CA TYR D 134 -36.04 -60.46 25.43
C TYR D 134 -36.11 -61.97 25.28
N CYS D 135 -35.24 -62.67 26.00
CA CYS D 135 -35.21 -64.12 25.95
C CYS D 135 -34.42 -64.64 27.14
N ASP D 136 -34.27 -65.96 27.19
CA ASP D 136 -33.56 -66.61 28.30
C ASP D 136 -32.06 -66.63 28.11
N PRO D 137 -31.32 -66.49 29.22
CA PRO D 137 -29.87 -66.49 29.18
C PRO D 137 -29.33 -67.88 28.86
N PRO D 138 -28.33 -67.95 27.96
CA PRO D 138 -27.73 -69.23 27.58
C PRO D 138 -26.93 -69.83 28.73
N ALA D 139 -26.46 -71.06 28.51
CA ALA D 139 -25.70 -71.74 29.54
C ALA D 139 -24.54 -70.90 30.08
N GLY D 140 -24.36 -70.91 31.39
CA GLY D 140 -23.27 -70.16 32.00
C GLY D 140 -23.54 -68.72 32.37
N VAL D 141 -24.61 -68.15 31.84
CA VAL D 141 -24.93 -66.77 32.13
C VAL D 141 -26.01 -66.63 33.19
N VAL D 142 -25.70 -65.92 34.28
CA VAL D 142 -26.68 -65.70 35.34
C VAL D 142 -27.06 -64.22 35.44
N VAL D 143 -28.35 -63.93 35.28
CA VAL D 143 -28.85 -62.56 35.35
C VAL D 143 -29.21 -62.21 36.81
N ARG D 144 -28.53 -61.24 37.41
CA ARG D 144 -28.84 -60.92 38.81
C ARG D 144 -30.27 -60.50 39.03
N GLU D 145 -30.83 -60.88 40.19
CA GLU D 145 -32.22 -60.58 40.51
C GLU D 145 -32.61 -59.14 40.23
N GLY D 146 -33.79 -58.98 39.65
CA GLY D 146 -34.28 -57.65 39.35
C GLY D 146 -34.02 -57.29 37.91
N LEU D 147 -32.99 -57.90 37.32
CA LEU D 147 -32.62 -57.64 35.94
C LEU D 147 -33.21 -58.70 35.04
N HIS D 148 -33.44 -58.36 33.77
CA HIS D 148 -34.00 -59.29 32.81
C HIS D 148 -33.05 -59.50 31.65
N TYR D 149 -32.93 -60.72 31.15
CA TYR D 149 -32.01 -60.95 30.06
C TYR D 149 -32.53 -60.46 28.72
N ASN D 150 -31.67 -59.71 28.03
CA ASN D 150 -31.93 -59.18 26.70
C ASN D 150 -30.54 -59.18 26.06
N PRO D 151 -30.37 -59.88 24.93
CA PRO D 151 -29.05 -59.92 24.28
C PRO D 151 -28.68 -58.61 23.58
N TYR D 152 -29.68 -57.92 23.04
CA TYR D 152 -29.45 -56.67 22.33
C TYR D 152 -28.95 -55.51 23.20
N PHE D 153 -28.96 -55.71 24.50
CA PHE D 153 -28.55 -54.69 25.46
C PHE D 153 -27.16 -55.02 25.98
N PRO D 154 -26.26 -54.05 25.99
CA PRO D 154 -24.90 -54.30 26.49
C PRO D 154 -24.94 -54.82 27.93
N GLY D 155 -24.23 -55.92 28.18
CA GLY D 155 -24.24 -56.46 29.53
C GLY D 155 -25.31 -57.52 29.59
N GLN D 156 -26.17 -57.51 28.57
CA GLN D 156 -27.27 -58.45 28.40
C GLN D 156 -28.32 -58.46 29.52
N ALA D 157 -27.99 -57.83 30.64
CA ALA D 157 -28.91 -57.74 31.77
C ALA D 157 -29.43 -56.31 31.86
N ILE D 158 -30.69 -56.13 31.48
CA ILE D 158 -31.35 -54.82 31.48
C ILE D 158 -32.26 -54.73 32.69
N GLY D 159 -32.60 -53.52 33.11
CA GLY D 159 -33.47 -53.36 34.25
C GLY D 159 -34.91 -53.13 33.86
N MET D 160 -35.22 -53.30 32.58
CA MET D 160 -36.56 -53.09 32.11
C MET D 160 -37.26 -54.39 31.78
N ALA D 161 -38.45 -54.57 32.33
CA ALA D 161 -39.21 -55.77 32.05
C ALA D 161 -39.88 -55.56 30.70
N PRO D 162 -39.93 -56.61 29.87
CA PRO D 162 -40.56 -56.53 28.54
C PRO D 162 -41.83 -55.71 28.66
N PRO D 163 -41.75 -54.45 28.25
CA PRO D 163 -42.87 -53.50 28.31
C PRO D 163 -44.04 -53.81 27.43
N ILE D 164 -43.82 -54.64 26.41
CA ILE D 164 -44.93 -54.96 25.54
C ILE D 164 -45.21 -56.45 25.32
N TYR D 165 -46.49 -56.76 25.11
CA TYR D 165 -46.98 -58.12 24.84
C TYR D 165 -48.29 -57.99 24.08
N ASN D 166 -48.51 -58.85 23.10
CA ASN D 166 -49.72 -58.81 22.29
C ASN D 166 -50.95 -58.26 23.00
N GLU D 167 -51.73 -57.47 22.29
CA GLU D 167 -52.96 -56.88 22.85
C GLU D 167 -52.79 -56.07 24.15
N ILE D 168 -51.55 -55.78 24.56
CA ILE D 168 -51.31 -55.01 25.79
C ILE D 168 -52.15 -53.73 25.81
N LEU D 169 -52.68 -53.39 24.65
CA LEU D 169 -53.52 -52.23 24.47
C LEU D 169 -54.21 -52.44 23.12
N GLU D 170 -55.11 -51.52 22.75
CA GLU D 170 -55.80 -51.64 21.48
C GLU D 170 -55.78 -50.35 20.67
N TYR D 171 -55.40 -50.46 19.40
CA TYR D 171 -55.31 -49.29 18.55
C TYR D 171 -56.73 -48.92 18.15
N ASP D 172 -57.15 -47.73 18.53
CA ASP D 172 -58.49 -47.30 18.19
C ASP D 172 -58.66 -47.19 16.68
N ASP D 173 -57.58 -47.32 15.92
CA ASP D 173 -57.68 -47.24 14.47
C ASP D 173 -58.02 -48.64 13.93
N GLY D 174 -57.93 -49.62 14.82
CA GLY D 174 -58.23 -51.00 14.48
C GLY D 174 -57.07 -51.86 13.99
N THR D 175 -55.86 -51.35 14.12
CA THR D 175 -54.73 -52.13 13.67
C THR D 175 -54.48 -53.29 14.61
N PRO D 176 -54.29 -54.47 14.06
CA PRO D 176 -54.04 -55.61 14.95
C PRO D 176 -52.81 -55.37 15.85
N ALA D 177 -53.06 -55.17 17.14
CA ALA D 177 -52.02 -54.92 18.13
C ALA D 177 -51.11 -56.12 18.53
N THR D 178 -50.42 -56.69 17.54
CA THR D 178 -49.49 -57.79 17.84
C THR D 178 -48.34 -57.10 18.51
N MET D 179 -47.43 -57.85 19.11
CA MET D 179 -46.32 -57.20 19.80
C MET D 179 -45.43 -56.40 18.85
N SER D 180 -44.92 -57.06 17.82
CA SER D 180 -44.05 -56.35 16.90
C SER D 180 -44.77 -55.19 16.22
N GLN D 181 -46.07 -55.29 16.00
CA GLN D 181 -46.82 -54.20 15.38
C GLN D 181 -46.72 -52.99 16.30
N ILE D 182 -46.66 -53.24 17.61
CA ILE D 182 -46.54 -52.18 18.60
C ILE D 182 -45.11 -51.61 18.60
N ALA D 183 -44.12 -52.46 18.88
CA ALA D 183 -42.72 -52.02 18.89
C ALA D 183 -42.39 -51.23 17.61
N LYS D 184 -42.94 -51.67 16.48
CA LYS D 184 -42.70 -50.98 15.23
C LYS D 184 -43.27 -49.57 15.33
N ASP D 185 -44.57 -49.46 15.61
CA ASP D 185 -45.20 -48.15 15.73
C ASP D 185 -44.55 -47.18 16.75
N VAL D 186 -44.19 -47.66 17.93
CA VAL D 186 -43.60 -46.77 18.91
C VAL D 186 -42.25 -46.29 18.41
N CYS D 187 -41.49 -47.17 17.76
CA CYS D 187 -40.20 -46.76 17.24
C CYS D 187 -40.42 -45.65 16.19
N THR D 188 -41.40 -45.82 15.33
CA THR D 188 -41.69 -44.80 14.32
C THR D 188 -41.98 -43.50 15.04
N PHE D 189 -42.65 -43.60 16.20
CA PHE D 189 -42.96 -42.44 17.01
C PHE D 189 -41.66 -41.83 17.61
N LEU D 190 -40.84 -42.68 18.23
CA LEU D 190 -39.58 -42.23 18.84
C LEU D 190 -38.70 -41.44 17.87
N ARG D 191 -38.75 -41.80 16.59
CA ARG D 191 -38.00 -41.13 15.56
C ARG D 191 -38.54 -39.73 15.46
N TRP D 192 -39.83 -39.62 15.16
CA TRP D 192 -40.44 -38.31 15.08
C TRP D 192 -40.08 -37.45 16.30
N ALA D 193 -40.38 -37.96 17.49
CA ALA D 193 -40.12 -37.22 18.73
C ALA D 193 -38.72 -36.62 18.82
N ALA D 194 -37.73 -37.30 18.26
CA ALA D 194 -36.37 -36.83 18.31
C ALA D 194 -36.10 -35.76 17.24
N GLU D 195 -36.68 -35.93 16.05
CA GLU D 195 -36.45 -34.94 14.99
C GLU D 195 -37.69 -34.60 14.18
N PRO D 196 -38.61 -33.88 14.82
CA PRO D 196 -39.87 -33.41 14.25
C PRO D 196 -39.68 -32.88 12.85
N GLU D 197 -38.52 -32.29 12.61
CA GLU D 197 -38.24 -31.72 11.31
C GLU D 197 -38.05 -32.79 10.23
N HIS D 198 -37.76 -34.02 10.65
CA HIS D 198 -37.52 -35.13 9.72
C HIS D 198 -38.05 -34.89 8.32
N ASP D 199 -39.37 -34.83 8.24
CA ASP D 199 -40.05 -34.64 6.98
C ASP D 199 -39.63 -33.39 6.17
N GLN D 200 -39.85 -32.20 6.73
CA GLN D 200 -39.49 -30.97 6.02
C GLN D 200 -38.02 -31.00 5.62
N ARG D 201 -37.20 -31.57 6.49
CA ARG D 201 -35.76 -31.64 6.21
C ARG D 201 -35.43 -32.48 4.98
N LYS D 202 -36.22 -33.51 4.73
CA LYS D 202 -35.99 -34.34 3.57
C LYS D 202 -36.61 -33.71 2.33
N ARG D 203 -37.73 -33.01 2.52
CA ARG D 203 -38.38 -32.35 1.39
C ARG D 203 -37.40 -31.29 0.93
N MET D 204 -36.69 -30.71 1.88
CA MET D 204 -35.68 -29.68 1.58
C MET D 204 -34.51 -30.33 0.86
N GLY D 205 -34.01 -31.43 1.41
CA GLY D 205 -32.91 -32.11 0.78
C GLY D 205 -33.16 -32.29 -0.71
N LEU D 206 -34.42 -32.56 -1.06
CA LEU D 206 -34.80 -32.75 -2.47
C LEU D 206 -34.60 -31.46 -3.24
N LYS D 207 -35.34 -30.42 -2.87
CA LYS D 207 -35.22 -29.14 -3.56
C LYS D 207 -33.75 -28.78 -3.69
N MET D 208 -32.96 -29.13 -2.68
CA MET D 208 -31.53 -28.82 -2.69
C MET D 208 -30.80 -29.51 -3.82
N LEU D 209 -31.07 -30.79 -4.04
CA LEU D 209 -30.39 -31.50 -5.11
C LEU D 209 -30.76 -30.97 -6.48
N LEU D 210 -32.06 -30.80 -6.72
CA LEU D 210 -32.52 -30.28 -8.01
C LEU D 210 -31.86 -28.95 -8.33
N ILE D 211 -31.97 -28.00 -7.41
CA ILE D 211 -31.35 -26.72 -7.65
C ILE D 211 -29.86 -26.91 -7.82
N SER D 212 -29.26 -27.58 -6.84
CA SER D 212 -27.82 -27.85 -6.89
C SER D 212 -27.41 -28.41 -8.24
N ALA D 213 -28.12 -29.42 -8.73
CA ALA D 213 -27.80 -30.02 -10.02
C ALA D 213 -27.85 -28.96 -11.12
N LEU D 214 -29.00 -28.31 -11.21
CA LEU D 214 -29.21 -27.27 -12.19
C LEU D 214 -28.09 -26.21 -12.16
N LEU D 215 -27.82 -25.67 -10.97
CA LEU D 215 -26.80 -24.64 -10.81
C LEU D 215 -25.37 -25.09 -11.10
N THR D 216 -24.94 -26.22 -10.56
CA THR D 216 -23.58 -26.69 -10.83
C THR D 216 -23.38 -26.82 -12.33
N SER D 217 -24.40 -27.34 -13.03
CA SER D 217 -24.32 -27.49 -14.49
C SER D 217 -24.04 -26.12 -15.14
N LEU D 218 -24.97 -25.20 -14.96
CA LEU D 218 -24.79 -23.88 -15.52
C LEU D 218 -23.39 -23.31 -15.23
N LEU D 219 -23.01 -23.21 -13.96
CA LEU D 219 -21.72 -22.66 -13.59
C LEU D 219 -20.54 -23.36 -14.25
N TYR D 220 -20.67 -24.67 -14.49
CA TYR D 220 -19.58 -25.39 -15.13
C TYR D 220 -19.43 -24.83 -16.55
N TYR D 221 -20.56 -24.66 -17.23
CA TYR D 221 -20.57 -24.09 -18.58
C TYR D 221 -19.90 -22.73 -18.57
N MET D 222 -20.38 -21.87 -17.68
CA MET D 222 -19.85 -20.52 -17.58
C MET D 222 -18.36 -20.50 -17.32
N LYS D 223 -17.89 -21.39 -16.45
CA LYS D 223 -16.48 -21.45 -16.15
C LYS D 223 -15.75 -21.84 -17.42
N ARG D 224 -16.25 -22.88 -18.09
CA ARG D 224 -15.64 -23.39 -19.32
C ARG D 224 -15.64 -22.38 -20.45
N HIS D 225 -16.75 -21.65 -20.54
CA HIS D 225 -16.95 -20.62 -21.55
C HIS D 225 -15.92 -19.53 -21.50
N LYS D 226 -15.63 -19.05 -20.29
CA LYS D 226 -14.62 -18.01 -20.10
C LYS D 226 -13.21 -18.57 -20.36
N TRP D 227 -12.88 -19.67 -19.68
CA TRP D 227 -11.56 -20.26 -19.84
C TRP D 227 -11.29 -20.72 -21.27
N SER D 228 -12.35 -20.93 -22.06
CA SER D 228 -12.19 -21.36 -23.44
C SER D 228 -11.09 -20.55 -24.16
N VAL D 229 -11.01 -19.26 -23.84
CA VAL D 229 -10.02 -18.36 -24.41
C VAL D 229 -8.59 -18.81 -24.16
N LEU D 230 -8.35 -19.45 -23.02
CA LEU D 230 -7.01 -19.95 -22.67
C LEU D 230 -6.85 -21.37 -23.09
N LYS D 231 -7.93 -22.13 -22.99
CA LYS D 231 -7.89 -23.52 -23.36
C LYS D 231 -7.55 -23.73 -24.84
N SER D 232 -8.25 -23.02 -25.72
CA SER D 232 -8.03 -23.13 -27.17
C SER D 232 -6.70 -22.51 -27.60
N ARG D 233 -6.39 -21.37 -26.98
CA ARG D 233 -5.18 -20.58 -27.21
C ARG D 233 -3.96 -21.29 -27.76
N LYS D 234 -3.33 -20.69 -28.77
CA LYS D 234 -2.12 -21.25 -29.39
C LYS D 234 -0.99 -20.21 -29.35
N MET D 235 0.26 -20.68 -29.30
CA MET D 235 1.40 -19.77 -29.27
C MET D 235 2.65 -20.33 -29.97
N ALA D 236 3.41 -19.43 -30.58
CA ALA D 236 4.63 -19.77 -31.30
C ALA D 236 5.78 -18.86 -30.90
N TYR D 237 7.00 -19.41 -30.92
CA TYR D 237 8.21 -18.65 -30.60
C TYR D 237 8.85 -18.25 -31.92
N ARG D 238 8.97 -16.95 -32.15
CA ARG D 238 9.54 -16.47 -33.40
C ARG D 238 10.78 -15.60 -33.32
N PRO D 239 11.91 -16.16 -32.88
CA PRO D 239 13.11 -15.32 -32.82
C PRO D 239 13.36 -14.66 -34.16
N PRO D 240 14.14 -13.57 -34.19
CA PRO D 240 14.39 -12.90 -35.47
C PRO D 240 15.55 -13.52 -36.25
N LYS D 241 15.90 -14.76 -35.90
CA LYS D 241 16.99 -15.49 -36.57
C LYS D 241 17.54 -14.83 -37.87
N VAL E 1 9.77 -12.33 -41.00
CA VAL E 1 8.99 -11.05 -41.00
C VAL E 1 7.50 -11.28 -40.71
N HIS E 2 6.83 -10.24 -40.27
CA HIS E 2 5.42 -10.34 -39.92
C HIS E 2 4.53 -10.79 -41.07
N ASN E 3 5.05 -10.71 -42.29
CA ASN E 3 4.25 -11.12 -43.45
C ASN E 3 4.08 -12.63 -43.48
N ASP E 4 5.08 -13.31 -42.92
CA ASP E 4 5.11 -14.77 -42.86
C ASP E 4 4.25 -15.34 -41.73
N VAL E 5 3.66 -14.47 -40.91
CA VAL E 5 2.83 -14.90 -39.78
C VAL E 5 1.36 -15.11 -40.18
N THR E 6 0.79 -16.20 -39.71
CA THR E 6 -0.61 -16.54 -39.99
C THR E 6 -1.33 -17.15 -38.78
N VAL E 7 -2.56 -16.70 -38.56
CA VAL E 7 -3.38 -17.17 -37.46
C VAL E 7 -3.76 -18.64 -37.66
N PRO E 8 -3.31 -19.52 -36.77
CA PRO E 8 -3.60 -20.95 -36.87
C PRO E 8 -5.05 -21.31 -37.13
N ASP E 9 -5.28 -22.59 -37.42
CA ASP E 9 -6.60 -23.08 -37.71
C ASP E 9 -7.37 -23.42 -36.43
N PHE E 10 -8.52 -22.77 -36.23
CA PHE E 10 -9.31 -23.04 -35.04
C PHE E 10 -10.54 -23.89 -35.29
N SER E 11 -10.46 -24.73 -36.32
CA SER E 11 -11.58 -25.58 -36.67
C SER E 11 -11.89 -26.45 -35.49
N ALA E 12 -10.84 -27.05 -34.95
CA ALA E 12 -10.99 -27.95 -33.82
C ALA E 12 -11.83 -27.38 -32.68
N TYR E 13 -11.94 -26.05 -32.61
CA TYR E 13 -12.67 -25.37 -31.52
C TYR E 13 -13.84 -24.46 -31.89
N ARG E 14 -13.89 -24.03 -33.14
CA ARG E 14 -14.97 -23.13 -33.56
C ARG E 14 -16.34 -23.72 -33.39
N ARG E 15 -17.33 -22.85 -33.21
CA ARG E 15 -18.70 -23.32 -33.09
C ARG E 15 -19.15 -23.73 -34.48
N GLU E 16 -20.29 -24.38 -34.56
CA GLU E 16 -20.84 -24.85 -35.83
C GLU E 16 -20.93 -23.73 -36.87
N ASP E 17 -21.71 -22.72 -36.53
CA ASP E 17 -21.97 -21.59 -37.41
C ASP E 17 -20.81 -20.78 -37.93
N VAL E 18 -19.83 -20.46 -37.09
CA VAL E 18 -18.71 -19.68 -37.56
C VAL E 18 -17.56 -20.56 -38.06
N MET E 19 -17.89 -21.73 -38.59
CA MET E 19 -16.88 -22.65 -39.07
C MET E 19 -16.47 -22.46 -40.53
N ASP E 20 -17.40 -21.94 -41.34
CA ASP E 20 -17.17 -21.71 -42.78
C ASP E 20 -16.57 -20.33 -43.02
N ALA E 21 -15.30 -20.35 -43.41
CA ALA E 21 -14.54 -19.13 -43.66
C ALA E 21 -15.14 -18.22 -44.72
N THR E 22 -16.30 -18.58 -45.23
CA THR E 22 -16.94 -17.79 -46.28
C THR E 22 -18.38 -17.38 -45.96
N THR E 23 -18.73 -17.44 -44.67
CA THR E 23 -20.06 -17.08 -44.20
C THR E 23 -20.00 -16.07 -43.05
N SER E 24 -20.69 -14.95 -43.22
CA SER E 24 -20.74 -13.89 -42.22
C SER E 24 -21.05 -14.42 -40.83
N SER E 25 -20.07 -14.38 -39.94
CA SER E 25 -20.27 -14.86 -38.59
C SER E 25 -21.31 -13.98 -37.89
N GLN E 26 -21.58 -12.82 -38.49
CA GLN E 26 -22.54 -11.89 -37.90
C GLN E 26 -23.99 -12.34 -37.88
N THR E 27 -24.32 -13.37 -38.64
CA THR E 27 -25.70 -13.83 -38.64
C THR E 27 -25.97 -14.77 -37.44
N SER E 28 -25.05 -15.67 -37.19
CA SER E 28 -25.19 -16.58 -36.06
C SER E 28 -24.73 -15.91 -34.77
N SER E 29 -24.30 -14.66 -34.89
CA SER E 29 -23.80 -13.88 -33.77
C SER E 29 -24.80 -13.75 -32.63
N GLU E 30 -25.98 -13.20 -32.92
CA GLU E 30 -27.02 -13.02 -31.90
C GLU E 30 -27.43 -14.35 -31.30
N ASP E 31 -27.29 -15.40 -32.09
CA ASP E 31 -27.62 -16.76 -31.68
C ASP E 31 -26.60 -17.25 -30.66
N ARG E 32 -25.33 -17.17 -31.02
CA ARG E 32 -24.25 -17.63 -30.16
C ARG E 32 -24.17 -16.94 -28.79
N LYS E 33 -24.47 -15.65 -28.74
CA LYS E 33 -24.43 -14.91 -27.47
C LYS E 33 -25.70 -15.12 -26.68
N GLY E 34 -26.82 -15.18 -27.38
CA GLY E 34 -28.10 -15.38 -26.72
C GLY E 34 -28.10 -16.68 -25.96
N PHE E 35 -27.39 -17.67 -26.48
CA PHE E 35 -27.33 -18.96 -25.81
C PHE E 35 -26.52 -18.91 -24.52
N SER E 36 -25.28 -18.43 -24.62
CA SER E 36 -24.42 -18.33 -23.46
C SER E 36 -25.05 -17.39 -22.44
N TYR E 37 -25.61 -16.29 -22.90
CA TYR E 37 -26.24 -15.36 -21.96
C TYR E 37 -27.46 -15.96 -21.27
N LEU E 38 -28.11 -16.90 -21.96
CA LEU E 38 -29.28 -17.59 -21.45
C LEU E 38 -28.84 -18.46 -20.29
N VAL E 39 -27.73 -19.19 -20.49
CA VAL E 39 -27.19 -20.04 -19.44
C VAL E 39 -26.94 -19.17 -18.19
N THR E 40 -26.16 -18.10 -18.36
CA THR E 40 -25.84 -17.16 -17.28
C THR E 40 -27.10 -16.63 -16.58
N ALA E 41 -28.01 -16.08 -17.37
CA ALA E 41 -29.25 -15.55 -16.86
C ALA E 41 -29.95 -16.62 -16.06
N THR E 42 -29.87 -17.84 -16.54
CA THR E 42 -30.52 -18.95 -15.84
C THR E 42 -29.85 -19.16 -14.51
N ALA E 43 -28.52 -19.24 -14.53
CA ALA E 43 -27.74 -19.43 -13.33
C ALA E 43 -28.10 -18.37 -12.28
N CYS E 44 -28.35 -17.16 -12.76
CA CYS E 44 -28.74 -16.06 -11.88
C CYS E 44 -30.08 -16.35 -11.22
N VAL E 45 -31.05 -16.78 -12.03
CA VAL E 45 -32.35 -17.12 -11.50
C VAL E 45 -32.22 -18.26 -10.47
N ALA E 46 -31.44 -19.30 -10.80
CA ALA E 46 -31.22 -20.43 -9.88
C ALA E 46 -30.65 -19.89 -8.57
N THR E 47 -29.69 -18.99 -8.68
CA THR E 47 -29.06 -18.41 -7.51
C THR E 47 -30.07 -17.57 -6.73
N ALA E 48 -30.73 -16.66 -7.44
CA ALA E 48 -31.74 -15.79 -6.83
C ALA E 48 -32.70 -16.63 -5.98
N TYR E 49 -33.06 -17.80 -6.48
CA TYR E 49 -33.97 -18.71 -5.78
C TYR E 49 -33.35 -19.13 -4.46
N ALA E 50 -32.25 -19.85 -4.56
CA ALA E 50 -31.52 -20.32 -3.39
C ALA E 50 -31.30 -19.19 -2.37
N ALA E 51 -30.69 -18.12 -2.83
CA ALA E 51 -30.39 -17.00 -1.96
C ALA E 51 -31.62 -16.48 -1.21
N LYS E 52 -32.68 -16.21 -1.96
CA LYS E 52 -33.91 -15.70 -1.36
C LYS E 52 -34.36 -16.62 -0.23
N ASN E 53 -34.47 -17.91 -0.49
CA ASN E 53 -34.91 -18.84 0.55
C ASN E 53 -33.99 -18.87 1.78
N VAL E 54 -32.68 -18.98 1.59
CA VAL E 54 -31.80 -18.99 2.75
C VAL E 54 -31.99 -17.74 3.58
N VAL E 55 -31.95 -16.58 2.93
CA VAL E 55 -32.13 -15.33 3.64
C VAL E 55 -33.47 -15.35 4.37
N THR E 56 -34.50 -15.84 3.68
CA THR E 56 -35.84 -15.96 4.24
C THR E 56 -35.72 -16.74 5.54
N GLN E 57 -35.26 -17.99 5.41
CA GLN E 57 -35.11 -18.90 6.53
C GLN E 57 -34.37 -18.26 7.68
N PHE E 58 -33.17 -17.78 7.43
CA PHE E 58 -32.38 -17.17 8.48
C PHE E 58 -33.10 -15.98 9.14
N ILE E 59 -33.63 -15.08 8.31
CA ILE E 59 -34.36 -13.91 8.80
C ILE E 59 -35.53 -14.28 9.69
N SER E 60 -36.25 -15.32 9.32
CA SER E 60 -37.36 -15.71 10.16
C SER E 60 -36.84 -16.37 11.44
N SER E 61 -35.60 -16.83 11.44
CA SER E 61 -35.07 -17.44 12.65
C SER E 61 -35.25 -16.49 13.82
N LEU E 62 -35.08 -15.20 13.56
CA LEU E 62 -35.17 -14.17 14.59
C LEU E 62 -36.55 -13.83 15.13
N SER E 63 -37.59 -14.24 14.41
CA SER E 63 -38.96 -13.96 14.86
C SER E 63 -39.42 -14.99 15.90
N ALA E 64 -40.55 -14.69 16.53
CA ALA E 64 -41.09 -15.55 17.59
C ALA E 64 -40.98 -17.02 17.29
N SER E 65 -40.48 -17.76 18.27
CA SER E 65 -40.33 -19.20 18.14
C SER E 65 -41.63 -19.90 18.54
N ALA E 66 -41.79 -21.15 18.09
CA ALA E 66 -42.98 -21.96 18.36
C ALA E 66 -43.55 -21.84 19.77
N ASP E 67 -42.67 -21.92 20.78
CA ASP E 67 -43.06 -21.83 22.18
C ASP E 67 -43.64 -20.47 22.51
N VAL E 68 -42.97 -19.40 22.10
CA VAL E 68 -43.46 -18.06 22.35
C VAL E 68 -44.77 -17.80 21.62
N LEU E 69 -44.99 -18.49 20.51
CA LEU E 69 -46.22 -18.32 19.75
C LEU E 69 -47.37 -19.10 20.36
N ALA E 70 -47.05 -20.15 21.09
CA ALA E 70 -48.10 -20.95 21.71
C ALA E 70 -48.77 -20.16 22.82
N LEU E 71 -48.06 -19.18 23.38
CA LEU E 71 -48.61 -18.32 24.44
C LEU E 71 -49.15 -17.04 23.82
N SER E 72 -49.04 -16.97 22.50
CA SER E 72 -49.50 -15.84 21.69
C SER E 72 -50.93 -15.41 21.97
N LYS E 73 -51.81 -16.40 22.10
CA LYS E 73 -53.21 -16.09 22.32
C LYS E 73 -53.89 -16.92 23.40
N ILE E 74 -54.99 -16.37 23.90
CA ILE E 74 -55.79 -17.01 24.93
C ILE E 74 -57.26 -16.97 24.48
N GLU E 75 -58.00 -18.02 24.83
CA GLU E 75 -59.42 -18.11 24.48
C GLU E 75 -60.24 -18.32 25.75
N ILE E 76 -61.23 -17.44 25.95
CA ILE E 76 -62.10 -17.51 27.12
C ILE E 76 -63.54 -17.87 26.76
N LYS E 77 -64.17 -18.69 27.59
CA LYS E 77 -65.55 -19.10 27.35
C LYS E 77 -66.52 -18.08 27.95
N LEU E 78 -67.22 -17.35 27.08
CA LEU E 78 -68.21 -16.33 27.46
C LEU E 78 -69.36 -16.97 28.21
N SER E 79 -69.65 -18.20 27.81
CA SER E 79 -70.71 -19.04 28.38
C SER E 79 -70.32 -19.69 29.72
N ASP E 80 -69.59 -18.95 30.54
CA ASP E 80 -69.19 -19.43 31.85
C ASP E 80 -68.73 -18.30 32.76
N ILE E 81 -68.94 -17.07 32.31
CA ILE E 81 -68.60 -15.88 33.08
C ILE E 81 -69.92 -15.26 33.54
N PRO E 82 -70.31 -15.48 34.81
CA PRO E 82 -71.56 -14.96 35.38
C PRO E 82 -71.76 -13.45 35.24
N GLU E 83 -73.01 -13.04 35.39
CA GLU E 83 -73.40 -11.64 35.27
C GLU E 83 -72.82 -10.74 36.36
N GLY E 84 -72.30 -9.58 35.95
CA GLY E 84 -71.74 -8.62 36.88
C GLY E 84 -70.35 -8.95 37.39
N LYS E 85 -70.16 -10.23 37.70
CA LYS E 85 -68.89 -10.73 38.23
C LYS E 85 -67.75 -10.65 37.21
N ASN E 86 -66.62 -10.10 37.68
CA ASN E 86 -65.44 -9.93 36.86
C ASN E 86 -64.46 -11.08 37.07
N VAL E 87 -63.79 -11.49 35.99
CA VAL E 87 -62.82 -12.57 36.06
C VAL E 87 -61.56 -12.19 35.29
N ALA E 88 -60.40 -12.44 35.91
CA ALA E 88 -59.13 -12.11 35.28
C ALA E 88 -58.27 -13.34 35.00
N PHE E 89 -57.79 -13.43 33.77
CA PHE E 89 -56.94 -14.54 33.33
C PHE E 89 -55.58 -13.94 33.01
N LYS E 90 -54.56 -14.78 32.88
CA LYS E 90 -53.23 -14.28 32.55
C LYS E 90 -53.06 -14.29 31.04
N TRP E 91 -52.63 -13.16 30.48
CA TRP E 91 -52.40 -13.06 29.04
C TRP E 91 -51.12 -12.29 28.75
N ARG E 92 -50.20 -12.95 28.05
CA ARG E 92 -48.92 -12.34 27.72
C ARG E 92 -48.28 -11.71 28.96
N GLY E 93 -48.22 -12.51 30.04
CA GLY E 93 -47.61 -12.08 31.29
C GLY E 93 -48.35 -11.06 32.12
N LYS E 94 -49.21 -10.28 31.47
CA LYS E 94 -49.98 -9.26 32.15
C LYS E 94 -51.41 -9.76 32.32
N PRO E 95 -52.17 -9.19 33.28
CA PRO E 95 -53.56 -9.62 33.49
C PRO E 95 -54.50 -9.27 32.32
N LEU E 96 -55.58 -10.05 32.19
CA LEU E 96 -56.58 -9.83 31.15
C LEU E 96 -57.98 -9.82 31.77
N PHE E 97 -58.62 -8.65 31.73
CA PHE E 97 -59.96 -8.50 32.30
C PHE E 97 -61.09 -8.74 31.28
N VAL E 98 -61.94 -9.71 31.61
CA VAL E 98 -63.10 -10.06 30.78
C VAL E 98 -64.31 -10.15 31.72
N ARG E 99 -65.03 -9.03 31.87
CA ARG E 99 -66.20 -8.98 32.75
C ARG E 99 -67.52 -9.11 32.00
N HIS E 100 -68.52 -9.67 32.68
CA HIS E 100 -69.86 -9.86 32.11
C HIS E 100 -70.79 -8.82 32.75
N ARG E 101 -71.02 -7.72 32.03
CA ARG E 101 -71.88 -6.63 32.50
C ARG E 101 -73.33 -7.07 32.66
N THR E 102 -73.87 -6.90 33.88
CA THR E 102 -75.26 -7.27 34.19
C THR E 102 -76.31 -6.51 33.38
N GLN E 103 -76.79 -5.41 33.96
CA GLN E 103 -77.80 -4.58 33.31
C GLN E 103 -77.55 -3.12 33.71
N ALA E 104 -77.03 -2.94 34.92
CA ALA E 104 -76.74 -1.62 35.46
C ALA E 104 -75.26 -1.25 35.30
N GLU E 105 -74.68 -1.59 34.16
CA GLU E 105 -73.28 -1.30 33.84
C GLU E 105 -73.19 -0.69 32.43
N ILE E 106 -74.28 -0.81 31.67
CA ILE E 106 -74.39 -0.25 30.31
C ILE E 106 -75.30 0.99 30.41
N ASN E 107 -75.88 1.17 31.59
CA ASN E 107 -76.78 2.29 31.88
C ASN E 107 -76.22 3.14 33.03
N GLN E 108 -75.75 2.47 34.09
CA GLN E 108 -75.18 3.16 35.24
C GLN E 108 -73.79 3.70 34.93
N GLU E 109 -73.01 2.95 34.16
CA GLU E 109 -71.67 3.35 33.76
C GLU E 109 -71.43 3.18 32.26
N ALA E 110 -72.32 3.80 31.48
CA ALA E 110 -72.28 3.79 30.03
C ALA E 110 -73.22 4.92 29.59
N GLU E 111 -73.61 5.71 30.59
CA GLU E 111 -74.47 6.87 30.42
C GLU E 111 -73.75 8.08 30.98
N VAL E 112 -72.63 7.84 31.67
CA VAL E 112 -71.85 8.91 32.28
C VAL E 112 -71.79 10.16 31.41
N ASP E 113 -72.11 11.29 32.03
CA ASP E 113 -72.12 12.58 31.32
C ASP E 113 -70.84 13.40 31.58
N VAL E 114 -69.70 12.83 31.21
CA VAL E 114 -68.42 13.52 31.37
C VAL E 114 -68.09 14.29 30.08
N SER E 115 -68.25 15.61 30.15
CA SER E 115 -68.00 16.50 29.02
C SER E 115 -66.59 16.29 28.45
N LYS E 116 -65.63 17.05 28.97
CA LYS E 116 -64.24 16.95 28.52
C LYS E 116 -63.67 15.64 29.07
N LEU E 117 -63.51 14.63 28.21
CA LEU E 117 -62.98 13.33 28.61
C LEU E 117 -61.48 13.24 28.31
N ARG E 118 -60.69 12.84 29.32
CA ARG E 118 -59.24 12.74 29.19
C ARG E 118 -58.78 11.87 28.01
N ASP E 119 -59.29 10.64 27.95
CA ASP E 119 -58.95 9.72 26.87
C ASP E 119 -60.20 9.57 26.00
N PRO E 120 -60.12 9.93 24.71
CA PRO E 120 -61.25 9.83 23.77
C PRO E 120 -61.91 8.45 23.64
N GLN E 121 -62.62 8.02 24.69
CA GLN E 121 -63.28 6.71 24.71
C GLN E 121 -64.75 6.71 24.30
N HIS E 122 -65.00 6.27 23.07
CA HIS E 122 -66.33 6.17 22.48
C HIS E 122 -66.46 4.68 22.08
N ASP E 123 -67.26 3.91 22.82
CA ASP E 123 -67.44 2.49 22.57
C ASP E 123 -67.65 2.07 21.11
N LEU E 124 -68.53 2.77 20.39
CA LEU E 124 -68.84 2.47 18.99
C LEU E 124 -67.61 2.51 18.07
N ASP E 125 -66.56 3.19 18.52
CA ASP E 125 -65.31 3.31 17.75
C ASP E 125 -64.45 2.06 17.85
N ARG E 126 -64.18 1.63 19.07
CA ARG E 126 -63.35 0.45 19.31
C ARG E 126 -63.77 -0.42 20.52
N VAL E 127 -64.81 -1.23 20.31
CA VAL E 127 -65.36 -2.16 21.31
C VAL E 127 -66.20 -3.19 20.51
N LYS E 128 -67.23 -3.76 21.14
CA LYS E 128 -68.10 -4.73 20.49
C LYS E 128 -69.18 -5.22 21.46
N LYS E 129 -69.19 -6.52 21.72
CA LYS E 129 -70.17 -7.14 22.61
C LYS E 129 -70.64 -6.25 23.78
N PRO E 130 -71.96 -6.29 24.06
CA PRO E 130 -72.67 -5.55 25.11
C PRO E 130 -72.36 -5.93 26.56
N GLU E 131 -72.90 -7.06 27.01
CA GLU E 131 -72.66 -7.50 28.37
C GLU E 131 -71.21 -7.95 28.52
N TRP E 132 -70.43 -7.80 27.44
CA TRP E 132 -69.01 -8.18 27.42
C TRP E 132 -68.03 -7.01 27.30
N VAL E 133 -67.15 -6.90 28.29
CA VAL E 133 -66.12 -5.86 28.34
C VAL E 133 -64.75 -6.53 28.51
N ILE E 134 -63.89 -6.39 27.50
CA ILE E 134 -62.56 -6.98 27.57
C ILE E 134 -61.47 -5.92 27.66
N LEU E 135 -60.64 -6.04 28.71
CA LEU E 135 -59.57 -5.08 28.95
C LEU E 135 -58.20 -5.73 29.17
N VAL E 136 -57.19 -4.88 29.36
CA VAL E 136 -55.83 -5.30 29.63
C VAL E 136 -55.54 -4.83 31.04
N GLY E 137 -55.64 -5.74 31.99
CA GLY E 137 -55.42 -5.42 33.38
C GLY E 137 -54.13 -4.73 33.76
N VAL E 138 -53.91 -3.55 33.20
CA VAL E 138 -52.70 -2.77 33.50
C VAL E 138 -52.98 -1.28 33.47
N CYS E 139 -52.92 -0.66 34.64
CA CYS E 139 -53.14 0.76 34.77
C CYS E 139 -52.10 1.41 33.85
N THR E 140 -52.52 2.42 33.08
CA THR E 140 -51.62 3.10 32.15
C THR E 140 -50.74 4.18 32.80
N HIS E 141 -50.74 4.24 34.13
CA HIS E 141 -49.92 5.21 34.85
C HIS E 141 -48.51 4.66 35.03
N LEU E 142 -48.37 3.72 35.97
CA LEU E 142 -47.09 3.08 36.23
C LEU E 142 -47.26 1.55 36.13
N GLY E 143 -47.94 1.14 35.08
CA GLY E 143 -48.17 -0.27 34.81
C GLY E 143 -48.58 -1.16 35.96
N CYS E 144 -49.36 -0.63 36.90
CA CYS E 144 -49.84 -1.42 38.02
C CYS E 144 -51.04 -2.23 37.53
N VAL E 145 -51.60 -3.08 38.39
CA VAL E 145 -52.75 -3.90 38.02
C VAL E 145 -54.01 -3.55 38.85
N PRO E 146 -55.00 -2.87 38.22
CA PRO E 146 -56.26 -2.49 38.89
C PRO E 146 -56.95 -3.63 39.64
N ILE E 147 -58.08 -3.33 40.27
CA ILE E 147 -58.86 -4.31 41.03
C ILE E 147 -60.32 -4.33 40.58
N ALA E 148 -60.96 -5.50 40.62
CA ALA E 148 -62.36 -5.64 40.20
C ALA E 148 -63.39 -5.27 41.28
N ASN E 149 -63.06 -5.55 42.53
CA ASN E 149 -63.94 -5.26 43.68
C ASN E 149 -64.33 -3.79 43.79
N SER E 150 -63.57 -3.06 44.62
CA SER E 150 -63.81 -1.65 44.88
C SER E 150 -64.18 -0.82 43.65
N GLY E 151 -63.22 -0.05 43.14
CA GLY E 151 -63.51 0.79 42.00
C GLY E 151 -64.51 1.82 42.46
N ASP E 152 -64.04 3.05 42.64
CA ASP E 152 -64.90 4.15 43.10
C ASP E 152 -66.15 4.24 42.22
N PHE E 153 -65.96 3.97 40.94
CA PHE E 153 -67.01 4.00 39.93
C PHE E 153 -67.42 2.58 39.53
N GLY E 154 -67.50 1.70 40.53
CA GLY E 154 -67.89 0.31 40.31
C GLY E 154 -67.03 -0.52 39.37
N GLY E 155 -66.18 0.16 38.60
CA GLY E 155 -65.32 -0.55 37.66
C GLY E 155 -64.10 -1.18 38.32
N TYR E 156 -62.95 -0.51 38.18
CA TYR E 156 -61.70 -1.00 38.75
C TYR E 156 -60.97 0.07 39.54
N TYR E 157 -60.09 -0.36 40.42
CA TYR E 157 -59.31 0.57 41.25
C TYR E 157 -57.85 0.16 41.34
N CYS E 158 -56.95 1.04 40.90
CA CYS E 158 -55.52 0.78 40.98
C CYS E 158 -55.01 1.29 42.32
N PRO E 159 -54.94 0.41 43.33
CA PRO E 159 -54.48 0.77 44.67
C PRO E 159 -53.12 1.46 44.73
N CYS E 160 -52.46 1.58 43.59
CA CYS E 160 -51.13 2.20 43.54
C CYS E 160 -51.17 3.71 43.76
N HIS E 161 -51.94 4.42 42.96
CA HIS E 161 -52.03 5.88 43.10
C HIS E 161 -53.44 6.41 42.91
N GLY E 162 -54.44 5.55 43.09
CA GLY E 162 -55.82 5.97 42.91
C GLY E 162 -56.45 5.43 41.64
N SER E 163 -56.35 6.19 40.55
CA SER E 163 -56.90 5.81 39.26
C SER E 163 -58.10 4.88 39.34
N HIS E 164 -59.29 5.49 39.39
CA HIS E 164 -60.52 4.75 39.47
C HIS E 164 -61.04 4.60 38.03
N TYR E 165 -61.19 3.36 37.57
CA TYR E 165 -61.70 3.14 36.22
C TYR E 165 -63.15 2.71 36.32
N ASP E 166 -64.03 3.39 35.59
CA ASP E 166 -65.45 3.06 35.65
C ASP E 166 -65.74 1.63 35.19
N ALA E 167 -67.02 1.34 34.97
CA ALA E 167 -67.45 0.01 34.53
C ALA E 167 -66.96 -0.39 33.15
N SER E 168 -66.73 0.59 32.28
CA SER E 168 -66.27 0.35 30.91
C SER E 168 -64.74 0.37 30.77
N GLY E 169 -64.02 0.37 31.89
CA GLY E 169 -62.57 0.40 31.85
C GLY E 169 -62.01 1.72 31.37
N ARG E 170 -62.45 2.80 32.02
CA ARG E 170 -61.99 4.14 31.66
C ARG E 170 -61.53 4.89 32.88
N ILE E 171 -60.48 5.69 32.69
CA ILE E 171 -59.92 6.48 33.77
C ILE E 171 -60.90 7.57 34.17
N ARG E 172 -61.16 7.66 35.48
CA ARG E 172 -62.07 8.67 36.03
C ARG E 172 -61.25 9.56 36.96
N LYS E 173 -61.37 9.29 38.25
CA LYS E 173 -60.66 10.02 39.28
C LYS E 173 -59.31 9.33 39.47
N GLY E 174 -58.21 10.04 39.18
CA GLY E 174 -56.90 9.45 39.33
C GLY E 174 -55.84 9.93 38.35
N PRO E 175 -54.56 9.54 38.57
CA PRO E 175 -53.42 9.91 37.72
C PRO E 175 -53.35 9.23 36.35
N ALA E 176 -53.35 7.90 36.33
CA ALA E 176 -53.28 7.14 35.08
C ALA E 176 -53.92 7.89 33.92
N PRO E 177 -53.11 8.31 32.93
CA PRO E 177 -53.62 9.04 31.76
C PRO E 177 -54.69 8.32 30.94
N TYR E 178 -54.26 7.53 29.95
CA TYR E 178 -55.22 6.82 29.09
C TYR E 178 -56.09 5.82 29.85
N ASN E 179 -56.98 5.16 29.11
CA ASN E 179 -57.88 4.17 29.69
C ASN E 179 -57.24 2.79 29.52
N LEU E 180 -57.58 1.87 30.42
CA LEU E 180 -57.03 0.51 30.34
C LEU E 180 -57.13 0.02 28.90
N GLU E 181 -56.00 -0.45 28.37
CA GLU E 181 -55.93 -0.93 26.99
C GLU E 181 -56.92 -2.04 26.61
N VAL E 182 -57.42 -1.96 25.38
CA VAL E 182 -58.36 -2.94 24.83
C VAL E 182 -57.63 -3.67 23.71
N PRO E 183 -57.39 -4.98 23.89
CA PRO E 183 -56.70 -5.86 22.93
C PRO E 183 -57.54 -6.39 21.77
N THR E 184 -56.90 -7.21 20.94
CA THR E 184 -57.53 -7.83 19.78
C THR E 184 -58.32 -9.05 20.22
N TYR E 185 -59.53 -9.20 19.70
CA TYR E 185 -60.39 -10.35 20.01
C TYR E 185 -61.36 -10.64 18.87
N GLN E 186 -62.35 -11.47 19.14
CA GLN E 186 -63.34 -11.84 18.14
C GLN E 186 -64.22 -12.97 18.66
N PHE E 187 -65.38 -13.12 18.04
CA PHE E 187 -66.34 -14.15 18.43
C PHE E 187 -66.73 -15.05 17.27
N VAL E 188 -65.75 -15.66 16.60
CA VAL E 188 -66.05 -16.55 15.50
C VAL E 188 -66.69 -17.79 16.13
N GLY E 189 -66.87 -17.70 17.44
CA GLY E 189 -67.49 -18.76 18.22
C GLY E 189 -67.97 -18.07 19.49
N ASP E 190 -69.20 -17.58 19.48
CA ASP E 190 -69.81 -16.85 20.62
C ASP E 190 -69.51 -17.40 22.01
N ASP E 191 -69.74 -18.68 22.24
CA ASP E 191 -69.45 -19.30 23.53
C ASP E 191 -67.92 -19.34 23.72
N LEU E 192 -67.24 -18.50 22.94
CA LEU E 192 -65.78 -18.39 22.92
C LEU E 192 -65.26 -17.05 22.37
N VAL E 193 -64.16 -16.59 22.96
CA VAL E 193 -63.52 -15.35 22.54
C VAL E 193 -62.01 -15.62 22.48
N VAL E 194 -61.39 -15.27 21.35
CA VAL E 194 -59.96 -15.49 21.18
C VAL E 194 -59.15 -14.20 21.19
N VAL E 195 -58.38 -14.01 22.26
CA VAL E 195 -57.55 -12.82 22.41
C VAL E 195 -56.13 -13.18 21.98
N GLY E 196 -55.60 -12.47 20.97
CA GLY E 196 -54.25 -12.75 20.52
C GLY E 196 -54.16 -12.90 19.01
N GLY F 10 30.45 -50.32 -13.68
CA GLY F 10 29.61 -50.37 -14.92
C GLY F 10 28.58 -49.25 -15.03
N ARG F 11 27.71 -49.33 -16.03
CA ARG F 11 26.69 -48.30 -16.27
C ARG F 11 25.49 -48.19 -15.33
N LEU F 12 25.61 -48.60 -14.07
CA LEU F 12 24.45 -48.50 -13.19
C LEU F 12 23.97 -47.07 -13.01
N MET F 13 24.86 -46.19 -12.55
CA MET F 13 24.46 -44.80 -12.35
C MET F 13 23.78 -44.24 -13.57
N ASP F 14 24.30 -44.56 -14.75
CA ASP F 14 23.71 -44.07 -15.98
C ASP F 14 22.28 -44.60 -16.13
N ARG F 15 22.09 -45.91 -15.99
CA ARG F 15 20.75 -46.49 -16.09
C ARG F 15 19.80 -45.74 -15.13
N ILE F 16 20.21 -45.66 -13.86
CA ILE F 16 19.40 -44.98 -12.86
C ILE F 16 19.06 -43.57 -13.27
N ARG F 17 20.08 -42.73 -13.48
CA ARG F 17 19.86 -41.36 -13.87
C ARG F 17 18.89 -41.26 -15.04
N LYS F 18 19.14 -42.04 -16.07
CA LYS F 18 18.28 -42.00 -17.23
C LYS F 18 16.86 -42.40 -16.81
N TRP F 19 16.77 -43.32 -15.87
CA TRP F 19 15.47 -43.75 -15.38
C TRP F 19 14.75 -42.63 -14.67
N TYR F 20 15.33 -42.20 -13.56
CA TYR F 20 14.75 -41.13 -12.78
C TYR F 20 14.38 -39.98 -13.72
N TYR F 21 15.26 -39.69 -14.66
CA TYR F 21 14.99 -38.62 -15.62
C TYR F 21 13.63 -38.82 -16.29
N ASN F 22 13.44 -40.03 -16.81
CA ASN F 22 12.18 -40.36 -17.49
C ASN F 22 11.08 -40.48 -16.45
N ALA F 23 11.45 -40.86 -15.23
CA ALA F 23 10.48 -40.98 -14.17
C ALA F 23 9.85 -39.61 -13.88
N ALA F 24 10.70 -38.61 -13.63
CA ALA F 24 10.24 -37.26 -13.33
C ALA F 24 9.31 -36.77 -14.41
N GLY F 25 9.74 -36.91 -15.66
CA GLY F 25 8.89 -36.52 -16.77
C GLY F 25 8.54 -35.06 -17.00
N PHE F 26 9.55 -34.18 -16.92
CA PHE F 26 9.29 -32.78 -17.17
C PHE F 26 9.52 -32.54 -18.63
N ASN F 27 10.14 -33.53 -19.27
CA ASN F 27 10.41 -33.46 -20.69
C ASN F 27 9.07 -33.52 -21.40
N LYS F 28 8.12 -34.21 -20.79
CA LYS F 28 6.80 -34.31 -21.39
C LYS F 28 6.24 -32.92 -21.67
N TYR F 29 6.79 -31.92 -21.00
CA TYR F 29 6.38 -30.52 -21.16
C TYR F 29 7.38 -29.77 -22.04
N GLY F 30 8.47 -30.44 -22.38
CA GLY F 30 9.49 -29.81 -23.21
C GLY F 30 10.42 -28.97 -22.38
N LEU F 31 10.43 -29.20 -21.08
CA LEU F 31 11.29 -28.46 -20.17
C LEU F 31 12.65 -29.14 -20.10
N MET F 32 13.70 -28.37 -19.88
CA MET F 32 15.03 -28.95 -19.72
C MET F 32 15.13 -29.15 -18.23
N ARG F 33 16.13 -29.89 -17.78
CA ARG F 33 16.26 -30.09 -16.35
C ARG F 33 16.36 -28.74 -15.65
N ASP F 34 17.31 -27.94 -16.10
CA ASP F 34 17.53 -26.62 -15.53
C ASP F 34 16.32 -25.72 -15.60
N ASP F 35 15.39 -25.99 -16.49
CA ASP F 35 14.21 -25.15 -16.58
C ASP F 35 13.35 -25.34 -15.31
N THR F 36 13.49 -26.50 -14.67
CA THR F 36 12.66 -26.77 -13.51
C THR F 36 13.21 -26.32 -12.16
N LEU F 37 14.46 -25.87 -12.14
CA LEU F 37 15.06 -25.43 -10.88
C LEU F 37 14.23 -24.37 -10.16
N TYR F 38 14.11 -24.52 -8.85
CA TYR F 38 13.39 -23.54 -8.05
C TYR F 38 14.29 -22.33 -8.10
N GLU F 39 13.71 -21.14 -8.27
CA GLU F 39 14.50 -19.91 -8.35
C GLU F 39 14.89 -19.26 -7.03
N ASP F 40 15.88 -19.85 -6.35
CA ASP F 40 16.38 -19.31 -5.10
C ASP F 40 17.31 -18.14 -5.48
N ASP F 41 18.01 -17.59 -4.50
CA ASP F 41 18.90 -16.47 -4.78
C ASP F 41 20.01 -16.72 -5.81
N ASP F 42 20.66 -17.86 -5.71
CA ASP F 42 21.75 -18.23 -6.62
C ASP F 42 21.23 -18.33 -8.05
N VAL F 43 20.21 -19.18 -8.22
CA VAL F 43 19.60 -19.40 -9.50
C VAL F 43 19.24 -18.06 -10.11
N LYS F 44 18.72 -17.17 -9.29
CA LYS F 44 18.32 -15.84 -9.76
C LYS F 44 19.49 -15.09 -10.39
N GLU F 45 20.62 -15.05 -9.70
CA GLU F 45 21.78 -14.36 -10.25
C GLU F 45 22.18 -15.05 -11.52
N ALA F 46 22.28 -16.37 -11.47
CA ALA F 46 22.65 -17.15 -12.64
C ALA F 46 21.86 -16.75 -13.90
N LEU F 47 20.53 -16.83 -13.83
CA LEU F 47 19.68 -16.51 -14.97
C LEU F 47 20.01 -15.13 -15.55
N LYS F 48 20.37 -14.20 -14.67
CA LYS F 48 20.71 -12.85 -15.11
C LYS F 48 21.97 -12.81 -15.98
N ARG F 49 22.76 -13.86 -15.90
CA ARG F 49 23.98 -13.93 -16.67
C ARG F 49 23.83 -14.65 -18.02
N LEU F 50 22.69 -15.32 -18.21
CA LEU F 50 22.44 -16.05 -19.45
C LEU F 50 22.42 -15.13 -20.65
N PRO F 51 22.95 -15.62 -21.78
CA PRO F 51 22.98 -14.83 -23.02
C PRO F 51 21.55 -14.58 -23.51
N GLU F 52 21.28 -13.37 -24.00
CA GLU F 52 19.94 -13.03 -24.49
C GLU F 52 19.16 -14.21 -25.08
N ASP F 53 19.74 -14.91 -26.04
CA ASP F 53 19.05 -16.02 -26.67
C ASP F 53 18.67 -17.16 -25.73
N LEU F 54 19.66 -17.76 -25.07
CA LEU F 54 19.39 -18.87 -24.15
C LEU F 54 18.30 -18.51 -23.15
N TYR F 55 18.25 -17.23 -22.77
CA TYR F 55 17.28 -16.73 -21.82
C TYR F 55 15.87 -16.70 -22.44
N ASN F 56 15.76 -16.21 -23.67
CA ASN F 56 14.48 -16.15 -24.35
C ASN F 56 13.95 -17.52 -24.67
N GLU F 57 14.86 -18.43 -25.00
CA GLU F 57 14.50 -19.79 -25.33
C GLU F 57 13.96 -20.47 -24.08
N ARG F 58 14.62 -20.23 -22.94
CA ARG F 58 14.18 -20.79 -21.67
C ARG F 58 12.85 -20.18 -21.31
N MET F 59 12.69 -18.89 -21.60
CA MET F 59 11.45 -18.20 -21.29
C MET F 59 10.28 -18.83 -22.03
N PHE F 60 10.38 -18.94 -23.34
CA PHE F 60 9.31 -19.56 -24.12
C PHE F 60 9.03 -20.99 -23.67
N ARG F 61 10.09 -21.78 -23.47
CA ARG F 61 9.96 -23.15 -23.03
C ARG F 61 9.01 -23.23 -21.84
N ILE F 62 9.27 -22.38 -20.85
CA ILE F 62 8.44 -22.35 -19.65
C ILE F 62 7.00 -21.92 -19.96
N LYS F 63 6.82 -20.71 -20.49
CA LYS F 63 5.47 -20.24 -20.81
C LYS F 63 4.69 -21.31 -21.57
N ARG F 64 5.40 -22.12 -22.36
CA ARG F 64 4.81 -23.19 -23.15
C ARG F 64 4.27 -24.26 -22.19
N ALA F 65 5.14 -24.67 -21.26
CA ALA F 65 4.79 -25.67 -20.26
C ALA F 65 3.65 -25.21 -19.35
N LEU F 66 3.54 -23.92 -19.12
CA LEU F 66 2.47 -23.41 -18.26
C LEU F 66 1.15 -23.52 -19.01
N ASP F 67 1.16 -23.10 -20.28
CA ASP F 67 -0.04 -23.17 -21.08
C ASP F 67 -0.49 -24.62 -21.23
N LEU F 68 0.46 -25.55 -21.13
CA LEU F 68 0.14 -26.96 -21.20
C LEU F 68 -0.56 -27.34 -19.91
N SER F 69 0.08 -27.01 -18.79
CA SER F 69 -0.50 -27.33 -17.49
C SER F 69 -1.89 -26.72 -17.30
N LEU F 70 -2.14 -25.55 -17.87
CA LEU F 70 -3.45 -24.95 -17.70
C LEU F 70 -4.46 -25.78 -18.52
N LYS F 71 -4.03 -26.22 -19.69
CA LYS F 71 -4.85 -27.02 -20.60
C LYS F 71 -5.01 -28.46 -20.14
N HIS F 72 -4.12 -28.88 -19.24
CA HIS F 72 -4.11 -30.23 -18.71
C HIS F 72 -3.67 -31.26 -19.73
N ARG F 73 -2.69 -30.85 -20.53
CA ARG F 73 -2.12 -31.67 -21.59
C ARG F 73 -0.60 -31.73 -21.48
N ILE F 74 0.03 -32.34 -22.49
CA ILE F 74 1.48 -32.46 -22.59
C ILE F 74 1.91 -32.45 -24.06
N LEU F 75 3.20 -32.66 -24.30
CA LEU F 75 3.67 -32.66 -25.66
C LEU F 75 3.49 -34.07 -26.20
N PRO F 76 3.40 -34.20 -27.53
CA PRO F 76 3.25 -35.54 -28.14
C PRO F 76 4.59 -36.23 -27.98
N LYS F 77 4.57 -37.52 -27.66
CA LYS F 77 5.79 -38.30 -27.45
C LYS F 77 7.02 -37.84 -28.26
N GLU F 78 6.79 -37.51 -29.53
CA GLU F 78 7.86 -37.07 -30.43
C GLU F 78 8.66 -35.87 -29.89
N GLN F 79 7.96 -34.92 -29.29
CA GLN F 79 8.60 -33.73 -28.79
C GLN F 79 9.19 -33.78 -27.41
N TRP F 80 9.03 -34.89 -26.70
CA TRP F 80 9.60 -34.94 -25.36
C TRP F 80 11.13 -34.80 -25.40
N VAL F 81 11.67 -34.03 -24.45
CA VAL F 81 13.12 -33.86 -24.40
C VAL F 81 13.69 -35.24 -24.08
N LYS F 82 14.80 -35.59 -24.71
CA LYS F 82 15.38 -36.90 -24.49
C LYS F 82 16.56 -36.81 -23.52
N TYR F 83 16.61 -37.72 -22.55
CA TYR F 83 17.67 -37.71 -21.54
C TYR F 83 19.04 -37.21 -21.92
N GLU F 84 19.52 -37.59 -23.10
CA GLU F 84 20.85 -37.17 -23.51
C GLU F 84 20.90 -35.93 -24.43
N GLU F 85 19.74 -35.36 -24.73
CA GLU F 85 19.69 -34.19 -25.58
C GLU F 85 19.27 -33.01 -24.72
N ASP F 86 19.23 -33.21 -23.41
CA ASP F 86 18.85 -32.15 -22.49
C ASP F 86 20.06 -31.27 -22.28
N LYS F 87 19.98 -30.00 -22.69
CA LYS F 87 21.13 -29.13 -22.51
C LYS F 87 21.11 -28.40 -21.16
N PRO F 88 22.10 -28.69 -20.28
CA PRO F 88 22.24 -28.10 -18.94
C PRO F 88 22.87 -26.69 -19.07
N TYR F 89 22.07 -25.78 -19.61
CA TYR F 89 22.52 -24.43 -19.87
C TYR F 89 22.84 -23.55 -18.69
N LEU F 90 22.13 -23.73 -17.58
CA LEU F 90 22.36 -22.87 -16.42
C LEU F 90 23.38 -23.31 -15.39
N GLU F 91 23.56 -24.63 -15.25
CA GLU F 91 24.47 -25.21 -14.26
C GLU F 91 25.89 -24.66 -14.22
N PRO F 92 26.50 -24.38 -15.39
CA PRO F 92 27.86 -23.83 -15.40
C PRO F 92 27.87 -22.48 -14.66
N TYR F 93 26.91 -21.63 -15.02
CA TYR F 93 26.76 -20.31 -14.41
C TYR F 93 26.45 -20.48 -12.94
N LEU F 94 25.38 -21.20 -12.65
CA LEU F 94 24.95 -21.43 -11.28
C LEU F 94 26.10 -21.84 -10.37
N LYS F 95 26.94 -22.78 -10.81
CA LYS F 95 28.06 -23.22 -9.96
C LYS F 95 29.02 -22.08 -9.62
N GLU F 96 29.25 -21.19 -10.59
CA GLU F 96 30.13 -20.03 -10.42
C GLU F 96 29.55 -19.10 -9.37
N VAL F 97 28.28 -18.73 -9.57
CA VAL F 97 27.58 -17.87 -8.65
C VAL F 97 27.80 -18.42 -7.25
N ILE F 98 27.63 -19.72 -7.10
CA ILE F 98 27.82 -20.34 -5.80
C ILE F 98 29.29 -20.28 -5.38
N ARG F 99 30.21 -20.42 -6.32
CA ARG F 99 31.62 -20.37 -5.97
C ARG F 99 31.91 -19.00 -5.40
N GLU F 100 31.62 -17.97 -6.21
CA GLU F 100 31.85 -16.58 -5.84
C GLU F 100 31.35 -16.30 -4.44
N ARG F 101 30.11 -16.71 -4.19
CA ARG F 101 29.46 -16.51 -2.90
C ARG F 101 30.21 -17.21 -1.78
N LEU F 102 30.50 -18.49 -1.95
CA LEU F 102 31.21 -19.23 -0.93
C LEU F 102 32.52 -18.53 -0.61
N GLU F 103 33.14 -17.92 -1.61
CA GLU F 103 34.38 -17.16 -1.42
C GLU F 103 34.05 -15.99 -0.51
N ARG F 104 33.22 -15.07 -1.01
CA ARG F 104 32.83 -13.92 -0.23
C ARG F 104 32.46 -14.38 1.16
N GLU F 105 31.54 -15.35 1.25
CA GLU F 105 31.09 -15.87 2.53
C GLU F 105 32.24 -16.16 3.49
N ALA F 106 33.15 -17.03 3.07
CA ALA F 106 34.29 -17.42 3.89
C ALA F 106 35.20 -16.26 4.22
N TRP F 107 35.45 -15.40 3.23
CA TRP F 107 36.33 -14.25 3.40
C TRP F 107 35.82 -13.27 4.47
N ASN F 108 34.51 -13.12 4.61
CA ASN F 108 33.95 -12.18 5.60
C ASN F 108 33.98 -12.65 7.07
N LYS F 109 34.13 -13.96 7.27
CA LYS F 109 34.22 -14.52 8.62
C LYS F 109 35.65 -14.23 9.06
N LYS F 110 36.54 -14.33 8.08
CA LYS F 110 37.98 -14.10 8.17
C LYS F 110 38.33 -12.84 8.98
N ILE G 2 0.15 -1.97 -8.94
CA ILE G 2 0.70 -1.92 -10.33
C ILE G 2 1.50 -3.20 -10.59
N HIS G 3 0.90 -4.37 -10.31
CA HIS G 3 1.57 -5.66 -10.51
C HIS G 3 1.70 -6.15 -11.96
N PHE G 4 0.95 -5.55 -12.90
CA PHE G 4 1.04 -5.95 -14.31
C PHE G 4 1.88 -4.97 -15.14
N GLY G 5 3.05 -5.43 -15.56
CA GLY G 5 3.97 -4.63 -16.34
C GLY G 5 5.38 -4.65 -15.78
N ASN G 6 5.53 -5.07 -14.53
CA ASN G 6 6.84 -5.13 -13.89
C ASN G 6 7.25 -6.59 -13.63
N LEU G 7 6.44 -7.51 -14.17
CA LEU G 7 6.65 -8.95 -14.00
C LEU G 7 7.93 -9.58 -14.59
N ALA G 8 8.01 -9.73 -15.92
CA ALA G 8 9.22 -10.33 -16.52
C ALA G 8 9.55 -9.91 -17.95
N ARG G 9 10.82 -10.10 -18.34
CA ARG G 9 11.33 -9.75 -19.67
C ARG G 9 11.00 -10.85 -20.66
N VAL G 10 10.01 -10.60 -21.49
CA VAL G 10 9.56 -11.57 -22.48
C VAL G 10 9.75 -11.06 -23.90
N ARG G 11 10.37 -11.88 -24.74
CA ARG G 11 10.56 -11.47 -26.13
C ARG G 11 10.24 -12.55 -27.16
N HIS G 12 9.61 -12.13 -28.24
CA HIS G 12 9.25 -13.00 -29.37
C HIS G 12 8.35 -14.16 -29.05
N ILE G 13 7.11 -13.86 -28.72
CA ILE G 13 6.15 -14.92 -28.43
C ILE G 13 4.82 -14.38 -28.93
N ILE G 14 4.23 -15.09 -29.86
CA ILE G 14 2.96 -14.66 -30.39
C ILE G 14 1.95 -15.61 -29.81
N THR G 15 0.75 -15.09 -29.50
CA THR G 15 -0.30 -15.96 -29.00
C THR G 15 -1.54 -15.58 -29.79
N TYR G 16 -2.36 -16.58 -30.09
CA TYR G 16 -3.59 -16.33 -30.81
C TYR G 16 -4.65 -16.99 -29.96
N SER G 17 -5.77 -16.29 -29.77
CA SER G 17 -6.91 -16.81 -29.00
C SER G 17 -8.18 -16.27 -29.64
N LEU G 18 -9.31 -16.98 -29.46
CA LEU G 18 -10.57 -16.53 -30.06
C LEU G 18 -11.62 -16.16 -29.01
N SER G 19 -12.42 -15.13 -29.30
CA SER G 19 -13.49 -14.72 -28.39
C SER G 19 -14.25 -15.99 -27.99
N PRO G 20 -14.69 -16.09 -26.73
CA PRO G 20 -15.43 -17.25 -26.24
C PRO G 20 -16.68 -17.57 -27.05
N PHE G 21 -17.23 -16.56 -27.70
CA PHE G 21 -18.43 -16.74 -28.49
C PHE G 21 -18.18 -17.26 -29.89
N GLU G 22 -16.91 -17.45 -30.26
CA GLU G 22 -16.62 -17.96 -31.60
C GLU G 22 -16.19 -19.40 -31.44
N GLN G 23 -16.17 -19.91 -30.22
CA GLN G 23 -15.74 -21.30 -30.01
C GLN G 23 -16.59 -22.07 -29.04
N ARG G 24 -16.39 -23.39 -29.02
CA ARG G 24 -17.14 -24.30 -28.15
C ARG G 24 -16.64 -24.31 -26.71
N ALA G 25 -17.58 -24.38 -25.77
CA ALA G 25 -17.30 -24.38 -24.34
C ALA G 25 -16.60 -25.64 -23.85
N ILE G 26 -17.07 -26.79 -24.32
CA ILE G 26 -16.48 -28.08 -23.94
C ILE G 26 -16.24 -28.90 -25.20
N PRO G 27 -15.25 -28.50 -26.00
CA PRO G 27 -14.90 -29.16 -27.25
C PRO G 27 -14.16 -30.48 -27.15
N ASN G 28 -14.42 -31.31 -28.16
CA ASN G 28 -13.82 -32.63 -28.33
C ASN G 28 -13.90 -33.49 -27.07
N ILE G 29 -15.10 -33.64 -26.51
CA ILE G 29 -15.24 -34.42 -25.28
C ILE G 29 -14.67 -35.82 -25.42
N PHE G 30 -14.84 -36.42 -26.60
CA PHE G 30 -14.36 -37.76 -26.83
C PHE G 30 -12.98 -37.83 -27.43
N SER G 31 -12.86 -37.33 -28.65
CA SER G 31 -11.60 -37.34 -29.36
C SER G 31 -10.38 -36.88 -28.57
N ASP G 32 -10.57 -35.83 -27.76
CA ASP G 32 -9.49 -35.23 -27.00
C ASP G 32 -9.65 -35.31 -25.48
N ALA G 33 -10.77 -34.82 -24.98
CA ALA G 33 -11.04 -34.79 -23.55
C ALA G 33 -10.82 -36.08 -22.79
N LEU G 34 -11.78 -36.99 -22.91
CA LEU G 34 -11.76 -38.27 -22.23
C LEU G 34 -10.45 -39.04 -22.32
N PRO G 35 -9.80 -39.00 -23.48
CA PRO G 35 -8.52 -39.72 -23.62
C PRO G 35 -7.49 -39.24 -22.58
N ASN G 36 -7.40 -37.92 -22.40
CA ASN G 36 -6.46 -37.31 -21.45
C ASN G 36 -6.86 -37.62 -20.04
N VAL G 37 -8.16 -37.66 -19.79
CA VAL G 37 -8.65 -37.98 -18.47
C VAL G 37 -8.12 -39.37 -18.12
N TRP G 38 -8.15 -40.26 -19.11
CA TRP G 38 -7.65 -41.59 -18.88
C TRP G 38 -6.13 -41.50 -18.73
N ARG G 39 -5.48 -40.82 -19.68
CA ARG G 39 -4.03 -40.67 -19.65
C ARG G 39 -3.54 -40.30 -18.25
N ARG G 40 -4.17 -39.27 -17.68
CA ARG G 40 -3.83 -38.76 -16.35
C ARG G 40 -4.11 -39.78 -15.25
N PHE G 41 -5.29 -40.36 -15.29
CA PHE G 41 -5.64 -41.35 -14.30
C PHE G 41 -4.54 -42.39 -14.29
N SER G 42 -4.25 -42.91 -15.48
CA SER G 42 -3.21 -43.92 -15.68
C SER G 42 -1.87 -43.55 -15.04
N SER G 43 -1.36 -42.38 -15.42
CA SER G 43 -0.08 -41.88 -14.93
C SER G 43 0.09 -41.98 -13.42
N GLN G 44 -0.90 -41.47 -12.68
CA GLN G 44 -0.86 -41.45 -11.23
C GLN G 44 -1.25 -42.73 -10.49
N VAL G 45 -2.29 -43.42 -10.94
CA VAL G 45 -2.77 -44.65 -10.31
C VAL G 45 -1.73 -45.45 -9.53
N PHE G 46 -0.53 -45.59 -10.08
CA PHE G 46 0.45 -46.39 -9.39
C PHE G 46 1.30 -45.72 -8.34
N LYS G 47 1.15 -44.41 -8.21
CA LYS G 47 1.90 -43.67 -7.20
C LYS G 47 0.97 -43.49 -6.00
N VAL G 48 -0.31 -43.21 -6.29
CA VAL G 48 -1.31 -43.01 -5.25
C VAL G 48 -1.87 -44.29 -4.66
N ALA G 49 -2.69 -44.99 -5.45
CA ALA G 49 -3.35 -46.22 -5.07
C ALA G 49 -2.58 -47.15 -4.13
N PRO G 50 -1.34 -47.50 -4.48
CA PRO G 50 -0.57 -48.40 -3.62
C PRO G 50 -0.71 -48.18 -2.12
N PRO G 51 -0.10 -47.12 -1.58
CA PRO G 51 -0.19 -46.88 -0.13
C PRO G 51 -1.59 -46.86 0.46
N PHE G 52 -2.58 -46.56 -0.37
CA PHE G 52 -3.96 -46.56 0.08
C PHE G 52 -4.42 -48.00 0.25
N LEU G 53 -4.08 -48.82 -0.74
CA LEU G 53 -4.43 -50.23 -0.70
C LEU G 53 -3.71 -50.89 0.47
N GLY G 54 -2.43 -50.56 0.64
CA GLY G 54 -1.67 -51.12 1.74
C GLY G 54 -2.28 -50.74 3.09
N ALA G 55 -3.00 -49.63 3.13
CA ALA G 55 -3.61 -49.21 4.36
C ALA G 55 -4.87 -50.02 4.57
N TYR G 56 -5.61 -50.19 3.48
CA TYR G 56 -6.82 -50.97 3.52
C TYR G 56 -6.59 -52.33 4.15
N LEU G 57 -5.52 -52.99 3.73
CA LEU G 57 -5.20 -54.29 4.26
C LEU G 57 -5.09 -54.14 5.76
N LEU G 58 -4.07 -53.42 6.20
CA LEU G 58 -3.83 -53.19 7.63
C LEU G 58 -5.13 -52.95 8.38
N TYR G 59 -6.04 -52.21 7.76
CA TYR G 59 -7.34 -51.93 8.34
C TYR G 59 -8.06 -53.25 8.51
N SER G 60 -8.32 -53.92 7.38
CA SER G 60 -9.00 -55.20 7.36
C SER G 60 -8.36 -56.23 8.29
N TRP G 61 -7.04 -56.34 8.25
CA TRP G 61 -6.37 -57.28 9.13
C TRP G 61 -6.66 -56.96 10.59
N GLY G 62 -6.09 -55.87 11.07
CA GLY G 62 -6.30 -55.49 12.45
C GLY G 62 -7.77 -55.46 12.83
N THR G 63 -8.62 -55.02 11.93
CA THR G 63 -10.04 -54.99 12.26
C THR G 63 -10.58 -56.39 12.57
N GLN G 64 -10.27 -57.39 11.75
CA GLN G 64 -10.76 -58.75 11.98
C GLN G 64 -10.02 -59.45 13.10
N GLU G 65 -8.69 -59.37 13.09
CA GLU G 65 -7.88 -59.99 14.13
C GLU G 65 -8.41 -59.62 15.50
N PHE G 66 -8.99 -58.42 15.59
CA PHE G 66 -9.53 -57.91 16.84
C PHE G 66 -10.78 -58.67 17.24
N GLU G 67 -11.59 -58.99 16.24
CA GLU G 67 -12.82 -59.75 16.43
C GLU G 67 -12.47 -61.17 16.86
N ARG G 68 -11.45 -61.73 16.21
CA ARG G 68 -11.00 -63.09 16.49
C ARG G 68 -10.61 -63.21 17.96
N LEU G 69 -10.09 -62.12 18.52
CA LEU G 69 -9.66 -62.11 19.91
C LEU G 69 -10.82 -62.05 20.90
N LYS G 70 -12.03 -61.97 20.38
CA LYS G 70 -13.22 -61.92 21.23
C LYS G 70 -13.85 -63.32 21.31
N ARG G 71 -13.84 -64.04 20.18
CA ARG G 71 -14.37 -65.39 20.09
C ARG G 71 -13.62 -66.27 21.08
N LYS G 72 -14.22 -67.35 21.53
CA LYS G 72 -13.55 -68.22 22.49
C LYS G 72 -12.82 -69.35 21.80
N ASN G 73 -11.83 -69.89 22.51
CA ASN G 73 -11.01 -71.00 22.03
C ASN G 73 -11.34 -72.24 22.83
N PRO G 74 -12.05 -73.20 22.23
CA PRO G 74 -12.43 -74.44 22.91
C PRO G 74 -11.34 -75.08 23.75
N ALA G 75 -10.09 -74.92 23.32
CA ALA G 75 -8.96 -75.51 24.03
C ALA G 75 -8.79 -75.01 25.47
N ASP G 76 -9.69 -74.13 25.92
CA ASP G 76 -9.60 -73.62 27.27
C ASP G 76 -10.56 -74.40 28.17
N TYR G 77 -11.55 -75.04 27.55
CA TYR G 77 -12.58 -75.79 28.25
C TYR G 77 -12.61 -77.30 28.00
N GLU G 78 -11.65 -77.84 27.25
CA GLU G 78 -11.65 -79.28 26.95
C GLU G 78 -11.28 -80.15 28.14
N ASN G 79 -11.86 -79.84 29.30
CA ASN G 79 -11.58 -80.60 30.51
C ASN G 79 -12.26 -79.94 31.71
N ASP G 80 -12.95 -78.83 31.44
CA ASP G 80 -13.63 -78.09 32.50
C ASP G 80 -14.83 -78.81 33.14
N GLN G 81 -15.13 -80.03 32.70
CA GLN G 81 -16.26 -80.79 33.24
C GLN G 81 -16.57 -80.50 34.73
CA GLU H 8 -64.60 -67.88 14.88
C GLU H 8 -63.28 -68.11 14.14
N GLU H 9 -63.34 -68.14 12.81
CA GLU H 9 -62.16 -68.36 11.98
C GLU H 9 -61.19 -67.17 11.91
N GLU H 10 -60.81 -66.69 13.09
CA GLU H 10 -59.88 -65.56 13.24
C GLU H 10 -59.28 -65.64 14.65
N GLU H 11 -57.98 -65.87 14.71
CA GLU H 11 -57.26 -66.00 15.97
C GLU H 11 -55.93 -65.23 15.88
N LEU H 12 -55.72 -64.28 16.80
CA LEU H 12 -54.53 -63.38 16.85
C LEU H 12 -53.11 -63.96 16.93
N VAL H 13 -52.34 -63.71 15.89
CA VAL H 13 -50.98 -64.21 15.78
C VAL H 13 -49.96 -63.10 15.51
N ASP H 14 -48.81 -63.20 16.15
CA ASP H 14 -47.75 -62.21 15.99
C ASP H 14 -46.90 -62.59 14.77
N PRO H 15 -47.11 -61.92 13.64
CA PRO H 15 -46.30 -62.26 12.47
C PRO H 15 -44.83 -62.43 12.81
N LEU H 16 -44.41 -61.85 13.92
CA LEU H 16 -43.03 -61.96 14.35
C LEU H 16 -42.65 -63.40 14.62
N THR H 17 -43.38 -64.02 15.55
CA THR H 17 -43.13 -65.41 15.92
C THR H 17 -43.28 -66.38 14.74
N THR H 18 -44.17 -66.07 13.80
CA THR H 18 -44.37 -66.90 12.60
C THR H 18 -43.10 -66.86 11.76
N ILE H 19 -42.68 -65.65 11.40
CA ILE H 19 -41.48 -65.48 10.60
C ILE H 19 -40.20 -65.89 11.33
N ARG H 20 -40.24 -65.84 12.65
CA ARG H 20 -39.11 -66.27 13.45
C ARG H 20 -38.94 -67.78 13.19
N GLU H 21 -40.06 -68.48 13.05
CA GLU H 21 -40.04 -69.92 12.79
C GLU H 21 -39.48 -70.16 11.40
N HIS H 22 -40.23 -69.72 10.40
CA HIS H 22 -39.82 -69.87 9.01
C HIS H 22 -38.32 -69.69 8.80
N CYS H 23 -37.73 -68.72 9.50
CA CYS H 23 -36.30 -68.46 9.37
C CYS H 23 -35.44 -69.53 10.01
N GLU H 24 -35.80 -69.97 11.20
CA GLU H 24 -35.02 -70.99 11.90
C GLU H 24 -34.84 -72.27 11.08
N GLN H 25 -35.69 -72.46 10.07
CA GLN H 25 -35.62 -73.63 9.18
C GLN H 25 -34.66 -73.35 8.03
N THR H 26 -33.89 -72.27 8.17
CA THR H 26 -32.93 -71.86 7.17
C THR H 26 -31.59 -72.49 7.39
N GLU H 27 -30.97 -72.89 6.30
CA GLU H 27 -29.67 -73.54 6.33
C GLU H 27 -28.70 -72.84 7.29
N LYS H 28 -28.69 -71.51 7.25
CA LYS H 28 -27.78 -70.69 8.09
C LYS H 28 -28.11 -70.72 9.57
N CYS H 29 -29.40 -70.71 9.91
CA CYS H 29 -29.87 -70.76 11.29
C CYS H 29 -29.67 -72.16 11.84
N VAL H 30 -30.11 -73.14 11.05
CA VAL H 30 -29.99 -74.53 11.44
C VAL H 30 -28.57 -74.80 11.90
N LYS H 31 -27.61 -74.41 11.07
CA LYS H 31 -26.22 -74.63 11.39
C LYS H 31 -25.81 -73.93 12.68
N ALA H 32 -26.31 -72.72 12.88
CA ALA H 32 -26.00 -71.96 14.08
C ALA H 32 -26.80 -72.50 15.27
N ARG H 33 -28.09 -72.67 15.05
CA ARG H 33 -29.00 -73.18 16.06
C ARG H 33 -28.44 -74.50 16.59
N GLU H 34 -27.68 -75.18 15.74
CA GLU H 34 -27.07 -76.46 16.11
C GLU H 34 -25.87 -76.23 17.02
N ARG H 35 -24.88 -75.52 16.51
CA ARG H 35 -23.66 -75.21 17.27
C ARG H 35 -23.99 -74.72 18.68
N LEU H 36 -25.11 -74.04 18.81
CA LEU H 36 -25.52 -73.52 20.10
C LEU H 36 -25.91 -74.64 21.04
N GLU H 37 -27.00 -75.32 20.72
CA GLU H 37 -27.49 -76.41 21.55
C GLU H 37 -26.42 -77.41 21.92
N LEU H 38 -25.32 -77.40 21.18
CA LEU H 38 -24.21 -78.30 21.47
C LEU H 38 -23.40 -77.73 22.63
N CYS H 39 -23.17 -76.42 22.60
CA CYS H 39 -22.45 -75.74 23.66
C CYS H 39 -23.24 -75.97 24.92
N ASP H 40 -24.47 -75.47 24.90
CA ASP H 40 -25.40 -75.59 26.01
C ASP H 40 -25.20 -76.94 26.68
N ALA H 41 -25.38 -77.98 25.86
CA ALA H 41 -25.22 -79.34 26.30
C ALA H 41 -24.04 -79.51 27.22
N ARG H 42 -22.84 -79.30 26.69
CA ARG H 42 -21.65 -79.47 27.48
C ARG H 42 -21.51 -78.50 28.63
N VAL H 43 -21.91 -77.26 28.43
CA VAL H 43 -21.76 -76.30 29.51
C VAL H 43 -22.66 -76.69 30.68
N SER H 44 -23.85 -77.18 30.33
CA SER H 44 -24.86 -77.59 31.30
C SER H 44 -24.46 -78.83 32.10
N SER H 45 -23.87 -79.79 31.39
CA SER H 45 -23.45 -81.01 32.02
C SER H 45 -22.03 -80.87 32.54
N ARG H 46 -21.80 -79.81 33.29
CA ARG H 46 -20.48 -79.55 33.86
C ARG H 46 -20.62 -78.67 35.08
N SER H 47 -19.84 -78.99 36.11
CA SER H 47 -19.89 -78.25 37.36
C SER H 47 -18.73 -77.29 37.51
N HIS H 48 -17.82 -77.27 36.53
CA HIS H 48 -16.65 -76.41 36.63
C HIS H 48 -16.31 -75.52 35.42
N THR H 49 -16.99 -75.72 34.29
CA THR H 49 -16.72 -74.93 33.09
C THR H 49 -17.00 -73.44 33.30
N GLU H 50 -16.00 -72.62 32.98
CA GLU H 50 -16.13 -71.17 33.09
C GLU H 50 -16.83 -70.71 31.81
N GLU H 51 -16.89 -71.64 30.85
CA GLU H 51 -17.48 -71.37 29.56
C GLU H 51 -18.92 -70.87 29.66
N GLN H 52 -19.38 -70.21 28.59
CA GLN H 52 -20.73 -69.68 28.47
C GLN H 52 -21.07 -69.75 26.99
N CYS H 53 -22.34 -69.92 26.66
CA CYS H 53 -22.73 -70.04 25.26
C CYS H 53 -23.23 -68.76 24.63
N THR H 54 -22.81 -67.62 25.18
CA THR H 54 -23.26 -66.33 24.66
C THR H 54 -22.93 -66.24 23.18
N GLU H 55 -21.63 -66.33 22.91
CA GLU H 55 -21.12 -66.26 21.55
C GLU H 55 -21.97 -67.06 20.55
N GLU H 56 -22.21 -68.33 20.83
CA GLU H 56 -23.01 -69.16 19.94
C GLU H 56 -24.44 -68.68 19.83
N LEU H 57 -24.97 -68.18 20.96
CA LEU H 57 -26.33 -67.69 20.96
C LEU H 57 -26.45 -66.54 19.99
N PHE H 58 -25.50 -65.61 20.09
CA PHE H 58 -25.49 -64.46 19.20
C PHE H 58 -25.46 -64.85 17.72
N ASP H 59 -24.53 -65.74 17.35
CA ASP H 59 -24.43 -66.20 15.97
C ASP H 59 -25.82 -66.55 15.44
N PHE H 60 -26.58 -67.29 16.26
CA PHE H 60 -27.93 -67.72 15.91
C PHE H 60 -28.86 -66.54 15.75
N LEU H 61 -29.00 -65.79 16.84
CA LEU H 61 -29.86 -64.62 16.89
C LEU H 61 -29.56 -63.68 15.74
N HIS H 62 -28.28 -63.58 15.41
CA HIS H 62 -27.86 -62.70 14.33
C HIS H 62 -28.48 -63.16 13.03
N ALA H 63 -28.31 -64.46 12.76
CA ALA H 63 -28.84 -65.06 11.55
C ALA H 63 -30.36 -65.07 11.51
N ARG H 64 -30.98 -65.52 12.60
CA ARG H 64 -32.43 -65.57 12.68
C ARG H 64 -33.01 -64.17 12.50
N ASP H 65 -32.60 -63.28 13.41
CA ASP H 65 -33.06 -61.90 13.41
C ASP H 65 -32.73 -61.14 12.14
N HIS H 66 -31.56 -61.40 11.55
CA HIS H 66 -31.20 -60.74 10.31
C HIS H 66 -32.28 -61.13 9.29
N CYS H 67 -32.61 -62.41 9.26
CA CYS H 67 -33.62 -62.93 8.36
C CYS H 67 -34.99 -62.28 8.60
N VAL H 68 -35.43 -62.26 9.86
CA VAL H 68 -36.71 -61.69 10.24
C VAL H 68 -36.91 -60.29 9.70
N ALA H 69 -35.81 -59.52 9.65
CA ALA H 69 -35.86 -58.14 9.18
C ALA H 69 -36.40 -58.04 7.76
N HIS H 70 -35.78 -58.78 6.83
CA HIS H 70 -36.19 -58.76 5.43
C HIS H 70 -37.68 -58.96 5.23
N LYS H 71 -38.31 -59.60 6.21
CA LYS H 71 -39.72 -59.93 6.08
C LYS H 71 -40.70 -59.28 7.06
N LEU H 72 -40.49 -59.52 8.34
CA LEU H 72 -41.38 -59.00 9.38
C LEU H 72 -42.19 -57.75 9.06
N PHE H 73 -41.58 -56.75 8.45
CA PHE H 73 -42.31 -55.52 8.16
C PHE H 73 -43.38 -55.54 7.08
N ASN H 74 -43.39 -56.56 6.23
CA ASN H 74 -44.40 -56.64 5.16
C ASN H 74 -45.74 -56.97 5.79
N LYS H 75 -45.66 -57.77 6.84
CA LYS H 75 -46.85 -58.21 7.54
C LYS H 75 -47.36 -57.21 8.57
N LEU H 76 -46.57 -56.18 8.86
CA LEU H 76 -46.96 -55.15 9.82
C LEU H 76 -47.58 -53.92 9.11
N LYS H 77 -48.40 -53.15 9.81
CA LYS H 77 -49.04 -51.97 9.22
C LYS H 77 -48.26 -50.66 9.40
N UNK I 1 -5.01 18.91 -39.59
CA UNK I 1 -6.48 18.96 -39.36
C UNK I 1 -7.22 17.85 -40.12
N UNK I 2 -6.49 17.11 -40.96
CA UNK I 2 -7.10 16.03 -41.73
C UNK I 2 -6.00 15.18 -42.39
N UNK I 3 -4.80 15.24 -41.81
CA UNK I 3 -3.67 14.47 -42.30
C UNK I 3 -2.44 14.70 -41.41
N UNK I 4 -1.79 13.61 -41.02
CA UNK I 4 -0.61 13.73 -40.19
C UNK I 4 -0.09 12.45 -39.57
N UNK I 5 -0.29 12.31 -38.26
CA UNK I 5 0.19 11.14 -37.52
C UNK I 5 1.61 11.36 -37.03
N UNK I 6 1.79 11.55 -35.72
CA UNK I 6 3.12 11.82 -35.18
C UNK I 6 3.77 10.72 -34.34
N UNK I 7 4.83 10.13 -34.88
CA UNK I 7 5.59 9.08 -34.23
C UNK I 7 5.99 9.41 -32.77
N UNK I 8 7.01 8.72 -32.24
CA UNK I 8 7.44 9.00 -30.85
C UNK I 8 8.86 8.54 -30.46
N UNK I 9 9.59 9.44 -29.80
CA UNK I 9 10.94 9.13 -29.36
C UNK I 9 11.09 9.32 -27.86
N UNK I 10 12.32 9.12 -27.35
CA UNK I 10 12.62 9.28 -25.92
C UNK I 10 13.49 10.50 -25.65
N UNK I 11 13.53 10.92 -24.38
CA UNK I 11 14.28 12.11 -24.05
C UNK I 11 15.21 12.18 -22.84
N UNK I 12 15.81 11.07 -22.45
CA UNK I 12 16.74 11.14 -21.31
C UNK I 12 17.89 11.87 -21.99
N UNK I 13 17.89 11.76 -23.31
CA UNK I 13 18.89 12.38 -24.16
C UNK I 13 18.57 12.17 -25.64
N UNK I 14 17.34 11.70 -25.92
CA UNK I 14 16.92 11.47 -27.30
C UNK I 14 17.04 10.02 -27.77
N UNK I 15 15.91 9.44 -28.16
CA UNK I 15 15.90 8.06 -28.63
C UNK I 15 17.11 7.66 -29.47
CA ARG I 16 11.47 2.86 -40.05
C ARG I 16 12.82 3.09 -40.71
N PRO I 17 13.64 2.02 -40.84
CA PRO I 17 14.98 2.06 -41.46
C PRO I 17 15.05 1.92 -42.99
N LEU I 18 16.04 2.57 -43.57
CA LEU I 18 16.28 2.55 -45.01
C LEU I 18 17.43 1.58 -45.32
N LEU I 19 17.34 0.85 -46.42
CA LEU I 19 18.36 -0.12 -46.81
C LEU I 19 18.60 -0.20 -48.33
N CYS I 20 17.59 0.11 -49.14
CA CYS I 20 17.69 0.07 -50.61
C CYS I 20 17.52 1.45 -51.27
N ARG I 21 18.12 1.65 -52.45
CA ARG I 21 18.03 2.92 -53.16
C ARG I 21 16.59 3.39 -53.31
N GLU I 22 15.67 2.42 -53.42
CA GLU I 22 14.26 2.67 -53.61
C GLU I 22 13.56 3.48 -52.49
N SER I 23 13.75 3.08 -51.23
CA SER I 23 13.13 3.75 -50.10
C SER I 23 13.87 5.03 -49.65
N MET I 24 15.07 5.23 -50.18
CA MET I 24 15.87 6.39 -49.84
C MET I 24 15.75 7.49 -50.91
N SER I 25 15.56 7.11 -52.19
CA SER I 25 15.46 8.10 -53.27
C SER I 25 14.47 9.23 -52.94
N GLY I 26 15.01 10.45 -52.83
CA GLY I 26 14.23 11.63 -52.49
C GLY I 26 14.56 12.11 -51.08
N ARG I 27 15.10 11.20 -50.29
CA ARG I 27 15.48 11.46 -48.89
C ARG I 27 16.65 12.43 -48.74
N SER I 28 17.10 13.04 -49.83
CA SER I 28 18.19 14.02 -49.78
C SER I 28 17.58 15.43 -49.81
N ALA I 29 17.90 16.23 -48.78
CA ALA I 29 17.37 17.59 -48.64
C ALA I 29 17.01 18.23 -49.96
N ARG I 30 15.70 18.43 -50.17
CA ARG I 30 15.23 19.05 -51.40
C ARG I 30 15.71 20.51 -51.40
N ARG I 31 15.34 21.26 -50.36
CA ARG I 31 15.75 22.66 -50.22
C ARG I 31 16.18 23.02 -48.78
N ASP I 32 15.70 24.16 -48.30
CA ASP I 32 16.02 24.67 -46.97
C ASP I 32 15.54 23.79 -45.82
N LEU I 33 14.44 24.20 -45.17
CA LEU I 33 13.90 23.45 -44.05
C LEU I 33 12.75 24.23 -43.40
N VAL I 34 11.55 23.68 -43.48
CA VAL I 34 10.39 24.34 -42.88
C VAL I 34 10.06 23.57 -41.63
N ALA I 35 9.45 24.25 -40.67
CA ALA I 35 9.04 23.62 -39.43
C ALA I 35 7.58 23.97 -39.29
N GLY I 36 6.79 23.00 -38.87
CA GLY I 36 5.37 23.25 -38.70
C GLY I 36 4.83 22.69 -37.40
N ILE I 37 3.82 23.37 -36.89
CA ILE I 37 3.17 22.97 -35.66
C ILE I 37 1.72 23.33 -35.85
N SER I 38 0.84 22.39 -35.54
CA SER I 38 -0.57 22.66 -35.68
C SER I 38 -1.13 22.54 -34.27
N LEU I 39 -2.28 23.14 -34.03
CA LEU I 39 -2.89 23.05 -32.72
C LEU I 39 -3.79 21.80 -32.68
N ASN I 40 -4.19 21.32 -33.86
CA ASN I 40 -5.06 20.15 -33.98
C ASN I 40 -4.54 19.07 -34.94
N ALA I 41 -3.23 18.99 -35.10
CA ALA I 41 -2.65 18.00 -36.00
C ALA I 41 -1.18 17.73 -35.67
N PRO I 42 -0.47 16.94 -36.48
CA PRO I 42 0.94 16.60 -36.27
C PRO I 42 1.97 17.73 -36.26
N ALA I 43 3.23 17.34 -36.44
CA ALA I 43 4.37 18.25 -36.48
C ALA I 43 5.06 18.05 -37.83
N SER I 44 4.96 19.05 -38.71
CA SER I 44 5.58 18.96 -40.03
C SER I 44 7.04 19.46 -40.03
N VAL I 45 7.86 18.78 -40.83
CA VAL I 45 9.29 19.09 -40.95
C VAL I 45 9.81 18.76 -42.37
N ARG I 46 10.60 19.67 -42.96
CA ARG I 46 11.17 19.49 -44.29
C ARG I 46 12.68 19.55 -44.28
N ALA J 1 -36.49 -17.72 -34.62
CA ALA J 1 -35.29 -18.01 -33.80
C ALA J 1 -35.44 -17.36 -32.42
N LEU J 2 -35.68 -18.18 -31.39
CA LEU J 2 -35.83 -17.64 -30.03
C LEU J 2 -34.58 -17.04 -29.46
N LEU J 3 -33.45 -17.72 -29.67
CA LEU J 3 -32.19 -17.28 -29.14
C LEU J 3 -31.92 -15.84 -29.53
N ARG J 4 -32.08 -15.52 -30.80
CA ARG J 4 -31.86 -14.16 -31.25
C ARG J 4 -32.87 -13.24 -30.60
N GLN J 5 -34.14 -13.61 -30.66
CA GLN J 5 -35.17 -12.79 -30.07
C GLN J 5 -34.83 -12.52 -28.62
N ALA J 6 -34.52 -13.58 -27.90
CA ALA J 6 -34.16 -13.52 -26.49
C ALA J 6 -32.95 -12.63 -26.25
N TYR J 7 -31.97 -12.75 -27.14
CA TYR J 7 -30.77 -11.95 -27.04
C TYR J 7 -31.13 -10.49 -27.18
N SER J 8 -31.60 -10.10 -28.35
CA SER J 8 -31.96 -8.71 -28.57
C SER J 8 -32.94 -8.15 -27.53
N ALA J 9 -34.01 -8.90 -27.29
CA ALA J 9 -35.04 -8.51 -26.35
C ALA J 9 -34.61 -8.44 -24.87
N LEU J 10 -34.07 -9.55 -24.37
CA LEU J 10 -33.70 -9.63 -22.97
C LEU J 10 -32.24 -9.41 -22.63
N PHE J 11 -31.41 -10.36 -23.02
CA PHE J 11 -29.96 -10.36 -22.73
C PHE J 11 -29.01 -9.25 -23.21
N ARG J 12 -29.39 -8.48 -24.22
CA ARG J 12 -28.51 -7.43 -24.73
C ARG J 12 -28.38 -6.22 -23.81
N ARG J 13 -29.51 -5.57 -23.51
CA ARG J 13 -29.55 -4.41 -22.61
C ARG J 13 -29.43 -4.88 -21.16
N THR J 14 -28.24 -4.70 -20.58
CA THR J 14 -27.96 -5.10 -19.20
C THR J 14 -29.07 -4.80 -18.21
N SER J 15 -29.88 -3.78 -18.49
CA SER J 15 -31.00 -3.44 -17.63
C SER J 15 -32.14 -4.45 -17.78
N THR J 16 -32.46 -4.82 -19.02
CA THR J 16 -33.53 -5.79 -19.24
C THR J 16 -33.05 -7.17 -18.80
N PHE J 17 -31.74 -7.39 -18.86
CA PHE J 17 -31.21 -8.67 -18.47
C PHE J 17 -31.53 -8.90 -17.00
N ALA J 18 -31.31 -7.88 -16.18
CA ALA J 18 -31.60 -7.99 -14.75
C ALA J 18 -33.12 -8.11 -14.54
N LEU J 19 -33.88 -7.36 -15.32
CA LEU J 19 -35.32 -7.42 -15.23
C LEU J 19 -35.82 -8.83 -15.50
N THR J 20 -35.17 -9.50 -16.44
CA THR J 20 -35.51 -10.86 -16.81
C THR J 20 -35.20 -11.77 -15.64
N VAL J 21 -34.00 -11.62 -15.09
CA VAL J 21 -33.61 -12.43 -13.95
C VAL J 21 -34.66 -12.33 -12.82
N VAL J 22 -35.12 -11.11 -12.51
CA VAL J 22 -36.11 -10.93 -11.46
C VAL J 22 -37.42 -11.65 -11.81
N LEU J 23 -38.11 -11.18 -12.85
CA LEU J 23 -39.35 -11.82 -13.22
C LEU J 23 -39.10 -13.31 -13.42
N GLY J 24 -37.94 -13.63 -13.97
CA GLY J 24 -37.61 -15.02 -14.23
C GLY J 24 -37.50 -15.85 -12.98
N ALA J 25 -36.88 -15.27 -11.95
CA ALA J 25 -36.74 -15.97 -10.68
C ALA J 25 -38.14 -16.20 -10.10
N VAL J 26 -38.98 -15.17 -10.13
CA VAL J 26 -40.36 -15.25 -9.64
C VAL J 26 -41.11 -16.46 -10.20
N LEU J 27 -41.19 -16.54 -11.53
CA LEU J 27 -41.85 -17.65 -12.22
C LEU J 27 -41.20 -18.98 -11.88
N PHE J 28 -39.87 -19.01 -11.93
CA PHE J 28 -39.12 -20.22 -11.61
C PHE J 28 -39.47 -20.75 -10.22
N GLU J 29 -39.47 -19.86 -9.23
CA GLU J 29 -39.80 -20.26 -7.86
C GLU J 29 -41.14 -20.98 -7.86
N ARG J 30 -42.20 -20.18 -8.00
CA ARG J 30 -43.56 -20.69 -8.04
C ARG J 30 -43.69 -22.09 -8.62
N ALA J 31 -43.05 -22.32 -9.75
CA ALA J 31 -43.15 -23.61 -10.39
C ALA J 31 -42.24 -24.67 -9.81
N PHE J 32 -40.99 -24.30 -9.55
CA PHE J 32 -40.05 -25.26 -8.99
C PHE J 32 -40.55 -25.76 -7.65
N ASP J 33 -41.20 -24.89 -6.88
CA ASP J 33 -41.72 -25.32 -5.60
C ASP J 33 -42.84 -26.33 -5.83
N GLN J 34 -43.91 -25.89 -6.48
CA GLN J 34 -45.05 -26.76 -6.77
C GLN J 34 -44.66 -28.14 -7.23
N GLY J 35 -43.83 -28.19 -8.26
CA GLY J 35 -43.38 -29.46 -8.81
C GLY J 35 -42.67 -30.34 -7.80
N ALA J 36 -41.78 -29.74 -7.03
CA ALA J 36 -41.02 -30.47 -6.02
C ALA J 36 -41.92 -30.99 -4.90
N ASP J 37 -42.81 -30.15 -4.39
CA ASP J 37 -43.69 -30.62 -3.33
C ASP J 37 -44.46 -31.78 -3.89
N ALA J 38 -44.98 -31.57 -5.09
CA ALA J 38 -45.76 -32.58 -5.80
C ALA J 38 -44.96 -33.86 -5.90
N ILE J 39 -43.68 -33.76 -6.25
CA ILE J 39 -42.86 -34.97 -6.35
C ILE J 39 -42.71 -35.58 -4.97
N PHE J 40 -42.39 -34.75 -3.98
CA PHE J 40 -42.20 -35.25 -2.64
C PHE J 40 -43.45 -35.95 -2.11
N GLU J 41 -44.58 -35.26 -2.17
CA GLU J 41 -45.82 -35.81 -1.68
C GLU J 41 -46.18 -37.12 -2.36
N HIS J 42 -46.22 -37.10 -3.68
CA HIS J 42 -46.55 -38.29 -4.44
C HIS J 42 -45.68 -39.43 -3.95
N LEU J 43 -44.39 -39.12 -3.76
CA LEU J 43 -43.45 -40.13 -3.30
C LEU J 43 -43.84 -40.68 -1.93
N ASN J 44 -44.76 -40.02 -1.24
CA ASN J 44 -45.19 -40.45 0.09
C ASN J 44 -46.71 -40.48 0.22
N GLU J 45 -47.37 -41.21 -0.65
CA GLU J 45 -48.82 -41.28 -0.60
C GLU J 45 -49.36 -41.85 0.70
N GLY J 46 -50.40 -41.19 1.23
CA GLY J 46 -51.03 -41.61 2.47
C GLY J 46 -50.19 -41.61 3.75
N LYS J 47 -48.96 -41.13 3.68
CA LYS J 47 -48.11 -41.12 4.87
C LYS J 47 -48.14 -39.79 5.55
N LEU J 48 -48.45 -38.74 4.79
CA LEU J 48 -48.51 -37.40 5.33
C LEU J 48 -49.81 -37.11 6.05
N TRP J 49 -49.81 -36.14 6.94
CA TRP J 49 -51.01 -35.78 7.68
C TRP J 49 -51.97 -35.23 6.66
N LYS J 50 -51.45 -34.45 5.72
CA LYS J 50 -52.28 -33.87 4.68
C LYS J 50 -53.25 -34.96 4.17
N HIS J 51 -52.76 -36.20 4.08
CA HIS J 51 -53.54 -37.34 3.60
C HIS J 51 -54.50 -37.89 4.65
N ILE J 52 -53.97 -38.53 5.69
CA ILE J 52 -54.82 -39.13 6.74
C ILE J 52 -55.74 -38.16 7.46
N LYS J 53 -55.50 -36.86 7.29
CA LYS J 53 -56.29 -35.81 7.94
C LYS J 53 -57.80 -35.97 7.98
N HIS J 54 -58.41 -36.36 6.85
CA HIS J 54 -59.87 -36.51 6.76
C HIS J 54 -60.52 -37.40 7.82
N LYS J 55 -59.79 -38.40 8.29
CA LYS J 55 -60.29 -39.34 9.27
C LYS J 55 -60.66 -38.75 10.62
N TYR J 56 -60.16 -37.57 10.96
CA TYR J 56 -60.44 -36.99 12.27
C TYR J 56 -60.91 -35.55 12.14
N GLU J 57 -60.78 -35.02 10.93
CA GLU J 57 -61.14 -33.65 10.61
C GLU J 57 -62.65 -33.45 10.37
N ALA J 58 -63.39 -33.19 11.44
CA ALA J 58 -64.85 -32.95 11.39
C ALA J 58 -65.71 -34.25 11.33
N SER J 59 -65.04 -35.41 11.42
CA SER J 59 -65.71 -36.71 11.39
C SER J 59 -65.45 -37.53 12.65
N GLU J 60 -65.69 -36.94 13.83
CA GLU J 60 -65.45 -37.64 15.10
C GLU J 60 -65.92 -36.89 16.36
N GLU J 61 -66.42 -37.67 17.33
CA GLU J 61 -66.91 -37.19 18.64
C GLU J 61 -68.14 -36.26 18.58
N THR K 3 62.80 -3.48 3.39
CA THR K 3 61.82 -3.85 4.46
C THR K 3 61.28 -2.70 5.34
N TYR K 4 59.96 -2.65 5.49
CA TYR K 4 59.25 -1.62 6.25
C TYR K 4 59.93 -1.22 7.54
N ALA K 5 59.88 -2.14 8.50
CA ALA K 5 60.46 -1.99 9.83
C ALA K 5 61.66 -1.05 9.92
N GLN K 6 62.55 -1.15 8.94
CA GLN K 6 63.76 -0.33 8.92
C GLN K 6 63.64 0.99 8.18
N THR K 7 63.09 0.96 6.97
CA THR K 7 62.93 2.20 6.20
C THR K 7 62.40 3.30 7.11
N LEU K 8 61.71 2.90 8.16
CA LEU K 8 61.15 3.84 9.12
C LEU K 8 62.22 4.54 9.97
N GLN K 9 63.35 3.86 10.14
CA GLN K 9 64.44 4.39 10.94
C GLN K 9 65.44 5.19 10.12
N ASN K 10 65.77 4.68 8.94
CA ASN K 10 66.73 5.36 8.06
C ASN K 10 66.22 6.71 7.56
N ILE K 11 65.04 7.11 8.04
CA ILE K 11 64.48 8.39 7.66
C ILE K 11 65.21 9.43 8.50
N PRO K 12 65.86 10.39 7.83
CA PRO K 12 66.59 11.45 8.55
C PRO K 12 65.75 12.16 9.62
N GLU K 13 66.33 12.28 10.81
CA GLU K 13 65.66 12.91 11.93
C GLU K 13 65.43 14.40 11.68
N THR K 14 64.45 14.96 12.37
CA THR K 14 64.15 16.38 12.20
C THR K 14 64.86 17.22 13.23
N ASN K 15 65.74 18.10 12.74
CA ASN K 15 66.52 18.99 13.61
C ASN K 15 65.68 20.16 14.07
N VAL K 16 65.75 20.45 15.37
CA VAL K 16 64.99 21.56 15.93
C VAL K 16 65.85 22.37 16.91
N THR K 17 65.97 23.66 16.64
CA THR K 17 66.73 24.57 17.50
C THR K 17 65.97 25.90 17.54
N THR K 18 65.71 26.37 18.75
CA THR K 18 64.96 27.61 18.93
C THR K 18 65.91 28.82 18.94
N LEU K 19 65.38 29.94 18.48
CA LEU K 19 66.15 31.19 18.45
C LEU K 19 65.80 31.98 19.73
N ASP K 20 66.82 32.60 20.31
CA ASP K 20 66.64 33.35 21.53
C ASP K 20 65.53 34.43 21.47
N ASN K 21 64.81 34.50 20.34
CA ASN K 21 63.74 35.49 20.21
C ASN K 21 62.36 34.87 20.28
N GLY K 22 62.32 33.54 20.46
CA GLY K 22 61.06 32.83 20.56
C GLY K 22 60.71 31.93 19.38
N LEU K 23 61.24 32.27 18.20
CA LEU K 23 61.01 31.52 16.97
C LEU K 23 61.72 30.19 17.00
N ARG K 24 61.13 29.20 16.34
CA ARG K 24 61.70 27.86 16.28
C ARG K 24 62.08 27.50 14.85
N VAL K 25 63.23 26.85 14.69
CA VAL K 25 63.66 26.45 13.37
C VAL K 25 63.73 24.93 13.34
N ALA K 26 63.19 24.34 12.27
CA ALA K 26 63.19 22.89 12.14
C ALA K 26 63.28 22.43 10.68
N SER K 27 63.84 21.25 10.48
CA SER K 27 63.99 20.74 9.13
C SER K 27 64.41 19.27 9.00
N GLU K 28 63.94 18.65 7.91
CA GLU K 28 64.26 17.27 7.56
C GLU K 28 65.06 17.35 6.28
N GLU K 29 66.35 17.08 6.41
CA GLU K 29 67.26 17.13 5.28
C GLU K 29 67.20 15.86 4.43
N SER K 30 67.04 16.07 3.12
CA SER K 30 66.98 14.96 2.17
C SER K 30 67.97 15.18 1.04
N SER K 31 68.10 14.19 0.18
CA SER K 31 69.00 14.26 -0.95
C SER K 31 68.46 15.18 -2.04
N GLN K 32 67.15 15.40 -2.02
CA GLN K 32 66.48 16.22 -3.02
C GLN K 32 67.12 17.57 -3.37
N PRO K 33 67.31 17.82 -4.67
CA PRO K 33 67.90 19.03 -5.24
C PRO K 33 66.95 20.20 -5.11
N THR K 34 65.66 19.89 -5.16
CA THR K 34 64.62 20.89 -5.03
C THR K 34 64.15 20.83 -3.58
N CYS K 35 63.30 21.78 -3.15
CA CYS K 35 62.80 21.77 -1.77
C CYS K 35 61.69 22.77 -1.49
N THR K 36 61.33 22.86 -0.21
CA THR K 36 60.27 23.76 0.26
C THR K 36 60.54 24.23 1.69
N VAL K 37 60.27 25.52 1.92
CA VAL K 37 60.44 26.13 3.23
C VAL K 37 59.44 27.26 3.44
N GLY K 38 58.97 27.40 4.67
CA GLY K 38 58.01 28.44 5.00
C GLY K 38 57.83 28.57 6.50
N VAL K 39 57.02 29.57 6.86
CA VAL K 39 56.72 29.85 8.25
C VAL K 39 55.28 29.45 8.58
N TRP K 40 55.13 28.62 9.61
CA TRP K 40 53.83 28.15 10.05
C TRP K 40 53.43 28.89 11.31
N ILE K 41 52.61 29.91 11.13
CA ILE K 41 52.15 30.75 12.22
C ILE K 41 50.96 30.18 12.97
N GLY K 42 51.01 30.29 14.28
CA GLY K 42 49.92 29.80 15.09
C GLY K 42 48.88 30.90 15.24
N ALA K 43 48.27 31.28 14.11
CA ALA K 43 47.25 32.32 14.12
C ALA K 43 46.11 31.95 13.21
N GLY K 44 44.89 32.32 13.58
CA GLY K 44 43.76 31.99 12.75
C GLY K 44 42.54 32.88 12.94
N SER K 45 41.37 32.33 12.65
CA SER K 45 40.11 33.05 12.79
C SER K 45 39.67 32.89 14.24
N ARG K 46 40.17 31.83 14.89
CA ARG K 46 39.84 31.58 16.28
C ARG K 46 40.39 32.74 17.09
N TYR K 47 41.57 33.23 16.69
CA TYR K 47 42.21 34.33 17.38
C TYR K 47 41.54 35.67 17.09
N GLU K 48 40.74 35.72 16.04
CA GLU K 48 40.06 36.96 15.69
C GLU K 48 38.91 37.24 16.62
N ASN K 49 38.58 38.53 16.79
CA ASN K 49 37.47 38.95 17.62
C ASN K 49 36.32 39.20 16.65
N GLU K 50 35.17 39.59 17.17
CA GLU K 50 34.01 39.80 16.34
C GLU K 50 34.08 41.01 15.42
N LYS K 51 34.96 41.94 15.74
CA LYS K 51 35.09 43.14 14.91
C LYS K 51 36.20 43.06 13.86
N ASN K 52 37.15 42.14 14.05
CA ASN K 52 38.25 41.96 13.11
C ASN K 52 38.22 40.56 12.47
N ASN K 53 37.03 39.97 12.44
CA ASN K 53 36.84 38.64 11.85
C ASN K 53 37.20 38.74 10.38
N GLY K 54 38.21 37.99 9.98
CA GLY K 54 38.63 38.01 8.59
C GLY K 54 39.95 38.67 8.30
N ALA K 55 40.52 39.37 9.30
CA ALA K 55 41.80 40.03 9.12
C ALA K 55 42.84 39.03 8.63
N GLY K 56 43.07 37.96 9.39
CA GLY K 56 44.05 36.96 9.00
C GLY K 56 43.92 36.47 7.56
N TYR K 57 42.77 36.72 6.96
CA TYR K 57 42.47 36.32 5.58
C TYR K 57 42.74 37.49 4.61
N PHE K 58 42.34 38.69 5.05
CA PHE K 58 42.54 39.91 4.26
C PHE K 58 44.05 40.06 4.16
N VAL K 59 44.75 39.59 5.20
CA VAL K 59 46.20 39.61 5.29
C VAL K 59 46.78 38.56 4.36
N GLU K 60 46.27 37.33 4.45
CA GLU K 60 46.74 36.24 3.60
C GLU K 60 46.76 36.77 2.15
N HIS K 61 45.84 37.68 1.86
CA HIS K 61 45.70 38.27 0.53
C HIS K 61 46.70 39.34 0.17
N LEU K 62 47.21 40.04 1.17
CA LEU K 62 48.17 41.09 0.92
C LEU K 62 49.61 40.64 1.15
N ALA K 63 49.78 39.41 1.64
CA ALA K 63 51.11 38.92 1.93
C ALA K 63 52.01 38.81 0.70
N PHE K 64 51.42 38.80 -0.49
CA PHE K 64 52.19 38.68 -1.73
C PHE K 64 52.07 39.89 -2.66
N LYS K 65 51.37 40.92 -2.21
CA LYS K 65 51.19 42.11 -3.03
C LYS K 65 52.29 43.12 -2.69
N GLY K 66 53.42 42.59 -2.21
CA GLY K 66 54.56 43.41 -1.88
C GLY K 66 54.91 43.71 -0.43
N THR K 67 56.20 43.99 -0.21
CA THR K 67 56.76 44.34 1.10
C THR K 67 57.26 45.78 1.02
N LYS K 68 57.83 46.27 2.12
CA LYS K 68 58.35 47.63 2.14
C LYS K 68 59.72 47.66 1.48
N LYS K 69 60.50 46.62 1.71
CA LYS K 69 61.84 46.56 1.13
C LYS K 69 61.77 46.33 -0.39
N ARG K 70 60.58 46.02 -0.90
CA ARG K 70 60.39 45.78 -2.35
C ARG K 70 58.90 45.65 -2.72
N PRO K 71 58.34 46.65 -3.44
CA PRO K 71 56.93 46.68 -3.87
C PRO K 71 56.48 45.49 -4.74
N CYS K 72 55.19 45.49 -5.08
CA CYS K 72 54.56 44.41 -5.86
C CYS K 72 55.36 43.87 -7.05
N ALA K 73 55.41 44.65 -8.13
CA ALA K 73 56.12 44.25 -9.34
C ALA K 73 57.45 43.58 -9.05
N ALA K 74 58.30 44.26 -8.27
CA ALA K 74 59.61 43.75 -7.92
C ALA K 74 59.51 42.42 -7.18
N PHE K 75 58.72 42.42 -6.11
CA PHE K 75 58.55 41.22 -5.30
C PHE K 75 58.13 40.04 -6.17
N GLU K 76 57.04 40.21 -6.92
CA GLU K 76 56.55 39.13 -7.79
C GLU K 76 57.63 38.73 -8.76
N LYS K 77 58.13 39.71 -9.52
CA LYS K 77 59.17 39.48 -10.49
C LYS K 77 60.30 38.67 -9.88
N GLU K 78 60.83 39.13 -8.74
CA GLU K 78 61.93 38.44 -8.07
C GLU K 78 61.67 36.97 -7.77
N VAL K 79 60.43 36.64 -7.43
CA VAL K 79 60.07 35.27 -7.10
C VAL K 79 59.95 34.40 -8.35
N GLU K 80 59.10 34.83 -9.27
CA GLU K 80 58.88 34.11 -10.52
C GLU K 80 60.21 33.77 -11.17
N SER K 81 60.96 34.80 -11.52
CA SER K 81 62.26 34.69 -12.18
C SER K 81 63.29 33.70 -11.62
N MET K 82 63.03 33.17 -10.42
CA MET K 82 63.97 32.20 -9.85
C MET K 82 63.29 30.85 -9.81
N GLY K 83 62.13 30.79 -10.47
CA GLY K 83 61.35 29.56 -10.56
C GLY K 83 60.79 29.01 -9.26
N ALA K 84 60.68 29.86 -8.24
CA ALA K 84 60.16 29.44 -6.94
C ALA K 84 58.65 29.64 -6.90
N HIS K 85 57.97 28.78 -6.14
CA HIS K 85 56.52 28.87 -6.02
C HIS K 85 56.17 29.33 -4.63
N PHE K 86 55.55 30.51 -4.55
CA PHE K 86 55.15 31.04 -3.26
C PHE K 86 53.65 30.90 -3.05
N ASN K 87 53.28 30.14 -2.03
CA ASN K 87 51.90 29.91 -1.68
C ASN K 87 51.73 29.90 -0.18
N GLY K 88 50.49 29.71 0.26
CA GLY K 88 50.20 29.66 1.68
C GLY K 88 48.70 29.59 1.94
N TYR K 89 48.32 29.73 3.21
CA TYR K 89 46.91 29.68 3.57
C TYR K 89 46.62 30.22 4.94
N THR K 90 45.39 30.01 5.39
CA THR K 90 44.97 30.47 6.69
C THR K 90 43.70 29.74 7.14
N SER K 91 43.77 29.02 8.26
CA SER K 91 42.63 28.28 8.78
C SER K 91 42.15 28.94 10.06
N ARG K 92 41.46 28.21 10.93
CA ARG K 92 40.94 28.76 12.18
C ARG K 92 42.02 28.91 13.27
N GLU K 93 42.92 27.94 13.33
CA GLU K 93 44.00 27.96 14.31
C GLU K 93 45.35 27.83 13.64
N GLN K 94 45.44 28.18 12.35
CA GLN K 94 46.73 28.04 11.67
C GLN K 94 46.83 28.74 10.32
N THR K 95 47.84 29.60 10.20
CA THR K 95 48.14 30.32 8.97
C THR K 95 49.54 29.80 8.59
N ALA K 96 49.89 29.85 7.31
CA ALA K 96 51.21 29.41 6.88
C ALA K 96 51.55 29.97 5.50
N PHE K 97 52.81 30.38 5.32
CA PHE K 97 53.28 30.91 4.04
C PHE K 97 54.59 30.18 3.78
N TYR K 98 54.62 29.39 2.72
CA TYR K 98 55.81 28.61 2.40
C TYR K 98 56.20 28.82 0.95
N ILE K 99 57.44 28.48 0.62
CA ILE K 99 57.96 28.64 -0.73
C ILE K 99 58.60 27.35 -1.26
N LYS K 100 58.34 27.06 -2.54
CA LYS K 100 58.89 25.89 -3.20
C LYS K 100 59.96 26.36 -4.15
N ALA K 101 61.21 26.00 -3.87
CA ALA K 101 62.31 26.40 -4.74
C ALA K 101 63.42 25.37 -4.74
N LEU K 102 64.45 25.66 -5.52
CA LEU K 102 65.60 24.77 -5.65
C LEU K 102 66.41 24.96 -4.38
N SER K 103 66.93 23.86 -3.84
CA SER K 103 67.72 23.91 -2.59
C SER K 103 68.75 25.03 -2.54
N LYS K 104 69.20 25.48 -3.72
CA LYS K 104 70.17 26.55 -3.84
C LYS K 104 69.62 27.84 -3.21
N ASP K 105 68.57 28.38 -3.80
CA ASP K 105 67.96 29.62 -3.33
C ASP K 105 67.45 29.57 -1.89
N MET K 106 67.65 28.44 -1.22
CA MET K 106 67.21 28.25 0.16
C MET K 106 67.30 29.50 1.07
N PRO K 107 68.49 30.12 1.17
CA PRO K 107 68.72 31.31 1.98
C PRO K 107 68.09 32.62 1.48
N LYS K 108 68.10 32.83 0.16
CA LYS K 108 67.47 34.05 -0.38
C LYS K 108 65.96 33.90 -0.17
N VAL K 109 65.51 32.66 0.01
CA VAL K 109 64.10 32.38 0.23
C VAL K 109 63.72 32.81 1.65
N VAL K 110 64.46 32.29 2.62
CA VAL K 110 64.22 32.59 4.03
C VAL K 110 64.06 34.10 4.23
N GLU K 111 64.89 34.87 3.52
CA GLU K 111 64.85 36.33 3.58
C GLU K 111 63.47 36.80 3.14
N LEU K 112 63.02 36.23 2.02
CA LEU K 112 61.73 36.56 1.47
C LEU K 112 60.63 36.28 2.49
N LEU K 113 60.55 35.03 2.93
CA LEU K 113 59.55 34.64 3.91
C LEU K 113 59.50 35.75 4.95
N ALA K 114 60.65 35.95 5.59
CA ALA K 114 60.82 36.95 6.64
C ALA K 114 60.29 38.32 6.25
N ASP K 115 60.68 38.81 5.08
CA ASP K 115 60.23 40.12 4.64
C ASP K 115 58.72 40.18 4.53
N VAL K 116 58.09 39.05 4.21
CA VAL K 116 56.62 38.98 4.04
C VAL K 116 55.85 39.16 5.35
N VAL K 117 56.19 38.32 6.32
CA VAL K 117 55.57 38.33 7.63
C VAL K 117 55.81 39.66 8.37
N GLN K 118 57.09 40.02 8.53
CA GLN K 118 57.51 41.23 9.23
C GLN K 118 57.23 42.56 8.53
N ASN K 119 57.56 42.66 7.25
CA ASN K 119 57.37 43.91 6.51
C ASN K 119 56.36 43.93 5.38
N CYS K 120 55.13 43.52 5.64
CA CYS K 120 54.13 43.56 4.57
C CYS K 120 53.77 45.03 4.30
N ALA K 121 53.86 45.45 3.04
CA ALA K 121 53.56 46.82 2.64
C ALA K 121 52.20 47.35 3.08
N LEU K 122 51.14 46.62 2.74
CA LEU K 122 49.78 47.04 3.10
C LEU K 122 49.42 48.36 2.44
N GLU K 123 49.79 48.47 1.17
CA GLU K 123 49.51 49.68 0.40
C GLU K 123 48.02 50.00 0.39
N GLU K 124 47.68 51.19 0.89
CA GLU K 124 46.29 51.65 0.94
C GLU K 124 45.48 51.38 -0.34
N SER K 125 46.15 51.43 -1.49
CA SER K 125 45.50 51.21 -2.77
C SER K 125 45.27 49.74 -3.12
N GLN K 126 46.14 48.87 -2.61
CA GLN K 126 46.03 47.42 -2.84
C GLN K 126 44.89 46.87 -1.98
N ILE K 127 44.65 47.52 -0.85
CA ILE K 127 43.60 47.11 0.06
C ILE K 127 42.20 47.31 -0.51
N GLU K 128 42.00 48.38 -1.29
CA GLU K 128 40.69 48.61 -1.87
C GLU K 128 40.38 47.65 -3.01
N LYS K 129 41.41 46.97 -3.50
CA LYS K 129 41.23 46.01 -4.57
C LYS K 129 40.96 44.64 -3.97
N GLU K 130 41.79 44.23 -3.02
CA GLU K 130 41.63 42.94 -2.35
C GLU K 130 40.27 42.88 -1.66
N ARG K 131 39.63 44.02 -1.52
CA ARG K 131 38.33 44.10 -0.88
C ARG K 131 37.25 43.53 -1.80
N GLY K 132 37.25 43.96 -3.06
CA GLY K 132 36.27 43.46 -4.01
C GLY K 132 36.57 42.02 -4.40
N VAL K 133 37.86 41.66 -4.33
CA VAL K 133 38.36 40.32 -4.64
C VAL K 133 37.89 39.32 -3.59
N ILE K 134 38.11 39.62 -2.32
CA ILE K 134 37.65 38.75 -1.25
C ILE K 134 36.14 38.62 -1.44
N LEU K 135 35.45 39.76 -1.47
CA LEU K 135 34.00 39.74 -1.65
C LEU K 135 33.51 38.77 -2.74
N GLN K 136 34.32 38.51 -3.76
CA GLN K 136 33.91 37.57 -4.82
C GLN K 136 34.13 36.16 -4.34
N GLU K 137 35.32 35.91 -3.81
CA GLU K 137 35.67 34.60 -3.30
C GLU K 137 34.60 34.15 -2.30
N LEU K 138 33.95 35.10 -1.64
CA LEU K 138 32.91 34.76 -0.69
C LEU K 138 31.68 34.31 -1.47
N LYS K 139 31.44 34.96 -2.61
CA LYS K 139 30.29 34.64 -3.45
C LYS K 139 30.53 33.39 -4.28
N GLU K 140 31.79 33.04 -4.48
CA GLU K 140 32.10 31.84 -5.24
C GLU K 140 32.04 30.66 -4.25
N MET K 141 32.68 30.83 -3.10
CA MET K 141 32.72 29.79 -2.07
C MET K 141 31.36 29.50 -1.50
N ASP K 142 30.44 30.45 -1.68
CA ASP K 142 29.09 30.30 -1.17
C ASP K 142 28.35 29.26 -1.99
N ASN K 143 28.99 28.83 -3.07
CA ASN K 143 28.39 27.82 -3.92
C ASN K 143 29.09 26.50 -3.83
N ASP K 144 29.86 26.31 -2.77
CA ASP K 144 30.55 25.07 -2.56
C ASP K 144 29.95 24.42 -1.31
N MET K 145 28.81 23.78 -1.50
CA MET K 145 28.07 23.09 -0.44
C MET K 145 28.92 22.45 0.64
N THR K 146 29.95 21.74 0.23
CA THR K 146 30.82 21.07 1.18
C THR K 146 31.30 22.07 2.22
N ASN K 147 31.67 23.26 1.76
CA ASN K 147 32.14 24.33 2.64
C ASN K 147 30.98 24.93 3.43
N VAL K 148 30.01 25.51 2.72
CA VAL K 148 28.86 26.10 3.37
C VAL K 148 28.38 25.18 4.50
N THR K 149 28.70 23.90 4.36
CA THR K 149 28.31 22.90 5.34
C THR K 149 29.22 22.79 6.54
N PHE K 150 30.53 22.68 6.34
CA PHE K 150 31.42 22.59 7.49
C PHE K 150 31.44 23.86 8.33
N ASP K 151 31.27 25.01 7.67
CA ASP K 151 31.24 26.26 8.39
C ASP K 151 29.97 26.18 9.24
N TYR K 152 28.84 25.91 8.60
CA TYR K 152 27.60 25.76 9.33
C TYR K 152 27.73 24.77 10.48
N LEU K 153 28.47 23.68 10.27
CA LEU K 153 28.67 22.70 11.32
C LEU K 153 29.31 23.42 12.51
N HIS K 154 30.48 24.03 12.27
CA HIS K 154 31.19 24.77 13.31
C HIS K 154 30.27 25.82 13.92
N ALA K 155 29.71 26.65 13.04
CA ALA K 155 28.80 27.70 13.43
C ALA K 155 27.82 27.32 14.53
N THR K 156 27.44 26.04 14.56
CA THR K 156 26.48 25.57 15.56
C THR K 156 27.22 24.70 16.56
N ALA K 157 28.14 23.89 16.07
CA ALA K 157 28.91 23.02 16.93
C ALA K 157 29.51 23.80 18.08
N PHE K 158 30.16 24.91 17.74
CA PHE K 158 30.81 25.78 18.72
C PHE K 158 30.10 27.11 18.80
N GLN K 159 28.80 27.08 18.58
CA GLN K 159 27.97 28.29 18.63
C GLN K 159 28.32 29.16 19.83
N GLY K 160 28.30 30.48 19.61
CA GLY K 160 28.59 31.40 20.68
C GLY K 160 30.06 31.53 21.07
N THR K 161 30.96 30.89 20.35
CA THR K 161 32.38 31.01 20.66
C THR K 161 33.19 31.39 19.40
N ALA K 162 34.51 31.43 19.54
CA ALA K 162 35.39 31.81 18.43
C ALA K 162 35.35 30.80 17.29
N LEU K 163 35.57 29.53 17.63
CA LEU K 163 35.56 28.47 16.62
C LEU K 163 34.30 28.46 15.77
N ALA K 164 33.24 29.12 16.22
CA ALA K 164 31.99 29.17 15.45
C ALA K 164 32.07 30.16 14.31
N ARG K 165 33.29 30.64 14.03
CA ARG K 165 33.54 31.63 12.98
C ARG K 165 34.19 31.12 11.69
N THR K 166 33.78 31.73 10.57
CA THR K 166 34.31 31.40 9.24
C THR K 166 35.70 32.01 9.13
N VAL K 167 36.61 31.35 8.42
CA VAL K 167 37.96 31.89 8.27
C VAL K 167 37.97 33.11 7.36
N GLU K 168 36.96 33.24 6.52
CA GLU K 168 36.90 34.39 5.61
C GLU K 168 36.33 35.62 6.29
N GLY K 169 35.49 35.40 7.30
CA GLY K 169 34.90 36.52 8.01
C GLY K 169 33.60 37.01 7.43
N THR K 170 32.94 37.92 8.16
CA THR K 170 31.66 38.50 7.76
C THR K 170 31.81 39.30 6.50
N THR K 171 30.70 39.87 6.05
CA THR K 171 30.70 40.71 4.87
C THR K 171 31.04 42.12 5.31
N GLU K 172 30.54 42.51 6.47
CA GLU K 172 30.81 43.84 7.01
C GLU K 172 32.30 44.01 7.28
N ASN K 173 32.91 43.02 7.92
CA ASN K 173 34.34 43.07 8.21
C ASN K 173 35.18 43.23 6.94
N ILE K 174 34.77 42.57 5.86
CA ILE K 174 35.52 42.68 4.61
C ILE K 174 35.36 44.10 4.08
N LYS K 175 34.11 44.57 4.08
CA LYS K 175 33.77 45.90 3.61
C LYS K 175 34.31 47.06 4.47
N HIS K 176 34.78 46.78 5.70
CA HIS K 176 35.26 47.87 6.56
C HIS K 176 36.63 47.71 7.21
N LEU K 177 37.19 46.51 7.23
CA LEU K 177 38.49 46.35 7.86
C LEU K 177 39.44 47.45 7.37
N THR K 178 40.21 48.01 8.28
CA THR K 178 41.13 49.12 8.00
C THR K 178 42.60 48.75 7.92
N ARG K 179 43.36 49.63 7.28
CA ARG K 179 44.80 49.47 7.13
C ARG K 179 45.29 49.19 8.54
N ALA K 180 44.59 49.82 9.49
CA ALA K 180 44.89 49.69 10.91
C ALA K 180 44.82 48.26 11.42
N ASP K 181 43.58 47.76 11.54
CA ASP K 181 43.33 46.41 12.05
C ASP K 181 44.24 45.41 11.36
N LEU K 182 44.37 45.54 10.03
CA LEU K 182 45.24 44.64 9.30
C LEU K 182 46.63 44.76 9.89
N ALA K 183 47.11 46.00 9.97
CA ALA K 183 48.41 46.30 10.54
C ALA K 183 48.44 45.61 11.89
N SER K 184 47.54 46.06 12.76
CA SER K 184 47.42 45.50 14.09
C SER K 184 47.52 43.98 14.12
N TYR K 185 46.62 43.31 13.40
CA TYR K 185 46.58 41.84 13.36
C TYR K 185 47.98 41.25 13.19
N ILE K 186 48.70 41.76 12.20
CA ILE K 186 50.05 41.27 11.92
C ILE K 186 50.99 41.44 13.10
N ASP K 187 50.99 42.65 13.68
CA ASP K 187 51.85 42.99 14.82
C ASP K 187 51.47 42.25 16.07
N THR K 188 50.18 41.96 16.19
CA THR K 188 49.67 41.25 17.36
C THR K 188 49.87 39.74 17.26
N HIS K 189 49.75 39.21 16.05
CA HIS K 189 49.87 37.76 15.88
C HIS K 189 51.14 37.21 15.24
N PHE K 190 51.64 37.83 14.17
CA PHE K 190 52.84 37.33 13.50
C PHE K 190 54.09 37.62 14.32
N LYS K 191 54.27 36.84 15.38
CA LYS K 191 55.40 36.99 16.29
C LYS K 191 56.17 35.70 16.46
N ALA K 192 57.49 35.83 16.54
CA ALA K 192 58.44 34.72 16.67
C ALA K 192 58.09 33.56 17.60
N PRO K 193 57.63 33.82 18.82
CA PRO K 193 57.29 32.72 19.74
C PRO K 193 56.15 31.84 19.20
N ARG K 194 55.34 32.44 18.33
CA ARG K 194 54.21 31.77 17.71
C ARG K 194 54.48 31.41 16.23
N MET K 195 55.76 31.29 15.86
CA MET K 195 56.14 30.97 14.47
C MET K 195 57.15 29.86 14.37
N VAL K 196 57.07 29.11 13.27
CA VAL K 196 57.99 28.01 13.02
C VAL K 196 58.49 28.07 11.58
N LEU K 197 59.81 28.04 11.42
CA LEU K 197 60.41 28.04 10.11
C LEU K 197 60.74 26.57 9.86
N ALA K 198 59.96 25.96 8.98
CA ALA K 198 60.15 24.55 8.66
C ALA K 198 60.77 24.41 7.28
N ALA K 199 61.68 23.46 7.16
CA ALA K 199 62.34 23.26 5.89
C ALA K 199 62.45 21.78 5.61
N ALA K 200 62.17 21.43 4.36
CA ALA K 200 62.26 20.05 3.93
C ALA K 200 62.85 20.01 2.53
N GLY K 201 63.80 19.10 2.33
CA GLY K 201 64.44 18.96 1.03
C GLY K 201 65.94 18.82 1.22
N GLY K 202 66.70 19.21 0.21
CA GLY K 202 68.15 19.13 0.30
C GLY K 202 68.72 20.42 0.88
N ILE K 203 68.61 20.58 2.19
CA ILE K 203 69.11 21.77 2.85
C ILE K 203 69.79 21.40 4.14
N SER K 204 70.81 22.18 4.50
CA SER K 204 71.57 21.98 5.73
C SER K 204 70.93 22.77 6.87
N HIS K 205 70.51 22.06 7.91
CA HIS K 205 69.88 22.71 9.06
C HIS K 205 70.68 23.95 9.42
N LYS K 206 71.99 23.77 9.43
CA LYS K 206 72.93 24.84 9.72
C LYS K 206 72.63 26.06 8.87
N GLU K 207 73.11 26.02 7.63
CA GLU K 207 72.92 27.12 6.69
C GLU K 207 71.50 27.73 6.70
N LEU K 208 70.55 26.97 7.23
CA LEU K 208 69.17 27.42 7.36
C LEU K 208 69.02 28.20 8.66
N VAL K 209 69.36 27.55 9.76
CA VAL K 209 69.27 28.16 11.08
C VAL K 209 69.97 29.52 11.09
N ASP K 210 71.04 29.64 10.32
CA ASP K 210 71.80 30.89 10.24
C ASP K 210 71.02 31.99 9.55
N ALA K 211 70.48 31.68 8.37
CA ALA K 211 69.70 32.63 7.59
C ALA K 211 68.59 33.22 8.46
N ALA K 212 68.04 32.39 9.34
CA ALA K 212 66.97 32.84 10.22
C ALA K 212 67.54 33.90 11.16
N ARG K 213 68.63 33.54 11.82
CA ARG K 213 69.30 34.46 12.75
C ARG K 213 69.52 35.80 12.08
N GLN K 214 69.85 35.75 10.80
CA GLN K 214 70.13 36.96 10.04
C GLN K 214 68.91 37.81 9.64
N HIS K 215 67.82 37.17 9.19
CA HIS K 215 66.65 37.94 8.79
C HIS K 215 65.51 37.91 9.80
N PHE K 216 65.62 37.00 10.77
CA PHE K 216 64.64 36.86 11.84
C PHE K 216 65.28 37.36 13.14
N SER K 217 65.57 38.66 13.16
CA SER K 217 66.22 39.34 14.28
C SER K 217 65.27 39.73 15.42
N GLY K 218 64.81 40.98 15.38
CA GLY K 218 63.91 41.54 16.38
C GLY K 218 63.76 40.80 17.70
N VAL K 219 64.73 40.95 18.60
CA VAL K 219 64.66 40.28 19.89
C VAL K 219 63.74 41.00 20.88
N SER K 220 63.12 40.18 21.73
CA SER K 220 62.16 40.63 22.72
C SER K 220 62.79 41.07 24.04
N PHE K 221 62.25 42.15 24.61
CA PHE K 221 62.74 42.73 25.85
C PHE K 221 61.98 42.22 27.06
N THR K 222 60.70 42.54 27.14
CA THR K 222 59.86 42.10 28.24
C THR K 222 59.66 40.58 28.19
N TYR K 223 58.94 40.04 29.17
CA TYR K 223 58.66 38.61 29.23
C TYR K 223 57.36 38.34 28.49
N LYS K 224 56.46 39.31 28.51
CA LYS K 224 55.18 39.18 27.84
C LYS K 224 55.31 38.92 26.34
N GLU K 225 56.46 39.26 25.76
CA GLU K 225 56.69 39.04 24.33
C GLU K 225 57.01 37.57 24.08
N ASP K 226 57.49 36.91 25.13
CA ASP K 226 57.83 35.49 25.07
C ASP K 226 56.65 34.65 25.55
N ALA K 227 55.52 35.31 25.80
CA ALA K 227 54.34 34.64 26.30
C ALA K 227 53.38 34.19 25.21
N VAL K 228 53.27 32.87 25.07
CA VAL K 228 52.37 32.26 24.11
C VAL K 228 50.99 32.27 24.82
N PRO K 229 50.13 33.26 24.49
CA PRO K 229 48.80 33.41 25.10
C PRO K 229 47.88 32.20 24.93
N ILE K 230 47.27 31.77 26.03
CA ILE K 230 46.33 30.64 26.03
C ILE K 230 44.96 31.21 25.66
N LEU K 231 44.26 30.48 24.78
CA LEU K 231 42.96 30.88 24.28
C LEU K 231 41.79 30.47 25.11
N PRO K 232 40.77 31.34 25.22
CA PRO K 232 39.56 31.06 25.99
C PRO K 232 38.84 29.89 25.35
N ARG K 233 38.51 28.89 26.16
CA ARG K 233 37.85 27.69 25.68
C ARG K 233 36.57 27.88 24.87
N CYS K 234 36.41 27.02 23.84
CA CYS K 234 35.23 27.05 22.99
C CYS K 234 34.31 25.92 23.43
N ARG K 235 33.05 26.26 23.71
CA ARG K 235 32.07 25.30 24.19
C ARG K 235 31.25 24.64 23.11
N PHE K 236 31.24 23.31 23.15
CA PHE K 236 30.51 22.49 22.18
C PHE K 236 29.02 22.43 22.54
N THR K 237 28.16 22.41 21.53
CA THR K 237 26.73 22.34 21.81
C THR K 237 25.97 21.44 20.86
N GLY K 238 25.38 20.38 21.42
CA GLY K 238 24.60 19.47 20.61
C GLY K 238 23.43 20.26 20.05
N SER K 239 23.43 20.47 18.75
CA SER K 239 22.34 21.21 18.14
C SER K 239 22.32 21.00 16.65
N GLU K 240 21.50 21.78 15.97
CA GLU K 240 21.40 21.68 14.53
C GLU K 240 21.02 23.00 13.89
N ILE K 241 21.43 23.11 12.62
CA ILE K 241 21.15 24.25 11.76
C ILE K 241 20.74 23.62 10.43
N ARG K 242 19.59 24.03 9.93
CA ARG K 242 19.10 23.46 8.70
C ARG K 242 18.85 24.56 7.71
N ALA K 243 19.65 24.56 6.64
CA ALA K 243 19.51 25.56 5.60
C ALA K 243 18.74 24.92 4.45
N ARG K 244 17.45 25.19 4.36
CA ARG K 244 16.69 24.56 3.30
C ARG K 244 16.49 25.35 2.02
N ASP K 245 16.73 24.65 0.93
CA ASP K 245 16.59 25.17 -0.41
C ASP K 245 16.32 23.95 -1.28
N ASP K 246 15.04 23.68 -1.53
CA ASP K 246 14.68 22.54 -2.36
C ASP K 246 15.11 22.75 -3.81
N ALA K 247 15.58 23.95 -4.11
CA ALA K 247 16.02 24.25 -5.46
C ALA K 247 17.44 23.75 -5.69
N LEU K 248 18.09 23.29 -4.63
CA LEU K 248 19.43 22.73 -4.78
C LEU K 248 19.24 21.32 -5.33
N PRO K 249 20.19 20.85 -6.15
CA PRO K 249 20.19 19.53 -6.78
C PRO K 249 20.30 18.37 -5.80
N VAL K 250 21.34 18.40 -4.97
CA VAL K 250 21.54 17.37 -3.98
C VAL K 250 21.66 18.02 -2.61
N ALA K 251 21.46 17.22 -1.56
CA ALA K 251 21.54 17.74 -0.20
C ALA K 251 22.86 17.32 0.46
N HIS K 252 23.29 18.15 1.42
CA HIS K 252 24.52 17.92 2.21
C HIS K 252 24.17 17.78 3.68
N VAL K 253 24.79 16.80 4.32
CA VAL K 253 24.55 16.55 5.73
C VAL K 253 25.88 16.22 6.41
N ALA K 254 26.19 16.95 7.49
CA ALA K 254 27.41 16.75 8.25
C ALA K 254 27.01 16.64 9.72
N LEU K 255 27.46 15.56 10.36
CA LEU K 255 27.13 15.28 11.76
C LEU K 255 28.42 15.01 12.55
N ALA K 256 28.50 15.56 13.77
CA ALA K 256 29.69 15.36 14.57
C ALA K 256 29.54 15.55 16.07
N VAL K 257 30.46 14.92 16.79
CA VAL K 257 30.55 14.98 18.25
C VAL K 257 31.83 15.75 18.56
N GLU K 258 32.02 16.20 19.80
CA GLU K 258 33.22 16.94 20.14
C GLU K 258 34.47 16.03 20.25
N GLY K 259 35.59 16.51 19.70
CA GLY K 259 36.84 15.78 19.71
C GLY K 259 37.76 16.21 20.84
N PRO K 260 38.78 15.42 21.17
CA PRO K 260 39.73 15.74 22.24
C PRO K 260 40.73 16.93 22.07
N GLY K 261 41.34 17.05 20.89
CA GLY K 261 42.31 18.12 20.68
C GLY K 261 43.68 17.50 20.42
N TRP K 262 44.46 18.14 19.56
CA TRP K 262 45.77 17.62 19.19
C TRP K 262 46.50 16.71 20.17
N ALA K 263 46.73 17.20 21.37
CA ALA K 263 47.43 16.45 22.41
C ALA K 263 47.04 14.98 22.62
N ASP K 264 45.78 14.76 23.00
CA ASP K 264 45.21 13.43 23.30
C ASP K 264 45.55 12.27 22.37
N PRO K 265 46.21 11.23 22.91
CA PRO K 265 46.65 10.02 22.22
C PRO K 265 45.51 9.27 21.54
N ASP K 266 44.30 9.52 22.02
CA ASP K 266 43.15 8.86 21.45
C ASP K 266 42.96 9.24 19.97
N ASN K 267 43.39 10.45 19.60
CA ASN K 267 43.24 10.85 18.21
C ASN K 267 43.72 9.74 17.30
N VAL K 268 44.72 8.97 17.75
CA VAL K 268 45.23 7.87 16.95
C VAL K 268 44.07 6.90 16.77
N VAL K 269 43.58 6.33 17.88
CA VAL K 269 42.46 5.36 17.83
C VAL K 269 41.35 5.93 16.98
N LEU K 270 40.90 7.12 17.31
CA LEU K 270 39.85 7.74 16.53
C LEU K 270 40.12 7.58 15.02
N HIS K 271 41.33 7.86 14.58
CA HIS K 271 41.65 7.74 13.16
C HIS K 271 41.54 6.33 12.65
N VAL K 272 41.99 5.38 13.45
CA VAL K 272 41.90 3.98 13.07
C VAL K 272 40.42 3.72 12.83
N ALA K 273 39.59 4.18 13.76
CA ALA K 273 38.14 4.01 13.65
C ALA K 273 37.68 4.59 12.32
N ASN K 274 37.91 5.87 12.10
CA ASN K 274 37.52 6.49 10.86
C ASN K 274 37.94 5.71 9.63
N ALA K 275 39.08 5.04 9.73
CA ALA K 275 39.60 4.24 8.61
C ALA K 275 38.73 3.04 8.36
N ILE K 276 38.10 2.55 9.42
CA ILE K 276 37.21 1.40 9.31
C ILE K 276 35.95 1.79 8.53
N ILE K 277 35.45 2.99 8.77
CA ILE K 277 34.27 3.48 8.08
C ILE K 277 34.65 4.10 6.75
N GLY K 278 35.89 4.56 6.67
CA GLY K 278 36.41 5.15 5.44
C GLY K 278 35.61 6.21 4.72
N ARG K 279 35.64 6.17 3.38
CA ARG K 279 34.92 7.14 2.54
C ARG K 279 34.47 6.52 1.22
N TYR K 280 33.72 7.29 0.45
CA TYR K 280 33.19 6.81 -0.82
C TYR K 280 32.62 7.92 -1.71
N ASP K 281 32.67 7.68 -3.03
CA ASP K 281 32.11 8.56 -4.05
C ASP K 281 31.79 7.68 -5.26
N ARG K 282 30.75 8.05 -6.00
CA ARG K 282 30.32 7.28 -7.17
C ARG K 282 31.40 6.78 -8.13
N THR K 283 32.67 7.19 -8.00
CA THR K 283 33.67 6.70 -8.94
C THR K 283 34.64 5.72 -8.32
N PHE K 284 34.27 5.16 -7.19
CA PHE K 284 35.15 4.18 -6.60
C PHE K 284 34.88 2.90 -7.35
N GLY K 285 35.93 2.34 -7.93
CA GLY K 285 35.79 1.12 -8.70
C GLY K 285 35.49 -0.15 -7.92
N GLY K 286 35.82 -0.17 -6.63
CA GLY K 286 35.55 -1.37 -5.84
C GLY K 286 34.06 -1.59 -5.75
N GLY K 287 33.29 -0.51 -5.86
CA GLY K 287 31.84 -0.60 -5.80
C GLY K 287 31.30 -1.48 -4.70
N LYS K 288 30.34 -2.34 -5.03
CA LYS K 288 29.71 -3.23 -4.07
C LYS K 288 30.64 -4.13 -3.28
N HIS K 289 31.91 -4.20 -3.66
CA HIS K 289 32.83 -5.07 -2.94
C HIS K 289 33.76 -4.37 -1.95
N LEU K 290 33.67 -3.05 -1.90
CA LEU K 290 34.47 -2.23 -0.99
C LEU K 290 34.38 -2.83 0.41
N SER K 291 35.46 -2.70 1.18
CA SER K 291 35.49 -3.26 2.52
C SER K 291 34.64 -2.44 3.49
N SER K 292 34.59 -1.13 3.29
CA SER K 292 33.81 -0.25 4.15
C SER K 292 32.33 -0.59 4.04
N ARG K 293 31.74 -1.07 5.13
CA ARG K 293 30.32 -1.43 5.12
C ARG K 293 29.44 -0.29 4.65
N LEU K 294 29.69 0.92 5.13
CA LEU K 294 28.87 2.06 4.71
C LEU K 294 28.97 2.29 3.20
N ALA K 295 30.17 2.13 2.65
CA ALA K 295 30.36 2.33 1.23
C ALA K 295 29.59 1.26 0.49
N ALA K 296 29.65 0.04 1.01
CA ALA K 296 28.95 -1.10 0.42
C ALA K 296 27.47 -0.79 0.28
N LEU K 297 26.81 -0.55 1.40
CA LEU K 297 25.38 -0.24 1.41
C LEU K 297 25.12 0.95 0.53
N ALA K 298 25.98 1.96 0.62
CA ALA K 298 25.84 3.15 -0.21
C ALA K 298 25.65 2.74 -1.67
N VAL K 299 26.42 1.73 -2.09
CA VAL K 299 26.37 1.22 -3.45
C VAL K 299 25.13 0.36 -3.69
N GLU K 300 24.92 -0.60 -2.79
CA GLU K 300 23.80 -1.49 -2.92
C GLU K 300 22.53 -0.68 -3.03
N HIS K 301 22.31 0.24 -2.10
CA HIS K 301 21.09 1.04 -2.09
C HIS K 301 21.16 2.41 -2.68
N LYS K 302 22.28 2.75 -3.31
CA LYS K 302 22.45 4.08 -3.92
C LYS K 302 22.03 5.14 -2.90
N LEU K 303 22.69 5.10 -1.73
CA LEU K 303 22.41 6.02 -0.64
C LEU K 303 22.97 7.42 -0.81
N CYS K 304 24.19 7.53 -1.34
CA CYS K 304 24.83 8.83 -1.51
C CYS K 304 25.78 8.95 -2.69
N HIS K 305 25.98 10.19 -3.15
CA HIS K 305 26.89 10.48 -4.25
C HIS K 305 28.33 10.38 -3.73
N SER K 306 28.49 10.66 -2.42
CA SER K 306 29.78 10.63 -1.73
C SER K 306 29.61 10.82 -0.25
N PHE K 307 30.56 10.31 0.53
CA PHE K 307 30.53 10.45 1.99
C PHE K 307 31.96 10.34 2.52
N GLN K 308 32.20 10.96 3.67
CA GLN K 308 33.55 10.95 4.23
C GLN K 308 33.55 11.09 5.73
N THR K 309 34.49 10.42 6.37
CA THR K 309 34.63 10.52 7.80
C THR K 309 35.74 11.53 8.00
N PHE K 310 35.72 12.24 9.11
CA PHE K 310 36.74 13.25 9.39
C PHE K 310 37.02 13.37 10.88
N ASN K 311 38.27 13.68 11.22
CA ASN K 311 38.62 13.89 12.62
C ASN K 311 39.37 15.20 12.78
N THR K 312 38.68 16.30 12.48
CA THR K 312 39.27 17.62 12.57
C THR K 312 39.68 17.93 14.01
N SER K 313 40.98 18.14 14.21
CA SER K 313 41.48 18.45 15.54
C SER K 313 41.81 19.94 15.73
N TYR K 314 41.83 20.35 16.99
CA TYR K 314 42.16 21.71 17.35
C TYR K 314 43.02 21.66 18.60
N SER K 315 43.56 22.80 18.98
CA SER K 315 44.43 22.89 20.14
C SER K 315 43.81 22.23 21.36
N ASP K 316 42.63 22.73 21.75
CA ASP K 316 41.89 22.27 22.93
C ASP K 316 40.54 21.55 22.70
N THR K 317 40.18 21.31 21.44
CA THR K 317 38.90 20.64 21.15
C THR K 317 38.96 19.86 19.82
N GLY K 318 37.83 19.80 19.11
CA GLY K 318 37.75 19.11 17.83
C GLY K 318 36.37 18.66 17.39
N LEU K 319 36.28 18.18 16.14
CA LEU K 319 35.03 17.68 15.56
C LEU K 319 35.30 16.29 14.98
N PHE K 320 34.48 15.33 15.38
CA PHE K 320 34.60 13.95 14.88
C PHE K 320 33.26 13.60 14.26
N GLY K 321 33.26 13.27 12.97
CA GLY K 321 31.98 12.95 12.36
C GLY K 321 32.04 12.41 10.96
N PHE K 322 31.05 12.81 10.17
CA PHE K 322 30.95 12.38 8.78
C PHE K 322 30.07 13.33 7.97
N HIS K 323 30.35 13.34 6.67
CA HIS K 323 29.64 14.19 5.74
C HIS K 323 29.32 13.40 4.47
N PHE K 324 28.05 13.45 4.07
CA PHE K 324 27.62 12.78 2.87
C PHE K 324 26.80 13.71 1.99
N VAL K 325 26.86 13.46 0.70
CA VAL K 325 26.11 14.23 -0.28
C VAL K 325 25.15 13.19 -0.86
N ALA K 326 23.87 13.52 -0.94
CA ALA K 326 22.90 12.56 -1.46
C ALA K 326 21.68 13.21 -2.11
N ASP K 327 20.92 12.39 -2.82
CA ASP K 327 19.73 12.87 -3.49
C ASP K 327 18.74 13.16 -2.39
N PRO K 328 17.78 14.05 -2.63
CA PRO K 328 16.75 14.44 -1.68
C PRO K 328 15.99 13.30 -1.07
N LEU K 329 15.83 12.23 -1.83
CA LEU K 329 15.05 11.08 -1.39
C LEU K 329 15.78 9.89 -0.80
N SER K 330 17.04 10.03 -0.44
CA SER K 330 17.76 8.93 0.17
C SER K 330 18.54 9.41 1.38
N ILE K 331 18.34 10.69 1.71
CA ILE K 331 19.03 11.29 2.84
C ILE K 331 18.82 10.43 4.06
N ASP K 332 17.55 10.12 4.33
CA ASP K 332 17.15 9.33 5.48
C ASP K 332 17.81 7.97 5.65
N ASP K 333 17.71 7.13 4.62
CA ASP K 333 18.31 5.81 4.71
C ASP K 333 19.81 5.98 4.93
N MET K 334 20.40 6.94 4.22
CA MET K 334 21.85 7.19 4.30
C MET K 334 22.28 7.48 5.73
N MET K 335 21.68 8.51 6.30
CA MET K 335 21.99 8.92 7.67
C MET K 335 21.80 7.70 8.57
N PHE K 336 20.68 7.02 8.38
CA PHE K 336 20.36 5.84 9.17
C PHE K 336 21.49 4.79 9.16
N CYS K 337 21.94 4.41 7.97
CA CYS K 337 23.00 3.41 7.85
C CYS K 337 24.31 3.90 8.43
N ALA K 338 24.58 5.19 8.23
CA ALA K 338 25.78 5.82 8.72
C ALA K 338 25.79 5.76 10.25
N GLN K 339 24.81 6.39 10.88
CA GLN K 339 24.75 6.36 12.34
C GLN K 339 24.93 4.93 12.80
N GLY K 340 24.25 4.02 12.10
CA GLY K 340 24.34 2.63 12.47
C GLY K 340 25.78 2.20 12.58
N GLU K 341 26.56 2.54 11.56
CA GLU K 341 27.96 2.17 11.57
C GLU K 341 28.69 2.73 12.78
N TRP K 342 28.40 3.96 13.13
CA TRP K 342 29.03 4.56 14.29
C TRP K 342 28.74 3.66 15.48
N MET K 343 27.47 3.36 15.68
CA MET K 343 27.06 2.50 16.78
C MET K 343 27.73 1.15 16.68
N ARG K 344 28.01 0.71 15.46
CA ARG K 344 28.65 -0.58 15.31
C ARG K 344 30.05 -0.48 15.90
N LEU K 345 30.65 0.70 15.73
CA LEU K 345 32.00 0.98 16.23
C LEU K 345 32.16 0.82 17.73
N CYS K 346 31.26 1.44 18.49
CA CYS K 346 31.29 1.38 19.94
C CYS K 346 30.94 0.00 20.46
N THR K 347 30.27 -0.82 19.64
CA THR K 347 29.84 -2.14 20.10
C THR K 347 30.36 -3.45 19.52
N SER K 348 30.68 -3.49 18.24
CA SER K 348 31.12 -4.78 17.71
C SER K 348 32.30 -4.85 16.75
N THR K 349 33.13 -3.81 16.75
CA THR K 349 34.31 -3.79 15.89
C THR K 349 35.11 -5.11 16.01
N THR K 350 35.57 -5.66 14.89
CA THR K 350 36.33 -6.92 14.91
C THR K 350 37.81 -6.62 14.79
N GLU K 351 38.65 -7.60 15.12
CA GLU K 351 40.08 -7.40 14.99
C GLU K 351 40.37 -7.31 13.50
N SER K 352 39.58 -8.03 12.71
CA SER K 352 39.73 -8.07 11.26
C SER K 352 39.63 -6.67 10.65
N GLU K 353 38.65 -5.91 11.14
CA GLU K 353 38.43 -4.56 10.64
C GLU K 353 39.59 -3.66 11.04
N VAL K 354 39.95 -3.66 12.31
CA VAL K 354 41.04 -2.83 12.79
C VAL K 354 42.36 -3.14 12.08
N LYS K 355 42.71 -4.42 11.98
CA LYS K 355 43.94 -4.84 11.31
C LYS K 355 44.04 -4.13 9.95
N ARG K 356 42.94 -4.14 9.20
CA ARG K 356 42.91 -3.50 7.90
C ARG K 356 42.95 -1.97 8.05
N ALA K 357 42.12 -1.44 8.93
CA ALA K 357 42.06 0.00 9.17
C ALA K 357 43.45 0.55 9.48
N LYS K 358 44.25 -0.23 10.20
CA LYS K 358 45.62 0.15 10.56
C LYS K 358 46.47 0.28 9.30
N ASN K 359 46.46 -0.75 8.44
CA ASN K 359 47.23 -0.69 7.21
C ASN K 359 46.82 0.47 6.34
N HIS K 360 45.54 0.83 6.37
CA HIS K 360 45.11 1.96 5.56
C HIS K 360 45.67 3.25 6.15
N LEU K 361 45.62 3.35 7.48
CA LEU K 361 46.13 4.55 8.16
C LEU K 361 47.62 4.69 7.93
N ARG K 362 48.35 3.57 8.01
CA ARG K 362 49.80 3.60 7.80
C ARG K 362 50.11 4.16 6.43
N SER K 363 49.46 3.64 5.40
CA SER K 363 49.69 4.15 4.06
C SER K 363 49.18 5.58 3.96
N ALA K 364 48.22 5.92 4.83
CA ALA K 364 47.63 7.25 4.88
C ALA K 364 48.62 8.29 5.39
N MET K 365 49.31 7.95 6.48
CA MET K 365 50.28 8.85 7.08
C MET K 365 51.50 9.05 6.19
N VAL K 366 51.95 7.96 5.56
CA VAL K 366 53.11 7.99 4.67
C VAL K 366 52.74 8.84 3.47
N ALA K 367 51.48 8.75 3.07
CA ALA K 367 51.00 9.50 1.93
C ALA K 367 51.02 11.01 2.20
N GLN K 368 51.12 11.39 3.46
CA GLN K 368 51.13 12.81 3.80
C GLN K 368 52.54 13.38 3.83
N LEU K 369 53.51 12.59 3.39
CA LEU K 369 54.92 13.00 3.35
C LEU K 369 55.45 12.63 1.99
N ASP K 370 54.69 12.99 0.96
CA ASP K 370 55.06 12.71 -0.41
C ASP K 370 55.40 14.00 -1.09
N GLY K 371 56.58 14.50 -0.76
CA GLY K 371 57.05 15.76 -1.34
C GLY K 371 57.62 16.66 -0.26
N THR K 372 58.28 17.74 -0.67
CA THR K 372 58.84 18.65 0.30
C THR K 372 57.72 19.46 0.96
N THR K 373 56.79 19.97 0.16
CA THR K 373 55.69 20.74 0.71
C THR K 373 54.96 19.92 1.78
N PRO K 374 54.45 18.73 1.43
CA PRO K 374 53.77 17.97 2.47
C PRO K 374 54.62 17.66 3.70
N VAL K 375 55.91 17.38 3.51
CA VAL K 375 56.78 17.08 4.65
C VAL K 375 57.00 18.32 5.50
N CYS K 376 57.08 19.46 4.84
CA CYS K 376 57.27 20.75 5.50
C CYS K 376 56.02 21.12 6.29
N GLU K 377 54.87 20.83 5.71
CA GLU K 377 53.56 21.11 6.30
C GLU K 377 53.42 20.34 7.60
N THR K 378 53.84 19.09 7.55
CA THR K 378 53.80 18.19 8.70
C THR K 378 54.70 18.70 9.82
N ILE K 379 55.90 19.17 9.47
CA ILE K 379 56.83 19.74 10.44
C ILE K 379 56.28 21.06 10.99
N GLY K 380 55.89 21.95 10.09
CA GLY K 380 55.35 23.24 10.50
C GLY K 380 54.21 23.06 11.49
N SER K 381 53.33 22.10 11.22
CA SER K 381 52.19 21.84 12.09
C SER K 381 52.54 20.99 13.31
N HIS K 382 53.40 19.98 13.15
CA HIS K 382 53.75 19.16 14.31
C HIS K 382 54.25 19.99 15.46
N LEU K 383 55.31 20.77 15.24
CA LEU K 383 55.87 21.62 16.29
C LEU K 383 54.77 22.49 16.88
N LEU K 384 54.23 23.36 16.05
CA LEU K 384 53.18 24.27 16.45
C LEU K 384 52.08 23.61 17.32
N ASN K 385 51.62 22.41 16.91
CA ASN K 385 50.55 21.66 17.60
C ASN K 385 50.96 20.62 18.62
N TYR K 386 51.90 19.76 18.27
CA TYR K 386 52.34 18.68 19.16
C TYR K 386 53.55 19.03 20.07
N GLY K 387 54.16 20.20 19.84
CA GLY K 387 55.30 20.60 20.65
C GLY K 387 56.63 20.04 20.17
N ARG K 388 56.59 19.36 19.03
CA ARG K 388 57.77 18.76 18.43
C ARG K 388 57.33 18.01 17.19
N ARG K 389 58.18 17.11 16.71
CA ARG K 389 57.83 16.34 15.55
C ARG K 389 57.73 14.89 15.94
N ILE K 390 56.72 14.22 15.40
CA ILE K 390 56.50 12.81 15.65
C ILE K 390 56.81 12.06 14.38
N SER K 391 57.85 11.22 14.46
CA SER K 391 58.33 10.43 13.32
C SER K 391 57.36 9.33 12.91
N LEU K 392 57.43 8.92 11.64
CA LEU K 392 56.55 7.88 11.18
C LEU K 392 56.82 6.62 12.00
N GLU K 393 58.04 6.46 12.51
CA GLU K 393 58.34 5.30 13.33
C GLU K 393 57.54 5.36 14.63
N GLU K 394 57.43 6.55 15.21
CA GLU K 394 56.67 6.70 16.44
C GLU K 394 55.22 6.36 16.14
N TRP K 395 54.61 7.13 15.25
CA TRP K 395 53.23 6.92 14.85
C TRP K 395 52.94 5.44 14.73
N ASP K 396 53.61 4.78 13.79
CA ASP K 396 53.43 3.36 13.56
C ASP K 396 53.32 2.51 14.84
N SER K 397 54.02 2.91 15.90
CA SER K 397 53.97 2.18 17.16
C SER K 397 52.59 2.37 17.79
N ARG K 398 52.20 3.64 17.86
CA ARG K 398 50.92 4.05 18.42
C ARG K 398 49.76 3.40 17.68
N ILE K 399 49.98 3.10 16.41
CA ILE K 399 48.96 2.48 15.57
C ILE K 399 48.91 0.97 15.75
N SER K 400 50.07 0.34 15.93
CA SER K 400 50.09 -1.12 16.12
C SER K 400 49.57 -1.45 17.51
N ALA K 401 49.45 -0.43 18.36
CA ALA K 401 48.98 -0.58 19.72
C ALA K 401 47.47 -0.76 19.76
N VAL K 402 46.78 -0.20 18.77
CA VAL K 402 45.32 -0.27 18.72
C VAL K 402 44.82 -1.65 18.35
N ASP K 403 43.78 -2.08 19.07
CA ASP K 403 43.14 -3.37 18.86
C ASP K 403 41.64 -3.08 18.91
N ALA K 404 40.83 -3.99 18.40
CA ALA K 404 39.39 -3.80 18.39
C ALA K 404 38.94 -3.24 19.72
N ARG K 405 39.12 -4.04 20.76
CA ARG K 405 38.74 -3.65 22.12
C ARG K 405 39.06 -2.18 22.40
N MET K 406 40.21 -1.72 21.93
CA MET K 406 40.62 -0.34 22.14
C MET K 406 39.72 0.63 21.40
N VAL K 407 39.44 0.30 20.15
CA VAL K 407 38.58 1.14 19.32
C VAL K 407 37.18 1.31 19.87
N ARG K 408 36.61 0.22 20.38
CA ARG K 408 35.28 0.27 20.96
C ARG K 408 35.24 1.22 22.15
N ASP K 409 36.13 1.01 23.10
CA ASP K 409 36.17 1.85 24.29
C ASP K 409 36.34 3.32 23.94
N VAL K 410 37.23 3.63 23.00
CA VAL K 410 37.48 5.03 22.62
C VAL K 410 36.29 5.67 21.91
N CYS K 411 35.66 4.91 21.00
CA CYS K 411 34.51 5.41 20.25
C CYS K 411 33.31 5.57 21.16
N SER K 412 33.12 4.61 22.05
CA SER K 412 32.00 4.67 23.01
C SER K 412 32.21 5.94 23.81
N LYS K 413 33.46 6.14 24.23
CA LYS K 413 33.86 7.29 25.01
C LYS K 413 33.46 8.64 24.40
N TYR K 414 33.67 8.78 23.08
CA TYR K 414 33.35 10.03 22.37
C TYR K 414 32.08 10.06 21.54
N ILE K 415 31.55 8.89 21.18
CA ILE K 415 30.35 8.81 20.35
C ILE K 415 29.07 8.44 21.08
N TYR K 416 29.12 7.32 21.79
CA TYR K 416 27.95 6.80 22.49
C TYR K 416 27.14 7.72 23.38
N ASP K 417 25.87 7.87 23.02
CA ASP K 417 24.88 8.67 23.74
C ASP K 417 25.17 10.16 23.80
N LYS K 418 26.11 10.66 23.01
CA LYS K 418 26.40 12.08 23.03
C LYS K 418 25.37 12.81 22.20
N CYS K 419 25.16 14.10 22.46
CA CYS K 419 24.23 14.87 21.66
C CYS K 419 25.13 15.49 20.60
N PRO K 420 24.87 15.20 19.32
CA PRO K 420 25.72 15.74 18.25
C PRO K 420 25.32 17.07 17.65
N ALA K 421 26.20 17.58 16.80
CA ALA K 421 25.96 18.81 16.11
C ALA K 421 25.63 18.42 14.69
N LEU K 422 24.59 19.01 14.14
CA LEU K 422 24.15 18.66 12.81
C LEU K 422 24.00 19.86 11.88
N ALA K 423 24.49 19.70 10.65
CA ALA K 423 24.41 20.74 9.64
C ALA K 423 23.79 20.17 8.37
N ALA K 424 22.65 20.70 7.98
CA ALA K 424 21.97 20.26 6.78
C ALA K 424 21.73 21.43 5.85
N VAL K 425 22.06 21.21 4.57
CA VAL K 425 21.91 22.21 3.54
C VAL K 425 21.22 21.62 2.29
N GLY K 426 20.31 22.39 1.69
CA GLY K 426 19.63 21.94 0.48
C GLY K 426 18.22 21.39 0.68
N PRO K 427 17.77 20.47 -0.18
CA PRO K 427 16.46 19.80 -0.18
C PRO K 427 16.42 18.74 0.91
N ILE K 428 16.62 19.17 2.14
CA ILE K 428 16.68 18.28 3.29
C ILE K 428 15.38 17.82 3.97
N GLU K 429 14.24 18.00 3.32
CA GLU K 429 12.99 17.59 3.94
C GLU K 429 12.93 16.16 4.47
N GLN K 430 13.53 15.21 3.76
CA GLN K 430 13.47 13.83 4.21
C GLN K 430 14.21 13.53 5.49
N LEU K 431 15.38 14.14 5.67
CA LEU K 431 16.16 13.92 6.89
C LEU K 431 15.44 14.70 7.94
N LEU K 432 15.16 14.10 9.09
CA LEU K 432 14.48 14.95 10.05
C LEU K 432 14.60 14.60 11.51
N ASP K 433 14.10 15.56 12.30
CA ASP K 433 14.05 15.53 13.74
C ASP K 433 15.36 15.26 14.48
N TYR K 434 15.82 16.27 15.21
CA TYR K 434 17.05 16.15 15.98
C TYR K 434 16.83 14.99 16.94
N ASN K 435 15.62 14.91 17.47
CA ASN K 435 15.28 13.86 18.41
C ASN K 435 15.62 12.49 17.84
N ARG K 436 15.03 12.18 16.69
CA ARG K 436 15.28 10.91 16.05
C ARG K 436 16.78 10.69 15.87
N ILE K 437 17.48 11.70 15.37
CA ILE K 437 18.92 11.59 15.15
C ILE K 437 19.65 11.37 16.45
N ARG K 438 19.13 11.97 17.52
CA ARG K 438 19.74 11.85 18.83
C ARG K 438 19.66 10.43 19.34
N SER K 439 18.50 9.82 19.13
CA SER K 439 18.28 8.45 19.55
C SER K 439 19.13 7.48 18.72
N GLY K 440 19.63 7.96 17.59
CA GLY K 440 20.46 7.13 16.75
C GLY K 440 21.84 7.01 17.35
N MET K 441 22.02 7.67 18.49
CA MET K 441 23.30 7.67 19.16
C MET K 441 23.47 6.54 20.15
N TYR K 442 22.57 5.54 20.11
CA TYR K 442 22.71 4.43 21.03
C TYR K 442 21.94 3.17 20.64
N TRP K 443 22.52 2.04 21.04
CA TRP K 443 22.01 0.69 20.78
C TRP K 443 22.38 0.24 19.34
N ILE K 444 23.36 -0.65 19.18
CA ILE K 444 23.80 -1.09 17.84
C ILE K 444 22.67 -1.54 16.94
N CYS L 20 70.93 1.98 8.44
CA CYS L 20 72.06 1.45 7.61
C CYS L 20 71.98 1.82 6.11
N PRO L 21 70.82 1.57 5.44
CA PRO L 21 70.56 1.87 4.01
C PRO L 21 71.16 3.17 3.41
N GLY L 22 71.47 3.15 2.12
CA GLY L 22 72.04 4.34 1.51
C GLY L 22 71.45 4.75 0.18
N ALA L 23 72.33 4.94 -0.81
CA ALA L 23 71.96 5.35 -2.16
C ALA L 23 72.20 4.23 -3.20
N GLU L 24 71.10 3.79 -3.81
CA GLU L 24 71.11 2.74 -4.83
C GLU L 24 71.32 3.34 -6.21
N ASP L 25 71.14 2.53 -7.25
CA ASP L 25 71.27 3.00 -8.63
C ASP L 25 70.20 2.35 -9.53
N LEU L 26 69.53 3.20 -10.30
CA LEU L 26 68.41 2.86 -11.19
C LEU L 26 68.65 1.89 -12.33
N GLU L 27 68.54 0.59 -12.04
CA GLU L 27 68.73 -0.41 -13.08
C GLU L 27 67.60 -0.40 -14.10
N ILE L 28 67.78 -1.11 -15.21
CA ILE L 28 66.78 -1.07 -16.27
C ILE L 28 66.95 -2.18 -17.31
N THR L 29 66.78 -3.43 -16.89
CA THR L 29 66.90 -4.62 -17.74
C THR L 29 65.84 -4.65 -18.86
N LYS L 30 66.03 -5.55 -19.83
CA LYS L 30 65.10 -5.74 -20.94
C LYS L 30 65.21 -7.18 -21.45
N LEU L 31 64.16 -7.97 -21.24
CA LEU L 31 64.12 -9.38 -21.65
C LEU L 31 64.13 -9.61 -23.16
N PRO L 32 64.17 -10.89 -23.58
CA PRO L 32 64.18 -11.25 -25.01
C PRO L 32 62.95 -10.72 -25.75
N ASN L 33 61.76 -10.93 -25.15
CA ASN L 33 60.50 -10.48 -25.74
C ASN L 33 60.33 -8.96 -25.83
N GLY L 34 61.35 -8.23 -25.39
CA GLY L 34 61.31 -6.78 -25.46
C GLY L 34 60.58 -6.09 -24.32
N LEU L 35 60.25 -6.84 -23.27
CA LEU L 35 59.58 -6.26 -22.12
C LEU L 35 60.63 -5.50 -21.34
N ILE L 36 60.25 -4.38 -20.73
CA ILE L 36 61.20 -3.58 -19.96
C ILE L 36 60.93 -3.56 -18.47
N ILE L 37 62.00 -3.49 -17.69
CA ILE L 37 61.91 -3.44 -16.23
C ILE L 37 62.77 -2.26 -15.77
N ALA L 38 62.18 -1.32 -15.03
CA ALA L 38 62.93 -0.15 -14.55
C ALA L 38 62.81 0.01 -13.04
N SER L 39 63.77 -0.54 -12.30
CA SER L 39 63.76 -0.48 -10.83
C SER L 39 64.62 0.62 -10.21
N LEU L 40 64.19 1.10 -9.04
CA LEU L 40 64.91 2.13 -8.28
C LEU L 40 64.54 2.06 -6.81
N GLU L 41 65.46 1.56 -6.00
CA GLU L 41 65.24 1.46 -4.57
C GLU L 41 65.58 2.83 -3.96
N ASN L 42 64.68 3.38 -3.14
CA ASN L 42 64.91 4.67 -2.50
C ASN L 42 64.54 4.58 -1.03
N PHE L 43 64.48 3.34 -0.56
CA PHE L 43 64.17 3.02 0.81
C PHE L 43 63.02 3.80 1.44
N SER L 44 62.02 4.13 0.63
CA SER L 44 60.84 4.82 1.16
C SER L 44 60.09 3.74 1.90
N PRO L 45 59.34 4.10 2.96
CA PRO L 45 58.60 3.06 3.68
C PRO L 45 57.49 2.41 2.83
N ALA L 46 57.29 2.93 1.62
CA ALA L 46 56.25 2.40 0.74
C ALA L 46 56.66 2.24 -0.72
N SER L 47 56.24 1.12 -1.31
CA SER L 47 56.53 0.80 -2.70
C SER L 47 55.41 1.30 -3.60
N ARG L 48 55.73 1.53 -4.86
CA ARG L 48 54.73 2.02 -5.81
C ARG L 48 55.03 1.47 -7.22
N ILE L 49 54.52 0.26 -7.49
CA ILE L 49 54.72 -0.43 -8.75
C ILE L 49 53.70 -0.08 -9.82
N GLY L 50 54.11 -0.16 -11.07
CA GLY L 50 53.19 0.16 -12.15
C GLY L 50 53.50 -0.48 -13.49
N VAL L 51 52.45 -0.65 -14.30
CA VAL L 51 52.59 -1.23 -15.63
C VAL L 51 52.25 -0.18 -16.67
N PHE L 52 53.27 0.31 -17.38
CA PHE L 52 53.09 1.32 -18.41
C PHE L 52 52.90 0.65 -19.76
N ILE L 53 51.92 1.10 -20.52
CA ILE L 53 51.65 0.49 -21.81
C ILE L 53 51.30 1.49 -22.90
N LYS L 54 51.66 1.15 -24.14
CA LYS L 54 51.38 1.99 -25.29
C LYS L 54 49.97 1.58 -25.77
N ALA L 55 48.97 2.30 -25.29
CA ALA L 55 47.59 2.03 -25.64
C ALA L 55 46.82 3.34 -25.56
N GLY L 56 45.52 3.31 -25.82
CA GLY L 56 44.75 4.53 -25.72
C GLY L 56 43.79 4.78 -26.87
N SER L 57 43.05 5.88 -26.77
CA SER L 57 42.06 6.28 -27.77
C SER L 57 42.64 6.36 -29.20
N ARG L 58 43.95 6.56 -29.26
CA ARG L 58 44.69 6.68 -30.50
C ARG L 58 44.61 5.43 -31.41
N TYR L 59 44.39 4.27 -30.81
CA TYR L 59 44.31 3.03 -31.58
C TYR L 59 42.87 2.63 -31.84
N GLU L 60 41.95 3.45 -31.39
CA GLU L 60 40.54 3.18 -31.59
C GLU L 60 40.14 3.52 -33.01
N THR L 61 39.10 2.85 -33.50
CA THR L 61 38.57 3.08 -34.83
C THR L 61 37.12 3.44 -34.67
N THR L 62 36.53 4.06 -35.69
CA THR L 62 35.14 4.45 -35.62
C THR L 62 34.32 3.24 -35.13
N ALA L 63 34.84 2.06 -35.45
CA ALA L 63 34.21 0.81 -35.09
C ALA L 63 34.23 0.49 -33.60
N ASN L 64 35.30 0.82 -32.89
CA ASN L 64 35.38 0.50 -31.46
C ASN L 64 35.63 1.64 -30.49
N LEU L 65 35.33 2.86 -30.91
CA LEU L 65 35.50 4.03 -30.07
C LEU L 65 35.11 3.77 -28.63
N GLY L 66 35.71 4.52 -27.71
CA GLY L 66 35.41 4.37 -26.29
C GLY L 66 35.84 3.08 -25.62
N THR L 67 36.15 2.05 -26.41
CA THR L 67 36.57 0.77 -25.85
C THR L 67 37.78 0.92 -24.94
N ALA L 68 38.62 1.93 -25.21
CA ALA L 68 39.79 2.16 -24.38
C ALA L 68 39.29 2.64 -23.02
N HIS L 69 38.49 3.71 -23.05
CA HIS L 69 37.91 4.30 -21.84
C HIS L 69 37.36 3.25 -20.89
N LEU L 70 36.47 2.41 -21.41
CA LEU L 70 35.84 1.35 -20.63
C LEU L 70 36.89 0.42 -20.01
N LEU L 71 37.87 0.02 -20.82
CA LEU L 71 38.93 -0.85 -20.38
C LEU L 71 39.61 -0.26 -19.13
N ARG L 72 39.62 1.05 -19.06
CA ARG L 72 40.22 1.76 -17.95
C ARG L 72 39.42 1.52 -16.68
N LEU L 73 38.10 1.64 -16.81
CA LEU L 73 37.21 1.45 -15.68
C LEU L 73 37.08 -0.02 -15.31
N ALA L 74 37.25 -0.87 -16.31
CA ALA L 74 37.11 -2.30 -16.16
C ALA L 74 38.20 -2.97 -15.32
N SER L 75 39.14 -2.17 -14.83
CA SER L 75 40.23 -2.71 -14.02
C SER L 75 39.84 -3.63 -12.86
N PRO L 76 38.71 -3.34 -12.17
CA PRO L 76 38.30 -4.19 -11.05
C PRO L 76 37.48 -5.46 -11.33
N LEU L 77 37.21 -5.75 -12.62
CA LEU L 77 36.45 -6.93 -13.04
C LEU L 77 37.26 -8.21 -12.81
N THR L 78 36.58 -9.35 -12.66
CA THR L 78 37.28 -10.62 -12.41
C THR L 78 38.32 -10.97 -13.47
N THR L 79 39.43 -11.54 -13.02
CA THR L 79 40.52 -11.97 -13.88
C THR L 79 40.60 -13.48 -13.77
N LYS L 80 41.38 -14.13 -14.62
CA LYS L 80 41.49 -15.59 -14.56
C LYS L 80 42.07 -16.07 -13.24
N GLY L 81 42.78 -15.18 -12.56
CA GLY L 81 43.38 -15.55 -11.30
C GLY L 81 42.71 -14.96 -10.06
N ALA L 82 42.18 -13.76 -10.17
CA ALA L 82 41.54 -13.12 -9.03
C ALA L 82 40.13 -12.62 -9.32
N SER L 83 39.24 -12.84 -8.35
CA SER L 83 37.84 -12.44 -8.49
C SER L 83 37.58 -10.97 -8.19
N SER L 84 36.66 -10.39 -8.95
CA SER L 84 36.24 -9.00 -8.80
C SER L 84 36.22 -8.66 -7.31
N PHE L 85 35.84 -9.66 -6.53
CA PHE L 85 35.75 -9.57 -5.08
C PHE L 85 37.14 -9.53 -4.44
N ARG L 86 37.93 -10.58 -4.62
CA ARG L 86 39.26 -10.63 -4.01
C ARG L 86 40.21 -9.53 -4.48
N ILE L 87 40.00 -9.00 -5.68
CA ILE L 87 40.87 -7.94 -6.17
C ILE L 87 40.71 -6.72 -5.28
N THR L 88 39.48 -6.37 -4.93
CA THR L 88 39.24 -5.21 -4.08
C THR L 88 39.50 -5.49 -2.61
N ARG L 89 38.89 -6.54 -2.08
CA ARG L 89 39.10 -6.89 -0.68
C ARG L 89 40.55 -7.24 -0.42
N GLY L 90 41.20 -7.79 -1.43
CA GLY L 90 42.60 -8.19 -1.29
C GLY L 90 43.55 -7.02 -1.21
N ILE L 91 43.41 -6.08 -2.14
CA ILE L 91 44.25 -4.89 -2.18
C ILE L 91 43.91 -3.98 -0.99
N GLU L 92 42.66 -4.01 -0.55
CA GLU L 92 42.25 -3.19 0.59
C GLU L 92 42.74 -3.76 1.91
N ALA L 93 42.79 -5.08 1.99
CA ALA L 93 43.20 -5.79 3.19
C ALA L 93 44.54 -5.33 3.73
N VAL L 94 45.37 -4.79 2.84
CA VAL L 94 46.71 -4.34 3.16
C VAL L 94 46.89 -2.84 2.98
N GLY L 95 45.81 -2.10 3.16
CA GLY L 95 45.84 -0.66 3.02
C GLY L 95 46.45 -0.24 1.70
N GLY L 96 46.27 -1.06 0.68
CA GLY L 96 46.83 -0.74 -0.62
C GLY L 96 45.89 0.06 -1.51
N SER L 97 46.37 0.43 -2.69
CA SER L 97 45.57 1.16 -3.64
C SER L 97 45.76 0.55 -5.03
N LEU L 98 44.98 1.02 -5.99
CA LEU L 98 45.05 0.51 -7.37
C LEU L 98 44.34 1.47 -8.30
N SER L 99 45.01 1.85 -9.37
CA SER L 99 44.41 2.79 -10.30
C SER L 99 45.01 2.78 -11.71
N VAL L 100 44.26 3.35 -12.64
CA VAL L 100 44.66 3.41 -14.04
C VAL L 100 44.64 4.86 -14.53
N TYR L 101 45.73 5.31 -15.11
CA TYR L 101 45.78 6.66 -15.64
C TYR L 101 46.13 6.50 -17.10
N SER L 102 45.56 7.35 -17.96
CA SER L 102 45.88 7.24 -19.37
C SER L 102 45.68 8.48 -20.23
N THR L 103 46.56 8.61 -21.23
CA THR L 103 46.55 9.70 -22.21
C THR L 103 45.93 9.07 -23.45
N ARG L 104 45.95 9.76 -24.58
CA ARG L 104 45.39 9.17 -25.77
C ARG L 104 46.32 8.10 -26.31
N GLU L 105 47.55 8.04 -25.78
CA GLU L 105 48.50 7.06 -26.27
C GLU L 105 49.29 6.25 -25.24
N LYS L 106 48.93 6.39 -23.98
CA LYS L 106 49.61 5.62 -22.95
C LYS L 106 48.62 5.22 -21.86
N MET L 107 48.87 4.07 -21.24
CA MET L 107 48.02 3.58 -20.17
C MET L 107 48.90 3.09 -19.02
N THR L 108 48.54 3.41 -17.79
CA THR L 108 49.34 2.99 -16.66
C THR L 108 48.56 2.40 -15.50
N TYR L 109 48.83 1.14 -15.21
CA TYR L 109 48.18 0.42 -14.12
C TYR L 109 49.12 0.34 -12.95
N CYS L 110 48.99 1.24 -11.98
CA CYS L 110 49.86 1.20 -10.81
C CYS L 110 49.16 0.99 -9.48
N VAL L 111 49.90 0.40 -8.55
CA VAL L 111 49.42 0.09 -7.21
C VAL L 111 50.45 0.52 -6.14
N GLU L 112 49.96 1.07 -5.03
CA GLU L 112 50.83 1.50 -3.93
C GLU L 112 50.57 0.62 -2.74
N CYS L 113 51.50 0.61 -1.80
CA CYS L 113 51.35 -0.19 -0.58
C CYS L 113 52.59 -0.14 0.28
N LEU L 114 52.46 -0.52 1.53
CA LEU L 114 53.61 -0.53 2.41
C LEU L 114 54.56 -1.54 1.75
N ARG L 115 55.85 -1.44 2.06
CA ARG L 115 56.84 -2.35 1.48
C ARG L 115 56.49 -3.83 1.61
N ASP L 116 56.25 -4.28 2.83
CA ASP L 116 55.96 -5.70 3.09
C ASP L 116 54.77 -6.28 2.35
N HIS L 117 54.03 -5.44 1.66
CA HIS L 117 52.85 -5.91 0.95
C HIS L 117 52.93 -5.78 -0.56
N VAL L 118 54.14 -5.67 -1.09
CA VAL L 118 54.33 -5.55 -2.54
C VAL L 118 53.89 -6.80 -3.29
N ASP L 119 54.52 -7.92 -2.96
CA ASP L 119 54.21 -9.20 -3.58
C ASP L 119 52.70 -9.45 -3.63
N THR L 120 52.00 -9.13 -2.55
CA THR L 120 50.55 -9.32 -2.46
C THR L 120 49.79 -8.42 -3.43
N VAL L 121 50.07 -7.14 -3.37
CA VAL L 121 49.42 -6.17 -4.24
C VAL L 121 49.80 -6.42 -5.70
N MET L 122 50.83 -7.22 -5.90
CA MET L 122 51.30 -7.51 -7.24
C MET L 122 50.39 -8.49 -7.98
N GLU L 123 50.00 -9.56 -7.28
CA GLU L 123 49.14 -10.57 -7.88
C GLU L 123 48.00 -9.95 -8.67
N TYR L 124 47.35 -8.98 -8.07
CA TYR L 124 46.24 -8.34 -8.75
C TYR L 124 46.75 -7.51 -9.90
N LEU L 125 47.81 -6.75 -9.70
CA LEU L 125 48.34 -5.91 -10.79
C LEU L 125 48.65 -6.80 -11.98
N LEU L 126 49.32 -7.91 -11.70
CA LEU L 126 49.68 -8.87 -12.72
C LEU L 126 48.42 -9.36 -13.42
N ASN L 127 47.45 -9.83 -12.63
CA ASN L 127 46.18 -10.35 -13.13
C ASN L 127 45.34 -9.35 -13.92
N VAL L 128 45.16 -8.15 -13.38
CA VAL L 128 44.37 -7.14 -14.06
C VAL L 128 44.86 -6.77 -15.46
N THR L 129 46.19 -6.68 -15.63
CA THR L 129 46.79 -6.29 -16.91
C THR L 129 47.07 -7.42 -17.94
N THR L 130 47.25 -8.64 -17.45
CA THR L 130 47.54 -9.73 -18.35
C THR L 130 46.40 -10.75 -18.47
N ALA L 131 45.72 -11.06 -17.38
CA ALA L 131 44.64 -12.07 -17.39
C ALA L 131 43.19 -11.66 -17.13
N PRO L 132 42.68 -10.65 -17.83
CA PRO L 132 41.29 -10.24 -17.60
C PRO L 132 40.31 -11.23 -18.27
N GLU L 133 39.09 -11.34 -17.72
CA GLU L 133 38.08 -12.24 -18.29
C GLU L 133 36.94 -11.51 -18.97
N PHE L 134 36.79 -10.23 -18.69
CA PHE L 134 35.73 -9.40 -19.29
C PHE L 134 34.45 -10.19 -19.53
N ARG L 135 33.88 -10.67 -18.43
CA ARG L 135 32.65 -11.44 -18.45
C ARG L 135 31.48 -10.55 -18.84
N PRO L 136 30.77 -10.94 -19.91
CA PRO L 136 29.61 -10.22 -20.46
C PRO L 136 28.78 -9.48 -19.42
N TRP L 137 28.28 -10.19 -18.41
CA TRP L 137 27.48 -9.55 -17.39
C TRP L 137 28.31 -8.51 -16.65
N GLU L 138 29.46 -8.90 -16.10
CA GLU L 138 30.28 -7.93 -15.39
C GLU L 138 30.43 -6.72 -16.27
N VAL L 139 30.78 -6.95 -17.54
CA VAL L 139 30.97 -5.85 -18.47
C VAL L 139 29.71 -5.01 -18.63
N THR L 140 28.60 -5.66 -18.92
CA THR L 140 27.33 -4.95 -19.13
C THR L 140 26.91 -4.15 -17.90
N ASP L 141 27.13 -4.72 -16.71
CA ASP L 141 26.76 -4.08 -15.46
C ASP L 141 27.60 -2.83 -15.29
N LEU L 142 28.83 -2.89 -15.77
CA LEU L 142 29.77 -1.77 -15.68
C LEU L 142 29.52 -0.63 -16.64
N GLN L 143 29.30 -0.95 -17.90
CA GLN L 143 29.07 0.05 -18.95
C GLN L 143 28.32 1.33 -18.64
N PRO L 144 27.20 1.26 -17.92
CA PRO L 144 26.47 2.50 -17.63
C PRO L 144 27.30 3.51 -16.82
N GLN L 145 28.41 3.02 -16.27
CA GLN L 145 29.34 3.81 -15.47
C GLN L 145 30.06 4.86 -16.32
N LEU L 146 30.32 4.53 -17.59
CA LEU L 146 30.98 5.47 -18.49
C LEU L 146 30.13 6.72 -18.51
N LYS L 147 28.82 6.54 -18.37
CA LYS L 147 27.91 7.66 -18.37
C LYS L 147 28.26 8.64 -17.24
N VAL L 148 28.64 8.10 -16.08
CA VAL L 148 29.00 8.89 -14.88
C VAL L 148 30.44 9.40 -14.89
N ASP L 149 31.40 8.48 -14.85
CA ASP L 149 32.82 8.85 -14.85
C ASP L 149 33.05 10.01 -15.81
N LYS L 150 32.33 9.99 -16.92
CA LYS L 150 32.44 11.03 -17.93
C LYS L 150 31.78 12.34 -17.53
N ALA L 151 30.65 12.26 -16.84
CA ALA L 151 29.94 13.45 -16.40
C ALA L 151 30.66 14.24 -15.30
N VAL L 152 31.38 13.53 -14.43
CA VAL L 152 32.09 14.22 -13.37
C VAL L 152 33.22 14.98 -14.06
N ALA L 153 33.87 14.32 -15.01
CA ALA L 153 34.98 14.91 -15.75
C ALA L 153 34.58 16.19 -16.47
N PHE L 154 33.52 16.10 -17.28
CA PHE L 154 33.05 17.25 -18.04
C PHE L 154 32.54 18.41 -17.21
N GLN L 155 32.64 18.28 -15.89
CA GLN L 155 32.21 19.35 -15.00
C GLN L 155 33.14 20.55 -15.18
N SER L 156 34.40 20.25 -15.50
CA SER L 156 35.44 21.24 -15.75
C SER L 156 35.41 21.54 -17.26
N PRO L 157 34.96 22.75 -17.67
CA PRO L 157 34.91 23.08 -19.09
C PRO L 157 36.28 22.87 -19.68
N GLN L 158 37.28 23.08 -18.83
CA GLN L 158 38.68 22.90 -19.18
C GLN L 158 38.82 21.61 -20.05
N VAL L 159 38.07 20.55 -19.72
CA VAL L 159 38.13 19.27 -20.46
C VAL L 159 37.20 19.16 -21.66
N GLY L 160 36.27 20.11 -21.79
CA GLY L 160 35.35 20.09 -22.91
C GLY L 160 36.03 20.62 -24.17
N VAL L 161 36.71 21.76 -24.04
CA VAL L 161 37.38 22.33 -25.19
C VAL L 161 38.55 21.46 -25.63
N LEU L 162 39.16 20.72 -24.70
CA LEU L 162 40.28 19.87 -25.06
C LEU L 162 39.93 18.64 -25.89
N GLU L 163 38.77 18.06 -25.61
CA GLU L 163 38.32 16.89 -26.40
C GLU L 163 38.12 17.39 -27.84
N ASN L 164 37.34 18.46 -27.96
CA ASN L 164 37.03 19.08 -29.25
C ASN L 164 38.26 19.63 -29.96
N LEU L 165 39.22 20.14 -29.19
CA LEU L 165 40.44 20.67 -29.78
C LEU L 165 41.04 19.54 -30.57
N HIS L 166 41.51 18.51 -29.85
CA HIS L 166 42.11 17.35 -30.52
C HIS L 166 41.32 16.87 -31.74
N ALA L 167 40.02 17.12 -31.74
CA ALA L 167 39.18 16.72 -32.86
C ALA L 167 39.40 17.61 -34.06
N ALA L 168 39.28 18.91 -33.85
CA ALA L 168 39.47 19.89 -34.91
C ALA L 168 40.93 19.96 -35.41
N ALA L 169 41.86 19.61 -34.54
CA ALA L 169 43.27 19.65 -34.89
C ALA L 169 43.71 18.39 -35.60
N TYR L 170 42.87 17.36 -35.59
CA TYR L 170 43.25 16.12 -36.25
C TYR L 170 42.19 15.51 -37.14
N LYS L 171 42.55 14.37 -37.74
CA LYS L 171 41.64 13.65 -38.62
C LYS L 171 41.59 12.21 -38.15
N THR L 172 42.50 11.85 -37.24
CA THR L 172 42.58 10.47 -36.74
C THR L 172 43.45 10.31 -35.48
N ALA L 173 43.65 9.04 -35.08
CA ALA L 173 44.47 8.68 -33.92
C ALA L 173 44.31 9.55 -32.68
N LEU L 174 44.90 10.74 -32.76
CA LEU L 174 44.84 11.69 -31.66
C LEU L 174 43.54 12.48 -31.70
N ALA L 175 42.87 12.49 -32.85
CA ALA L 175 41.60 13.21 -32.98
C ALA L 175 40.52 12.48 -32.19
N ASN L 176 40.84 11.26 -31.75
CA ASN L 176 39.92 10.43 -30.98
C ASN L 176 39.77 10.92 -29.54
N PRO L 177 38.51 11.05 -29.06
CA PRO L 177 38.18 11.52 -27.70
C PRO L 177 38.76 10.59 -26.65
N LEU L 178 39.06 11.15 -25.48
CA LEU L 178 39.63 10.42 -24.37
C LEU L 178 38.55 9.71 -23.57
N TYR L 179 37.34 10.27 -23.65
CA TYR L 179 36.16 9.74 -22.98
C TYR L 179 35.16 9.21 -24.00
N CYS L 180 34.82 7.94 -23.88
CA CYS L 180 33.87 7.28 -24.78
C CYS L 180 32.72 8.17 -25.21
N PRO L 181 32.51 8.31 -26.53
CA PRO L 181 31.42 9.16 -27.00
C PRO L 181 30.11 8.58 -26.52
N ASP L 182 29.11 9.46 -26.38
CA ASP L 182 27.81 9.07 -25.88
C ASP L 182 27.10 7.90 -26.56
N TYR L 183 26.98 7.94 -27.88
CA TYR L 183 26.29 6.88 -28.60
C TYR L 183 26.89 5.52 -28.31
N ARG L 184 28.19 5.46 -28.10
CA ARG L 184 28.80 4.17 -27.84
C ARG L 184 28.68 3.66 -26.41
N ILE L 185 27.97 4.39 -25.56
CA ILE L 185 27.81 3.92 -24.19
C ILE L 185 26.88 2.71 -24.22
N GLY L 186 27.37 1.63 -23.65
CA GLY L 186 26.59 0.41 -23.59
C GLY L 186 26.65 -0.45 -24.83
N LYS L 187 27.35 -0.02 -25.87
CA LYS L 187 27.45 -0.80 -27.12
C LYS L 187 28.80 -1.48 -27.36
N ILE L 188 29.70 -1.33 -26.39
CA ILE L 188 31.03 -1.93 -26.47
C ILE L 188 30.90 -3.40 -26.08
N THR L 189 31.65 -4.27 -26.74
CA THR L 189 31.57 -5.70 -26.44
C THR L 189 32.74 -6.26 -25.65
N SER L 190 32.54 -7.42 -25.03
CA SER L 190 33.60 -8.07 -24.26
C SER L 190 34.67 -8.45 -25.24
N GLU L 191 34.27 -8.66 -26.48
CA GLU L 191 35.22 -9.02 -27.52
C GLU L 191 36.08 -7.81 -27.83
N GLN L 192 35.43 -6.66 -28.11
CA GLN L 192 36.16 -5.43 -28.41
C GLN L 192 37.24 -5.21 -27.37
N LEU L 193 36.91 -5.52 -26.11
CA LEU L 193 37.86 -5.38 -25.03
C LEU L 193 39.00 -6.34 -25.26
N HIS L 194 38.75 -7.64 -25.14
CA HIS L 194 39.80 -8.65 -25.36
C HIS L 194 40.70 -8.33 -26.54
N HIS L 195 40.10 -8.17 -27.71
CA HIS L 195 40.85 -7.86 -28.90
C HIS L 195 41.71 -6.63 -28.68
N PHE L 196 41.15 -5.58 -28.11
CA PHE L 196 41.95 -4.40 -27.84
C PHE L 196 43.13 -4.75 -26.91
N VAL L 197 42.89 -5.63 -25.94
CA VAL L 197 43.94 -6.04 -24.99
C VAL L 197 44.94 -6.99 -25.62
N GLN L 198 44.45 -7.90 -26.45
CA GLN L 198 45.31 -8.86 -27.12
C GLN L 198 46.25 -8.10 -28.08
N ASN L 199 45.66 -7.16 -28.82
CA ASN L 199 46.39 -6.38 -29.80
C ASN L 199 47.33 -5.29 -29.31
N ASN L 200 47.07 -4.70 -28.15
CA ASN L 200 47.92 -3.62 -27.67
C ASN L 200 48.75 -3.89 -26.43
N PHE L 201 48.24 -4.68 -25.51
CA PHE L 201 48.97 -4.98 -24.28
C PHE L 201 49.94 -6.13 -24.55
N THR L 202 50.96 -5.87 -25.37
CA THR L 202 51.96 -6.89 -25.73
C THR L 202 53.37 -6.53 -25.26
N SER L 203 54.04 -7.50 -24.64
CA SER L 203 55.39 -7.35 -24.08
C SER L 203 56.28 -6.19 -24.56
N ALA L 204 56.39 -6.02 -25.87
CA ALA L 204 57.24 -4.96 -26.43
C ALA L 204 56.65 -3.54 -26.36
N ARG L 205 55.41 -3.44 -25.86
CA ARG L 205 54.72 -2.16 -25.72
C ARG L 205 54.55 -1.86 -24.23
N MET L 206 54.97 -2.82 -23.41
CA MET L 206 54.84 -2.72 -21.96
C MET L 206 56.14 -2.62 -21.16
N ALA L 207 56.06 -1.90 -20.05
CA ALA L 207 57.19 -1.69 -19.15
C ALA L 207 56.72 -1.85 -17.72
N LEU L 208 57.47 -2.60 -16.94
CA LEU L 208 57.16 -2.82 -15.54
C LEU L 208 58.06 -1.97 -14.64
N VAL L 209 57.75 -0.68 -14.54
CA VAL L 209 58.52 0.24 -13.71
C VAL L 209 58.28 -0.06 -12.22
N GLY L 210 58.85 0.75 -11.33
CA GLY L 210 58.65 0.52 -9.91
C GLY L 210 59.64 1.12 -8.92
N ILE L 211 59.12 1.97 -8.04
CA ILE L 211 59.88 2.66 -7.00
C ILE L 211 59.82 1.86 -5.68
N GLY L 212 60.81 2.06 -4.81
CA GLY L 212 60.82 1.37 -3.54
C GLY L 212 60.97 -0.14 -3.59
N VAL L 213 61.66 -0.63 -4.62
CA VAL L 213 61.86 -2.09 -4.76
C VAL L 213 63.25 -2.46 -5.27
N LYS L 214 63.67 -3.70 -4.98
CA LYS L 214 64.97 -4.19 -5.43
C LYS L 214 64.78 -4.74 -6.84
N HIS L 215 65.59 -4.27 -7.77
CA HIS L 215 65.46 -4.70 -9.16
C HIS L 215 65.35 -6.19 -9.41
N SER L 216 66.10 -6.97 -8.64
CA SER L 216 66.09 -8.43 -8.78
C SER L 216 64.69 -9.04 -8.72
N ASP L 217 63.91 -8.62 -7.72
CA ASP L 217 62.56 -9.13 -7.53
C ASP L 217 61.59 -8.67 -8.62
N LEU L 218 61.53 -7.37 -8.88
CA LEU L 218 60.63 -6.86 -9.90
C LEU L 218 60.89 -7.60 -11.20
N LYS L 219 62.14 -8.01 -11.38
CA LYS L 219 62.55 -8.76 -12.56
C LYS L 219 62.00 -10.18 -12.47
N GLN L 220 62.37 -10.91 -11.42
CA GLN L 220 61.89 -12.27 -11.21
C GLN L 220 60.39 -12.36 -11.51
N VAL L 221 59.64 -11.37 -11.03
CA VAL L 221 58.21 -11.30 -11.23
C VAL L 221 57.89 -11.19 -12.71
N ALA L 222 58.22 -10.05 -13.29
CA ALA L 222 57.97 -9.79 -14.71
C ALA L 222 58.13 -10.99 -15.64
N GLU L 223 59.27 -11.67 -15.56
CA GLU L 223 59.52 -12.80 -16.44
C GLU L 223 58.64 -14.00 -16.14
N GLN L 224 58.92 -14.68 -15.03
CA GLN L 224 58.17 -15.86 -14.66
C GLN L 224 56.70 -15.58 -14.31
N PHE L 225 56.14 -14.47 -14.79
CA PHE L 225 54.75 -14.16 -14.49
C PHE L 225 53.88 -13.63 -15.64
N LEU L 226 54.43 -12.76 -16.50
CA LEU L 226 53.65 -12.17 -17.59
C LEU L 226 53.40 -13.11 -18.79
N ASN L 227 52.18 -13.04 -19.36
CA ASN L 227 51.77 -13.90 -20.48
C ASN L 227 51.38 -13.36 -21.88
N ILE L 228 50.50 -12.36 -22.00
CA ILE L 228 50.19 -11.88 -23.36
C ILE L 228 51.57 -11.49 -23.86
N ARG L 229 52.02 -12.15 -24.92
CA ARG L 229 53.38 -11.91 -25.38
C ARG L 229 53.66 -11.22 -26.69
N SER L 230 54.97 -11.17 -26.94
CA SER L 230 55.64 -10.63 -28.10
C SER L 230 54.83 -9.92 -29.16
N GLY L 231 55.41 -8.87 -29.73
CA GLY L 231 54.71 -8.19 -30.80
C GLY L 231 54.42 -6.74 -30.61
N ALA L 232 53.97 -6.13 -31.69
CA ALA L 232 53.62 -4.72 -31.71
C ALA L 232 52.12 -4.65 -31.94
N GLY L 233 51.52 -5.80 -32.27
CA GLY L 233 50.09 -5.84 -32.53
C GLY L 233 49.64 -4.68 -33.40
N THR L 234 48.47 -4.14 -33.11
CA THR L 234 47.94 -3.00 -33.87
C THR L 234 48.95 -1.85 -33.92
N SER L 235 49.05 -1.20 -35.07
CA SER L 235 49.95 -0.07 -35.24
C SER L 235 49.09 1.19 -35.31
N SER L 236 49.35 2.14 -34.43
CA SER L 236 48.58 3.37 -34.45
C SER L 236 48.70 3.99 -35.84
N ALA L 237 47.58 4.45 -36.38
CA ALA L 237 47.61 5.08 -37.68
C ALA L 237 48.33 6.43 -37.56
N LYS L 238 49.20 6.74 -38.52
CA LYS L 238 49.92 8.01 -38.51
C LYS L 238 48.94 9.16 -38.27
N ALA L 239 49.27 10.05 -37.36
CA ALA L 239 48.39 11.16 -37.04
C ALA L 239 48.49 12.29 -38.07
N THR L 240 47.44 12.45 -38.86
CA THR L 240 47.39 13.50 -39.88
C THR L 240 47.06 14.77 -39.13
N TYR L 241 47.02 15.90 -39.84
CA TYR L 241 46.66 17.16 -39.20
C TYR L 241 45.53 17.77 -40.02
N TRP L 242 44.43 18.06 -39.34
CA TRP L 242 43.27 18.65 -40.01
C TRP L 242 43.35 20.16 -40.04
N GLY L 243 43.31 20.77 -38.86
CA GLY L 243 43.34 22.22 -38.77
C GLY L 243 41.96 22.79 -38.95
N GLY L 244 41.04 22.38 -38.08
CA GLY L 244 39.68 22.86 -38.15
C GLY L 244 39.32 23.52 -36.84
N GLU L 245 38.15 24.15 -36.79
CA GLU L 245 37.74 24.82 -35.57
C GLU L 245 36.34 24.38 -35.17
N ILE L 246 36.22 23.90 -33.94
CA ILE L 246 34.94 23.43 -33.40
C ILE L 246 34.46 24.46 -32.38
N ARG L 247 33.20 24.88 -32.47
CA ARG L 247 32.68 25.85 -31.53
C ARG L 247 31.42 25.32 -30.83
N GLU L 248 31.32 25.60 -29.53
CA GLU L 248 30.17 25.14 -28.76
C GLU L 248 29.42 26.21 -27.99
N GLN L 249 28.31 26.69 -28.54
CA GLN L 249 27.49 27.69 -27.89
C GLN L 249 26.77 26.99 -26.75
N ASN L 250 27.02 27.40 -25.50
CA ASN L 250 26.37 26.76 -24.38
C ASN L 250 25.82 27.68 -23.29
N GLY L 251 25.96 28.98 -23.46
CA GLY L 251 25.43 29.91 -22.49
C GLY L 251 26.32 30.34 -21.32
N HIS L 252 27.36 29.56 -21.03
CA HIS L 252 28.29 29.91 -19.94
C HIS L 252 28.77 31.35 -19.94
N SER L 253 28.84 31.95 -18.76
CA SER L 253 29.31 33.31 -18.65
C SER L 253 30.79 33.34 -19.01
N LEU L 254 31.39 32.15 -19.05
CA LEU L 254 32.81 32.02 -19.37
C LEU L 254 33.14 31.29 -20.65
N VAL L 255 33.88 31.96 -21.52
CA VAL L 255 34.31 31.41 -22.79
C VAL L 255 35.71 30.87 -22.66
N HIS L 256 35.89 29.60 -23.04
CA HIS L 256 37.21 29.00 -23.00
C HIS L 256 37.62 28.88 -24.45
N ALA L 257 38.88 29.17 -24.73
CA ALA L 257 39.34 29.11 -26.11
C ALA L 257 40.75 28.56 -26.15
N ALA L 258 41.02 27.78 -27.18
CA ALA L 258 42.33 27.20 -27.34
C ALA L 258 42.68 27.25 -28.82
N VAL L 259 43.63 28.12 -29.16
CA VAL L 259 44.07 28.26 -30.54
C VAL L 259 45.49 27.70 -30.57
N VAL L 260 45.70 26.66 -31.37
CA VAL L 260 47.01 26.05 -31.47
C VAL L 260 47.37 25.71 -32.90
N THR L 261 48.55 25.14 -33.07
CA THR L 261 49.08 24.73 -34.38
C THR L 261 49.98 23.55 -34.10
N GLU L 262 50.31 22.79 -35.13
CA GLU L 262 51.18 21.65 -34.92
C GLU L 262 52.36 22.06 -34.04
N GLY L 263 52.65 21.27 -33.01
CA GLY L 263 53.75 21.56 -32.11
C GLY L 263 54.85 20.58 -32.46
N ALA L 264 55.69 20.23 -31.49
CA ALA L 264 56.78 19.29 -31.75
C ALA L 264 56.47 17.91 -31.20
N ALA L 265 57.06 16.88 -31.79
CA ALA L 265 56.81 15.52 -31.35
C ALA L 265 57.61 15.22 -30.12
N VAL L 266 57.27 14.11 -29.47
CA VAL L 266 58.01 13.69 -28.30
C VAL L 266 59.39 13.41 -28.86
N GLY L 267 60.43 13.71 -28.10
CA GLY L 267 61.78 13.46 -28.58
C GLY L 267 62.39 14.52 -29.50
N SER L 268 61.62 14.98 -30.50
CA SER L 268 62.08 16.00 -31.45
C SER L 268 62.84 17.08 -30.71
N ALA L 269 64.10 17.31 -31.08
CA ALA L 269 64.90 18.33 -30.41
C ALA L 269 64.14 19.65 -30.42
N GLU L 270 63.29 19.81 -31.43
CA GLU L 270 62.49 21.01 -31.60
C GLU L 270 61.46 21.21 -30.46
N ALA L 271 61.44 20.27 -29.52
CA ALA L 271 60.50 20.34 -28.39
C ALA L 271 61.01 21.19 -27.24
N ASN L 272 62.28 21.01 -26.92
CA ASN L 272 62.90 21.77 -25.85
C ASN L 272 62.68 23.24 -26.14
N ALA L 273 62.48 23.56 -27.42
CA ALA L 273 62.25 24.94 -27.84
C ALA L 273 60.92 25.48 -27.35
N PHE L 274 59.84 24.80 -27.69
CA PHE L 274 58.51 25.24 -27.27
C PHE L 274 58.36 25.24 -25.76
N SER L 275 58.84 24.16 -25.13
CA SER L 275 58.76 24.03 -23.69
C SER L 275 59.22 25.36 -23.10
N VAL L 276 60.25 25.94 -23.71
CA VAL L 276 60.79 27.24 -23.26
C VAL L 276 59.92 28.40 -23.76
N LEU L 277 59.53 28.35 -25.03
CA LEU L 277 58.68 29.41 -25.56
C LEU L 277 57.43 29.44 -24.73
N GLN L 278 57.13 28.28 -24.15
CA GLN L 278 55.98 28.11 -23.28
C GLN L 278 56.19 29.00 -22.04
N HIS L 279 57.23 28.67 -21.28
CA HIS L 279 57.55 29.40 -20.07
C HIS L 279 57.88 30.86 -20.30
N VAL L 280 58.09 31.24 -21.55
CA VAL L 280 58.38 32.63 -21.87
C VAL L 280 57.10 33.41 -22.02
N LEU L 281 56.06 32.71 -22.47
CA LEU L 281 54.75 33.31 -22.68
C LEU L 281 53.97 33.22 -21.39
N GLY L 282 54.45 32.35 -20.50
CA GLY L 282 53.81 32.14 -19.21
C GLY L 282 52.95 30.90 -19.17
N ALA L 283 53.17 30.04 -18.18
CA ALA L 283 52.37 28.83 -18.08
C ALA L 283 52.03 28.36 -16.66
N GLY L 284 50.98 28.94 -16.07
CA GLY L 284 50.55 28.52 -14.74
C GLY L 284 51.10 29.17 -13.49
N PRO L 285 50.51 30.30 -13.04
CA PRO L 285 50.90 31.09 -11.87
C PRO L 285 51.74 30.40 -10.78
N LEU L 286 52.66 31.18 -10.19
CA LEU L 286 53.57 30.71 -9.14
C LEU L 286 53.40 31.47 -7.81
N ILE L 287 52.55 32.50 -7.82
CA ILE L 287 52.24 33.33 -6.65
C ILE L 287 50.73 33.26 -6.41
N LYS L 288 50.31 32.74 -5.26
CA LYS L 288 48.89 32.64 -4.94
C LYS L 288 48.14 33.96 -5.10
N ARG L 289 47.20 34.00 -6.04
CA ARG L 289 46.41 35.21 -6.31
C ARG L 289 47.25 36.31 -6.91
N GLY L 290 48.40 35.93 -7.42
CA GLY L 290 49.28 36.93 -8.01
C GLY L 290 49.21 37.09 -9.51
N SER L 291 49.74 38.22 -9.96
CA SER L 291 49.82 38.57 -11.37
C SER L 291 51.16 37.98 -11.83
N SER L 292 51.22 37.54 -13.07
CA SER L 292 52.46 36.97 -13.54
C SER L 292 53.16 37.99 -14.42
N VAL L 293 54.25 38.54 -13.92
CA VAL L 293 55.00 39.51 -14.68
C VAL L 293 55.94 38.78 -15.64
N THR L 294 56.50 37.66 -15.17
CA THR L 294 57.40 36.83 -15.97
C THR L 294 56.62 36.15 -17.08
N SER L 295 55.32 36.46 -17.13
CA SER L 295 54.42 35.90 -18.13
C SER L 295 54.02 37.00 -19.10
N LYS L 296 54.62 36.97 -20.29
CA LYS L 296 54.34 37.94 -21.31
C LYS L 296 52.88 37.85 -21.74
N LEU L 297 52.46 36.64 -22.09
CA LEU L 297 51.10 36.39 -22.51
C LEU L 297 50.13 36.99 -21.50
N TYR L 298 50.21 36.53 -20.26
CA TYR L 298 49.34 37.02 -19.18
C TYR L 298 49.37 38.55 -19.15
N GLN L 299 50.58 39.09 -18.96
CA GLN L 299 50.81 40.52 -18.88
C GLN L 299 50.23 41.28 -20.06
N GLY L 300 50.45 40.77 -21.27
CA GLY L 300 49.93 41.45 -22.44
C GLY L 300 48.41 41.43 -22.47
N VAL L 301 47.83 40.27 -22.17
CA VAL L 301 46.38 40.13 -22.19
C VAL L 301 45.73 41.02 -21.14
N ALA L 302 46.43 41.21 -20.02
CA ALA L 302 45.94 42.02 -18.91
C ALA L 302 45.75 43.47 -19.34
N LYS L 303 46.66 43.97 -20.17
CA LYS L 303 46.59 45.33 -20.67
C LYS L 303 45.39 45.47 -21.59
N ALA L 304 45.08 44.41 -22.33
CA ALA L 304 43.98 44.39 -23.29
C ALA L 304 42.57 44.27 -22.72
N THR L 305 42.40 43.43 -21.70
CA THR L 305 41.09 43.26 -21.10
C THR L 305 40.97 44.02 -19.79
N THR L 306 39.77 44.00 -19.23
CA THR L 306 39.47 44.69 -17.99
C THR L 306 39.06 43.76 -16.85
N GLN L 307 38.12 42.87 -17.17
CA GLN L 307 37.59 41.92 -16.20
C GLN L 307 38.43 40.66 -16.05
N PRO L 308 38.18 39.90 -14.96
CA PRO L 308 38.87 38.65 -14.63
C PRO L 308 39.10 37.72 -15.81
N PHE L 309 40.16 36.92 -15.73
CA PHE L 309 40.51 35.99 -16.80
C PHE L 309 41.77 35.21 -16.48
N ASP L 310 42.21 34.42 -17.46
CA ASP L 310 43.45 33.65 -17.40
C ASP L 310 43.79 33.21 -18.81
N ALA L 311 45.08 33.20 -19.12
CA ALA L 311 45.58 32.80 -20.43
C ALA L 311 46.96 32.16 -20.24
N SER L 312 47.21 31.04 -20.92
CA SER L 312 48.50 30.37 -20.77
C SER L 312 49.06 29.72 -22.02
N ALA L 313 50.27 29.18 -21.87
CA ALA L 313 50.96 28.51 -22.97
C ALA L 313 50.61 27.05 -22.93
N PHE L 314 49.99 26.58 -24.01
CA PHE L 314 49.57 25.19 -24.13
C PHE L 314 50.59 24.33 -24.88
N ASN L 315 51.10 23.28 -24.26
CA ASN L 315 52.06 22.46 -24.96
C ASN L 315 51.85 20.95 -24.79
N VAL L 316 51.71 20.25 -25.92
CA VAL L 316 51.52 18.81 -25.94
C VAL L 316 52.54 18.13 -26.84
N ASN L 317 53.17 17.08 -26.31
CA ASN L 317 54.17 16.35 -27.07
C ASN L 317 53.75 14.88 -27.24
N TYR L 318 53.32 14.52 -28.45
CA TYR L 318 52.88 13.15 -28.76
C TYR L 318 53.87 12.39 -29.61
N SER L 319 53.82 11.07 -29.50
CA SER L 319 54.70 10.16 -30.24
C SER L 319 55.13 10.66 -31.62
N ASP L 320 54.15 10.84 -32.51
CA ASP L 320 54.41 11.29 -33.86
C ASP L 320 53.84 12.67 -34.14
N SER L 321 53.61 13.46 -33.09
CA SER L 321 53.08 14.79 -33.32
C SER L 321 53.02 15.59 -32.03
N GLY L 322 52.42 16.77 -32.09
CA GLY L 322 52.33 17.58 -30.89
C GLY L 322 51.46 18.79 -31.14
N LEU L 323 51.08 19.48 -30.06
CA LEU L 323 50.26 20.67 -30.18
C LEU L 323 50.89 21.80 -29.38
N PHE L 324 50.60 23.03 -29.77
CA PHE L 324 51.14 24.21 -29.09
C PHE L 324 50.37 25.47 -29.44
N GLY L 325 50.12 26.28 -28.42
CA GLY L 325 49.39 27.51 -28.59
C GLY L 325 48.98 28.01 -27.23
N PHE L 326 47.99 28.87 -27.20
CA PHE L 326 47.54 29.41 -25.94
C PHE L 326 46.14 28.93 -25.59
N TYR L 327 45.68 29.27 -24.38
CA TYR L 327 44.36 28.89 -23.91
C TYR L 327 43.81 30.02 -23.02
N THR L 328 42.61 30.52 -23.34
CA THR L 328 42.06 31.62 -22.59
C THR L 328 40.67 31.49 -21.98
N ILE L 329 40.58 31.73 -20.69
CA ILE L 329 39.32 31.70 -19.98
C ILE L 329 39.00 33.17 -19.78
N SER L 330 37.89 33.63 -20.31
CA SER L 330 37.55 35.04 -20.19
C SER L 330 36.06 35.24 -20.13
N GLN L 331 35.63 36.45 -19.79
CA GLN L 331 34.20 36.69 -19.76
C GLN L 331 33.75 36.69 -21.19
N ALA L 332 32.53 36.23 -21.41
CA ALA L 332 31.98 36.15 -22.75
C ALA L 332 32.10 37.43 -23.57
N ALA L 333 31.92 38.57 -22.94
CA ALA L 333 31.99 39.84 -23.66
C ALA L 333 33.41 40.19 -24.06
N HIS L 334 34.33 40.06 -23.12
CA HIS L 334 35.72 40.39 -23.37
C HIS L 334 36.50 39.18 -23.88
N ALA L 335 35.87 38.40 -24.74
CA ALA L 335 36.53 37.22 -25.29
C ALA L 335 37.30 37.65 -26.53
N GLY L 336 36.70 38.57 -27.28
CA GLY L 336 37.33 39.07 -28.49
C GLY L 336 38.67 39.67 -28.16
N GLU L 337 38.63 40.76 -27.40
CA GLU L 337 39.87 41.43 -27.02
C GLU L 337 40.90 40.51 -26.35
N VAL L 338 40.44 39.53 -25.58
CA VAL L 338 41.38 38.61 -24.91
C VAL L 338 42.13 37.68 -25.85
N ILE L 339 41.40 37.00 -26.73
CA ILE L 339 42.04 36.08 -27.66
C ILE L 339 42.92 36.83 -28.65
N ARG L 340 42.48 38.01 -29.09
CA ARG L 340 43.26 38.83 -30.03
C ARG L 340 44.58 39.19 -29.36
N ALA L 341 44.48 39.83 -28.19
CA ALA L 341 45.64 40.25 -27.42
C ALA L 341 46.57 39.06 -27.21
N ALA L 342 45.99 37.90 -26.94
CA ALA L 342 46.76 36.70 -26.73
C ALA L 342 47.60 36.39 -27.98
N MET L 343 47.05 36.73 -29.15
CA MET L 343 47.70 36.51 -30.44
C MET L 343 48.87 37.46 -30.70
N ASN L 344 48.59 38.76 -30.77
CA ASN L 344 49.62 39.76 -31.02
C ASN L 344 50.79 39.45 -30.12
N GLN L 345 50.48 39.07 -28.89
CA GLN L 345 51.49 38.75 -27.91
C GLN L 345 52.27 37.48 -28.25
N LEU L 346 51.81 36.75 -29.26
CA LEU L 346 52.50 35.53 -29.68
C LEU L 346 53.30 35.88 -30.94
N LYS L 347 52.78 36.82 -31.71
CA LYS L 347 53.44 37.28 -32.93
C LYS L 347 54.61 38.19 -32.55
N ALA L 348 54.35 39.10 -31.62
CA ALA L 348 55.37 40.04 -31.15
C ALA L 348 56.56 39.29 -30.56
N ALA L 349 56.35 38.03 -30.22
CA ALA L 349 57.40 37.20 -29.63
C ALA L 349 58.01 36.34 -30.73
N ALA L 350 57.29 36.25 -31.84
CA ALA L 350 57.74 35.48 -32.99
C ALA L 350 58.66 36.38 -33.81
N GLN L 351 58.80 37.62 -33.34
CA GLN L 351 59.64 38.61 -34.01
C GLN L 351 60.66 39.21 -33.04
N GLY L 352 61.64 38.39 -32.65
CA GLY L 352 62.70 38.83 -31.74
C GLY L 352 62.23 39.55 -30.50
N GLY L 353 60.97 39.35 -30.12
CA GLY L 353 60.45 40.00 -28.93
C GLY L 353 60.78 39.21 -27.69
N VAL L 354 61.87 38.46 -27.75
CA VAL L 354 62.33 37.63 -26.65
C VAL L 354 63.74 38.04 -26.17
N THR L 355 63.83 38.58 -24.95
CA THR L 355 65.10 39.02 -24.36
C THR L 355 66.00 37.82 -24.07
N GLU L 356 67.31 38.06 -24.08
CA GLU L 356 68.26 36.99 -23.83
C GLU L 356 68.01 36.50 -22.41
N GLU L 357 67.38 37.37 -21.63
CA GLU L 357 67.06 37.07 -20.24
C GLU L 357 65.75 36.29 -20.12
N ASP L 358 64.73 36.66 -20.91
CA ASP L 358 63.47 35.94 -20.85
C ASP L 358 63.76 34.47 -21.04
N VAL L 359 64.69 34.19 -21.95
CA VAL L 359 65.13 32.82 -22.24
C VAL L 359 65.88 32.27 -21.04
N THR L 360 66.50 33.17 -20.28
CA THR L 360 67.25 32.81 -19.09
C THR L 360 66.31 32.45 -17.93
N LYS L 361 65.28 33.27 -17.73
CA LYS L 361 64.30 33.05 -16.66
C LYS L 361 63.48 31.80 -16.91
N ALA L 362 63.02 31.63 -18.16
CA ALA L 362 62.23 30.47 -18.56
C ALA L 362 63.04 29.19 -18.36
N LYS L 363 64.28 29.18 -18.85
CA LYS L 363 65.17 28.03 -18.72
C LYS L 363 65.24 27.47 -17.30
N ASN L 364 65.06 28.34 -16.31
CA ASN L 364 65.12 27.93 -14.92
C ASN L 364 63.75 27.40 -14.51
N GLN L 365 62.72 28.22 -14.71
CA GLN L 365 61.37 27.84 -14.34
C GLN L 365 61.07 26.44 -14.85
N LEU L 366 61.63 26.10 -16.01
CA LEU L 366 61.44 24.79 -16.59
C LEU L 366 62.26 23.76 -15.83
N LYS L 367 63.51 24.09 -15.54
CA LYS L 367 64.37 23.18 -14.79
C LYS L 367 63.74 22.96 -13.40
N ALA L 368 63.24 24.05 -12.80
CA ALA L 368 62.61 24.00 -11.50
C ALA L 368 61.38 23.10 -11.54
N THR L 369 60.38 23.55 -12.30
CA THR L 369 59.14 22.80 -12.49
C THR L 369 59.47 21.31 -12.68
N TYR L 370 60.33 21.01 -13.65
CA TYR L 370 60.72 19.63 -13.88
C TYR L 370 61.12 18.91 -12.57
N LEU L 371 62.07 19.48 -11.84
CA LEU L 371 62.57 18.91 -10.60
C LEU L 371 61.57 18.67 -9.49
N MET L 372 60.66 19.62 -9.29
CA MET L 372 59.63 19.53 -8.26
C MET L 372 58.60 18.46 -8.63
N SER L 373 58.44 18.24 -9.94
CA SER L 373 57.50 17.26 -10.47
C SER L 373 57.85 15.85 -10.01
N VAL L 374 59.08 15.69 -9.58
CA VAL L 374 59.53 14.38 -9.18
C VAL L 374 59.67 14.16 -7.67
N GLU L 375 59.05 15.03 -6.88
CA GLU L 375 59.09 14.88 -5.43
C GLU L 375 57.99 13.86 -5.09
N THR L 376 56.93 13.90 -5.90
CA THR L 376 55.76 13.02 -5.78
C THR L 376 56.13 11.61 -6.21
N ALA L 377 55.85 10.62 -5.35
CA ALA L 377 56.14 9.23 -5.66
C ALA L 377 55.50 8.88 -7.01
N GLN L 378 54.38 9.56 -7.29
CA GLN L 378 53.66 9.36 -8.52
C GLN L 378 54.45 10.01 -9.66
N GLY L 379 54.93 11.24 -9.41
CA GLY L 379 55.71 11.97 -10.41
C GLY L 379 57.00 11.26 -10.78
N LEU L 380 57.75 10.82 -9.77
CA LEU L 380 59.01 10.11 -10.01
C LEU L 380 58.72 8.86 -10.85
N LEU L 381 57.86 7.98 -10.35
CA LEU L 381 57.52 6.74 -11.07
C LEU L 381 57.07 7.02 -12.49
N ASN L 382 56.44 8.15 -12.71
CA ASN L 382 55.97 8.48 -14.04
C ASN L 382 57.14 8.88 -14.92
N GLU L 383 58.15 9.52 -14.34
CA GLU L 383 59.30 9.92 -15.13
C GLU L 383 60.05 8.66 -15.51
N ILE L 384 60.50 7.92 -14.50
CA ILE L 384 61.24 6.69 -14.74
C ILE L 384 60.53 5.82 -15.77
N GLY L 385 59.21 5.81 -15.70
CA GLY L 385 58.42 5.01 -16.63
C GLY L 385 58.48 5.51 -18.06
N SER L 386 57.80 6.62 -18.33
CA SER L 386 57.75 7.19 -19.67
C SER L 386 58.99 6.94 -20.50
N GLU L 387 60.16 7.06 -19.87
CA GLU L 387 61.43 6.86 -20.56
C GLU L 387 61.61 5.40 -20.88
N ALA L 388 61.65 4.58 -19.85
CA ALA L 388 61.82 3.15 -20.05
C ALA L 388 60.81 2.57 -21.06
N LEU L 389 59.84 3.36 -21.47
CA LEU L 389 58.84 2.90 -22.43
C LEU L 389 59.10 3.46 -23.83
N LEU L 390 59.04 4.79 -23.96
CA LEU L 390 59.28 5.43 -25.27
C LEU L 390 60.76 5.58 -25.61
N SER L 391 61.60 4.72 -25.04
CA SER L 391 63.03 4.77 -25.29
C SER L 391 63.68 3.47 -24.85
N GLY L 392 63.80 3.30 -23.53
CA GLY L 392 64.40 2.11 -22.98
C GLY L 392 65.61 2.52 -22.18
N THR L 393 65.68 3.82 -21.90
CA THR L 393 66.78 4.41 -21.17
C THR L 393 66.35 5.54 -20.25
N HIS L 394 67.17 5.81 -19.24
CA HIS L 394 66.90 6.89 -18.30
C HIS L 394 67.90 8.04 -18.50
N THR L 395 67.43 9.13 -19.10
CA THR L 395 68.23 10.30 -19.36
C THR L 395 68.55 11.01 -18.04
N ALA L 396 69.79 10.87 -17.57
CA ALA L 396 70.22 11.51 -16.32
C ALA L 396 69.65 12.93 -16.16
N PRO L 397 69.46 13.37 -14.91
CA PRO L 397 68.91 14.70 -14.62
C PRO L 397 69.76 15.89 -15.09
N SER L 398 71.08 15.68 -15.22
CA SER L 398 71.98 16.76 -15.67
C SER L 398 72.03 16.80 -17.19
N VAL L 399 71.66 15.70 -17.83
CA VAL L 399 71.65 15.62 -19.28
C VAL L 399 70.46 16.44 -19.77
N VAL L 400 69.30 16.27 -19.13
CA VAL L 400 68.10 17.01 -19.52
C VAL L 400 68.28 18.51 -19.29
N ALA L 401 69.12 18.85 -18.32
CA ALA L 401 69.43 20.24 -17.99
C ALA L 401 70.24 20.81 -19.14
N GLN L 402 71.36 20.15 -19.44
CA GLN L 402 72.23 20.56 -20.55
C GLN L 402 71.41 20.68 -21.85
N LYS L 403 70.35 19.86 -21.96
CA LYS L 403 69.47 19.85 -23.13
C LYS L 403 68.54 21.04 -23.12
N ILE L 404 68.06 21.41 -21.94
CA ILE L 404 67.14 22.53 -21.84
C ILE L 404 67.78 23.91 -22.03
N ASP L 405 68.90 24.18 -21.36
CA ASP L 405 69.55 25.49 -21.51
C ASP L 405 70.29 25.65 -22.83
N SER L 406 70.54 24.53 -23.51
CA SER L 406 71.23 24.57 -24.80
C SER L 406 70.22 24.96 -25.88
N VAL L 407 69.33 25.89 -25.54
CA VAL L 407 68.32 26.36 -26.46
C VAL L 407 68.55 27.85 -26.74
N THR L 408 68.90 28.15 -27.99
CA THR L 408 69.20 29.52 -28.41
C THR L 408 68.02 30.50 -28.36
N SER L 409 68.36 31.77 -28.20
CA SER L 409 67.37 32.85 -28.16
C SER L 409 66.60 32.79 -29.47
N ALA L 410 67.21 32.17 -30.47
CA ALA L 410 66.59 32.05 -31.79
C ALA L 410 65.57 30.92 -31.77
N ASP L 411 66.05 29.70 -31.50
CA ASP L 411 65.19 28.51 -31.45
C ASP L 411 63.80 28.87 -30.92
N VAL L 412 63.79 29.67 -29.86
CA VAL L 412 62.57 30.12 -29.24
C VAL L 412 61.77 31.01 -30.17
N VAL L 413 62.40 32.10 -30.63
CA VAL L 413 61.71 33.02 -31.53
C VAL L 413 61.22 32.28 -32.77
N ASN L 414 61.97 31.27 -33.21
CA ASN L 414 61.59 30.47 -34.37
C ASN L 414 60.33 29.66 -34.08
N ALA L 415 60.31 29.01 -32.93
CA ALA L 415 59.16 28.22 -32.52
C ALA L 415 57.95 29.15 -32.62
N ALA L 416 58.10 30.35 -32.07
CA ALA L 416 57.02 31.33 -32.09
C ALA L 416 56.57 31.60 -33.53
N LYS L 417 57.51 31.53 -34.47
CA LYS L 417 57.18 31.75 -35.88
C LYS L 417 56.33 30.59 -36.40
N LYS L 418 56.86 29.38 -36.24
CA LYS L 418 56.17 28.17 -36.70
C LYS L 418 54.68 28.21 -36.32
N PHE L 419 54.38 28.92 -35.24
CA PHE L 419 53.00 29.06 -34.79
C PHE L 419 52.28 30.07 -35.69
N VAL L 420 52.81 31.28 -35.75
CA VAL L 420 52.19 32.34 -36.56
C VAL L 420 52.07 31.95 -38.03
N SER L 421 52.94 31.06 -38.48
CA SER L 421 52.92 30.63 -39.87
C SER L 421 51.99 29.44 -40.16
N GLY L 422 52.13 28.39 -39.35
CA GLY L 422 51.31 27.19 -39.53
C GLY L 422 49.80 27.39 -39.63
N LYS L 423 49.10 26.29 -39.93
CA LYS L 423 47.64 26.30 -40.04
C LYS L 423 47.10 26.04 -38.65
N LYS L 424 46.36 27.01 -38.11
CA LYS L 424 45.81 26.87 -36.78
C LYS L 424 44.48 26.13 -36.77
N SER L 425 44.17 25.55 -35.61
CA SER L 425 42.93 24.84 -35.38
C SER L 425 42.51 25.27 -33.99
N MET L 426 41.37 25.94 -33.89
CA MET L 426 40.87 26.46 -32.62
C MET L 426 39.76 25.58 -32.02
N ALA L 427 39.41 25.83 -30.76
CA ALA L 427 38.36 25.10 -30.06
C ALA L 427 37.84 26.00 -28.93
N ALA L 428 36.56 26.39 -28.97
CA ALA L 428 35.99 27.26 -27.95
C ALA L 428 34.59 26.85 -27.45
N SER L 429 34.38 26.92 -26.13
CA SER L 429 33.08 26.55 -25.54
C SER L 429 32.63 27.48 -24.42
N GLY L 430 31.57 28.23 -24.70
CA GLY L 430 31.04 29.17 -23.73
C GLY L 430 30.01 29.97 -24.52
N ASP L 431 29.63 31.15 -24.03
CA ASP L 431 28.69 31.95 -24.80
C ASP L 431 29.62 32.59 -25.84
N LEU L 432 29.87 31.86 -26.92
CA LEU L 432 30.77 32.31 -27.98
C LEU L 432 30.33 33.54 -28.78
N GLY L 433 29.19 34.10 -28.41
CA GLY L 433 28.66 35.27 -29.09
C GLY L 433 29.69 36.27 -29.56
N SER L 434 30.54 36.74 -28.65
CA SER L 434 31.55 37.72 -28.99
C SER L 434 32.91 37.10 -29.27
N THR L 435 32.98 35.79 -29.32
CA THR L 435 34.24 35.11 -29.58
C THR L 435 34.54 35.14 -31.08
N PRO L 436 35.82 35.27 -31.48
CA PRO L 436 36.19 35.31 -32.89
C PRO L 436 36.47 33.95 -33.54
N PHE L 437 36.28 33.88 -34.86
CA PHE L 437 36.54 32.67 -35.65
C PHE L 437 38.00 32.60 -36.09
N LEU L 438 38.57 31.39 -36.10
CA LEU L 438 39.95 31.17 -36.49
C LEU L 438 40.38 32.03 -37.68
N ASP L 439 39.46 32.23 -38.63
CA ASP L 439 39.77 33.04 -39.81
C ASP L 439 39.61 34.53 -39.55
N GLU L 440 39.68 34.93 -38.29
CA GLU L 440 39.54 36.34 -37.96
C GLU L 440 40.72 36.75 -37.11
N LEU L 441 41.62 35.80 -36.88
CA LEU L 441 42.80 36.08 -36.09
C LEU L 441 43.98 36.28 -37.05
N ALA M 2 15.34 -3.08 1.23
CA ALA M 2 15.37 -1.84 2.07
C ALA M 2 16.32 -2.01 3.26
N PRO M 3 17.16 -1.00 3.53
CA PRO M 3 18.12 -1.06 4.65
C PRO M 3 17.50 -1.47 6.01
N ASN M 4 16.67 -0.62 6.61
CA ASN M 4 16.05 -0.95 7.89
C ASN M 4 14.75 -1.74 7.74
N ILE M 5 14.68 -2.85 8.46
CA ILE M 5 13.55 -3.77 8.40
C ILE M 5 12.23 -3.16 8.91
N ARG M 6 12.21 -1.84 9.05
CA ARG M 6 11.01 -1.15 9.53
C ARG M 6 10.08 -0.79 8.37
N LYS M 7 10.67 -0.32 7.26
CA LYS M 7 9.92 0.08 6.08
C LYS M 7 9.74 -1.03 5.03
N SER M 8 10.52 -2.10 5.13
CA SER M 8 10.44 -3.20 4.16
C SER M 8 9.48 -4.33 4.58
N HIS M 9 9.51 -4.71 5.86
CA HIS M 9 8.65 -5.77 6.40
C HIS M 9 7.18 -5.45 6.10
N PRO M 10 6.39 -6.44 5.62
CA PRO M 10 4.99 -6.15 5.33
C PRO M 10 4.11 -5.73 6.51
N LEU M 11 4.60 -5.94 7.75
CA LEU M 11 3.84 -5.56 8.96
C LEU M 11 4.50 -4.43 9.75
N LEU M 12 5.80 -4.53 10.00
CA LEU M 12 6.52 -3.49 10.72
C LEU M 12 6.44 -2.21 9.92
N LYS M 13 6.26 -2.36 8.62
CA LYS M 13 6.12 -1.23 7.69
C LYS M 13 4.76 -0.58 7.94
N MET M 14 3.82 -1.37 8.48
CA MET M 14 2.49 -0.86 8.78
C MET M 14 2.53 -0.13 10.10
N ILE M 15 3.08 -0.77 11.13
CA ILE M 15 3.18 -0.16 12.45
C ILE M 15 3.98 1.13 12.30
N ASN M 16 5.07 1.05 11.55
CA ASN M 16 5.94 2.19 11.31
C ASN M 16 5.31 3.29 10.47
N ASN M 17 4.71 2.93 9.34
CA ASN M 17 4.12 3.91 8.44
C ASN M 17 2.74 4.46 8.88
N SER M 18 2.41 4.29 10.16
CA SER M 18 1.14 4.79 10.70
C SER M 18 1.24 5.19 12.18
N LEU M 19 2.43 5.05 12.76
CA LEU M 19 2.66 5.37 14.17
C LEU M 19 4.12 5.66 14.53
N ILE M 20 4.99 5.88 13.56
CA ILE M 20 6.37 6.12 13.90
C ILE M 20 7.06 7.06 12.93
N ASP M 21 6.95 6.76 11.64
CA ASP M 21 7.55 7.62 10.64
C ASP M 21 6.44 8.39 9.97
N LEU M 22 5.26 8.28 10.57
CA LEU M 22 4.06 8.94 10.11
C LEU M 22 4.20 10.45 10.23
N PRO M 23 4.03 11.17 9.12
CA PRO M 23 4.13 12.64 9.09
C PRO M 23 2.94 13.33 9.77
N ALA M 24 3.23 14.12 10.81
CA ALA M 24 2.18 14.83 11.54
C ALA M 24 2.47 16.32 11.65
N PRO M 25 1.43 17.16 11.64
CA PRO M 25 1.60 18.61 11.73
C PRO M 25 2.36 18.96 13.02
N SER M 26 3.22 19.97 12.96
CA SER M 26 4.00 20.37 14.14
C SER M 26 3.15 21.01 15.24
N ASN M 27 2.00 21.57 14.86
CA ASN M 27 1.17 22.27 15.81
C ASN M 27 -0.13 21.62 16.30
N ILE M 28 -0.50 20.44 15.83
CA ILE M 28 -1.75 19.88 16.31
C ILE M 28 -1.77 19.93 17.84
N SER M 29 -2.87 20.44 18.40
CA SER M 29 -3.01 20.60 19.85
C SER M 29 -3.49 19.40 20.62
N ALA M 30 -3.99 19.68 21.82
CA ALA M 30 -4.49 18.65 22.71
C ALA M 30 -5.78 18.07 22.18
N TRP M 31 -6.53 18.87 21.43
CA TRP M 31 -7.79 18.38 20.87
C TRP M 31 -7.55 17.33 19.81
N TRP M 32 -6.30 16.89 19.67
CA TRP M 32 -5.95 15.88 18.70
C TRP M 32 -5.60 14.58 19.40
N ASN M 33 -5.63 14.59 20.72
CA ASN M 33 -5.32 13.42 21.53
C ASN M 33 -6.47 12.41 21.63
N PHE M 34 -7.70 12.87 21.44
CA PHE M 34 -8.87 12.03 21.58
C PHE M 34 -8.97 10.87 20.60
N GLY M 35 -8.31 11.00 19.46
CA GLY M 35 -8.33 9.91 18.49
C GLY M 35 -7.69 8.68 19.13
N SER M 36 -6.51 8.87 19.71
CA SER M 36 -5.84 7.76 20.35
C SER M 36 -6.57 7.32 21.61
N LEU M 37 -7.08 8.26 22.39
CA LEU M 37 -7.81 7.87 23.59
C LEU M 37 -8.94 6.98 23.17
N LEU M 38 -9.73 7.46 22.20
CA LEU M 38 -10.85 6.69 21.69
C LEU M 38 -10.38 5.28 21.36
N ALA M 39 -9.29 5.18 20.62
CA ALA M 39 -8.74 3.88 20.26
C ALA M 39 -8.50 3.11 21.55
N VAL M 40 -7.58 3.61 22.35
CA VAL M 40 -7.25 2.96 23.63
C VAL M 40 -8.51 2.59 24.37
N CYS M 41 -9.38 3.58 24.49
CA CYS M 41 -10.65 3.39 25.18
C CYS M 41 -11.31 2.11 24.67
N LEU M 42 -11.39 1.99 23.34
CA LEU M 42 -11.99 0.82 22.71
C LEU M 42 -11.33 -0.47 23.14
N MET M 43 -10.02 -0.56 22.97
CA MET M 43 -9.28 -1.76 23.34
C MET M 43 -9.54 -2.16 24.79
N THR M 44 -9.81 -1.17 25.63
CA THR M 44 -10.05 -1.42 27.04
C THR M 44 -11.46 -1.95 27.31
N GLN M 45 -12.46 -1.37 26.65
CA GLN M 45 -13.83 -1.84 26.86
C GLN M 45 -13.89 -3.31 26.49
N ILE M 46 -13.41 -3.59 25.29
CA ILE M 46 -13.40 -4.95 24.75
C ILE M 46 -12.70 -5.92 25.70
N LEU M 47 -11.64 -5.45 26.35
CA LEU M 47 -10.95 -6.30 27.28
C LEU M 47 -11.78 -6.52 28.54
N THR M 48 -12.25 -5.43 29.16
CA THR M 48 -13.04 -5.57 30.37
C THR M 48 -14.31 -6.33 30.07
N GLY M 49 -14.90 -6.05 28.92
CA GLY M 49 -16.12 -6.71 28.54
C GLY M 49 -15.98 -8.23 28.43
N LEU M 50 -14.92 -8.68 27.76
CA LEU M 50 -14.67 -10.10 27.62
C LEU M 50 -14.58 -10.70 29.02
N LEU M 51 -13.76 -10.09 29.87
CA LEU M 51 -13.60 -10.57 31.22
C LEU M 51 -14.93 -10.72 31.96
N LEU M 52 -15.86 -9.81 31.69
CA LEU M 52 -17.17 -9.86 32.32
C LEU M 52 -18.04 -10.93 31.66
N ALA M 53 -18.04 -10.94 30.33
CA ALA M 53 -18.81 -11.93 29.59
C ALA M 53 -18.45 -13.34 30.06
N MET M 54 -17.30 -13.48 30.71
CA MET M 54 -16.88 -14.79 31.16
C MET M 54 -17.54 -15.25 32.44
N HIS M 55 -18.39 -14.40 33.00
CA HIS M 55 -19.08 -14.74 34.23
C HIS M 55 -20.55 -14.37 34.10
N TYR M 56 -20.94 -13.81 32.96
CA TYR M 56 -22.32 -13.41 32.74
C TYR M 56 -23.19 -14.54 32.19
N THR M 57 -24.47 -14.53 32.53
CA THR M 57 -25.40 -15.54 32.01
C THR M 57 -26.56 -14.82 31.37
N ALA M 58 -26.69 -14.95 30.05
CA ALA M 58 -27.76 -14.26 29.34
C ALA M 58 -29.10 -14.98 29.45
N ASP M 59 -29.79 -14.76 30.56
CA ASP M 59 -31.10 -15.36 30.74
C ASP M 59 -31.83 -14.54 31.78
N THR M 60 -33.05 -14.13 31.48
CA THR M 60 -33.83 -13.30 32.41
C THR M 60 -33.82 -13.80 33.86
N SER M 61 -33.74 -15.10 34.04
CA SER M 61 -33.73 -15.66 35.39
C SER M 61 -32.38 -15.57 36.08
N LEU M 62 -31.32 -15.27 35.34
CA LEU M 62 -29.99 -15.23 35.94
C LEU M 62 -29.15 -14.02 35.59
N ALA M 63 -29.63 -13.22 34.64
CA ALA M 63 -28.89 -12.03 34.22
C ALA M 63 -28.48 -11.15 35.40
N PHE M 64 -29.47 -10.60 36.11
CA PHE M 64 -29.22 -9.73 37.25
C PHE M 64 -28.27 -10.37 38.28
N SER M 65 -28.56 -11.61 38.65
CA SER M 65 -27.75 -12.30 39.65
C SER M 65 -26.34 -12.70 39.20
N SER M 66 -26.17 -12.95 37.90
CA SER M 66 -24.85 -13.33 37.36
C SER M 66 -23.90 -12.14 37.52
N VAL M 67 -24.44 -10.95 37.26
CA VAL M 67 -23.68 -9.70 37.40
C VAL M 67 -23.32 -9.56 38.89
N ALA M 68 -24.35 -9.63 39.74
CA ALA M 68 -24.14 -9.54 41.18
C ALA M 68 -23.09 -10.55 41.60
N HIS M 69 -23.20 -11.77 41.09
CA HIS M 69 -22.24 -12.80 41.44
C HIS M 69 -20.86 -12.32 41.00
N THR M 70 -20.77 -11.79 39.79
CA THR M 70 -19.48 -11.33 39.26
C THR M 70 -18.81 -10.31 40.19
N CYS M 71 -19.63 -9.38 40.72
CA CYS M 71 -19.13 -8.35 41.60
C CYS M 71 -18.75 -8.91 42.95
N ARG M 72 -19.69 -9.61 43.57
CA ARG M 72 -19.49 -10.21 44.88
C ARG M 72 -18.55 -11.42 45.02
N ASN M 73 -18.44 -12.24 44.00
CA ASN M 73 -17.58 -13.43 44.13
C ASN M 73 -16.35 -13.47 43.27
N VAL M 74 -16.42 -12.92 42.06
CA VAL M 74 -15.27 -12.95 41.17
C VAL M 74 -14.12 -12.05 41.61
N GLN M 75 -12.93 -12.62 41.67
CA GLN M 75 -11.73 -11.88 42.04
C GLN M 75 -11.71 -10.61 41.20
N TYR M 76 -11.65 -9.47 41.86
CA TYR M 76 -11.66 -8.18 41.18
C TYR M 76 -12.81 -7.96 40.21
N GLY M 77 -13.82 -8.81 40.30
CA GLY M 77 -14.97 -8.70 39.41
C GLY M 77 -15.62 -7.34 39.63
N TRP M 78 -15.76 -6.97 40.89
CA TRP M 78 -16.38 -5.70 41.23
C TRP M 78 -15.67 -4.53 40.52
N LEU M 79 -14.35 -4.65 40.39
CA LEU M 79 -13.52 -3.63 39.76
C LEU M 79 -13.74 -3.61 38.26
N ILE M 80 -13.54 -4.77 37.65
CA ILE M 80 -13.72 -4.94 36.23
C ILE M 80 -15.10 -4.41 35.84
N ARG M 81 -16.11 -4.74 36.64
CA ARG M 81 -17.46 -4.27 36.36
C ARG M 81 -17.47 -2.74 36.25
N ASN M 82 -16.93 -2.07 37.29
CA ASN M 82 -16.89 -0.59 37.32
C ASN M 82 -16.27 -0.10 36.04
N LEU M 83 -14.96 -0.34 35.94
CA LEU M 83 -14.20 0.04 34.78
C LEU M 83 -14.99 -0.06 33.47
N HIS M 84 -15.71 -1.16 33.26
CA HIS M 84 -16.47 -1.35 32.03
C HIS M 84 -17.60 -0.35 31.91
N ALA M 85 -18.48 -0.31 32.90
CA ALA M 85 -19.61 0.61 32.85
C ALA M 85 -19.16 2.07 32.80
N ASN M 86 -18.13 2.42 33.56
CA ASN M 86 -17.62 3.78 33.56
C ASN M 86 -16.82 4.06 32.27
N GLY M 87 -16.16 3.01 31.76
CA GLY M 87 -15.39 3.12 30.54
C GLY M 87 -16.30 3.52 29.41
N ALA M 88 -17.56 3.12 29.51
CA ALA M 88 -18.52 3.48 28.50
C ALA M 88 -18.57 5.01 28.49
N SER M 89 -18.59 5.61 29.67
CA SER M 89 -18.65 7.07 29.78
C SER M 89 -17.40 7.72 29.23
N PHE M 90 -16.25 7.40 29.81
CA PHE M 90 -14.99 7.93 29.32
C PHE M 90 -15.07 7.91 27.78
N PHE M 91 -15.50 6.78 27.22
CA PHE M 91 -15.61 6.60 25.79
C PHE M 91 -16.43 7.74 25.18
N PHE M 92 -17.66 7.89 25.64
CA PHE M 92 -18.52 8.95 25.12
C PHE M 92 -17.94 10.35 25.31
N ILE M 93 -17.47 10.64 26.52
CA ILE M 93 -16.86 11.93 26.78
C ILE M 93 -15.86 12.10 25.63
N CYS M 94 -14.89 11.18 25.58
CA CYS M 94 -13.87 11.24 24.55
C CYS M 94 -14.42 11.39 23.17
N ILE M 95 -15.44 10.63 22.82
CA ILE M 95 -15.96 10.74 21.46
C ILE M 95 -16.67 12.05 21.19
N PHE M 96 -17.17 12.71 22.24
CA PHE M 96 -17.87 13.98 22.04
C PHE M 96 -16.87 15.11 21.79
N LEU M 97 -15.78 15.08 22.53
CA LEU M 97 -14.76 16.09 22.32
C LEU M 97 -14.14 15.84 20.92
N HIS M 98 -13.89 14.57 20.58
CA HIS M 98 -13.33 14.22 19.27
C HIS M 98 -14.20 14.87 18.20
N ILE M 99 -15.51 14.80 18.37
CA ILE M 99 -16.44 15.38 17.41
C ILE M 99 -16.39 16.91 17.42
N GLY M 100 -16.52 17.49 18.61
CA GLY M 100 -16.50 18.94 18.72
C GLY M 100 -15.28 19.43 17.97
N ARG M 101 -14.12 18.93 18.38
CA ARG M 101 -12.85 19.28 17.77
C ARG M 101 -13.00 19.33 16.26
N GLY M 102 -13.51 18.24 15.69
CA GLY M 102 -13.68 18.17 14.25
C GLY M 102 -14.60 19.23 13.70
N LEU M 103 -15.61 19.61 14.47
CA LEU M 103 -16.53 20.62 13.98
C LEU M 103 -15.85 21.97 13.95
N TYR M 104 -15.25 22.32 15.08
CA TYR M 104 -14.56 23.60 15.21
C TYR M 104 -13.43 23.76 14.19
N TYR M 105 -12.53 22.80 14.08
CA TYR M 105 -11.44 22.93 13.13
C TYR M 105 -11.69 22.38 11.74
N GLY M 106 -12.94 22.33 11.33
CA GLY M 106 -13.31 21.85 10.01
C GLY M 106 -12.77 20.51 9.52
N SER M 107 -12.35 19.64 10.44
CA SER M 107 -11.80 18.33 10.08
C SER M 107 -12.75 17.55 9.19
N TYR M 108 -14.04 17.83 9.31
CA TYR M 108 -15.05 17.16 8.53
C TYR M 108 -14.87 17.40 7.05
N LEU M 109 -13.89 18.22 6.69
CA LEU M 109 -13.68 18.46 5.27
C LEU M 109 -13.01 17.25 4.69
N TYR M 110 -12.58 16.37 5.59
CA TYR M 110 -11.99 15.09 5.23
C TYR M 110 -13.18 14.11 5.17
N LYS M 111 -14.12 14.42 4.29
CA LYS M 111 -15.33 13.67 4.09
C LYS M 111 -15.36 12.18 4.43
N GLU M 112 -14.52 11.36 3.83
CA GLU M 112 -14.56 9.93 4.16
C GLU M 112 -14.11 9.69 5.58
N THR M 113 -12.99 10.30 5.97
CA THR M 113 -12.49 10.14 7.33
C THR M 113 -13.64 10.49 8.28
N TRP M 114 -14.39 11.52 7.92
CA TRP M 114 -15.53 11.98 8.70
C TRP M 114 -16.72 11.01 8.74
N ASN M 115 -17.30 10.74 7.56
CA ASN M 115 -18.46 9.85 7.48
C ASN M 115 -18.23 8.53 8.19
N THR M 116 -17.01 8.00 8.12
CA THR M 116 -16.71 6.77 8.82
C THR M 116 -16.80 7.05 10.32
N GLY M 117 -16.37 8.24 10.70
CA GLY M 117 -16.45 8.60 12.10
C GLY M 117 -17.90 8.57 12.53
N VAL M 118 -18.77 9.16 11.73
CA VAL M 118 -20.19 9.20 12.03
C VAL M 118 -20.66 7.75 12.19
N ILE M 119 -20.26 6.90 11.25
CA ILE M 119 -20.65 5.50 11.35
C ILE M 119 -20.13 4.90 12.65
N LEU M 120 -18.90 5.25 13.03
CA LEU M 120 -18.35 4.75 14.27
C LEU M 120 -19.23 5.15 15.43
N LEU M 121 -19.62 6.41 15.47
CA LEU M 121 -20.48 6.90 16.54
C LEU M 121 -21.81 6.10 16.61
N LEU M 122 -22.50 6.00 15.47
CA LEU M 122 -23.74 5.25 15.43
C LEU M 122 -23.55 3.84 16.02
N THR M 123 -22.50 3.17 15.58
CA THR M 123 -22.24 1.83 16.11
C THR M 123 -22.00 1.84 17.61
N LEU M 124 -21.20 2.79 18.08
CA LEU M 124 -20.94 2.89 19.51
C LEU M 124 -22.23 3.12 20.28
N MET M 125 -23.12 3.93 19.73
CA MET M 125 -24.37 4.17 20.42
C MET M 125 -25.16 2.87 20.55
N ALA M 126 -25.36 2.19 19.43
CA ALA M 126 -26.09 0.93 19.44
C ALA M 126 -25.48 0.01 20.49
N THR M 127 -24.15 -0.08 20.46
CA THR M 127 -23.42 -0.92 21.39
C THR M 127 -23.77 -0.67 22.85
N ALA M 128 -23.63 0.57 23.30
CA ALA M 128 -23.94 0.88 24.69
C ALA M 128 -25.42 0.63 24.95
N PHE M 129 -26.24 0.78 23.92
CA PHE M 129 -27.65 0.56 24.09
C PHE M 129 -27.97 -0.86 24.53
N VAL M 130 -27.45 -1.83 23.78
CA VAL M 130 -27.69 -3.23 24.09
C VAL M 130 -26.96 -3.62 25.36
N GLY M 131 -25.74 -3.10 25.52
CA GLY M 131 -24.99 -3.41 26.71
C GLY M 131 -25.74 -3.06 27.99
N TYR M 132 -26.46 -1.93 27.98
CA TYR M 132 -27.21 -1.47 29.15
C TYR M 132 -28.33 -2.43 29.54
N VAL M 133 -28.89 -3.15 28.58
CA VAL M 133 -29.97 -4.07 28.88
C VAL M 133 -29.47 -5.30 29.63
N LEU M 134 -28.22 -5.68 29.37
CA LEU M 134 -27.65 -6.89 29.94
C LEU M 134 -27.78 -7.14 31.44
N PRO M 135 -27.58 -6.12 32.28
CA PRO M 135 -27.71 -6.36 33.73
C PRO M 135 -29.16 -6.59 34.17
N TRP M 136 -30.08 -6.49 33.20
CA TRP M 136 -31.49 -6.73 33.45
C TRP M 136 -32.04 -6.14 34.75
N GLY M 137 -31.84 -4.82 34.88
CA GLY M 137 -32.34 -4.10 36.03
C GLY M 137 -33.59 -3.38 35.59
N GLN M 138 -34.19 -2.60 36.48
CA GLN M 138 -35.41 -1.89 36.13
C GLN M 138 -35.22 -0.95 34.95
N MET M 139 -34.14 -0.16 34.99
CA MET M 139 -33.90 0.79 33.92
C MET M 139 -33.50 0.06 32.65
N SER M 140 -32.75 -1.03 32.82
CA SER M 140 -32.33 -1.82 31.66
C SER M 140 -33.56 -2.28 30.86
N PHE M 141 -34.54 -2.81 31.58
CA PHE M 141 -35.75 -3.33 30.99
C PHE M 141 -36.62 -2.28 30.33
N TRP M 142 -36.91 -1.23 31.07
CA TRP M 142 -37.76 -0.16 30.58
C TRP M 142 -37.07 0.69 29.52
N GLY M 143 -35.75 0.80 29.62
CA GLY M 143 -35.03 1.55 28.62
C GLY M 143 -35.22 0.79 27.33
N ALA M 144 -34.93 -0.51 27.39
CA ALA M 144 -35.08 -1.38 26.23
C ALA M 144 -36.50 -1.23 25.71
N THR M 145 -37.46 -1.24 26.63
CA THR M 145 -38.88 -1.10 26.29
C THR M 145 -39.24 0.21 25.60
N VAL M 146 -38.97 1.33 26.28
CA VAL M 146 -39.27 2.65 25.73
C VAL M 146 -38.77 2.83 24.31
N ILE M 147 -37.46 2.67 24.15
CA ILE M 147 -36.81 2.83 22.86
C ILE M 147 -37.25 1.90 21.77
N THR M 148 -37.11 0.60 21.98
CA THR M 148 -37.52 -0.33 20.93
C THR M 148 -38.97 -0.08 20.56
N ASN M 149 -39.77 0.36 21.52
CA ASN M 149 -41.19 0.60 21.26
C ASN M 149 -41.47 1.71 20.27
N LEU M 150 -40.46 2.50 19.94
CA LEU M 150 -40.66 3.59 19.01
C LEU M 150 -40.87 3.12 17.59
N PHE M 151 -40.18 2.05 17.19
CA PHE M 151 -40.28 1.56 15.82
C PHE M 151 -41.72 1.28 15.40
N SER M 152 -42.53 0.81 16.34
CA SER M 152 -43.93 0.52 16.02
C SER M 152 -44.63 1.75 15.47
N ALA M 153 -43.93 2.89 15.48
CA ALA M 153 -44.47 4.15 14.99
C ALA M 153 -44.18 4.36 13.51
N ILE M 154 -43.44 3.44 12.91
CA ILE M 154 -43.13 3.51 11.49
C ILE M 154 -44.30 2.82 10.78
N PRO M 155 -45.16 3.59 10.09
CA PRO M 155 -46.32 3.05 9.37
C PRO M 155 -46.04 1.76 8.61
N TYR M 156 -47.06 0.91 8.49
CA TYR M 156 -46.92 -0.36 7.76
C TYR M 156 -46.08 -1.40 8.52
N ILE M 157 -44.76 -1.34 8.30
CA ILE M 157 -43.80 -2.25 8.91
C ILE M 157 -43.48 -1.90 10.38
N GLY M 158 -44.44 -1.25 11.05
CA GLY M 158 -44.26 -0.84 12.43
C GLY M 158 -44.30 -1.96 13.45
N HIS M 159 -45.50 -2.38 13.81
CA HIS M 159 -45.66 -3.46 14.77
C HIS M 159 -44.77 -4.62 14.34
N THR M 160 -44.52 -4.69 13.04
CA THR M 160 -43.69 -5.74 12.45
C THR M 160 -42.20 -5.69 12.87
N LEU M 161 -41.46 -4.71 12.37
CA LEU M 161 -40.05 -4.58 12.71
C LEU M 161 -39.79 -4.73 14.20
N VAL M 162 -40.81 -4.48 15.02
CA VAL M 162 -40.64 -4.57 16.46
C VAL M 162 -40.78 -5.97 17.05
N GLU M 163 -41.86 -6.66 16.71
CA GLU M 163 -42.10 -8.00 17.24
C GLU M 163 -41.10 -8.96 16.62
N TRP M 164 -40.17 -8.38 15.87
CA TRP M 164 -39.12 -9.14 15.25
C TRP M 164 -37.89 -8.94 16.10
N ALA M 165 -37.61 -7.69 16.43
CA ALA M 165 -36.45 -7.34 17.25
C ALA M 165 -36.55 -7.95 18.64
N TRP M 166 -37.76 -7.92 19.22
CA TRP M 166 -37.96 -8.49 20.56
C TRP M 166 -37.90 -9.99 20.49
N GLY M 167 -38.28 -10.52 19.34
CA GLY M 167 -38.30 -11.95 19.16
C GLY M 167 -39.53 -12.45 19.87
N GLY M 168 -40.46 -11.54 20.12
CA GLY M 168 -41.68 -11.89 20.81
C GLY M 168 -42.68 -10.77 20.79
N PHE M 169 -43.38 -10.59 21.91
CA PHE M 169 -44.39 -9.56 22.00
C PHE M 169 -44.01 -8.42 22.92
N SER M 170 -43.04 -8.67 23.78
CA SER M 170 -42.56 -7.67 24.70
C SER M 170 -41.12 -7.99 24.91
N VAL M 171 -40.38 -7.07 25.53
CA VAL M 171 -38.98 -7.32 25.80
C VAL M 171 -38.89 -8.48 26.78
N ASP M 172 -38.44 -9.63 26.31
CA ASP M 172 -38.33 -10.79 27.19
C ASP M 172 -36.99 -11.49 26.93
N ASN M 173 -36.81 -12.67 27.53
CA ASN M 173 -35.56 -13.42 27.36
C ASN M 173 -35.07 -13.43 25.92
N PRO M 174 -35.94 -13.75 24.95
CA PRO M 174 -35.51 -13.78 23.54
C PRO M 174 -34.73 -12.53 23.13
N THR M 175 -35.16 -11.39 23.66
CA THR M 175 -34.52 -10.12 23.34
C THR M 175 -33.16 -10.09 24.05
N LEU M 176 -33.19 -10.40 25.34
CA LEU M 176 -31.96 -10.39 26.14
C LEU M 176 -30.84 -11.14 25.47
N THR M 177 -31.09 -12.41 25.15
CA THR M 177 -30.09 -13.23 24.51
C THR M 177 -29.55 -12.68 23.21
N ARG M 178 -30.41 -12.11 22.37
CA ARG M 178 -29.90 -11.56 21.12
C ARG M 178 -29.15 -10.27 21.39
N PHE M 179 -29.52 -9.56 22.45
CA PHE M 179 -28.84 -8.31 22.77
C PHE M 179 -27.42 -8.64 23.23
N PHE M 180 -27.25 -9.66 24.06
CA PHE M 180 -25.91 -10.06 24.50
C PHE M 180 -25.03 -10.34 23.28
N ALA M 181 -25.53 -11.20 22.38
CA ALA M 181 -24.81 -11.53 21.16
C ALA M 181 -24.48 -10.22 20.42
N LEU M 182 -25.48 -9.37 20.21
CA LEU M 182 -25.24 -8.10 19.54
C LEU M 182 -24.16 -7.26 20.19
N HIS M 183 -24.19 -7.20 21.53
CA HIS M 183 -23.24 -6.43 22.32
C HIS M 183 -21.83 -7.05 22.27
N PHE M 184 -21.77 -8.38 22.16
CA PHE M 184 -20.48 -9.06 22.09
C PHE M 184 -19.84 -8.77 20.74
N LEU M 185 -20.68 -8.65 19.72
CA LEU M 185 -20.27 -8.41 18.35
C LEU M 185 -19.83 -7.02 17.94
N LEU M 186 -20.75 -6.06 18.03
CA LEU M 186 -20.50 -4.67 17.64
C LEU M 186 -19.12 -4.05 17.91
N PRO M 187 -18.56 -4.28 19.10
CA PRO M 187 -17.25 -3.73 19.40
C PRO M 187 -16.23 -4.13 18.35
N PHE M 188 -16.29 -5.37 17.88
CA PHE M 188 -15.34 -5.76 16.85
C PHE M 188 -15.65 -5.01 15.59
N ALA M 189 -16.94 -4.85 15.26
CA ALA M 189 -17.34 -4.10 14.07
C ALA M 189 -16.69 -2.72 14.17
N ILE M 190 -16.75 -2.14 15.36
CA ILE M 190 -16.19 -0.83 15.64
C ILE M 190 -14.70 -0.82 15.34
N ALA M 191 -13.97 -1.73 15.96
CA ALA M 191 -12.52 -1.82 15.76
C ALA M 191 -12.27 -1.90 14.26
N GLY M 192 -13.03 -2.78 13.62
CA GLY M 192 -12.88 -2.97 12.19
C GLY M 192 -12.94 -1.63 11.52
N ILE M 193 -14.12 -1.03 11.58
CA ILE M 193 -14.34 0.27 10.98
C ILE M 193 -13.32 1.30 11.41
N THR M 194 -12.87 1.22 12.67
CA THR M 194 -11.86 2.16 13.13
C THR M 194 -10.63 2.09 12.25
N ILE M 195 -10.34 0.90 11.72
CA ILE M 195 -9.17 0.77 10.85
C ILE M 195 -9.42 1.60 9.61
N ILE M 196 -10.56 1.39 8.97
CA ILE M 196 -10.95 2.15 7.77
C ILE M 196 -10.87 3.67 8.01
N HIS M 197 -11.40 4.11 9.16
CA HIS M 197 -11.41 5.51 9.56
C HIS M 197 -9.96 6.00 9.48
N LEU M 198 -9.04 5.36 10.21
CA LEU M 198 -7.65 5.78 10.17
C LEU M 198 -7.01 5.70 8.81
N THR M 199 -7.49 4.79 7.97
CA THR M 199 -6.94 4.64 6.63
C THR M 199 -7.26 5.86 5.77
N PHE M 200 -8.53 6.21 5.66
CA PHE M 200 -8.92 7.40 4.91
C PHE M 200 -8.13 8.59 5.48
N LEU M 201 -8.05 8.68 6.80
CA LEU M 201 -7.33 9.77 7.43
C LEU M 201 -5.96 9.88 6.79
N HIS M 202 -5.12 8.87 6.99
CA HIS M 202 -3.76 8.85 6.43
C HIS M 202 -3.62 9.26 4.97
N GLU M 203 -4.70 9.22 4.22
CA GLU M 203 -4.65 9.63 2.81
C GLU M 203 -4.24 11.09 2.74
N SER M 204 -4.95 11.91 3.54
CA SER M 204 -4.74 13.36 3.62
C SER M 204 -3.74 13.77 4.69
N GLY M 205 -3.80 13.09 5.82
CA GLY M 205 -2.91 13.43 6.91
C GLY M 205 -3.75 14.27 7.83
N SER M 206 -3.21 14.52 9.03
CA SER M 206 -3.93 15.31 10.02
C SER M 206 -4.12 16.78 9.65
N ASN M 207 -5.31 17.28 9.96
CA ASN M 207 -5.65 18.69 9.77
C ASN M 207 -4.96 19.34 10.98
N ASN M 208 -4.90 20.66 11.04
CA ASN M 208 -4.27 21.28 12.21
C ASN M 208 -4.99 22.58 12.60
N PRO M 209 -4.87 22.98 13.88
CA PRO M 209 -5.52 24.18 14.42
C PRO M 209 -5.65 25.45 13.56
N LEU M 210 -4.64 25.76 12.74
CA LEU M 210 -4.72 26.94 11.90
C LEU M 210 -5.49 26.73 10.59
N GLY M 211 -5.47 25.51 10.08
CA GLY M 211 -6.19 25.22 8.85
C GLY M 211 -5.47 25.62 7.57
N ILE M 212 -4.15 25.45 7.56
CA ILE M 212 -3.30 25.79 6.41
C ILE M 212 -2.21 24.71 6.25
N SER M 213 -1.80 24.46 5.01
CA SER M 213 -0.78 23.45 4.74
C SER M 213 0.32 23.34 5.80
N SER M 214 0.37 22.18 6.44
CA SER M 214 1.37 21.92 7.45
C SER M 214 2.55 21.11 6.88
N ASP M 215 2.70 21.14 5.55
CA ASP M 215 3.77 20.42 4.85
C ASP M 215 5.06 21.21 5.04
N SER M 216 4.86 22.51 5.28
CA SER M 216 5.93 23.46 5.51
C SER M 216 6.67 23.11 6.79
N ASP M 217 6.02 22.31 7.63
CA ASP M 217 6.62 21.92 8.90
C ASP M 217 6.01 20.65 9.52
N LYS M 218 6.45 19.47 9.07
CA LYS M 218 5.91 18.23 9.66
C LYS M 218 6.95 17.52 10.53
N ILE M 219 6.46 16.77 11.50
CA ILE M 219 7.30 16.05 12.44
C ILE M 219 6.88 14.59 12.52
N PRO M 220 7.83 13.70 12.82
CA PRO M 220 7.54 12.26 12.94
C PRO M 220 6.65 11.99 14.14
N PHE M 221 5.56 11.23 13.95
CA PHE M 221 4.65 10.90 15.03
C PHE M 221 5.40 10.57 16.31
N HIS M 222 6.43 9.72 16.19
CA HIS M 222 7.25 9.38 17.34
C HIS M 222 8.52 10.23 17.28
N PRO M 223 8.95 10.79 18.44
CA PRO M 223 8.39 10.71 19.79
C PRO M 223 7.35 11.77 20.14
N TYR M 224 7.28 12.83 19.35
CA TYR M 224 6.35 13.92 19.61
C TYR M 224 4.96 13.51 20.07
N TYR M 225 4.21 12.86 19.19
CA TYR M 225 2.86 12.46 19.55
C TYR M 225 2.72 11.14 20.30
N SER M 226 3.78 10.36 20.32
CA SER M 226 3.74 9.12 21.07
C SER M 226 3.62 9.65 22.48
N PHE M 227 4.67 10.37 22.89
CA PHE M 227 4.71 10.97 24.21
C PHE M 227 3.53 11.86 24.48
N LYS M 228 3.24 12.79 23.56
CA LYS M 228 2.12 13.68 23.77
C LYS M 228 0.82 12.92 24.03
N ASP M 229 0.63 11.81 23.32
CA ASP M 229 -0.57 11.01 23.49
C ASP M 229 -0.58 10.26 24.82
N ILE M 230 0.54 9.66 25.18
CA ILE M 230 0.61 8.94 26.45
C ILE M 230 0.30 9.88 27.62
N LEU M 231 0.71 11.15 27.50
CA LEU M 231 0.44 12.14 28.54
C LEU M 231 -1.06 12.37 28.57
N GLY M 232 -1.62 12.65 27.39
CA GLY M 232 -3.05 12.89 27.28
C GLY M 232 -3.83 11.73 27.87
N LEU M 233 -3.27 10.52 27.77
CA LEU M 233 -3.90 9.32 28.31
C LEU M 233 -4.01 9.46 29.83
N THR M 234 -2.86 9.57 30.49
CA THR M 234 -2.80 9.70 31.95
C THR M 234 -3.58 10.89 32.46
N LEU M 235 -3.51 12.01 31.76
CA LEU M 235 -4.26 13.16 32.22
C LEU M 235 -5.74 12.82 32.33
N MET M 236 -6.31 12.25 31.27
CA MET M 236 -7.72 11.88 31.29
C MET M 236 -8.01 10.70 32.22
N LEU M 237 -7.22 9.64 32.05
CA LEU M 237 -7.37 8.45 32.86
C LEU M 237 -7.50 8.75 34.36
N THR M 238 -6.84 9.81 34.83
CA THR M 238 -6.92 10.14 36.24
C THR M 238 -8.34 10.39 36.73
N PRO M 239 -9.08 11.34 36.11
CA PRO M 239 -10.44 11.54 36.62
C PRO M 239 -11.32 10.30 36.43
N PHE M 240 -11.23 9.66 35.27
CA PHE M 240 -11.99 8.43 34.99
C PHE M 240 -11.90 7.55 36.22
N LEU M 241 -10.68 7.14 36.56
CA LEU M 241 -10.45 6.28 37.71
C LEU M 241 -10.88 6.89 39.03
N THR M 242 -10.72 8.21 39.19
CA THR M 242 -11.13 8.87 40.42
C THR M 242 -12.63 8.70 40.59
N LEU M 243 -13.39 9.01 39.55
CA LEU M 243 -14.83 8.84 39.60
C LEU M 243 -15.18 7.36 39.81
N ALA M 244 -14.48 6.49 39.09
CA ALA M 244 -14.75 5.05 39.16
C ALA M 244 -14.33 4.38 40.45
N LEU M 245 -13.35 4.94 41.15
CA LEU M 245 -12.91 4.35 42.39
C LEU M 245 -13.44 5.02 43.65
N PHE M 246 -13.86 6.28 43.56
CA PHE M 246 -14.36 6.96 44.73
C PHE M 246 -15.86 7.17 44.72
N SER M 247 -16.40 7.55 43.57
CA SER M 247 -17.85 7.76 43.43
C SER M 247 -18.39 6.84 42.32
N PRO M 248 -18.32 5.51 42.54
CA PRO M 248 -18.76 4.47 41.59
C PRO M 248 -20.12 4.66 40.92
N ASN M 249 -21.11 5.18 41.65
CA ASN M 249 -22.45 5.34 41.09
C ASN M 249 -22.88 6.78 40.85
N LEU M 250 -21.94 7.70 40.88
CA LEU M 250 -22.29 9.08 40.65
C LEU M 250 -23.16 9.19 39.41
N LEU M 251 -22.83 8.41 38.39
CA LEU M 251 -23.55 8.44 37.12
C LEU M 251 -24.76 7.51 36.99
N GLY M 252 -24.62 6.29 37.48
CA GLY M 252 -25.69 5.31 37.35
C GLY M 252 -27.00 5.54 38.09
N ASP M 253 -28.10 5.26 37.42
CA ASP M 253 -29.45 5.37 38.00
C ASP M 253 -29.54 4.23 39.01
N PRO M 254 -30.13 4.47 40.19
CA PRO M 254 -30.27 3.43 41.22
C PRO M 254 -31.40 2.41 40.96
N GLU M 255 -32.36 2.82 40.15
CA GLU M 255 -33.49 1.97 39.80
C GLU M 255 -32.98 0.67 39.12
N ASN M 256 -31.70 0.65 38.79
CA ASN M 256 -31.11 -0.50 38.11
C ASN M 256 -30.44 -1.42 39.12
N PHE M 257 -30.81 -1.26 40.38
CA PHE M 257 -30.28 -2.11 41.43
C PHE M 257 -31.48 -2.91 41.87
N THR M 258 -32.55 -2.71 41.12
CA THR M 258 -33.80 -3.37 41.36
C THR M 258 -34.08 -4.22 40.10
N PRO M 259 -34.15 -5.56 40.27
CA PRO M 259 -34.41 -6.46 39.15
C PRO M 259 -35.60 -6.02 38.34
N ALA M 260 -35.42 -5.97 37.02
CA ALA M 260 -36.49 -5.55 36.12
C ALA M 260 -37.79 -6.25 36.51
N ASN M 261 -38.90 -5.54 36.30
CA ASN M 261 -40.21 -6.08 36.60
C ASN M 261 -41.20 -5.34 35.72
N PRO M 262 -41.83 -6.07 34.78
CA PRO M 262 -42.82 -5.57 33.82
C PRO M 262 -44.12 -5.07 34.41
N LEU M 263 -44.34 -5.30 35.70
CA LEU M 263 -45.57 -4.86 36.34
C LEU M 263 -45.36 -3.61 37.17
N VAL M 264 -44.31 -2.88 36.85
CA VAL M 264 -44.00 -1.68 37.57
C VAL M 264 -43.20 -0.78 36.67
N THR M 265 -43.82 0.29 36.20
CA THR M 265 -43.09 1.20 35.35
C THR M 265 -42.40 2.18 36.27
N PRO M 266 -41.10 2.41 36.07
CA PRO M 266 -40.48 3.36 36.97
C PRO M 266 -41.00 4.79 36.77
N PRO M 267 -40.91 5.59 37.84
CA PRO M 267 -41.35 6.99 37.90
C PRO M 267 -40.81 7.76 36.71
N HIS M 268 -39.48 7.83 36.64
CA HIS M 268 -38.83 8.53 35.55
C HIS M 268 -37.78 7.69 34.85
N ILE M 269 -38.12 7.29 33.63
CA ILE M 269 -37.24 6.48 32.80
C ILE M 269 -36.36 7.43 31.99
N LYS M 270 -35.08 7.40 32.27
CA LYS M 270 -34.17 8.26 31.54
C LYS M 270 -32.84 7.53 31.36
N PRO M 271 -32.18 7.76 30.20
CA PRO M 271 -30.91 7.13 29.86
C PRO M 271 -29.73 7.67 30.61
N GLU M 272 -28.57 7.06 30.38
CA GLU M 272 -27.32 7.51 31.01
C GLU M 272 -27.10 8.91 30.45
N TRP M 273 -26.21 9.66 31.09
CA TRP M 273 -25.99 11.01 30.63
C TRP M 273 -25.80 11.18 29.12
N TYR M 274 -24.94 10.35 28.52
CA TYR M 274 -24.63 10.44 27.09
C TYR M 274 -25.74 10.23 26.07
N PHE M 275 -26.98 10.08 26.52
CA PHE M 275 -28.10 9.89 25.61
C PHE M 275 -29.16 10.95 25.89
N LEU M 276 -29.07 11.54 27.08
CA LEU M 276 -30.03 12.56 27.50
C LEU M 276 -30.36 13.54 26.40
N PHE M 277 -29.32 14.21 25.89
CA PHE M 277 -29.50 15.17 24.83
C PHE M 277 -30.46 14.69 23.73
N ALA M 278 -30.34 13.42 23.36
CA ALA M 278 -31.18 12.86 22.31
C ALA M 278 -32.54 12.49 22.86
N TYR M 279 -32.57 12.14 24.13
CA TYR M 279 -33.82 11.76 24.78
C TYR M 279 -34.72 12.99 24.80
N ALA M 280 -34.09 14.15 25.01
CA ALA M 280 -34.78 15.44 25.08
C ALA M 280 -35.37 15.85 23.73
N ILE M 281 -34.59 15.71 22.67
CA ILE M 281 -35.08 16.06 21.34
C ILE M 281 -36.17 15.09 20.93
N LEU M 282 -36.15 13.91 21.53
CA LEU M 282 -37.14 12.88 21.23
C LEU M 282 -38.52 13.32 21.69
N ARG M 283 -38.60 13.77 22.94
CA ARG M 283 -39.85 14.19 23.55
C ARG M 283 -40.32 15.56 23.05
N SER M 284 -39.38 16.38 22.59
CA SER M 284 -39.72 17.70 22.11
C SER M 284 -40.85 17.61 21.10
N ILE M 285 -40.80 16.61 20.23
CA ILE M 285 -41.85 16.42 19.23
C ILE M 285 -42.85 15.41 19.74
N PRO M 286 -44.01 15.88 20.23
CA PRO M 286 -45.02 14.95 20.74
C PRO M 286 -45.83 14.37 19.57
N ASN M 287 -45.39 13.21 19.10
CA ASN M 287 -46.00 12.49 17.99
C ASN M 287 -45.04 11.35 17.80
N LYS M 288 -45.30 10.26 18.49
CA LYS M 288 -44.42 9.10 18.44
C LYS M 288 -43.52 9.07 17.21
N LEU M 289 -44.07 9.17 16.00
CA LEU M 289 -43.23 9.14 14.80
C LEU M 289 -42.34 10.36 14.65
N GLY M 290 -42.94 11.54 14.66
CA GLY M 290 -42.18 12.76 14.51
C GLY M 290 -41.04 12.81 15.50
N GLY M 291 -41.30 12.41 16.74
CA GLY M 291 -40.27 12.42 17.76
C GLY M 291 -39.12 11.50 17.40
N VAL M 292 -39.45 10.41 16.72
CA VAL M 292 -38.47 9.43 16.30
C VAL M 292 -37.59 10.04 15.23
N LEU M 293 -38.22 10.59 14.20
CA LEU M 293 -37.47 11.22 13.12
C LEU M 293 -36.58 12.32 13.73
N ALA M 294 -37.14 13.12 14.63
CA ALA M 294 -36.38 14.20 15.27
C ALA M 294 -35.15 13.65 15.96
N LEU M 295 -35.30 12.52 16.63
CA LEU M 295 -34.18 11.88 17.31
C LEU M 295 -33.23 11.42 16.23
N ALA M 296 -33.76 10.67 15.27
CA ALA M 296 -32.98 10.16 14.16
C ALA M 296 -32.05 11.25 13.63
N ALA M 297 -32.64 12.29 13.05
CA ALA M 297 -31.86 13.37 12.48
C ALA M 297 -30.95 14.09 13.49
N SER M 298 -31.26 14.01 14.77
CA SER M 298 -30.42 14.70 15.75
C SER M 298 -28.99 14.20 15.65
N VAL M 299 -28.84 12.96 15.21
CA VAL M 299 -27.52 12.36 15.07
C VAL M 299 -27.14 12.28 13.59
N LEU M 300 -28.09 11.89 12.74
CA LEU M 300 -27.83 11.77 11.31
C LEU M 300 -27.45 13.11 10.69
N ILE M 301 -27.72 14.19 11.42
CA ILE M 301 -27.41 15.54 10.95
C ILE M 301 -25.90 15.69 10.68
N LEU M 302 -25.08 14.97 11.46
CA LEU M 302 -23.63 15.04 11.28
C LEU M 302 -23.20 14.78 9.83
N PHE M 303 -23.95 13.94 9.13
CA PHE M 303 -23.63 13.61 7.74
C PHE M 303 -23.75 14.82 6.83
N LEU M 304 -24.45 15.85 7.30
CA LEU M 304 -24.64 17.06 6.51
C LEU M 304 -23.61 18.14 6.75
N ILE M 305 -22.97 18.13 7.90
CA ILE M 305 -21.97 19.15 8.22
C ILE M 305 -21.01 19.52 7.07
N PRO M 306 -20.45 18.52 6.37
CA PRO M 306 -19.53 18.82 5.27
C PRO M 306 -20.12 19.71 4.19
N PHE M 307 -21.39 19.52 3.89
CA PHE M 307 -22.02 20.29 2.84
C PHE M 307 -22.52 21.66 3.30
N LEU M 308 -22.40 21.93 4.60
CA LEU M 308 -22.86 23.21 5.14
C LEU M 308 -21.69 24.11 5.55
N HIS M 309 -20.55 23.90 4.93
CA HIS M 309 -19.37 24.70 5.21
C HIS M 309 -19.33 25.77 4.14
N LYS M 310 -19.43 27.03 4.53
CA LYS M 310 -19.39 28.11 3.55
C LYS M 310 -18.17 29.00 3.70
N SER M 311 -17.47 28.90 4.82
CA SER M 311 -16.30 29.73 5.04
C SER M 311 -15.19 29.51 4.02
N LYS M 312 -14.39 30.54 3.80
CA LYS M 312 -13.27 30.49 2.86
C LYS M 312 -12.05 29.98 3.56
N GLN M 313 -12.17 29.88 4.87
CA GLN M 313 -11.11 29.40 5.74
C GLN M 313 -11.61 28.10 6.32
N ARG M 314 -10.68 27.21 6.68
CA ARG M 314 -11.08 25.91 7.21
C ARG M 314 -11.58 25.88 8.66
N THR M 315 -10.77 26.41 9.57
CA THR M 315 -11.11 26.42 10.98
C THR M 315 -11.86 27.66 11.43
N MET M 316 -12.22 27.65 12.71
CA MET M 316 -12.94 28.75 13.34
C MET M 316 -11.95 29.59 14.15
N THR M 317 -10.67 29.32 13.98
CA THR M 317 -9.65 30.06 14.72
C THR M 317 -9.69 31.56 14.40
N PHE M 318 -9.98 31.89 13.15
CA PHE M 318 -10.00 33.28 12.71
C PHE M 318 -11.40 33.79 12.38
N ARG M 319 -12.41 33.14 12.94
CA ARG M 319 -13.82 33.54 12.70
C ARG M 319 -14.57 33.69 14.04
N PRO M 320 -14.28 34.77 14.78
CA PRO M 320 -14.90 35.05 16.08
C PRO M 320 -16.41 34.91 16.11
N LEU M 321 -17.06 35.14 14.97
CA LEU M 321 -18.49 35.01 14.92
C LEU M 321 -18.89 33.54 15.02
N SER M 322 -18.33 32.71 14.15
CA SER M 322 -18.64 31.29 14.18
C SER M 322 -18.34 30.74 15.56
N GLN M 323 -17.23 31.19 16.14
CA GLN M 323 -16.84 30.73 17.46
C GLN M 323 -17.94 30.80 18.50
N THR M 324 -18.47 32.00 18.73
CA THR M 324 -19.52 32.13 19.72
C THR M 324 -20.74 31.30 19.30
N LEU M 325 -21.01 31.24 18.00
CA LEU M 325 -22.13 30.46 17.53
C LEU M 325 -21.85 29.00 17.90
N PHE M 326 -20.60 28.58 17.75
CA PHE M 326 -20.16 27.22 18.08
C PHE M 326 -20.37 26.94 19.56
N TRP M 327 -19.87 27.83 20.41
CA TRP M 327 -19.99 27.71 21.84
C TRP M 327 -21.42 27.84 22.31
N LEU M 328 -22.23 28.50 21.49
CA LEU M 328 -23.63 28.65 21.81
C LEU M 328 -24.24 27.26 21.64
N LEU M 329 -23.83 26.59 20.56
CA LEU M 329 -24.28 25.23 20.24
C LEU M 329 -23.92 24.31 21.39
N VAL M 330 -22.64 24.32 21.78
CA VAL M 330 -22.19 23.49 22.88
C VAL M 330 -23.12 23.66 24.06
N ALA M 331 -23.30 24.91 24.48
CA ALA M 331 -24.19 25.20 25.61
C ALA M 331 -25.59 24.72 25.27
N ASN M 332 -25.98 24.87 24.01
CA ASN M 332 -27.29 24.46 23.54
C ASN M 332 -27.45 22.98 23.91
N LEU M 333 -26.36 22.23 23.80
CA LEU M 333 -26.37 20.82 24.12
C LEU M 333 -26.42 20.52 25.61
N LEU M 334 -25.71 21.30 26.43
CA LEU M 334 -25.79 21.09 27.87
C LEU M 334 -27.24 21.22 28.28
N ILE M 335 -27.89 22.29 27.80
CA ILE M 335 -29.29 22.53 28.11
C ILE M 335 -30.12 21.33 27.72
N LEU M 336 -29.95 20.86 26.48
CA LEU M 336 -30.70 19.69 26.03
C LEU M 336 -30.43 18.50 26.94
N THR M 337 -29.19 18.31 27.35
CA THR M 337 -28.85 17.21 28.23
C THR M 337 -29.65 17.36 29.52
N TRP M 338 -29.58 18.55 30.11
CA TRP M 338 -30.31 18.85 31.35
C TRP M 338 -31.78 18.52 31.18
N ILE M 339 -32.39 19.02 30.13
CA ILE M 339 -33.79 18.76 29.88
C ILE M 339 -34.07 17.26 29.85
N GLY M 340 -33.17 16.49 29.25
CA GLY M 340 -33.37 15.05 29.18
C GLY M 340 -33.52 14.39 30.53
N SER M 341 -32.84 14.93 31.53
CA SER M 341 -32.90 14.36 32.86
C SER M 341 -34.08 14.85 33.67
N GLN M 342 -34.90 15.70 33.07
CA GLN M 342 -36.07 16.25 33.75
C GLN M 342 -37.39 15.69 33.24
N PRO M 343 -38.42 15.71 34.09
CA PRO M 343 -39.76 15.21 33.74
C PRO M 343 -40.45 16.06 32.70
N VAL M 344 -41.46 15.47 32.07
CA VAL M 344 -42.21 16.15 31.03
C VAL M 344 -43.28 17.03 31.66
N GLU M 345 -42.86 18.21 32.10
CA GLU M 345 -43.75 19.18 32.72
C GLU M 345 -43.18 20.57 32.53
N HIS M 346 -44.05 21.56 32.44
CA HIS M 346 -43.62 22.92 32.29
C HIS M 346 -42.78 23.22 33.55
N PRO M 347 -41.75 24.08 33.45
CA PRO M 347 -41.27 24.83 32.28
C PRO M 347 -40.53 23.97 31.25
N PHE M 348 -39.88 22.92 31.75
CA PHE M 348 -39.10 21.99 30.95
C PHE M 348 -39.61 21.72 29.54
N ILE M 349 -40.90 21.41 29.41
CA ILE M 349 -41.45 21.10 28.10
C ILE M 349 -41.19 22.18 27.05
N ILE M 350 -41.45 23.42 27.40
CA ILE M 350 -41.22 24.48 26.45
C ILE M 350 -39.73 24.70 26.25
N ILE M 351 -38.97 24.76 27.35
CA ILE M 351 -37.52 24.96 27.28
C ILE M 351 -36.95 23.88 26.37
N GLY M 352 -37.52 22.69 26.48
CA GLY M 352 -37.08 21.59 25.66
C GLY M 352 -37.22 21.91 24.18
N GLN M 353 -38.45 21.97 23.69
CA GLN M 353 -38.70 22.24 22.29
C GLN M 353 -37.87 23.40 21.75
N MET M 354 -37.56 24.34 22.62
CA MET M 354 -36.77 25.49 22.20
C MET M 354 -35.37 25.04 21.79
N ALA M 355 -34.61 24.54 22.75
CA ALA M 355 -33.25 24.07 22.47
C ALA M 355 -33.28 23.17 21.24
N SER M 356 -34.25 22.26 21.17
CA SER M 356 -34.36 21.38 20.01
C SER M 356 -34.38 22.27 18.78
N LEU M 357 -35.33 23.19 18.78
CA LEU M 357 -35.47 24.10 17.66
C LEU M 357 -34.16 24.78 17.31
N SER M 358 -33.51 25.36 18.31
CA SER M 358 -32.25 26.05 18.06
C SER M 358 -31.20 25.11 17.50
N TYR M 359 -31.04 23.95 18.13
CA TYR M 359 -30.08 22.94 17.70
C TYR M 359 -30.03 22.81 16.17
N PHE M 360 -31.15 22.42 15.57
CA PHE M 360 -31.21 22.27 14.13
C PHE M 360 -30.99 23.58 13.38
N THR M 361 -31.49 24.66 13.96
CA THR M 361 -31.33 25.95 13.33
C THR M 361 -29.87 26.37 13.28
N ILE M 362 -29.18 26.26 14.41
CA ILE M 362 -27.76 26.63 14.46
C ILE M 362 -26.95 25.90 13.40
N LEU M 363 -27.16 24.58 13.29
CA LEU M 363 -26.42 23.77 12.33
C LEU M 363 -26.87 23.90 10.88
N LEU M 364 -28.18 24.01 10.66
CA LEU M 364 -28.70 24.12 9.30
C LEU M 364 -28.79 25.51 8.70
N ILE M 365 -29.13 26.50 9.53
CA ILE M 365 -29.29 27.87 9.05
C ILE M 365 -28.23 28.84 9.47
N LEU M 366 -28.01 28.98 10.77
CA LEU M 366 -27.02 29.92 11.25
C LEU M 366 -25.61 29.68 10.75
N PHE M 367 -24.99 28.60 11.20
CA PHE M 367 -23.62 28.30 10.77
C PHE M 367 -23.36 28.60 9.30
N PRO M 368 -24.14 27.99 8.39
CA PRO M 368 -23.89 28.28 6.98
C PRO M 368 -24.02 29.79 6.64
N THR M 369 -25.01 30.46 7.21
CA THR M 369 -25.23 31.89 6.99
C THR M 369 -24.10 32.77 7.52
N ILE M 370 -23.85 32.68 8.82
CA ILE M 370 -22.80 33.45 9.47
C ILE M 370 -21.49 33.30 8.72
N GLY M 371 -21.24 32.08 8.24
CA GLY M 371 -20.01 31.81 7.51
C GLY M 371 -19.94 32.61 6.22
N THR M 372 -21.06 32.69 5.50
CA THR M 372 -21.14 33.43 4.25
C THR M 372 -20.84 34.89 4.57
N LEU M 373 -21.67 35.44 5.44
CA LEU M 373 -21.54 36.82 5.90
C LEU M 373 -20.11 37.13 6.33
N GLU M 374 -19.46 36.17 7.00
CA GLU M 374 -18.10 36.34 7.46
C GLU M 374 -17.14 36.55 6.29
N ASN M 375 -17.33 35.79 5.20
CA ASN M 375 -16.48 35.91 4.01
C ASN M 375 -16.55 37.31 3.45
N LYS M 376 -17.76 37.84 3.41
CA LYS M 376 -17.95 39.19 2.91
C LYS M 376 -17.23 40.20 3.79
N MET M 377 -17.13 39.93 5.09
CA MET M 377 -16.43 40.84 5.99
C MET M 377 -14.93 40.82 5.76
N LEU M 378 -14.46 39.81 5.05
CA LEU M 378 -13.04 39.71 4.75
C LEU M 378 -12.84 40.33 3.40
N ASN M 379 -13.96 40.66 2.75
CA ASN M 379 -13.98 41.24 1.41
C ASN M 379 -13.60 40.16 0.40
N TYR M 380 -14.30 39.04 0.52
CA TYR M 380 -14.12 37.85 -0.32
C TYR M 380 -15.47 37.42 -0.86
N GLY N 1 -49.34 13.03 43.79
CA GLY N 1 -49.18 13.52 45.18
C GLY N 1 -48.21 14.69 45.28
N GLU N 2 -47.16 14.64 44.45
CA GLU N 2 -46.13 15.69 44.43
C GLU N 2 -45.57 15.98 45.81
N LEU N 3 -44.65 16.95 45.87
CA LEU N 3 -44.04 17.34 47.13
C LEU N 3 -43.50 16.11 47.87
N GLU N 4 -42.18 16.05 47.91
CA GLU N 4 -41.46 14.95 48.54
C GLU N 4 -40.47 15.57 49.49
N LEU N 5 -40.27 14.97 50.65
CA LEU N 5 -39.30 15.53 51.57
C LEU N 5 -37.96 14.81 51.37
N HIS N 6 -36.93 15.57 51.02
CA HIS N 6 -35.60 14.99 50.79
C HIS N 6 -34.78 14.92 52.07
N PRO N 7 -34.25 13.72 52.39
CA PRO N 7 -33.45 13.47 53.59
C PRO N 7 -32.19 14.33 53.71
N PRO N 8 -31.78 14.63 54.95
CA PRO N 8 -30.58 15.44 55.21
C PRO N 8 -29.36 14.55 55.02
N ALA N 9 -28.17 15.13 55.12
CA ALA N 9 -26.96 14.36 54.92
C ALA N 9 -26.19 14.11 56.20
N PHE N 10 -26.42 12.97 56.82
CA PHE N 10 -25.70 12.65 58.05
C PHE N 10 -24.25 12.37 57.69
N PRO N 11 -23.33 12.79 58.57
CA PRO N 11 -21.88 12.62 58.40
C PRO N 11 -21.39 11.22 58.77
N TRP N 12 -21.61 10.25 57.88
CA TRP N 12 -21.21 8.89 58.19
C TRP N 12 -19.71 8.68 58.39
N SER N 13 -19.38 7.73 59.24
CA SER N 13 -17.99 7.39 59.53
C SER N 13 -17.26 6.87 58.29
N HIS N 14 -18.04 6.51 57.27
CA HIS N 14 -17.54 5.97 56.00
C HIS N 14 -17.89 6.86 54.83
N GLY N 15 -18.12 8.14 55.11
CA GLY N 15 -18.44 9.07 54.05
C GLY N 15 -17.21 9.53 53.29
N GLY N 16 -16.10 9.71 54.02
CA GLY N 16 -14.84 10.16 53.44
C GLY N 16 -14.31 9.29 52.32
N PRO N 17 -13.71 9.90 51.28
CA PRO N 17 -13.19 9.12 50.17
C PRO N 17 -12.14 8.13 50.68
N LEU N 18 -11.30 8.58 51.61
CA LEU N 18 -10.29 7.68 52.12
C LEU N 18 -10.72 7.03 53.42
N SER N 19 -11.94 7.28 53.84
CA SER N 19 -12.44 6.71 55.09
C SER N 19 -13.24 5.42 54.95
N ALA N 20 -12.70 4.36 55.55
CA ALA N 20 -13.30 3.04 55.54
C ALA N 20 -14.66 3.00 56.24
N LEU N 21 -15.13 1.78 56.49
CA LEU N 21 -16.39 1.55 57.20
C LEU N 21 -16.01 1.24 58.64
N ASP N 22 -16.86 1.63 59.58
CA ASP N 22 -16.60 1.35 61.00
C ASP N 22 -17.08 -0.08 61.23
N HIS N 23 -16.16 -1.04 61.11
CA HIS N 23 -16.52 -2.44 61.26
C HIS N 23 -17.23 -2.80 62.54
N SER N 24 -17.02 -2.01 63.58
CA SER N 24 -17.69 -2.26 64.85
C SER N 24 -19.18 -1.92 64.70
N SER N 25 -19.46 -0.80 64.02
CA SER N 25 -20.84 -0.37 63.79
C SER N 25 -21.59 -1.34 62.88
N VAL N 26 -20.86 -1.99 61.98
CA VAL N 26 -21.47 -2.96 61.08
C VAL N 26 -21.84 -4.22 61.83
N ARG N 27 -20.94 -4.74 62.65
CA ARG N 27 -21.21 -5.95 63.42
C ARG N 27 -22.55 -5.82 64.15
N ARG N 28 -22.81 -4.64 64.71
CA ARG N 28 -24.06 -4.39 65.41
C ARG N 28 -25.20 -4.33 64.38
N GLY N 29 -25.05 -3.50 63.35
CA GLY N 29 -26.08 -3.38 62.34
C GLY N 29 -26.56 -4.76 61.89
N PHE N 30 -25.62 -5.70 61.87
CA PHE N 30 -25.90 -7.09 61.49
C PHE N 30 -27.00 -7.63 62.40
N GLN N 31 -26.73 -7.58 63.71
CA GLN N 31 -27.65 -8.04 64.74
C GLN N 31 -29.01 -7.39 64.52
N VAL N 32 -29.01 -6.09 64.27
CA VAL N 32 -30.25 -5.38 63.99
C VAL N 32 -30.99 -6.07 62.84
N TYR N 33 -30.26 -6.39 61.78
CA TYR N 33 -30.88 -7.07 60.65
C TYR N 33 -31.28 -8.48 61.08
N LYS N 34 -30.30 -9.21 61.62
CA LYS N 34 -30.50 -10.58 62.08
C LYS N 34 -31.64 -10.81 63.06
N GLN N 35 -31.92 -9.83 63.92
CA GLN N 35 -32.97 -9.99 64.93
C GLN N 35 -34.20 -9.14 64.73
N VAL N 36 -34.20 -8.28 63.72
CA VAL N 36 -35.36 -7.43 63.54
C VAL N 36 -35.91 -7.34 62.13
N CYS N 37 -35.06 -7.07 61.17
CA CYS N 37 -35.50 -6.94 59.78
C CYS N 37 -35.62 -8.29 59.08
N SER N 38 -34.71 -9.20 59.40
CA SER N 38 -34.69 -10.53 58.79
C SER N 38 -35.99 -11.29 59.03
N ALA N 39 -36.93 -10.64 59.70
CA ALA N 39 -38.21 -11.23 60.00
C ALA N 39 -39.15 -11.02 58.83
N CYS N 40 -38.83 -10.04 58.00
CA CYS N 40 -39.65 -9.76 56.84
C CYS N 40 -38.77 -9.42 55.65
N HIS N 41 -37.48 -9.17 55.92
CA HIS N 41 -36.55 -8.80 54.86
C HIS N 41 -35.49 -9.83 54.49
N SER N 42 -35.41 -10.13 53.19
CA SER N 42 -34.44 -11.10 52.69
C SER N 42 -33.15 -10.39 52.37
N MET N 43 -32.06 -11.16 52.36
CA MET N 43 -30.76 -10.62 52.04
C MET N 43 -30.07 -11.71 51.26
N ASP N 44 -30.72 -12.08 50.16
CA ASP N 44 -30.24 -13.16 49.31
C ASP N 44 -28.79 -13.16 48.80
N TYR N 45 -28.12 -12.01 48.77
CA TYR N 45 -26.76 -11.99 48.26
C TYR N 45 -25.63 -12.06 49.27
N VAL N 46 -25.95 -12.11 50.56
CA VAL N 46 -24.89 -12.21 51.55
C VAL N 46 -24.92 -13.60 52.16
N ALA N 47 -23.75 -14.10 52.54
CA ALA N 47 -23.66 -15.43 53.14
C ALA N 47 -22.90 -15.34 54.45
N PHE N 48 -23.21 -16.25 55.36
CA PHE N 48 -22.57 -16.25 56.67
C PHE N 48 -21.05 -16.18 56.58
N ARG N 49 -20.48 -16.72 55.51
CA ARG N 49 -19.03 -16.69 55.35
C ARG N 49 -18.54 -15.26 55.05
N ASN N 50 -19.36 -14.48 54.37
CA ASN N 50 -19.03 -13.09 54.03
C ASN N 50 -18.71 -12.26 55.28
N LEU N 51 -19.22 -12.70 56.43
CA LEU N 51 -19.03 -12.03 57.72
C LEU N 51 -17.65 -12.25 58.30
N ILE N 52 -17.08 -13.40 57.99
CA ILE N 52 -15.75 -13.75 58.47
C ILE N 52 -14.70 -12.71 58.07
N GLY N 53 -13.90 -12.27 59.03
CA GLY N 53 -12.86 -11.29 58.74
C GLY N 53 -13.38 -9.88 58.53
N VAL N 54 -14.70 -9.70 58.55
CA VAL N 54 -15.27 -8.38 58.33
C VAL N 54 -15.88 -7.86 59.64
N THR N 55 -16.78 -8.67 60.22
CA THR N 55 -17.45 -8.32 61.46
C THR N 55 -17.43 -9.46 62.46
N HIS N 56 -17.14 -10.66 62.01
CA HIS N 56 -17.14 -11.79 62.92
C HIS N 56 -15.95 -12.72 62.86
N THR N 57 -15.86 -13.58 63.86
CA THR N 57 -14.81 -14.59 63.97
C THR N 57 -15.26 -15.66 63.00
N GLU N 58 -14.35 -16.52 62.60
CA GLU N 58 -14.73 -17.62 61.74
C GLU N 58 -15.62 -18.51 62.61
N ALA N 59 -15.26 -18.59 63.89
CA ALA N 59 -15.99 -19.38 64.87
C ALA N 59 -17.41 -18.88 64.98
N GLU N 60 -17.55 -17.58 65.25
CA GLU N 60 -18.86 -16.93 65.37
C GLU N 60 -19.74 -17.16 64.14
N ALA N 61 -19.13 -17.04 62.96
CA ALA N 61 -19.82 -17.20 61.70
C ALA N 61 -20.42 -18.60 61.57
N LYS N 62 -19.64 -19.61 61.92
CA LYS N 62 -20.15 -20.98 61.84
C LYS N 62 -21.34 -21.12 62.79
N ALA N 63 -21.20 -20.62 64.02
CA ALA N 63 -22.28 -20.67 65.02
C ALA N 63 -23.54 -20.08 64.42
N LEU N 64 -23.42 -18.83 63.99
CA LEU N 64 -24.52 -18.10 63.39
C LEU N 64 -25.24 -18.87 62.31
N ALA N 65 -24.47 -19.53 61.45
CA ALA N 65 -25.06 -20.28 60.36
C ALA N 65 -25.79 -21.53 60.82
N GLU N 66 -25.38 -22.08 61.95
CA GLU N 66 -26.00 -23.29 62.49
C GLU N 66 -27.27 -22.98 63.29
N GLU N 67 -27.46 -21.71 63.65
CA GLU N 67 -28.65 -21.29 64.37
C GLU N 67 -29.81 -21.41 63.39
N VAL N 68 -29.50 -21.81 62.16
CA VAL N 68 -30.52 -21.95 61.11
C VAL N 68 -30.59 -23.34 60.50
N GLU N 69 -31.80 -23.74 60.12
CA GLU N 69 -32.01 -25.03 59.47
C GLU N 69 -32.23 -24.74 58.00
N VAL N 70 -31.57 -25.50 57.13
CA VAL N 70 -31.73 -25.28 55.69
C VAL N 70 -32.25 -26.54 55.01
N GLN N 71 -32.98 -26.34 53.91
CA GLN N 71 -33.53 -27.44 53.16
C GLN N 71 -32.61 -27.88 52.04
N ASP N 72 -32.07 -29.08 52.17
CA ASP N 72 -31.20 -29.63 51.15
C ASP N 72 -31.93 -30.77 50.45
N GLY N 73 -31.18 -31.68 49.84
CA GLY N 73 -31.81 -32.79 49.16
C GLY N 73 -31.70 -32.63 47.66
N PRO N 74 -32.24 -33.59 46.88
CA PRO N 74 -32.95 -34.78 47.35
C PRO N 74 -32.03 -35.84 47.93
N ASP N 75 -32.57 -36.70 48.79
CA ASP N 75 -31.80 -37.77 49.39
C ASP N 75 -31.94 -38.98 48.50
N GLU N 76 -31.76 -40.18 49.06
CA GLU N 76 -31.87 -41.41 48.28
C GLU N 76 -33.25 -41.55 47.62
N ASN N 77 -34.31 -41.38 48.40
CA ASN N 77 -35.68 -41.50 47.87
C ASN N 77 -36.12 -40.25 47.11
N GLY N 78 -35.20 -39.33 46.87
CA GLY N 78 -35.55 -38.12 46.15
C GLY N 78 -36.33 -37.19 47.06
N GLU N 79 -36.22 -37.42 48.36
CA GLU N 79 -36.91 -36.61 49.37
C GLU N 79 -36.08 -35.39 49.76
N LEU N 80 -36.76 -34.28 50.04
CA LEU N 80 -36.06 -33.09 50.48
C LEU N 80 -35.87 -33.31 51.97
N PHE N 81 -35.13 -32.43 52.62
CA PHE N 81 -34.89 -32.58 54.06
C PHE N 81 -34.18 -31.39 54.67
N MET N 82 -34.19 -31.31 55.99
CA MET N 82 -33.53 -30.22 56.67
C MET N 82 -32.15 -30.64 57.13
N ARG N 83 -31.32 -29.65 57.41
CA ARG N 83 -29.96 -29.86 57.89
C ARG N 83 -29.55 -28.53 58.50
N PRO N 84 -28.53 -28.54 59.38
CA PRO N 84 -28.10 -27.28 60.00
C PRO N 84 -27.27 -26.46 59.01
N GLY N 85 -27.27 -25.14 59.18
CA GLY N 85 -26.54 -24.26 58.29
C GLY N 85 -25.02 -24.34 58.26
N LYS N 86 -24.45 -23.91 57.14
CA LYS N 86 -23.01 -23.89 56.92
C LYS N 86 -22.66 -22.46 56.56
N ILE N 87 -21.39 -22.07 56.71
CA ILE N 87 -20.99 -20.71 56.38
C ILE N 87 -21.21 -20.45 54.90
N SER N 88 -21.27 -21.54 54.14
CA SER N 88 -21.46 -21.49 52.71
C SER N 88 -22.90 -21.15 52.32
N ASP N 89 -23.79 -21.10 53.32
CA ASP N 89 -25.19 -20.81 53.06
C ASP N 89 -25.47 -19.33 53.09
N TYR N 90 -26.44 -18.94 52.29
CA TYR N 90 -26.83 -17.54 52.22
C TYR N 90 -27.88 -17.25 53.28
N PHE N 91 -27.96 -16.01 53.74
CA PHE N 91 -28.94 -15.64 54.75
C PHE N 91 -30.29 -16.22 54.39
N PRO N 92 -31.07 -16.64 55.39
CA PRO N 92 -32.39 -17.22 55.25
C PRO N 92 -33.48 -16.27 54.74
N LYS N 93 -34.34 -16.78 53.88
CA LYS N 93 -35.45 -15.99 53.35
C LYS N 93 -36.62 -16.13 54.32
N PRO N 94 -37.35 -15.03 54.58
CA PRO N 94 -38.48 -15.14 55.50
C PRO N 94 -39.73 -15.71 54.84
N TYR N 95 -39.85 -15.56 53.52
CA TYR N 95 -41.02 -16.08 52.83
C TYR N 95 -40.60 -16.89 51.61
N PRO N 96 -41.48 -17.80 51.15
CA PRO N 96 -41.21 -18.66 49.99
C PRO N 96 -41.21 -17.90 48.65
N ASN N 97 -42.03 -16.86 48.58
CA ASN N 97 -42.16 -16.04 47.38
C ASN N 97 -42.94 -14.77 47.70
N PRO N 98 -42.80 -13.72 46.87
CA PRO N 98 -43.52 -12.47 47.15
C PRO N 98 -44.99 -12.68 47.52
N GLU N 99 -45.69 -13.50 46.73
CA GLU N 99 -47.09 -13.78 47.00
C GLU N 99 -47.29 -14.08 48.50
N ALA N 100 -46.44 -14.96 49.03
CA ALA N 100 -46.51 -15.34 50.44
C ALA N 100 -46.12 -14.18 51.33
N ALA N 101 -45.04 -13.50 50.95
CA ALA N 101 -44.56 -12.36 51.70
C ALA N 101 -45.64 -11.29 51.81
N ARG N 102 -46.29 -10.97 50.70
CA ARG N 102 -47.36 -9.97 50.69
C ARG N 102 -48.47 -10.43 51.59
N ALA N 103 -48.85 -11.70 51.45
CA ALA N 103 -49.92 -12.30 52.25
C ALA N 103 -49.77 -11.98 53.74
N ALA N 104 -48.54 -12.01 54.24
CA ALA N 104 -48.28 -11.74 55.65
C ALA N 104 -47.90 -10.28 56.00
N ASN N 105 -48.07 -9.36 55.05
CA ASN N 105 -47.72 -7.97 55.28
C ASN N 105 -48.74 -7.02 54.68
N ASN N 106 -49.88 -7.59 54.28
CA ASN N 106 -50.98 -6.81 53.70
C ASN N 106 -50.76 -6.47 52.24
N GLY N 107 -50.34 -7.46 51.45
CA GLY N 107 -50.10 -7.21 50.03
C GLY N 107 -48.87 -6.37 49.84
N ALA N 108 -48.26 -5.95 50.96
CA ALA N 108 -47.04 -5.14 50.93
C ALA N 108 -45.89 -6.11 50.72
N LEU N 109 -44.87 -5.65 50.01
CA LEU N 109 -43.76 -6.52 49.73
C LEU N 109 -42.44 -6.01 50.31
N PRO N 110 -42.05 -6.54 51.47
CA PRO N 110 -40.78 -6.09 52.06
C PRO N 110 -39.66 -6.52 51.12
N PRO N 111 -39.11 -5.57 50.35
CA PRO N 111 -38.03 -5.85 49.40
C PRO N 111 -36.75 -6.42 50.02
N ASP N 112 -35.98 -7.16 49.23
CA ASP N 112 -34.73 -7.74 49.71
C ASP N 112 -33.80 -6.57 49.99
N LEU N 113 -33.05 -6.66 51.09
CA LEU N 113 -32.16 -5.57 51.46
C LEU N 113 -30.73 -5.63 50.95
N SER N 114 -30.40 -6.66 50.18
CA SER N 114 -29.05 -6.83 49.65
C SER N 114 -28.46 -5.56 49.00
N TYR N 115 -29.20 -4.96 48.08
CA TYR N 115 -28.72 -3.76 47.40
C TYR N 115 -29.56 -2.51 47.68
N ILE N 116 -30.30 -2.52 48.78
CA ILE N 116 -31.18 -1.40 49.12
C ILE N 116 -30.56 0.01 49.17
N VAL N 117 -29.43 0.14 49.86
CA VAL N 117 -28.82 1.46 49.95
C VAL N 117 -28.48 2.09 48.59
N ASN N 118 -28.24 1.26 47.56
CA ASN N 118 -27.91 1.79 46.24
C ASN N 118 -29.11 1.75 45.33
N ALA N 119 -30.21 1.24 45.86
CA ALA N 119 -31.45 1.10 45.09
C ALA N 119 -32.42 2.24 45.34
N ARG N 120 -32.15 3.00 46.39
CA ARG N 120 -33.02 4.11 46.73
C ARG N 120 -32.19 5.39 46.67
N HIS N 121 -32.76 6.45 46.09
CA HIS N 121 -32.03 7.72 46.01
C HIS N 121 -31.84 8.18 47.44
N GLY N 122 -30.60 8.43 47.85
CA GLY N 122 -30.39 8.89 49.20
C GLY N 122 -29.54 7.92 49.97
N GLY N 123 -29.60 6.65 49.59
CA GLY N 123 -28.79 5.67 50.29
C GLY N 123 -29.10 5.61 51.78
N GLU N 124 -28.06 5.43 52.59
CA GLU N 124 -28.25 5.34 54.03
C GLU N 124 -28.91 6.58 54.63
N ASP N 125 -28.56 7.76 54.11
CA ASP N 125 -29.16 9.00 54.58
C ASP N 125 -30.67 8.92 54.39
N TYR N 126 -31.11 8.17 53.39
CA TYR N 126 -32.54 8.00 53.11
C TYR N 126 -33.11 6.92 53.99
N VAL N 127 -32.52 5.73 53.95
CA VAL N 127 -33.01 4.64 54.78
C VAL N 127 -33.04 5.07 56.24
N PHE N 128 -32.07 5.89 56.64
CA PHE N 128 -32.04 6.37 58.02
C PHE N 128 -33.21 7.28 58.34
N SER N 129 -33.33 8.40 57.63
CA SER N 129 -34.43 9.33 57.83
C SER N 129 -35.79 8.62 57.85
N LEU N 130 -35.95 7.56 57.05
CA LEU N 130 -37.20 6.82 56.99
C LEU N 130 -37.45 6.07 58.30
N LEU N 131 -36.46 5.32 58.75
CA LEU N 131 -36.59 4.56 59.98
C LEU N 131 -36.91 5.47 61.15
N THR N 132 -36.03 6.41 61.39
CA THR N 132 -36.21 7.38 62.47
C THR N 132 -36.95 8.58 61.88
N GLY N 133 -38.23 8.41 61.56
CA GLY N 133 -38.96 9.51 60.97
C GLY N 133 -40.47 9.34 60.81
N TYR N 134 -41.01 8.26 61.35
CA TYR N 134 -42.45 8.08 61.26
C TYR N 134 -43.10 9.14 62.14
N CYS N 135 -44.26 9.62 61.73
CA CYS N 135 -44.96 10.64 62.50
C CYS N 135 -46.42 10.69 62.04
N ASP N 136 -47.18 11.61 62.64
CA ASP N 136 -48.59 11.75 62.32
C ASP N 136 -48.83 12.59 61.08
N PRO N 137 -49.87 12.25 60.30
CA PRO N 137 -50.22 12.98 59.09
C PRO N 137 -50.79 14.36 59.41
N PRO N 138 -50.32 15.41 58.69
CA PRO N 138 -50.82 16.76 58.94
C PRO N 138 -52.28 16.89 58.53
N ALA N 139 -52.84 18.07 58.77
CA ALA N 139 -54.23 18.32 58.44
C ALA N 139 -54.55 18.02 56.97
N GLY N 140 -55.67 17.35 56.74
CA GLY N 140 -56.09 17.02 55.39
C GLY N 140 -55.57 15.72 54.79
N VAL N 141 -54.54 15.15 55.40
CA VAL N 141 -53.97 13.91 54.88
C VAL N 141 -54.47 12.67 55.63
N VAL N 142 -55.10 11.77 54.89
CA VAL N 142 -55.63 10.52 55.45
C VAL N 142 -54.89 9.28 54.96
N VAL N 143 -54.26 8.57 55.89
CA VAL N 143 -53.50 7.36 55.59
C VAL N 143 -54.44 6.14 55.61
N ARG N 144 -54.68 5.52 54.45
CA ARG N 144 -55.58 4.37 54.40
C ARG N 144 -55.16 3.27 55.35
N GLU N 145 -56.15 2.55 55.89
CA GLU N 145 -55.88 1.48 56.85
C GLU N 145 -54.80 0.48 56.43
N GLY N 146 -53.95 0.13 57.40
CA GLY N 146 -52.87 -0.82 57.14
C GLY N 146 -51.57 -0.10 56.87
N LEU N 147 -51.66 1.12 56.34
CA LEU N 147 -50.49 1.93 56.02
C LEU N 147 -50.14 2.85 57.19
N HIS N 148 -48.88 3.27 57.27
CA HIS N 148 -48.42 4.15 58.33
C HIS N 148 -47.78 5.39 57.72
N TYR N 149 -48.04 6.55 58.32
CA TYR N 149 -47.48 7.77 57.77
C TYR N 149 -46.00 7.91 58.03
N ASN N 150 -45.29 8.29 56.96
CA ASN N 150 -43.86 8.55 56.99
C ASN N 150 -43.70 9.58 55.86
N PRO N 151 -43.22 10.77 56.19
CA PRO N 151 -43.04 11.81 55.17
C PRO N 151 -41.88 11.52 54.21
N TYR N 152 -40.85 10.86 54.73
CA TYR N 152 -39.67 10.54 53.93
C TYR N 152 -39.90 9.50 52.85
N PHE N 153 -41.08 8.91 52.86
CA PHE N 153 -41.46 7.89 51.88
C PHE N 153 -42.41 8.49 50.85
N PRO N 154 -42.13 8.33 49.55
CA PRO N 154 -43.01 8.88 48.53
C PRO N 154 -44.43 8.39 48.71
N GLY N 155 -45.40 9.30 48.65
CA GLY N 155 -46.79 8.92 48.85
C GLY N 155 -47.08 9.02 50.34
N GLN N 156 -46.02 9.19 51.13
CA GLN N 156 -46.08 9.35 52.59
C GLN N 156 -46.73 8.21 53.37
N ALA N 157 -47.44 7.33 52.67
CA ALA N 157 -48.10 6.18 53.30
C ALA N 157 -47.31 4.90 52.96
N ILE N 158 -46.55 4.42 53.93
CA ILE N 158 -45.72 3.24 53.76
C ILE N 158 -46.42 2.03 54.37
N GLY N 159 -46.05 0.84 53.93
CA GLY N 159 -46.68 -0.34 54.46
C GLY N 159 -45.87 -0.99 55.58
N MET N 160 -44.83 -0.32 56.02
CA MET N 160 -44.00 -0.89 57.09
C MET N 160 -44.22 -0.18 58.40
N ALA N 161 -44.46 -0.96 59.45
CA ALA N 161 -44.66 -0.41 60.79
C ALA N 161 -43.29 -0.10 61.36
N PRO N 162 -43.15 1.06 62.03
CA PRO N 162 -41.86 1.45 62.63
C PRO N 162 -41.20 0.22 63.22
N PRO N 163 -40.24 -0.36 62.49
CA PRO N 163 -39.52 -1.56 62.91
C PRO N 163 -38.66 -1.42 64.15
N ILE N 164 -38.27 -0.19 64.49
CA ILE N 164 -37.44 0.00 65.66
C ILE N 164 -37.96 1.00 66.70
N TYR N 165 -37.63 0.71 67.96
CA TYR N 165 -37.98 1.52 69.14
C TYR N 165 -36.95 1.20 70.22
N ASN N 166 -36.55 2.22 70.98
CA ASN N 166 -35.55 2.05 72.03
C ASN N 166 -35.55 0.69 72.69
N GLU N 167 -34.36 0.16 72.95
CA GLU N 167 -34.18 -1.14 73.60
C GLU N 167 -34.89 -2.33 72.92
N ILE N 168 -35.37 -2.15 71.69
CA ILE N 168 -36.07 -3.22 70.97
C ILE N 168 -35.22 -4.49 70.95
N LEU N 169 -33.96 -4.33 71.34
CA LEU N 169 -32.99 -5.42 71.44
C LEU N 169 -31.83 -4.84 72.23
N GLU N 170 -30.81 -5.64 72.48
CA GLU N 170 -29.66 -5.14 73.22
C GLU N 170 -28.37 -5.55 72.52
N TYR N 171 -27.44 -4.61 72.38
CA TYR N 171 -26.17 -4.91 71.73
C TYR N 171 -25.29 -5.62 72.75
N ASP N 172 -24.89 -6.85 72.45
CA ASP N 172 -24.05 -7.59 73.36
C ASP N 172 -22.68 -6.91 73.58
N ASP N 173 -22.43 -5.83 72.85
CA ASP N 173 -21.16 -5.11 73.00
C ASP N 173 -21.33 -4.04 74.08
N GLY N 174 -22.59 -3.81 74.46
CA GLY N 174 -22.88 -2.84 75.51
C GLY N 174 -23.23 -1.44 75.04
N THR N 175 -23.41 -1.26 73.74
CA THR N 175 -23.75 0.06 73.26
C THR N 175 -25.21 0.37 73.61
N PRO N 176 -25.45 1.57 74.14
CA PRO N 176 -26.82 1.98 74.50
C PRO N 176 -27.76 1.93 73.28
N ALA N 177 -28.61 0.91 73.25
CA ALA N 177 -29.56 0.68 72.17
C ALA N 177 -30.69 1.69 71.99
N THR N 178 -30.35 2.97 71.83
CA THR N 178 -31.40 3.96 71.62
C THR N 178 -31.90 3.69 70.21
N MET N 179 -33.02 4.27 69.82
CA MET N 179 -33.54 4.02 68.48
C MET N 179 -32.55 4.45 67.40
N SER N 180 -32.21 5.73 67.39
CA SER N 180 -31.28 6.26 66.38
C SER N 180 -29.96 5.50 66.39
N GLN N 181 -29.49 5.07 67.56
CA GLN N 181 -28.25 4.30 67.65
C GLN N 181 -28.41 3.01 66.86
N ILE N 182 -29.65 2.52 66.77
CA ILE N 182 -29.96 1.31 66.03
C ILE N 182 -30.00 1.63 64.55
N ALA N 183 -30.92 2.51 64.15
CA ALA N 183 -31.05 2.91 62.75
C ALA N 183 -29.68 3.25 62.14
N LYS N 184 -28.83 3.90 62.92
CA LYS N 184 -27.50 4.26 62.44
C LYS N 184 -26.73 2.97 62.15
N ASP N 185 -26.59 2.11 63.16
CA ASP N 185 -25.85 0.86 62.97
C ASP N 185 -26.34 -0.04 61.84
N VAL N 186 -27.65 -0.17 61.68
CA VAL N 186 -28.15 -1.03 60.62
C VAL N 186 -27.81 -0.39 59.27
N CYS N 187 -27.96 0.93 59.14
CA CYS N 187 -27.64 1.59 57.88
C CYS N 187 -26.18 1.37 57.53
N THR N 188 -25.29 1.45 58.52
CA THR N 188 -23.86 1.22 58.27
C THR N 188 -23.73 -0.21 57.74
N PHE N 189 -24.57 -1.11 58.25
CA PHE N 189 -24.58 -2.50 57.82
C PHE N 189 -25.06 -2.61 56.37
N LEU N 190 -26.22 -2.01 56.08
CA LEU N 190 -26.81 -2.02 54.74
C LEU N 190 -25.86 -1.53 53.66
N ARG N 191 -24.96 -0.63 54.03
CA ARG N 191 -23.98 -0.11 53.12
C ARG N 191 -23.03 -1.27 52.80
N TRP N 192 -22.43 -1.85 53.84
CA TRP N 192 -21.52 -2.96 53.64
C TRP N 192 -22.16 -4.06 52.80
N ALA N 193 -23.31 -4.54 53.25
CA ALA N 193 -24.02 -5.59 52.54
C ALA N 193 -24.13 -5.32 51.04
N ALA N 194 -24.30 -4.06 50.66
CA ALA N 194 -24.43 -3.71 49.25
C ALA N 194 -23.09 -3.68 48.50
N GLU N 195 -22.03 -3.21 49.15
CA GLU N 195 -20.74 -3.17 48.50
C GLU N 195 -19.58 -3.52 49.40
N PRO N 196 -19.49 -4.81 49.75
CA PRO N 196 -18.47 -5.42 50.60
C PRO N 196 -17.09 -4.91 50.27
N GLU N 197 -16.89 -4.58 49.00
CA GLU N 197 -15.59 -4.10 48.55
C GLU N 197 -15.28 -2.67 49.04
N HIS N 198 -16.34 -1.93 49.37
CA HIS N 198 -16.22 -0.56 49.86
C HIS N 198 -14.82 -0.20 50.32
N ASP N 199 -14.39 -0.85 51.39
CA ASP N 199 -13.07 -0.63 51.97
C ASP N 199 -11.89 -0.81 51.00
N GLN N 200 -11.64 -2.03 50.55
CA GLN N 200 -10.54 -2.24 49.62
C GLN N 200 -10.63 -1.26 48.44
N ARG N 201 -11.85 -0.98 48.00
CA ARG N 201 -12.02 -0.07 46.87
C ARG N 201 -11.54 1.35 47.13
N LYS N 202 -11.59 1.79 48.38
CA LYS N 202 -11.14 3.13 48.71
C LYS N 202 -9.64 3.10 48.98
N ARG N 203 -9.14 1.99 49.53
CA ARG N 203 -7.71 1.85 49.78
C ARG N 203 -7.00 1.89 48.44
N MET N 204 -7.68 1.32 47.44
CA MET N 204 -7.18 1.29 46.06
C MET N 204 -7.23 2.70 45.51
N GLY N 205 -8.38 3.36 45.66
CA GLY N 205 -8.51 4.73 45.17
C GLY N 205 -7.31 5.56 45.60
N LEU N 206 -6.84 5.35 46.83
CA LEU N 206 -5.68 6.07 47.34
C LEU N 206 -4.43 5.75 46.52
N LYS N 207 -3.99 4.50 46.57
CA LYS N 207 -2.81 4.08 45.82
C LYS N 207 -2.87 4.60 44.39
N MET N 208 -4.08 4.68 43.86
CA MET N 208 -4.29 5.18 42.50
C MET N 208 -3.88 6.63 42.36
N LEU N 209 -4.33 7.47 43.28
CA LEU N 209 -3.98 8.89 43.23
C LEU N 209 -2.51 9.13 43.39
N LEU N 210 -1.90 8.47 44.38
CA LEU N 210 -0.47 8.65 44.60
C LEU N 210 0.32 8.27 43.35
N ILE N 211 0.05 7.08 42.83
CA ILE N 211 0.75 6.65 41.63
C ILE N 211 0.41 7.60 40.49
N SER N 212 -0.88 7.81 40.27
CA SER N 212 -1.32 8.72 39.22
C SER N 212 -0.61 10.08 39.31
N ALA N 213 -0.54 10.65 40.50
CA ALA N 213 0.14 11.94 40.67
C ALA N 213 1.59 11.82 40.22
N LEU N 214 2.31 10.88 40.84
CA LEU N 214 3.71 10.63 40.53
C LEU N 214 3.98 10.46 39.03
N LEU N 215 3.18 9.61 38.39
CA LEU N 215 3.32 9.32 36.94
C LEU N 215 2.95 10.48 36.02
N THR N 216 1.80 11.12 36.22
CA THR N 216 1.43 12.24 35.36
C THR N 216 2.56 13.26 35.39
N SER N 217 3.13 13.47 36.57
CA SER N 217 4.23 14.41 36.74
C SER N 217 5.36 14.03 35.81
N LEU N 218 5.97 12.88 36.08
CA LEU N 218 7.06 12.40 35.25
C LEU N 218 6.78 12.59 33.75
N LEU N 219 5.72 11.95 33.27
CA LEU N 219 5.35 12.03 31.85
C LEU N 219 5.23 13.44 31.32
N TYR N 220 4.80 14.38 32.17
CA TYR N 220 4.68 15.75 31.71
C TYR N 220 6.07 16.28 31.41
N TYR N 221 7.02 15.91 32.26
CA TYR N 221 8.40 16.33 32.09
C TYR N 221 8.92 15.76 30.79
N MET N 222 8.77 14.46 30.63
CA MET N 222 9.24 13.77 29.44
C MET N 222 8.65 14.33 28.15
N LYS N 223 7.36 14.67 28.17
CA LYS N 223 6.70 15.24 27.00
C LYS N 223 7.35 16.59 26.70
N ARG N 224 7.50 17.41 27.73
CA ARG N 224 8.10 18.75 27.64
C ARG N 224 9.55 18.68 27.17
N HIS N 225 10.30 17.75 27.76
CA HIS N 225 11.69 17.54 27.44
C HIS N 225 11.94 17.27 25.98
N LYS N 226 11.10 16.45 25.38
CA LYS N 226 11.24 16.12 23.97
C LYS N 226 10.81 17.32 23.15
N TRP N 227 9.59 17.79 23.36
CA TRP N 227 9.09 18.94 22.61
C TRP N 227 9.94 20.21 22.75
N SER N 228 10.78 20.26 23.79
CA SER N 228 11.65 21.42 24.01
C SER N 228 12.37 21.84 22.71
N VAL N 229 12.75 20.84 21.91
CA VAL N 229 13.44 21.04 20.64
C VAL N 229 12.66 21.90 19.65
N LEU N 230 11.33 21.82 19.72
CA LEU N 230 10.44 22.58 18.85
C LEU N 230 10.00 23.84 19.55
N LYS N 231 9.83 23.76 20.88
CA LYS N 231 9.39 24.91 21.65
C LYS N 231 10.43 26.04 21.63
N SER N 232 11.70 25.70 21.85
CA SER N 232 12.78 26.69 21.84
C SER N 232 13.14 27.15 20.41
N ARG N 233 13.07 26.23 19.46
CA ARG N 233 13.37 26.45 18.05
C ARG N 233 13.15 27.85 17.46
N LYS N 234 14.13 28.31 16.70
CA LYS N 234 14.07 29.62 16.07
C LYS N 234 14.31 29.47 14.57
N MET N 235 13.67 30.32 13.77
CA MET N 235 13.81 30.25 12.32
C MET N 235 13.79 31.62 11.64
N ALA N 236 14.55 31.76 10.55
CA ALA N 236 14.64 33.00 9.78
C ALA N 236 14.51 32.76 8.29
N TYR N 237 13.93 33.73 7.60
CA TYR N 237 13.76 33.67 6.15
C TYR N 237 14.89 34.48 5.50
N ARG N 238 15.69 33.81 4.69
CA ARG N 238 16.83 34.46 4.05
C ARG N 238 16.90 34.45 2.54
N PRO N 239 15.95 35.10 1.85
CA PRO N 239 16.02 35.09 0.37
C PRO N 239 17.42 35.51 -0.05
N PRO N 240 17.84 35.14 -1.28
CA PRO N 240 19.18 35.49 -1.77
C PRO N 240 19.35 36.99 -1.86
N LYS N 241 18.33 37.64 -2.40
CA LYS N 241 18.31 39.09 -2.58
C LYS N 241 19.70 39.68 -2.87
N VAL O 1 25.34 35.96 2.10
CA VAL O 1 26.17 34.71 2.10
C VAL O 1 26.13 33.97 3.44
N HIS O 2 26.55 32.72 3.41
CA HIS O 2 26.53 31.90 4.61
C HIS O 2 27.48 32.40 5.69
N ASN O 3 28.41 33.27 5.31
CA ASN O 3 29.38 33.79 6.29
C ASN O 3 28.69 34.74 7.27
N ASP O 4 27.62 35.38 6.80
CA ASP O 4 26.81 36.33 7.56
C ASP O 4 25.77 35.65 8.47
N VAL O 5 25.73 34.32 8.45
CA VAL O 5 24.78 33.60 9.28
C VAL O 5 25.36 33.22 10.63
N THR O 6 24.55 33.42 11.67
CA THR O 6 24.96 33.07 13.04
C THR O 6 23.84 32.44 13.86
N VAL O 7 24.22 31.43 14.63
CA VAL O 7 23.31 30.69 15.48
C VAL O 7 22.84 31.58 16.63
N PRO O 8 21.56 31.95 16.65
CA PRO O 8 20.97 32.80 17.69
C PRO O 8 21.39 32.48 19.13
N ASP O 9 20.99 33.36 20.03
CA ASP O 9 21.33 33.20 21.44
C ASP O 9 20.29 32.33 22.14
N PHE O 10 20.77 31.24 22.75
CA PHE O 10 19.89 30.32 23.45
C PHE O 10 20.00 30.40 24.96
N SER O 11 20.39 31.56 25.47
CA SER O 11 20.53 31.76 26.92
C SER O 11 19.18 31.55 27.56
N ALA O 12 18.17 32.18 26.96
CA ALA O 12 16.82 32.10 27.46
C ALA O 12 16.39 30.66 27.78
N TYR O 13 17.01 29.70 27.10
CA TYR O 13 16.64 28.30 27.24
C TYR O 13 17.69 27.34 27.75
N ARG O 14 18.96 27.71 27.65
CA ARG O 14 20.01 26.81 28.09
C ARG O 14 19.90 26.40 29.54
N ARG O 15 20.51 25.27 29.86
CA ARG O 15 20.48 24.79 31.22
C ARG O 15 21.55 25.60 31.94
N GLU O 16 21.54 25.52 33.26
CA GLU O 16 22.50 26.23 34.10
C GLU O 16 23.93 25.98 33.62
N ASP O 17 24.39 24.75 33.74
CA ASP O 17 25.75 24.36 33.39
C ASP O 17 26.30 24.67 32.01
N VAL O 18 25.49 24.53 30.96
CA VAL O 18 25.98 24.82 29.61
C VAL O 18 25.63 26.24 29.17
N MET O 19 25.61 27.18 30.11
CA MET O 19 25.28 28.56 29.83
C MET O 19 26.51 29.45 29.53
N ASP O 20 27.65 29.07 30.07
CA ASP O 20 28.89 29.82 29.88
C ASP O 20 29.63 29.37 28.63
N ALA O 21 29.61 30.22 27.62
CA ALA O 21 30.26 29.93 26.33
C ALA O 21 31.75 29.65 26.40
N THR O 22 32.28 29.48 27.62
CA THR O 22 33.71 29.24 27.76
C THR O 22 34.01 28.07 28.70
N THR O 23 33.00 27.24 28.93
CA THR O 23 33.12 26.09 29.80
C THR O 23 32.66 24.81 29.11
N SER O 24 33.56 23.82 29.08
CA SER O 24 33.27 22.53 28.46
C SER O 24 31.93 21.96 28.90
N SER O 25 30.96 21.93 28.00
CA SER O 25 29.65 21.39 28.33
C SER O 25 29.77 19.90 28.64
N GLN O 26 30.91 19.32 28.30
CA GLN O 26 31.15 17.89 28.51
C GLN O 26 31.28 17.45 29.96
N THR O 27 31.46 18.39 30.86
CA THR O 27 31.60 18.01 32.26
C THR O 27 30.21 17.80 32.89
N SER O 28 29.30 18.74 32.62
CA SER O 28 27.95 18.67 33.15
C SER O 28 27.10 17.73 32.30
N SER O 29 27.72 17.17 31.27
CA SER O 29 27.05 16.27 30.33
C SER O 29 26.42 15.06 31.00
N GLU O 30 27.22 14.23 31.65
CA GLU O 30 26.71 13.04 32.32
C GLU O 30 25.67 13.39 33.35
N ASP O 31 25.75 14.63 33.86
CA ASP O 31 24.82 15.14 34.87
C ASP O 31 23.46 15.44 34.24
N ARG O 32 23.47 16.22 33.16
CA ARG O 32 22.24 16.60 32.48
C ARG O 32 21.46 15.40 31.90
N LYS O 33 22.16 14.35 31.48
CA LYS O 33 21.51 13.16 30.92
C LYS O 33 21.06 12.24 32.03
N GLY O 34 21.93 12.07 33.03
CA GLY O 34 21.60 11.23 34.15
C GLY O 34 20.31 11.69 34.81
N PHE O 35 20.03 12.99 34.77
CA PHE O 35 18.81 13.48 35.39
C PHE O 35 17.59 13.10 34.58
N SER O 36 17.56 13.55 33.33
CA SER O 36 16.44 13.25 32.46
C SER O 36 16.21 11.75 32.38
N TYR O 37 17.29 10.97 32.27
CA TYR O 37 17.15 9.51 32.19
C TYR O 37 16.59 8.95 33.49
N LEU O 38 16.87 9.63 34.60
CA LEU O 38 16.37 9.20 35.90
C LEU O 38 14.86 9.35 35.90
N VAL O 39 14.38 10.49 35.41
CA VAL O 39 12.95 10.77 35.33
C VAL O 39 12.28 9.62 34.58
N THR O 40 12.77 9.37 33.37
CA THR O 40 12.26 8.31 32.51
C THR O 40 12.26 6.97 33.23
N ALA O 41 13.44 6.53 33.65
CA ALA O 41 13.58 5.27 34.37
C ALA O 41 12.57 5.21 35.50
N THR O 42 12.29 6.34 36.12
CA THR O 42 11.34 6.40 37.21
C THR O 42 9.95 6.14 36.67
N ALA O 43 9.62 6.85 35.61
CA ALA O 43 8.32 6.70 34.97
C ALA O 43 8.09 5.23 34.63
N CYS O 44 9.16 4.56 34.18
CA CYS O 44 9.06 3.15 33.84
C CYS O 44 8.72 2.31 35.07
N VAL O 45 9.42 2.54 36.17
CA VAL O 45 9.16 1.83 37.40
C VAL O 45 7.72 2.11 37.84
N ALA O 46 7.28 3.37 37.75
CA ALA O 46 5.92 3.74 38.12
C ALA O 46 4.94 2.95 37.30
N THR O 47 5.23 2.85 36.00
CA THR O 47 4.38 2.12 35.07
C THR O 47 4.44 0.63 35.37
N ALA O 48 5.65 0.10 35.52
CA ALA O 48 5.85 -1.32 35.82
C ALA O 48 4.96 -1.73 36.99
N TYR O 49 4.84 -0.84 37.96
CA TYR O 49 4.03 -1.08 39.15
C TYR O 49 2.56 -1.22 38.75
N ALA O 50 1.97 -0.13 38.29
CA ALA O 50 0.57 -0.10 37.87
C ALA O 50 0.23 -1.30 36.97
N ALA O 51 1.01 -1.46 35.89
CA ALA O 51 0.80 -2.54 34.94
C ALA O 51 0.80 -3.91 35.62
N LYS O 52 1.85 -4.24 36.36
CA LYS O 52 1.88 -5.53 37.04
C LYS O 52 0.58 -5.76 37.83
N ASN O 53 0.17 -4.78 38.63
CA ASN O 53 -1.05 -4.94 39.43
C ASN O 53 -2.29 -5.19 38.59
N VAL O 54 -2.55 -4.34 37.61
CA VAL O 54 -3.74 -4.53 36.78
C VAL O 54 -3.75 -5.93 36.17
N VAL O 55 -2.63 -6.32 35.56
CA VAL O 55 -2.54 -7.65 34.97
C VAL O 55 -2.82 -8.72 36.06
N THR O 56 -2.22 -8.51 37.23
CA THR O 56 -2.41 -9.38 38.37
C THR O 56 -3.91 -9.53 38.63
N GLN O 57 -4.54 -8.40 38.92
CA GLN O 57 -5.97 -8.33 39.20
C GLN O 57 -6.81 -9.05 38.14
N PHE O 58 -6.66 -8.63 36.88
CA PHE O 58 -7.40 -9.25 35.79
C PHE O 58 -7.14 -10.77 35.65
N ILE O 59 -5.88 -11.18 35.67
CA ILE O 59 -5.54 -12.59 35.58
C ILE O 59 -6.17 -13.42 36.69
N SER O 60 -6.25 -12.84 37.89
CA SER O 60 -6.84 -13.59 38.99
C SER O 60 -8.35 -13.63 38.85
N SER O 61 -8.89 -12.73 38.04
CA SER O 61 -10.34 -12.71 37.83
C SER O 61 -10.78 -14.10 37.36
N LEU O 62 -9.95 -14.72 36.55
CA LEU O 62 -10.26 -16.02 36.00
C LEU O 62 -10.19 -17.22 36.93
N SER O 63 -9.48 -17.09 38.04
CA SER O 63 -9.39 -18.21 38.97
C SER O 63 -10.67 -18.33 39.82
N ALA O 64 -10.74 -19.42 40.57
CA ALA O 64 -11.88 -19.73 41.41
C ALA O 64 -12.44 -18.56 42.18
N SER O 65 -13.74 -18.34 42.05
CA SER O 65 -14.41 -17.26 42.75
C SER O 65 -14.72 -17.65 44.20
N ALA O 66 -15.02 -16.64 45.01
CA ALA O 66 -15.33 -16.81 46.43
C ALA O 66 -16.22 -18.02 46.73
N ASP O 67 -17.33 -18.12 46.00
CA ASP O 67 -18.28 -19.20 46.17
C ASP O 67 -17.65 -20.56 45.88
N VAL O 68 -16.99 -20.68 44.74
CA VAL O 68 -16.36 -21.92 44.38
C VAL O 68 -15.28 -22.27 45.37
N LEU O 69 -14.69 -21.26 46.01
CA LEU O 69 -13.64 -21.50 46.97
C LEU O 69 -14.16 -22.00 48.32
N ALA O 70 -15.36 -21.58 48.67
CA ALA O 70 -15.97 -21.97 49.94
C ALA O 70 -16.26 -23.47 49.94
N LEU O 71 -16.48 -24.02 48.76
CA LEU O 71 -16.79 -25.44 48.61
C LEU O 71 -15.51 -26.21 48.35
N SER O 72 -14.40 -25.47 48.41
CA SER O 72 -13.07 -26.02 48.20
C SER O 72 -12.74 -27.22 49.07
N LYS O 73 -13.14 -27.14 50.33
CA LYS O 73 -12.87 -28.21 51.28
C LYS O 73 -14.03 -28.53 52.23
N ILE O 74 -13.90 -29.64 52.96
CA ILE O 74 -14.92 -30.10 53.89
C ILE O 74 -14.29 -30.68 55.15
N GLU O 75 -14.94 -30.50 56.31
CA GLU O 75 -14.44 -31.04 57.58
C GLU O 75 -15.50 -31.93 58.22
N ILE O 76 -15.11 -33.17 58.55
CA ILE O 76 -16.03 -34.14 59.14
C ILE O 76 -15.65 -34.49 60.58
N LYS O 77 -16.66 -34.64 61.43
CA LYS O 77 -16.43 -34.99 62.83
C LYS O 77 -16.32 -36.51 63.01
N LEU O 78 -15.11 -36.97 63.35
CA LEU O 78 -14.81 -38.39 63.55
C LEU O 78 -15.66 -39.01 64.66
N SER O 79 -16.19 -38.16 65.54
CA SER O 79 -17.03 -38.61 66.64
C SER O 79 -18.38 -39.09 66.10
N ASP O 80 -18.83 -38.42 65.04
CA ASP O 80 -20.10 -38.71 64.40
C ASP O 80 -19.96 -39.93 63.48
N ILE O 81 -18.80 -40.58 63.52
CA ILE O 81 -18.57 -41.76 62.70
C ILE O 81 -18.11 -42.94 63.54
N PRO O 82 -19.06 -43.85 63.85
CA PRO O 82 -18.78 -45.05 64.65
C PRO O 82 -18.00 -46.11 63.86
N GLU O 83 -17.44 -47.08 64.58
CA GLU O 83 -16.67 -48.16 63.97
C GLU O 83 -17.55 -49.20 63.28
N GLY O 84 -17.10 -49.67 62.12
CA GLY O 84 -17.86 -50.68 61.38
C GLY O 84 -18.96 -50.09 60.52
N LYS O 85 -19.21 -48.80 60.71
CA LYS O 85 -20.23 -48.09 59.96
C LYS O 85 -19.60 -47.03 59.03
N ASN O 86 -20.01 -47.07 57.77
CA ASN O 86 -19.51 -46.16 56.75
C ASN O 86 -20.47 -44.99 56.56
N VAL O 87 -19.92 -43.80 56.32
CA VAL O 87 -20.73 -42.60 56.12
C VAL O 87 -20.20 -41.83 54.92
N ALA O 88 -21.09 -41.40 54.04
CA ALA O 88 -20.69 -40.65 52.86
C ALA O 88 -21.23 -39.22 52.86
N PHE O 89 -20.35 -38.26 52.59
CA PHE O 89 -20.72 -36.84 52.52
C PHE O 89 -20.50 -36.38 51.09
N LYS O 90 -21.05 -35.23 50.73
CA LYS O 90 -20.89 -34.72 49.36
C LYS O 90 -19.72 -33.73 49.24
N TRP O 91 -18.69 -34.14 48.48
CA TRP O 91 -17.51 -33.30 48.30
C TRP O 91 -17.20 -33.02 46.82
N ARG O 92 -17.12 -31.74 46.48
CA ARG O 92 -16.85 -31.32 45.11
C ARG O 92 -17.76 -32.09 44.14
N GLY O 93 -19.06 -32.07 44.44
CA GLY O 93 -20.04 -32.73 43.60
C GLY O 93 -20.08 -34.24 43.57
N LYS O 94 -18.97 -34.88 43.93
CA LYS O 94 -18.88 -36.32 43.94
C LYS O 94 -18.91 -36.79 45.39
N PRO O 95 -19.27 -38.07 45.62
CA PRO O 95 -19.32 -38.59 46.99
C PRO O 95 -17.94 -38.70 47.66
N LEU O 96 -17.95 -38.64 49.00
CA LEU O 96 -16.73 -38.74 49.80
C LEU O 96 -16.90 -39.79 50.90
N PHE O 97 -16.16 -40.89 50.79
CA PHE O 97 -16.25 -41.96 51.77
C PHE O 97 -15.25 -41.83 52.92
N VAL O 98 -15.77 -41.77 54.14
CA VAL O 98 -14.96 -41.68 55.36
C VAL O 98 -15.50 -42.72 56.34
N ARG O 99 -14.94 -43.93 56.31
CA ARG O 99 -15.38 -45.02 57.18
C ARG O 99 -14.49 -45.23 58.40
N HIS O 100 -15.10 -45.68 59.50
CA HIS O 100 -14.40 -45.95 60.75
C HIS O 100 -14.28 -47.46 60.87
N ARG O 101 -13.14 -48.00 60.43
CA ARG O 101 -12.90 -49.44 60.49
C ARG O 101 -12.70 -49.94 61.91
N THR O 102 -13.55 -50.88 62.35
CA THR O 102 -13.45 -51.45 63.69
C THR O 102 -12.07 -52.10 63.85
N GLN O 103 -11.64 -52.30 65.09
CA GLN O 103 -10.35 -52.93 65.32
C GLN O 103 -10.38 -54.26 64.56
N ALA O 104 -11.59 -54.76 64.33
CA ALA O 104 -11.83 -56.00 63.60
C ALA O 104 -11.58 -55.88 62.09
N GLU O 105 -12.05 -54.79 61.48
CA GLU O 105 -11.88 -54.57 60.05
C GLU O 105 -10.44 -54.15 59.74
N ILE O 106 -9.79 -53.46 60.68
CA ILE O 106 -8.41 -53.01 60.54
C ILE O 106 -7.53 -54.23 60.42
N ASN O 107 -7.99 -55.32 61.01
CA ASN O 107 -7.29 -56.59 60.99
C ASN O 107 -7.35 -57.10 59.56
N GLN O 108 -8.56 -57.42 59.13
CA GLN O 108 -8.80 -57.94 57.80
C GLN O 108 -7.92 -57.21 56.77
N GLU O 109 -7.61 -55.95 57.07
CA GLU O 109 -6.77 -55.13 56.20
C GLU O 109 -5.33 -55.60 56.11
N ALA O 110 -4.67 -55.75 57.26
CA ALA O 110 -3.30 -56.21 57.27
C ALA O 110 -3.22 -57.48 56.41
N GLU O 111 -4.36 -58.16 56.29
CA GLU O 111 -4.49 -59.39 55.53
C GLU O 111 -4.69 -59.15 54.03
N VAL O 112 -3.66 -58.61 53.37
CA VAL O 112 -3.70 -58.33 51.94
C VAL O 112 -2.33 -58.48 51.29
N ASP O 113 -2.26 -59.33 50.27
CA ASP O 113 -1.04 -59.64 49.52
C ASP O 113 -0.56 -58.48 48.65
N VAL O 114 0.32 -57.65 49.19
CA VAL O 114 0.85 -56.49 48.48
C VAL O 114 1.26 -56.74 47.02
N SER O 115 1.34 -58.01 46.63
CA SER O 115 1.73 -58.33 45.26
C SER O 115 0.78 -59.32 44.58
N LYS O 116 -0.53 -59.16 44.82
CA LYS O 116 -1.57 -60.01 44.22
C LYS O 116 -2.82 -59.21 43.81
N LEU O 117 -2.65 -57.90 43.65
CA LEU O 117 -3.76 -57.02 43.25
C LEU O 117 -3.32 -55.89 42.33
N ARG O 118 -4.10 -55.70 41.27
CA ARG O 118 -3.90 -54.70 40.22
C ARG O 118 -3.02 -53.51 40.58
N ASP O 119 -3.63 -52.48 41.17
CA ASP O 119 -2.93 -51.28 41.62
C ASP O 119 -2.48 -51.70 43.02
N PRO O 120 -1.28 -52.31 43.13
CA PRO O 120 -0.69 -52.79 44.39
C PRO O 120 -0.29 -51.75 45.44
N GLN O 121 -0.73 -51.99 46.68
CA GLN O 121 -0.44 -51.13 47.83
C GLN O 121 -1.14 -51.63 49.08
N HIS O 122 -0.60 -51.29 50.25
CA HIS O 122 -1.18 -51.71 51.53
C HIS O 122 -1.71 -50.47 52.25
N ASP O 123 -2.51 -50.71 53.28
CA ASP O 123 -3.11 -49.65 54.07
C ASP O 123 -2.07 -48.65 54.56
N LEU O 124 -0.79 -48.99 54.40
CA LEU O 124 0.31 -48.13 54.83
C LEU O 124 0.36 -46.80 54.06
N ASP O 125 0.52 -46.90 52.75
CA ASP O 125 0.63 -45.75 51.85
C ASP O 125 -0.64 -44.93 51.64
N ARG O 126 -1.78 -45.46 52.04
CA ARG O 126 -3.07 -44.79 51.86
C ARG O 126 -3.49 -43.82 52.98
N VAL O 127 -3.76 -44.38 54.17
CA VAL O 127 -4.20 -43.59 55.32
C VAL O 127 -3.11 -43.08 56.26
N LYS O 128 -3.48 -42.96 57.53
CA LYS O 128 -2.62 -42.52 58.61
C LYS O 128 -3.04 -43.30 59.86
N LYS O 129 -4.31 -43.17 60.25
CA LYS O 129 -4.86 -43.88 61.39
C LYS O 129 -5.73 -45.03 60.91
N PRO O 130 -5.38 -46.27 61.28
CA PRO O 130 -6.06 -47.53 60.94
C PRO O 130 -7.59 -47.53 61.07
N GLU O 131 -8.10 -46.85 62.10
CA GLU O 131 -9.55 -46.79 62.32
C GLU O 131 -10.20 -45.87 61.27
N TRP O 132 -9.37 -45.15 60.52
CA TRP O 132 -9.84 -44.20 59.50
C TRP O 132 -9.41 -44.46 58.05
N VAL O 133 -10.40 -44.59 57.17
CA VAL O 133 -10.19 -44.81 55.74
C VAL O 133 -10.97 -43.75 54.96
N ILE O 134 -10.25 -42.89 54.25
CA ILE O 134 -10.90 -41.85 53.47
C ILE O 134 -10.73 -42.08 51.97
N LEU O 135 -11.87 -42.12 51.27
CA LEU O 135 -11.90 -42.36 49.83
C LEU O 135 -12.74 -41.35 49.04
N VAL O 136 -12.72 -41.51 47.73
CA VAL O 136 -13.48 -40.67 46.80
C VAL O 136 -14.51 -41.60 46.18
N GLY O 137 -15.73 -41.53 46.69
CA GLY O 137 -16.81 -42.39 46.21
C GLY O 137 -17.09 -42.41 44.71
N VAL O 138 -16.09 -42.85 43.94
CA VAL O 138 -16.20 -42.93 42.48
C VAL O 138 -15.42 -44.14 41.97
N CYS O 139 -16.13 -45.06 41.35
CA CYS O 139 -15.50 -46.24 40.78
C CYS O 139 -14.53 -45.79 39.70
N THR O 140 -13.30 -46.32 39.70
CA THR O 140 -12.32 -45.90 38.72
C THR O 140 -12.47 -46.46 37.31
N HIS O 141 -13.51 -47.28 37.10
CA HIS O 141 -13.79 -47.85 35.78
C HIS O 141 -14.41 -46.77 34.90
N LEU O 142 -15.70 -46.54 35.11
CA LEU O 142 -16.46 -45.54 34.37
C LEU O 142 -17.28 -44.64 35.32
N GLY O 143 -16.56 -44.01 36.25
CA GLY O 143 -17.15 -43.10 37.21
C GLY O 143 -18.50 -43.34 37.90
N CYS O 144 -18.79 -44.54 38.36
CA CYS O 144 -20.06 -44.81 39.05
C CYS O 144 -19.82 -44.70 40.55
N VAL O 145 -20.89 -44.61 41.33
CA VAL O 145 -20.78 -44.51 42.78
C VAL O 145 -21.01 -45.87 43.46
N PRO O 146 -19.99 -46.38 44.19
CA PRO O 146 -20.06 -47.67 44.90
C PRO O 146 -21.02 -47.76 46.11
N ILE O 147 -21.17 -48.97 46.66
CA ILE O 147 -22.02 -49.23 47.81
C ILE O 147 -21.17 -50.02 48.81
N ALA O 148 -21.05 -49.53 50.03
CA ALA O 148 -20.23 -50.17 51.06
C ALA O 148 -20.98 -51.13 51.97
N ASN O 149 -20.21 -51.98 52.65
CA ASN O 149 -20.71 -53.00 53.57
C ASN O 149 -20.93 -54.27 52.76
N SER O 150 -21.46 -54.09 51.56
CA SER O 150 -21.75 -55.20 50.66
C SER O 150 -20.63 -55.50 49.67
N GLY O 151 -20.82 -56.56 48.91
CA GLY O 151 -19.83 -56.95 47.94
C GLY O 151 -19.25 -58.31 48.32
N ASP O 152 -18.19 -58.70 47.62
CA ASP O 152 -17.53 -59.96 47.88
C ASP O 152 -16.31 -59.76 48.76
N PHE O 153 -15.97 -58.50 49.04
CA PHE O 153 -14.83 -58.24 49.90
C PHE O 153 -15.12 -57.26 51.03
N GLY O 154 -16.37 -57.23 51.46
CA GLY O 154 -16.81 -56.38 52.56
C GLY O 154 -16.57 -54.88 52.43
N GLY O 155 -15.81 -54.49 51.42
CA GLY O 155 -15.52 -53.08 51.21
C GLY O 155 -16.66 -52.39 50.48
N TYR O 156 -16.48 -52.20 49.16
CA TYR O 156 -17.49 -51.52 48.34
C TYR O 156 -17.79 -52.29 47.06
N TYR O 157 -18.96 -52.02 46.48
CA TYR O 157 -19.37 -52.69 45.26
C TYR O 157 -19.99 -51.70 44.26
N CYS O 158 -19.38 -51.60 43.08
CA CYS O 158 -19.91 -50.72 42.04
C CYS O 158 -20.91 -51.53 41.21
N PRO O 159 -22.21 -51.42 41.53
CA PRO O 159 -23.26 -52.14 40.83
C PRO O 159 -23.29 -51.96 39.31
N CYS O 160 -22.41 -51.11 38.80
CA CYS O 160 -22.36 -50.84 37.37
C CYS O 160 -21.80 -52.01 36.56
N HIS O 161 -20.58 -52.44 36.86
CA HIS O 161 -19.99 -53.56 36.12
C HIS O 161 -19.23 -54.54 37.01
N GLY O 162 -19.58 -54.60 38.29
CA GLY O 162 -18.91 -55.52 39.20
C GLY O 162 -17.96 -54.79 40.14
N SER O 163 -16.70 -54.64 39.75
CA SER O 163 -15.67 -53.97 40.55
C SER O 163 -15.91 -54.00 42.06
N HIS O 164 -15.40 -55.04 42.71
CA HIS O 164 -15.55 -55.19 44.14
C HIS O 164 -14.31 -54.59 44.80
N TYR O 165 -14.49 -53.58 45.63
CA TYR O 165 -13.37 -52.95 46.32
C TYR O 165 -13.31 -53.46 47.76
N ASP O 166 -12.17 -53.98 48.17
CA ASP O 166 -12.03 -54.51 49.54
C ASP O 166 -12.27 -53.46 50.61
N ALA O 167 -11.95 -53.82 51.85
CA ALA O 167 -12.12 -52.93 52.99
C ALA O 167 -11.28 -51.66 52.91
N SER O 168 -10.12 -51.73 52.27
CA SER O 168 -9.23 -50.58 52.14
C SER O 168 -9.44 -49.74 50.89
N GLY O 169 -10.54 -50.02 50.17
CA GLY O 169 -10.83 -49.27 48.96
C GLY O 169 -9.91 -49.63 47.81
N ARG O 170 -9.80 -50.92 47.53
CA ARG O 170 -8.95 -51.38 46.45
C ARG O 170 -9.70 -52.30 45.52
N ILE O 171 -9.37 -52.21 44.24
CA ILE O 171 -10.02 -53.03 43.24
C ILE O 171 -9.60 -54.49 43.41
N ARG O 172 -10.61 -55.36 43.45
CA ARG O 172 -10.38 -56.79 43.59
C ARG O 172 -10.92 -57.48 42.35
N LYS O 173 -12.12 -58.03 42.48
CA LYS O 173 -12.79 -58.72 41.38
C LYS O 173 -13.62 -57.69 40.61
N GLY O 174 -13.40 -57.61 39.30
CA GLY O 174 -14.15 -56.67 38.49
C GLY O 174 -13.34 -55.96 37.40
N PRO O 175 -13.99 -55.16 36.55
CA PRO O 175 -13.31 -54.44 35.47
C PRO O 175 -12.55 -53.16 35.81
N ALA O 176 -12.82 -52.57 36.97
CA ALA O 176 -12.14 -51.34 37.36
C ALA O 176 -10.62 -51.48 37.30
N PRO O 177 -9.91 -50.37 37.09
CA PRO O 177 -8.45 -50.39 37.01
C PRO O 177 -7.75 -50.17 38.38
N TYR O 178 -7.65 -48.91 38.80
CA TYR O 178 -7.00 -48.54 40.07
C TYR O 178 -7.92 -48.67 41.28
N ASN O 179 -7.41 -48.25 42.44
CA ASN O 179 -8.18 -48.30 43.68
C ASN O 179 -8.84 -46.94 43.89
N LEU O 180 -9.98 -46.94 44.57
CA LEU O 180 -10.70 -45.69 44.84
C LEU O 180 -9.72 -44.62 45.28
N GLU O 181 -9.74 -43.47 44.62
CA GLU O 181 -8.81 -42.38 44.93
C GLU O 181 -8.82 -41.90 46.37
N VAL O 182 -7.63 -41.54 46.86
CA VAL O 182 -7.44 -41.03 48.20
C VAL O 182 -7.02 -39.56 48.06
N PRO O 183 -7.85 -38.63 48.55
CA PRO O 183 -7.61 -37.18 48.48
C PRO O 183 -6.70 -36.62 49.56
N THR O 184 -6.53 -35.30 49.50
CA THR O 184 -5.71 -34.58 50.45
C THR O 184 -6.52 -34.38 51.75
N TYR O 185 -5.89 -34.66 52.89
CA TYR O 185 -6.54 -34.49 54.18
C TYR O 185 -5.53 -34.53 55.33
N GLN O 186 -6.08 -34.48 56.54
CA GLN O 186 -5.30 -34.51 57.77
C GLN O 186 -6.30 -34.47 58.92
N PHE O 187 -5.82 -34.16 60.12
CA PHE O 187 -6.69 -34.09 61.28
C PHE O 187 -6.51 -32.79 62.05
N VAL O 188 -7.41 -32.53 62.99
CA VAL O 188 -7.34 -31.32 63.80
C VAL O 188 -8.17 -31.48 65.07
N GLY O 189 -7.88 -32.55 65.80
CA GLY O 189 -8.59 -32.83 67.04
C GLY O 189 -8.85 -34.32 67.09
N ASP O 190 -9.48 -34.79 68.16
CA ASP O 190 -9.78 -36.22 68.27
C ASP O 190 -11.20 -36.49 67.76
N ASP O 191 -11.62 -35.66 66.81
CA ASP O 191 -12.95 -35.78 66.22
C ASP O 191 -13.11 -34.93 64.95
N LEU O 192 -12.05 -34.30 64.48
CA LEU O 192 -12.13 -33.50 63.25
C LEU O 192 -11.12 -33.89 62.18
N VAL O 193 -11.60 -33.95 60.94
CA VAL O 193 -10.78 -34.27 59.78
C VAL O 193 -11.11 -33.26 58.68
N VAL O 194 -10.08 -32.66 58.10
CA VAL O 194 -10.26 -31.66 57.05
C VAL O 194 -9.80 -32.14 55.68
N VAL O 195 -10.77 -32.36 54.79
CA VAL O 195 -10.50 -32.81 53.44
C VAL O 195 -10.54 -31.61 52.52
N GLY O 196 -9.41 -31.35 51.84
CA GLY O 196 -9.36 -30.21 50.94
C GLY O 196 -8.12 -29.37 51.17
N GLY P 10 -20.22 51.36 0.70
CA GLY P 10 -20.29 52.48 1.67
C GLY P 10 -19.07 52.54 2.57
N ARG P 11 -18.82 53.71 3.18
CA ARG P 11 -17.68 53.90 4.07
C ARG P 11 -18.03 53.46 5.50
N LEU P 12 -19.09 52.67 5.60
CA LEU P 12 -19.57 52.14 6.89
C LEU P 12 -18.89 50.82 7.24
N MET P 13 -19.24 49.75 6.50
CA MET P 13 -18.63 48.45 6.75
C MET P 13 -17.15 48.52 6.42
N ASP P 14 -16.70 49.72 6.07
CA ASP P 14 -15.31 49.99 5.75
C ASP P 14 -14.63 50.22 7.10
N ARG P 15 -15.46 50.35 8.12
CA ARG P 15 -15.05 50.54 9.52
C ARG P 15 -15.21 49.15 10.16
N ILE P 16 -16.23 48.45 9.68
CA ILE P 16 -16.56 47.08 10.10
C ILE P 16 -15.44 46.12 9.70
N ARG P 17 -15.10 46.10 8.41
CA ARG P 17 -14.04 45.24 7.90
C ARG P 17 -12.75 45.40 8.70
N LYS P 18 -12.34 46.63 8.95
CA LYS P 18 -11.14 46.87 9.73
C LYS P 18 -11.33 46.24 11.10
N TRP P 19 -12.56 46.28 11.61
CA TRP P 19 -12.87 45.68 12.90
C TRP P 19 -12.73 44.18 12.81
N TYR P 20 -13.58 43.56 11.99
CA TYR P 20 -13.55 42.12 11.81
C TYR P 20 -12.12 41.68 11.57
N TYR P 21 -11.40 42.45 10.75
CA TYR P 21 -10.02 42.12 10.46
C TYR P 21 -9.22 41.95 11.75
N ASN P 22 -9.36 42.92 12.64
CA ASN P 22 -8.64 42.89 13.92
C ASN P 22 -9.26 41.83 14.83
N ALA P 23 -10.54 41.57 14.60
CA ALA P 23 -11.29 40.57 15.36
C ALA P 23 -10.69 39.18 15.12
N ALA P 24 -10.60 38.80 13.83
CA ALA P 24 -10.04 37.49 13.42
C ALA P 24 -8.67 37.31 14.02
N GLY P 25 -7.83 38.33 13.89
CA GLY P 25 -6.50 38.28 14.48
C GLY P 25 -5.50 37.28 13.96
N PHE P 26 -5.39 37.16 12.64
CA PHE P 26 -4.43 36.23 12.07
C PHE P 26 -3.14 36.99 11.87
N ASN P 27 -3.25 38.31 11.91
CA ASN P 27 -2.09 39.16 11.78
C ASN P 27 -1.21 38.89 13.01
N LYS P 28 -1.84 38.55 14.13
CA LYS P 28 -1.07 38.27 15.34
C LYS P 28 0.00 37.19 15.07
N TYR P 29 -0.19 36.45 13.97
CA TYR P 29 0.74 35.39 13.56
C TYR P 29 1.62 35.86 12.40
N GLY P 30 1.29 37.01 11.84
CA GLY P 30 2.05 37.55 10.74
C GLY P 30 1.54 37.04 9.42
N LEU P 31 0.33 36.50 9.44
CA LEU P 31 -0.27 35.96 8.22
C LEU P 31 -1.03 37.03 7.50
N MET P 32 -1.02 36.97 6.18
CA MET P 32 -1.78 37.94 5.42
C MET P 32 -3.15 37.30 5.35
N ARG P 33 -4.14 38.02 4.84
CA ARG P 33 -5.49 37.47 4.73
C ARG P 33 -5.45 36.26 3.82
N ASP P 34 -4.87 36.44 2.63
CA ASP P 34 -4.76 35.36 1.67
C ASP P 34 -3.98 34.16 2.17
N ASP P 35 -3.12 34.36 3.16
CA ASP P 35 -2.34 33.26 3.73
C ASP P 35 -3.23 32.25 4.45
N THR P 36 -4.39 32.71 4.90
CA THR P 36 -5.29 31.85 5.65
C THR P 36 -6.32 31.10 4.82
N LEU P 37 -6.46 31.45 3.55
CA LEU P 37 -7.43 30.78 2.67
C LEU P 37 -7.31 29.26 2.71
N TYR P 38 -8.45 28.58 2.75
CA TYR P 38 -8.46 27.12 2.73
C TYR P 38 -8.07 26.78 1.30
N GLU P 39 -7.14 25.84 1.14
CA GLU P 39 -6.65 25.46 -0.17
C GLU P 39 -7.54 24.51 -0.97
N ASP P 40 -8.63 25.04 -1.50
CA ASP P 40 -9.53 24.23 -2.30
C ASP P 40 -8.86 24.13 -3.68
N ASP P 41 -9.56 23.55 -4.66
CA ASP P 41 -8.98 23.39 -5.99
C ASP P 41 -8.54 24.70 -6.68
N ASP P 42 -9.38 25.74 -6.61
CA ASP P 42 -9.06 27.03 -7.21
C ASP P 42 -7.78 27.61 -6.61
N VAL P 43 -7.83 27.78 -5.29
CA VAL P 43 -6.69 28.30 -4.56
C VAL P 43 -5.43 27.57 -4.97
N LYS P 44 -5.54 26.25 -5.10
CA LYS P 44 -4.41 25.43 -5.47
C LYS P 44 -3.80 25.89 -6.78
N GLU P 45 -4.63 26.02 -7.82
CA GLU P 45 -4.10 26.44 -9.11
C GLU P 45 -3.49 27.81 -8.96
N ALA P 46 -4.22 28.69 -8.31
CA ALA P 46 -3.74 30.05 -8.08
C ALA P 46 -2.31 30.04 -7.53
N LEU P 47 -2.09 29.45 -6.36
CA LEU P 47 -0.76 29.42 -5.77
C LEU P 47 0.33 28.99 -6.75
N LYS P 48 -0.01 28.05 -7.64
CA LYS P 48 0.94 27.53 -8.63
C LYS P 48 1.39 28.60 -9.60
N ARG P 49 0.59 29.66 -9.70
CA ARG P 49 0.89 30.76 -10.60
C ARG P 49 1.70 31.90 -9.94
N LEU P 50 1.76 31.91 -8.62
CA LEU P 50 2.51 32.96 -7.93
C LEU P 50 3.97 33.01 -8.34
N PRO P 51 4.57 34.20 -8.35
CA PRO P 51 5.98 34.36 -8.72
C PRO P 51 6.86 33.76 -7.63
N GLU P 52 7.93 33.08 -8.03
CA GLU P 52 8.86 32.44 -7.11
C GLU P 52 8.97 33.13 -5.75
N ASP P 53 9.26 34.43 -5.76
CA ASP P 53 9.40 35.17 -4.51
C ASP P 53 8.13 35.22 -3.65
N LEU P 54 7.05 35.76 -4.19
CA LEU P 54 5.79 35.86 -3.45
C LEU P 54 5.42 34.54 -2.80
N TYR P 55 5.72 33.46 -3.51
CA TYR P 55 5.43 32.12 -3.04
C TYR P 55 6.33 31.72 -1.86
N ASN P 56 7.62 32.00 -1.95
CA ASN P 56 8.52 31.64 -0.86
C ASN P 56 8.25 32.47 0.37
N GLU P 57 7.81 33.70 0.14
CA GLU P 57 7.49 34.64 1.22
C GLU P 57 6.26 34.13 1.96
N ARG P 58 5.25 33.70 1.19
CA ARG P 58 4.02 33.14 1.76
C ARG P 58 4.35 31.85 2.48
N MET P 59 5.31 31.10 1.94
CA MET P 59 5.73 29.85 2.54
C MET P 59 6.32 30.10 3.94
N PHE P 60 7.36 30.91 4.02
CA PHE P 60 7.96 31.20 5.31
C PHE P 60 6.94 31.76 6.29
N ARG P 61 6.09 32.69 5.80
CA ARG P 61 5.07 33.30 6.65
C ARG P 61 4.25 32.24 7.39
N ILE P 62 3.79 31.24 6.63
CA ILE P 62 3.00 30.17 7.20
C ILE P 62 3.85 29.33 8.15
N LYS P 63 4.95 28.75 7.67
CA LYS P 63 5.79 27.92 8.54
C LYS P 63 6.11 28.63 9.87
N ARG P 64 6.15 29.96 9.84
CA ARG P 64 6.43 30.81 11.01
C ARG P 64 5.23 30.74 11.95
N ALA P 65 4.05 30.98 11.39
CA ALA P 65 2.79 30.94 12.11
C ALA P 65 2.59 29.57 12.77
N LEU P 66 2.99 28.50 12.08
CA LEU P 66 2.85 27.14 12.61
C LEU P 66 3.76 26.94 13.81
N ASP P 67 5.00 27.40 13.69
CA ASP P 67 5.96 27.26 14.78
C ASP P 67 5.46 28.07 15.97
N LEU P 68 4.66 29.09 15.69
CA LEU P 68 4.12 29.89 16.76
C LEU P 68 3.05 29.06 17.42
N SER P 69 2.08 28.60 16.63
CA SER P 69 0.98 27.79 17.16
C SER P 69 1.47 26.56 17.94
N LEU P 70 2.60 25.99 17.56
CA LEU P 70 3.09 24.84 18.28
C LEU P 70 3.62 25.30 19.63
N LYS P 71 4.28 26.46 19.63
CA LYS P 71 4.85 27.05 20.85
C LYS P 71 3.78 27.67 21.76
N HIS P 72 2.63 27.97 21.15
CA HIS P 72 1.47 28.57 21.83
C HIS P 72 1.67 30.06 22.10
N ARG P 73 2.36 30.71 21.17
CA ARG P 73 2.67 32.13 21.27
C ARG P 73 2.18 32.89 20.05
N ILE P 74 2.57 34.16 19.96
CA ILE P 74 2.23 35.04 18.85
C ILE P 74 3.35 36.03 18.61
N LEU P 75 3.11 36.97 17.70
CA LEU P 75 4.10 37.97 17.39
C LEU P 75 3.90 39.13 18.35
N PRO P 76 4.97 39.87 18.66
CA PRO P 76 4.84 41.01 19.57
C PRO P 76 4.02 42.05 18.83
N LYS P 77 3.14 42.75 19.55
CA LYS P 77 2.27 43.75 18.94
C LYS P 77 2.88 44.48 17.74
N GLU P 78 4.15 44.85 17.85
CA GLU P 78 4.83 45.58 16.78
C GLU P 78 4.75 44.91 15.42
N GLN P 79 4.93 43.59 15.40
CA GLN P 79 4.94 42.81 14.17
C GLN P 79 3.61 42.39 13.58
N TRP P 80 2.51 42.69 14.25
CA TRP P 80 1.23 42.30 13.70
C TRP P 80 0.98 43.01 12.37
N VAL P 81 0.42 42.27 11.42
CA VAL P 81 0.10 42.85 10.11
C VAL P 81 -1.00 43.87 10.41
N LYS P 82 -0.93 45.02 9.76
CA LYS P 82 -1.89 46.09 9.97
C LYS P 82 -2.93 46.13 8.86
N TYR P 83 -4.21 46.15 9.25
CA TYR P 83 -5.30 46.13 8.28
C TYR P 83 -5.07 46.71 6.89
N GLU P 84 -4.37 47.83 6.79
CA GLU P 84 -4.16 48.44 5.48
C GLU P 84 -2.82 48.14 4.83
N GLU P 85 -1.99 47.36 5.52
CA GLU P 85 -0.68 46.99 4.99
C GLU P 85 -0.69 45.51 4.61
N ASP P 86 -1.88 44.92 4.61
CA ASP P 86 -2.04 43.51 4.28
C ASP P 86 -2.11 43.38 2.77
N LYS P 87 -1.20 42.58 2.21
CA LYS P 87 -1.11 42.37 0.77
C LYS P 87 -1.97 41.24 0.21
N PRO P 88 -3.04 41.59 -0.52
CA PRO P 88 -3.90 40.55 -1.09
C PRO P 88 -3.24 40.03 -2.36
N TYR P 89 -2.12 39.35 -2.17
CA TYR P 89 -1.33 38.82 -3.29
C TYR P 89 -1.97 37.74 -4.17
N LEU P 90 -2.78 36.87 -3.58
CA LEU P 90 -3.36 35.78 -4.34
C LEU P 90 -4.71 36.06 -5.01
N GLU P 91 -5.50 36.94 -4.40
CA GLU P 91 -6.82 37.25 -4.93
C GLU P 91 -6.92 37.56 -6.42
N PRO P 92 -5.95 38.29 -6.99
CA PRO P 92 -6.00 38.61 -8.42
C PRO P 92 -5.98 37.34 -9.25
N TYR P 93 -5.02 36.47 -8.93
CA TYR P 93 -4.87 35.20 -9.60
C TYR P 93 -6.10 34.33 -9.37
N LEU P 94 -6.44 34.15 -8.08
CA LEU P 94 -7.59 33.35 -7.72
C LEU P 94 -8.84 33.73 -8.51
N LYS P 95 -9.11 35.02 -8.65
CA LYS P 95 -10.29 35.47 -9.39
C LYS P 95 -10.28 34.95 -10.83
N GLU P 96 -9.09 34.95 -11.42
CA GLU P 96 -8.87 34.50 -12.79
C GLU P 96 -9.15 33.01 -12.94
N VAL P 97 -8.48 32.23 -12.09
CA VAL P 97 -8.62 30.79 -12.07
C VAL P 97 -10.12 30.47 -12.09
N ILE P 98 -10.87 31.19 -11.25
CA ILE P 98 -12.31 30.99 -11.16
C ILE P 98 -13.04 31.44 -12.42
N ARG P 99 -12.56 32.51 -13.06
CA ARG P 99 -13.18 33.01 -14.28
C ARG P 99 -13.01 31.98 -15.39
N GLU P 100 -11.77 31.57 -15.60
CA GLU P 100 -11.41 30.58 -16.62
C GLU P 100 -12.31 29.37 -16.50
N ARG P 101 -12.40 28.88 -15.27
CA ARG P 101 -13.21 27.71 -14.93
C ARG P 101 -14.66 27.95 -15.26
N LEU P 102 -15.23 29.01 -14.71
CA LEU P 102 -16.62 29.31 -14.98
C LEU P 102 -16.85 29.33 -16.48
N GLU P 103 -15.83 29.79 -17.22
CA GLU P 103 -15.92 29.82 -18.68
C GLU P 103 -16.08 28.39 -19.15
N ARG P 104 -15.01 27.62 -18.96
CA ARG P 104 -14.99 26.22 -19.35
C ARG P 104 -16.29 25.57 -18.89
N GLU P 105 -16.61 25.70 -17.61
CA GLU P 105 -17.82 25.12 -17.06
C GLU P 105 -19.03 25.38 -17.95
N ALA P 106 -19.36 26.66 -18.13
CA ALA P 106 -20.51 27.06 -18.94
C ALA P 106 -20.43 26.55 -20.39
N TRP P 107 -19.25 26.64 -20.97
CA TRP P 107 -19.03 26.21 -22.35
C TRP P 107 -19.31 24.72 -22.59
N ASN P 108 -19.00 23.88 -21.61
CA ASN P 108 -19.21 22.46 -21.77
C ASN P 108 -20.67 22.01 -21.73
N LYS P 109 -21.58 22.93 -21.45
CA LYS P 109 -23.00 22.62 -21.41
C LYS P 109 -23.58 22.81 -22.80
N LYS P 110 -23.07 23.86 -23.46
CA LYS P 110 -23.49 24.26 -24.81
C LYS P 110 -23.79 23.05 -25.71
N ILE Q 2 5.57 5.70 2.48
CA ILE Q 2 6.44 6.88 2.20
C ILE Q 2 5.59 8.15 2.36
N HIS Q 3 6.25 9.28 2.67
CA HIS Q 3 5.59 10.58 2.84
C HIS Q 3 6.52 11.78 3.13
N PHE Q 4 7.77 11.52 3.48
CA PHE Q 4 8.72 12.62 3.74
C PHE Q 4 9.67 12.86 2.58
N GLY Q 5 9.50 14.01 1.92
CA GLY Q 5 10.33 14.36 0.79
C GLY Q 5 9.51 14.78 -0.41
N ASN Q 6 8.23 14.41 -0.41
CA ASN Q 6 7.31 14.74 -1.51
C ASN Q 6 6.28 15.77 -1.03
N LEU Q 7 6.49 16.29 0.18
CA LEU Q 7 5.58 17.26 0.78
C LEU Q 7 5.43 18.62 0.12
N ALA Q 8 6.40 19.52 0.26
CA ALA Q 8 6.27 20.85 -0.37
C ALA Q 8 7.58 21.54 -0.76
N ARG Q 9 7.49 22.50 -1.70
CA ARG Q 9 8.63 23.26 -2.19
C ARG Q 9 8.98 24.36 -1.21
N VAL Q 10 10.09 24.19 -0.50
CA VAL Q 10 10.52 25.14 0.51
C VAL Q 10 11.90 25.71 0.23
N ARG Q 11 12.02 27.03 0.22
CA ARG Q 11 13.33 27.62 -0.02
C ARG Q 11 13.68 28.73 0.95
N HIS Q 12 14.97 28.78 1.27
CA HIS Q 12 15.54 29.80 2.16
C HIS Q 12 14.88 29.90 3.51
N ILE Q 13 15.12 28.92 4.36
CA ILE Q 13 14.58 28.95 5.70
C ILE Q 13 15.60 28.20 6.51
N ILE Q 14 16.14 28.89 7.51
CA ILE Q 14 17.12 28.26 8.36
C ILE Q 14 16.43 28.07 9.69
N THR Q 15 16.72 26.96 10.36
CA THR Q 15 16.15 26.73 11.68
C THR Q 15 17.29 26.28 12.57
N TYR Q 16 17.23 26.71 13.83
CA TYR Q 16 18.25 26.34 14.78
C TYR Q 16 17.52 25.77 15.96
N SER Q 17 18.02 24.67 16.49
CA SER Q 17 17.40 24.05 17.66
C SER Q 17 18.53 23.42 18.46
N LEU Q 18 18.30 23.15 19.75
CA LEU Q 18 19.33 22.56 20.59
C LEU Q 18 18.92 21.21 21.15
N SER Q 19 19.89 20.30 21.31
CA SER Q 19 19.63 19.00 21.90
C SER Q 19 18.82 19.22 23.19
N PRO Q 20 17.83 18.36 23.47
CA PRO Q 20 17.02 18.51 24.68
C PRO Q 20 17.87 18.55 25.96
N PHE Q 21 19.04 17.92 25.91
CA PHE Q 21 19.92 17.88 27.06
C PHE Q 21 20.76 19.15 27.28
N GLU Q 22 20.64 20.10 26.36
CA GLU Q 22 21.39 21.35 26.51
C GLU Q 22 20.40 22.42 26.91
N GLN Q 23 19.14 22.06 27.09
CA GLN Q 23 18.17 23.08 27.48
C GLN Q 23 17.19 22.67 28.56
N ARG Q 24 16.35 23.63 28.94
CA ARG Q 24 15.37 23.44 30.01
C ARG Q 24 14.04 22.85 29.53
N ALA Q 25 13.55 21.87 30.29
CA ALA Q 25 12.31 21.17 30.00
C ALA Q 25 11.10 22.09 30.10
N ILE Q 26 11.02 22.85 31.18
CA ILE Q 26 9.92 23.80 31.38
C ILE Q 26 10.53 25.16 31.74
N PRO Q 27 11.10 25.86 30.75
CA PRO Q 27 11.73 27.18 30.94
C PRO Q 27 10.81 28.39 31.03
N ASN Q 28 11.26 29.35 31.83
CA ASN Q 28 10.56 30.61 32.06
C ASN Q 28 9.10 30.41 32.47
N ILE Q 29 8.89 29.66 33.55
CA ILE Q 29 7.53 29.39 34.01
C ILE Q 29 6.78 30.68 34.34
N PHE Q 30 7.50 31.65 34.89
CA PHE Q 30 6.88 32.91 35.27
C PHE Q 30 7.00 33.99 34.23
N SER Q 31 8.23 34.38 33.95
CA SER Q 31 8.50 35.43 32.98
C SER Q 31 7.80 35.29 31.61
N ASP Q 32 7.69 34.05 31.13
CA ASP Q 32 7.12 33.74 29.82
C ASP Q 32 5.88 32.85 29.85
N ALA Q 33 5.98 31.71 30.51
CA ALA Q 33 4.88 30.76 30.60
C ALA Q 33 3.54 31.32 31.06
N LEU Q 34 3.39 31.46 32.37
CA LEU Q 34 2.17 31.96 32.99
C LEU Q 34 1.53 33.17 32.33
N PRO Q 35 2.33 34.14 31.91
CA PRO Q 35 1.75 35.32 31.25
C PRO Q 35 0.89 34.95 30.04
N ASN Q 36 1.40 34.03 29.21
CA ASN Q 36 0.70 33.57 28.01
C ASN Q 36 -0.53 32.75 28.38
N VAL Q 37 -0.43 32.00 29.47
CA VAL Q 37 -1.56 31.21 29.92
C VAL Q 37 -2.68 32.19 30.21
N TRP Q 38 -2.33 33.32 30.80
CA TRP Q 38 -3.32 34.35 31.10
C TRP Q 38 -3.80 34.97 29.80
N ARG Q 39 -2.86 35.43 28.97
CA ARG Q 39 -3.16 36.04 27.68
C ARG Q 39 -4.26 35.27 26.94
N ARG Q 40 -4.03 33.96 26.83
CA ARG Q 40 -4.94 33.05 26.15
C ARG Q 40 -6.28 32.98 26.87
N PHE Q 41 -6.24 32.74 28.18
CA PHE Q 41 -7.48 32.67 28.94
C PHE Q 41 -8.27 33.91 28.58
N SER Q 42 -7.62 35.06 28.75
CA SER Q 42 -8.23 36.35 28.48
C SER Q 42 -8.92 36.36 27.11
N SER Q 43 -8.12 36.11 26.09
CA SER Q 43 -8.59 36.13 24.72
C SER Q 43 -9.93 35.43 24.49
N GLN Q 44 -10.04 34.20 24.99
CA GLN Q 44 -11.25 33.41 24.80
C GLN Q 44 -12.44 33.64 25.76
N VAL Q 45 -12.13 33.81 27.04
CA VAL Q 45 -13.14 34.03 28.06
C VAL Q 45 -14.46 34.62 27.58
N PHE Q 46 -14.40 35.64 26.73
CA PHE Q 46 -15.62 36.28 26.27
C PHE Q 46 -16.35 35.68 25.09
N LYS Q 47 -15.75 34.67 24.47
CA LYS Q 47 -16.40 34.01 23.35
C LYS Q 47 -17.06 32.78 23.93
N VAL Q 48 -16.36 32.15 24.87
CA VAL Q 48 -16.83 30.93 25.53
C VAL Q 48 -17.85 31.15 26.65
N ALA Q 49 -17.36 31.65 27.77
CA ALA Q 49 -18.16 31.91 28.98
C ALA Q 49 -19.59 32.39 28.78
N PRO Q 50 -19.77 33.44 27.97
CA PRO Q 50 -21.11 33.95 27.73
C PRO Q 50 -22.21 32.91 27.57
N PRO Q 51 -22.28 32.22 26.41
CA PRO Q 51 -23.34 31.21 26.26
C PRO Q 51 -23.46 30.18 27.39
N PHE Q 52 -22.35 29.92 28.07
CA PHE Q 52 -22.36 28.97 29.17
C PHE Q 52 -23.12 29.57 30.32
N LEU Q 53 -22.84 30.83 30.61
CA LEU Q 53 -23.52 31.56 31.68
C LEU Q 53 -25.02 31.71 31.32
N GLY Q 54 -25.29 32.02 30.04
CA GLY Q 54 -26.65 32.16 29.57
C GLY Q 54 -27.45 30.88 29.72
N ALA Q 55 -26.75 29.76 29.75
CA ALA Q 55 -27.42 28.49 29.93
C ALA Q 55 -27.69 28.34 31.43
N TYR Q 56 -26.67 28.63 32.24
CA TYR Q 56 -26.77 28.52 33.68
C TYR Q 56 -28.02 29.18 34.22
N LEU Q 57 -28.31 30.36 33.70
CA LEU Q 57 -29.49 31.09 34.12
C LEU Q 57 -30.68 30.22 33.82
N LEU Q 58 -30.91 30.00 32.52
CA LEU Q 58 -32.02 29.19 32.05
C LEU Q 58 -32.17 27.98 32.96
N TYR Q 59 -31.04 27.39 33.35
CA TYR Q 59 -31.06 26.24 34.24
C TYR Q 59 -31.70 26.66 35.55
N SER Q 60 -31.03 27.57 36.25
CA SER Q 60 -31.52 28.07 37.53
C SER Q 60 -32.96 28.53 37.47
N TRP Q 61 -33.31 29.31 36.45
CA TRP Q 61 -34.68 29.78 36.35
C TRP Q 61 -35.66 28.63 36.28
N GLY Q 62 -35.63 27.92 35.17
CA GLY Q 62 -36.53 26.79 34.98
C GLY Q 62 -36.48 25.84 36.14
N THR Q 63 -35.30 25.64 36.73
CA THR Q 63 -35.16 24.72 37.85
C THR Q 63 -35.99 25.17 39.06
N GLN Q 64 -35.92 26.45 39.41
CA GLN Q 64 -36.67 26.97 40.55
C GLN Q 64 -38.14 27.19 40.20
N GLU Q 65 -38.40 27.81 39.06
CA GLU Q 65 -39.78 28.04 38.62
C GLU Q 65 -40.59 26.77 38.74
N PHE Q 66 -39.93 25.63 38.54
CA PHE Q 66 -40.57 24.32 38.62
C PHE Q 66 -40.96 23.98 40.05
N GLU Q 67 -40.10 24.36 40.98
CA GLU Q 67 -40.32 24.14 42.41
C GLU Q 67 -41.49 24.99 42.86
N ARG Q 68 -41.50 26.22 42.38
CA ARG Q 68 -42.54 27.18 42.70
C ARG Q 68 -43.92 26.65 42.31
N LEU Q 69 -43.97 25.86 41.24
CA LEU Q 69 -45.23 25.30 40.77
C LEU Q 69 -45.72 24.13 41.61
N LYS Q 70 -44.92 23.75 42.60
CA LYS Q 70 -45.27 22.66 43.51
C LYS Q 70 -45.89 23.21 44.79
N ARG Q 71 -45.33 24.32 45.28
CA ARG Q 71 -45.83 24.98 46.49
C ARG Q 71 -47.28 25.38 46.25
N LYS Q 72 -48.06 25.53 47.32
CA LYS Q 72 -49.46 25.91 47.15
C LYS Q 72 -49.68 27.41 47.25
N ASN Q 73 -50.76 27.86 46.66
CA ASN Q 73 -51.11 29.28 46.65
C ASN Q 73 -52.32 29.48 47.57
N PRO Q 74 -52.10 30.10 48.75
CA PRO Q 74 -53.20 30.33 49.68
C PRO Q 74 -54.48 30.86 49.05
N ALA Q 75 -54.37 31.61 47.94
CA ALA Q 75 -55.52 32.18 47.25
C ALA Q 75 -56.52 31.16 46.69
N ASP Q 76 -56.24 29.88 46.93
CA ASP Q 76 -57.12 28.82 46.46
C ASP Q 76 -58.01 28.35 47.62
N TYR Q 77 -57.57 28.61 48.85
CA TYR Q 77 -58.29 28.20 50.06
C TYR Q 77 -58.84 29.31 50.96
N GLU Q 78 -58.71 30.58 50.56
CA GLU Q 78 -59.24 31.69 51.34
C GLU Q 78 -60.74 31.70 51.05
N ASN Q 79 -61.21 30.58 50.50
CA ASN Q 79 -62.60 30.33 50.08
C ASN Q 79 -63.35 29.20 50.82
N ASP Q 80 -63.31 29.21 52.15
CA ASP Q 80 -64.03 28.23 52.99
C ASP Q 80 -63.88 28.51 54.48
N GLU R 11 -34.29 3.60 82.81
CA GLU R 11 -34.87 4.21 81.57
C GLU R 11 -33.81 4.89 80.70
N LEU R 12 -33.82 4.62 79.39
CA LEU R 12 -32.85 5.19 78.45
C LEU R 12 -33.38 6.39 77.66
N VAL R 13 -32.48 7.31 77.32
CA VAL R 13 -32.89 8.49 76.54
C VAL R 13 -32.30 8.47 75.13
N ASP R 14 -33.17 8.70 74.15
CA ASP R 14 -32.79 8.71 72.74
C ASP R 14 -32.24 10.07 72.36
N PRO R 15 -30.91 10.18 72.27
CA PRO R 15 -30.32 11.46 71.91
C PRO R 15 -31.04 12.12 70.75
N LEU R 16 -31.78 11.31 69.98
CA LEU R 16 -32.53 11.84 68.86
C LEU R 16 -33.60 12.81 69.34
N THR R 17 -34.51 12.31 70.18
CA THR R 17 -35.60 13.12 70.70
C THR R 17 -35.10 14.37 71.43
N THR R 18 -33.98 14.24 72.14
CA THR R 18 -33.37 15.35 72.86
C THR R 18 -33.00 16.47 71.88
N ILE R 19 -32.20 16.12 70.89
CA ILE R 19 -31.74 17.08 69.89
C ILE R 19 -32.87 17.52 68.96
N ARG R 20 -33.94 16.74 68.90
CA ARG R 20 -35.10 17.09 68.09
C ARG R 20 -35.71 18.31 68.76
N GLU R 21 -35.69 18.29 70.10
CA GLU R 21 -36.23 19.38 70.91
C GLU R 21 -35.35 20.61 70.70
N HIS R 22 -34.11 20.54 71.21
CA HIS R 22 -33.14 21.63 71.10
C HIS R 22 -33.27 22.39 69.77
N CYS R 23 -33.50 21.66 68.68
CA CYS R 23 -33.63 22.27 67.38
C CYS R 23 -34.94 23.02 67.17
N GLU R 24 -36.05 22.41 67.56
CA GLU R 24 -37.35 23.06 67.40
C GLU R 24 -37.35 24.43 68.08
N GLN R 25 -36.39 24.62 68.99
CA GLN R 25 -36.22 25.87 69.73
C GLN R 25 -35.24 26.73 68.93
N THR R 26 -35.34 26.65 67.61
CA THR R 26 -34.49 27.43 66.71
C THR R 26 -35.35 28.40 65.92
N GLU R 27 -34.81 29.59 65.68
CA GLU R 27 -35.51 30.63 64.96
C GLU R 27 -36.19 30.14 63.67
N LYS R 28 -35.51 29.26 62.93
CA LYS R 28 -36.04 28.74 61.67
C LYS R 28 -37.13 27.68 61.84
N CYS R 29 -37.03 26.87 62.89
CA CYS R 29 -38.02 25.85 63.18
C CYS R 29 -39.26 26.54 63.70
N VAL R 30 -39.05 27.41 64.69
CA VAL R 30 -40.12 28.16 65.31
C VAL R 30 -41.00 28.79 64.25
N LYS R 31 -40.37 29.51 63.32
CA LYS R 31 -41.09 30.17 62.25
C LYS R 31 -41.86 29.18 61.37
N ALA R 32 -41.27 28.02 61.11
CA ALA R 32 -41.90 26.98 60.30
C ALA R 32 -42.94 26.23 61.14
N ARG R 33 -42.52 25.81 62.33
CA ARG R 33 -43.38 25.10 63.26
C ARG R 33 -44.65 25.92 63.48
N GLU R 34 -44.51 27.23 63.34
CA GLU R 34 -45.64 28.14 63.51
C GLU R 34 -46.53 28.07 62.27
N ARG R 35 -45.94 28.36 61.11
CA ARG R 35 -46.65 28.35 59.82
C ARG R 35 -47.58 27.15 59.76
N LEU R 36 -47.05 26.01 60.20
CA LEU R 36 -47.78 24.75 60.18
C LEU R 36 -49.03 24.75 61.03
N GLU R 37 -48.85 24.80 62.35
CA GLU R 37 -49.97 24.77 63.27
C GLU R 37 -51.07 25.75 62.89
N LEU R 38 -50.71 26.73 62.06
CA LEU R 38 -51.67 27.72 61.61
C LEU R 38 -52.52 27.09 60.50
N CYS R 39 -51.85 26.39 59.58
CA CYS R 39 -52.54 25.71 58.51
C CYS R 39 -53.49 24.72 59.17
N ASP R 40 -52.91 23.79 59.92
CA ASP R 40 -53.65 22.76 60.65
C ASP R 40 -54.94 23.35 61.18
N ALA R 41 -54.78 24.41 61.97
CA ALA R 41 -55.90 25.10 62.57
C ALA R 41 -57.04 25.27 61.58
N ARG R 42 -56.81 26.05 60.52
CA ARG R 42 -57.86 26.31 59.54
C ARG R 42 -58.33 25.09 58.76
N VAL R 43 -57.41 24.21 58.40
CA VAL R 43 -57.82 23.03 57.66
C VAL R 43 -58.71 22.15 58.53
N SER R 44 -58.38 22.07 59.81
CA SER R 44 -59.12 21.27 60.80
C SER R 44 -60.53 21.82 61.07
N SER R 45 -60.62 23.14 61.16
CA SER R 45 -61.89 23.80 61.43
C SER R 45 -62.67 24.14 60.16
N ARG R 46 -62.90 23.13 59.33
CA ARG R 46 -63.66 23.30 58.09
C ARG R 46 -64.25 21.93 57.80
N SER R 47 -65.08 21.84 56.76
CA SER R 47 -65.70 20.57 56.42
C SER R 47 -66.02 20.40 54.95
N HIS R 48 -65.04 20.69 54.10
CA HIS R 48 -65.19 20.56 52.66
C HIS R 48 -64.07 21.29 51.91
N THR R 49 -62.82 20.92 52.18
CA THR R 49 -61.67 21.54 51.52
C THR R 49 -60.69 20.51 51.00
N GLU R 50 -59.92 20.90 49.99
CA GLU R 50 -58.92 20.02 49.39
C GLU R 50 -57.60 20.20 50.12
N GLU R 51 -57.32 21.44 50.50
CA GLU R 51 -56.08 21.77 51.20
C GLU R 51 -55.61 20.71 52.17
N GLN R 52 -54.29 20.66 52.34
CA GLN R 52 -53.63 19.72 53.21
C GLN R 52 -52.40 20.49 53.69
N CYS R 53 -51.94 20.21 54.90
CA CYS R 53 -50.78 20.91 55.44
C CYS R 53 -49.47 20.17 55.23
N THR R 54 -49.42 19.34 54.18
CA THR R 54 -48.21 18.58 53.89
C THR R 54 -47.05 19.57 53.72
N GLU R 55 -47.17 20.42 52.71
CA GLU R 55 -46.16 21.44 52.40
C GLU R 55 -45.56 22.09 53.64
N GLU R 56 -46.40 22.63 54.51
CA GLU R 56 -45.94 23.28 55.73
C GLU R 56 -45.22 22.31 56.64
N LEU R 57 -45.74 21.09 56.70
CA LEU R 57 -45.15 20.08 57.54
C LEU R 57 -43.73 19.82 57.09
N PHE R 58 -43.55 19.67 55.78
CA PHE R 58 -42.23 19.42 55.23
C PHE R 58 -41.26 20.54 55.57
N ASP R 59 -41.68 21.78 55.36
CA ASP R 59 -40.83 22.94 55.66
C ASP R 59 -40.22 22.77 57.04
N PHE R 60 -41.07 22.39 58.00
CA PHE R 60 -40.66 22.18 59.39
C PHE R 60 -39.66 21.05 59.49
N LEU R 61 -40.12 19.87 59.12
CA LEU R 61 -39.31 18.66 59.18
C LEU R 61 -37.97 18.87 58.54
N HIS R 62 -37.98 19.62 57.44
CA HIS R 62 -36.75 19.90 56.72
C HIS R 62 -35.78 20.64 57.62
N ALA R 63 -36.27 21.74 58.19
CA ALA R 63 -35.48 22.56 59.09
C ALA R 63 -35.07 21.79 60.34
N ARG R 64 -36.04 21.17 61.01
CA ARG R 64 -35.73 20.42 62.23
C ARG R 64 -34.73 19.34 61.95
N ASP R 65 -35.11 18.45 61.04
CA ASP R 65 -34.28 17.33 60.66
C ASP R 65 -32.92 17.74 60.09
N HIS R 66 -32.88 18.82 59.32
CA HIS R 66 -31.61 19.30 58.77
C HIS R 66 -30.71 19.57 59.98
N CYS R 67 -31.27 20.25 60.96
CA CYS R 67 -30.57 20.60 62.19
C CYS R 67 -30.08 19.35 62.92
N VAL R 68 -30.99 18.40 63.16
CA VAL R 68 -30.67 17.17 63.86
C VAL R 68 -29.42 16.49 63.31
N ALA R 69 -29.27 16.57 62.00
CA ALA R 69 -28.14 15.97 61.30
C ALA R 69 -26.81 16.46 61.84
N HIS R 70 -26.61 17.77 61.77
CA HIS R 70 -25.38 18.40 62.24
C HIS R 70 -24.97 17.96 63.63
N LYS R 71 -25.89 17.34 64.38
CA LYS R 71 -25.59 16.94 65.75
C LYS R 71 -25.77 15.47 66.11
N LEU R 72 -27.00 15.00 65.99
CA LEU R 72 -27.36 13.63 66.35
C LEU R 72 -26.24 12.58 66.36
N PHE R 73 -25.36 12.60 65.37
CA PHE R 73 -24.30 11.60 65.30
C PHE R 73 -23.16 11.69 66.31
N ASN R 74 -22.98 12.85 66.94
CA ASN R 74 -21.91 12.99 67.93
C ASN R 74 -22.25 12.16 69.16
N LYS R 75 -23.53 12.12 69.46
CA LYS R 75 -24.02 11.41 70.62
C LYS R 75 -24.22 9.92 70.37
N LEU R 76 -24.12 9.50 69.11
CA LEU R 76 -24.27 8.09 68.75
C LEU R 76 -22.90 7.41 68.69
N LYS R 77 -22.87 6.13 69.04
CA LYS R 77 -21.61 5.38 69.07
C LYS R 77 -21.24 4.64 67.79
N UNK S 4 46.29 6.44 -3.06
CA UNK S 4 44.83 6.79 -3.10
C UNK S 4 44.19 6.91 -1.70
N UNK S 5 45.01 7.17 -0.68
CA UNK S 5 44.51 7.32 0.70
C UNK S 5 43.86 8.69 0.84
N UNK S 6 44.00 9.49 -0.22
CA UNK S 6 43.44 10.84 -0.30
C UNK S 6 42.88 11.11 -1.72
N UNK S 7 42.30 12.28 -1.91
CA UNK S 7 41.75 12.63 -3.20
C UNK S 7 40.43 13.31 -3.00
N UNK S 8 40.07 14.23 -3.89
CA UNK S 8 38.81 14.92 -3.75
C UNK S 8 37.74 14.16 -4.51
N UNK S 9 36.56 14.01 -3.93
CA UNK S 9 35.46 13.27 -4.55
C UNK S 9 34.16 14.09 -4.77
N UNK S 10 33.57 14.06 -5.98
CA UNK S 10 32.32 14.83 -6.18
C UNK S 10 31.15 14.12 -6.87
N UNK S 11 30.12 14.88 -7.27
CA UNK S 11 28.95 14.27 -7.93
C UNK S 11 28.03 15.19 -8.71
N UNK S 12 27.65 14.77 -9.92
CA UNK S 12 26.77 15.54 -10.76
C UNK S 12 25.54 14.76 -11.19
N UNK S 13 24.69 15.37 -12.02
CA UNK S 13 23.47 14.73 -12.53
C UNK S 13 23.50 14.58 -14.06
N UNK S 14 22.45 14.00 -14.67
CA UNK S 14 22.45 13.84 -16.13
C UNK S 14 21.08 13.52 -16.76
N UNK S 15 21.13 12.89 -17.94
CA UNK S 15 19.96 12.48 -18.73
C UNK S 15 18.62 12.50 -18.00
CA ARG S 16 31.74 27.17 -7.73
C ARG S 16 32.09 28.14 -8.86
N PRO S 17 31.17 29.06 -9.19
CA PRO S 17 31.34 30.07 -10.25
C PRO S 17 32.63 30.90 -10.15
N LEU S 18 33.29 31.09 -11.28
CA LEU S 18 34.52 31.90 -11.34
C LEU S 18 34.14 33.38 -11.53
N LEU S 19 34.75 34.26 -10.75
CA LEU S 19 34.44 35.70 -10.81
C LEU S 19 35.65 36.62 -10.58
N CYS S 20 36.85 36.10 -10.77
CA CYS S 20 38.07 36.89 -10.60
C CYS S 20 39.30 36.17 -11.17
N ARG S 21 40.24 36.92 -11.74
CA ARG S 21 41.46 36.36 -12.33
C ARG S 21 42.08 35.30 -11.41
N GLU S 22 42.12 35.60 -10.12
CA GLU S 22 42.69 34.71 -9.10
C GLU S 22 42.15 33.27 -9.14
N SER S 23 40.82 33.14 -9.18
CA SER S 23 40.16 31.84 -9.18
C SER S 23 40.17 31.16 -10.56
N MET S 24 40.74 31.81 -11.56
CA MET S 24 40.78 31.24 -12.90
C MET S 24 42.20 31.09 -13.45
N SER S 25 43.18 31.70 -12.77
CA SER S 25 44.58 31.65 -13.20
C SER S 25 45.19 30.26 -13.06
N GLY S 26 45.66 29.72 -14.18
CA GLY S 26 46.25 28.39 -14.21
C GLY S 26 45.21 27.35 -14.62
N ARG S 27 43.96 27.80 -14.74
CA ARG S 27 42.85 26.94 -15.11
C ARG S 27 42.81 26.67 -16.62
N SER S 28 43.78 27.23 -17.35
CA SER S 28 43.87 27.03 -18.81
C SER S 28 44.76 25.83 -19.13
N ALA S 29 44.27 24.95 -19.99
CA ALA S 29 45.01 23.75 -20.35
C ALA S 29 46.48 23.94 -20.14
N ARG S 30 47.00 23.31 -19.09
CA ARG S 30 48.43 23.39 -18.79
C ARG S 30 49.16 22.61 -19.89
N ARG S 31 48.70 21.39 -20.15
CA ARG S 31 49.29 20.52 -21.18
C ARG S 31 48.24 19.59 -21.81
N ASP S 32 48.64 18.36 -22.14
CA ASP S 32 47.74 17.37 -22.77
C ASP S 32 46.41 17.18 -22.04
N LEU S 33 46.21 16.00 -21.47
CA LEU S 33 44.99 15.66 -20.72
C LEU S 33 45.06 14.20 -20.30
N VAL S 34 45.20 13.98 -19.00
CA VAL S 34 45.26 12.63 -18.45
C VAL S 34 43.92 12.37 -17.80
N ALA S 35 43.54 11.10 -17.75
CA ALA S 35 42.30 10.71 -17.13
C ALA S 35 42.70 9.63 -16.19
N GLY S 36 42.11 9.64 -15.01
CA GLY S 36 42.45 8.63 -14.04
C GLY S 36 41.24 8.08 -13.33
N ILE S 37 41.36 6.81 -12.94
CA ILE S 37 40.31 6.13 -12.23
C ILE S 37 41.00 5.18 -11.28
N SER S 38 40.56 5.20 -10.03
CA SER S 38 41.16 4.35 -9.04
C SER S 38 40.03 3.45 -8.58
N LEU S 39 40.38 2.32 -8.01
CA LEU S 39 39.36 1.42 -7.53
C LEU S 39 39.02 1.82 -6.08
N ASN S 40 39.88 2.63 -5.46
CA ASN S 40 39.68 3.07 -4.07
C ASN S 40 39.75 4.58 -3.81
N ALA S 41 39.80 5.38 -4.86
CA ALA S 41 39.88 6.83 -4.68
C ALA S 41 39.02 7.56 -5.72
N PRO S 42 39.07 8.91 -5.74
CA PRO S 42 38.28 9.68 -6.71
C PRO S 42 38.79 9.60 -8.15
N ALA S 43 38.06 10.25 -9.06
CA ALA S 43 38.47 10.26 -10.46
C ALA S 43 39.13 11.63 -10.69
N SER S 44 40.30 11.61 -11.33
CA SER S 44 41.06 12.83 -11.62
C SER S 44 41.13 13.16 -13.12
N VAL S 45 41.35 14.44 -13.42
CA VAL S 45 41.45 14.91 -14.80
C VAL S 45 42.33 16.19 -14.91
N ARG S 46 43.09 16.31 -16.01
CA ARG S 46 43.98 17.45 -16.25
C ARG S 46 43.60 18.24 -17.49
N ALA T 1 29.02 12.94 43.01
CA ALA T 1 27.86 13.34 42.17
C ALA T 1 27.07 12.10 41.82
N LEU T 2 25.85 11.99 42.34
CA LEU T 2 25.01 10.83 42.07
C LEU T 2 24.49 10.73 40.65
N LEU T 3 24.10 11.87 40.08
CA LEU T 3 23.52 11.84 38.76
C LEU T 3 24.51 11.28 37.77
N ARG T 4 25.77 11.64 37.88
CA ARG T 4 26.78 11.12 36.97
C ARG T 4 26.99 9.64 37.24
N GLN T 5 27.16 9.28 38.50
CA GLN T 5 27.37 7.88 38.84
C GLN T 5 26.21 7.06 38.29
N ALA T 6 25.00 7.56 38.54
CA ALA T 6 23.79 6.91 38.09
C ALA T 6 23.75 6.79 36.58
N TYR T 7 24.13 7.87 35.91
CA TYR T 7 24.15 7.87 34.47
C TYR T 7 25.07 6.78 33.99
N SER T 8 26.37 6.93 34.22
CA SER T 8 27.33 5.94 33.76
C SER T 8 27.00 4.52 34.17
N ALA T 9 26.66 4.37 35.44
CA ALA T 9 26.34 3.06 36.03
C ALA T 9 25.06 2.40 35.54
N LEU T 10 23.96 3.12 35.67
CA LEU T 10 22.66 2.60 35.30
C LEU T 10 22.13 2.99 33.93
N PHE T 11 21.72 4.26 33.80
CA PHE T 11 21.11 4.80 32.57
C PHE T 11 21.84 4.79 31.22
N ARG T 12 23.16 4.65 31.21
CA ARG T 12 23.91 4.69 29.96
C ARG T 12 23.70 3.44 29.11
N ARG T 13 24.15 2.31 29.63
CA ARG T 13 24.01 1.05 28.91
C ARG T 13 22.55 0.55 28.98
N THR T 14 21.80 0.73 27.87
CA THR T 14 20.38 0.35 27.77
C THR T 14 19.97 -0.95 28.43
N SER T 15 20.90 -1.89 28.55
CA SER T 15 20.62 -3.16 29.20
C SER T 15 20.49 -2.96 30.71
N THR T 16 21.44 -2.25 31.32
CA THR T 16 21.41 -2.00 32.77
C THR T 16 20.28 -1.04 33.11
N PHE T 17 19.87 -0.21 32.16
CA PHE T 17 18.78 0.72 32.38
C PHE T 17 17.52 -0.09 32.65
N ALA T 18 17.29 -1.11 31.83
CA ALA T 18 16.14 -1.98 32.01
C ALA T 18 16.28 -2.74 33.31
N LEU T 19 17.49 -3.25 33.56
CA LEU T 19 17.78 -3.99 34.79
C LEU T 19 17.44 -3.16 36.01
N THR T 20 17.70 -1.86 35.92
CA THR T 20 17.40 -0.93 36.99
C THR T 20 15.89 -0.84 37.11
N VAL T 21 15.21 -0.63 35.98
CA VAL T 21 13.75 -0.52 36.00
C VAL T 21 13.11 -1.73 36.70
N VAL T 22 13.62 -2.93 36.43
CA VAL T 22 13.09 -4.14 37.07
C VAL T 22 13.35 -4.11 38.58
N LEU T 23 14.62 -4.17 38.97
CA LEU T 23 14.94 -4.15 40.39
C LEU T 23 14.29 -2.96 41.05
N GLY T 24 14.28 -1.85 40.33
CA GLY T 24 13.69 -0.62 40.83
C GLY T 24 12.19 -0.70 41.07
N ALA T 25 11.48 -1.40 40.18
CA ALA T 25 10.04 -1.54 40.32
C ALA T 25 9.77 -2.42 41.55
N VAL T 26 10.58 -3.46 41.70
CA VAL T 26 10.46 -4.37 42.84
C VAL T 26 10.49 -3.60 44.16
N LEU T 27 11.58 -2.88 44.40
CA LEU T 27 11.74 -2.11 45.62
C LEU T 27 10.61 -1.11 45.75
N PHE T 28 10.36 -0.34 44.69
CA PHE T 28 9.29 0.65 44.73
C PHE T 28 7.96 0.08 45.18
N GLU T 29 7.59 -1.05 44.62
CA GLU T 29 6.33 -1.67 44.99
C GLU T 29 6.33 -1.84 46.50
N ARG T 30 7.06 -2.85 46.95
CA ARG T 30 7.19 -3.20 48.36
C ARG T 30 7.02 -2.03 49.32
N ALA T 31 7.66 -0.91 49.01
CA ALA T 31 7.59 0.27 49.86
C ALA T 31 6.36 1.12 49.62
N PHE T 32 6.01 1.32 48.35
CA PHE T 32 4.83 2.13 48.04
C PHE T 32 3.60 1.50 48.63
N ASP T 33 3.56 0.17 48.63
CA ASP T 33 2.42 -0.54 49.20
C ASP T 33 2.40 -0.28 50.71
N GLN T 34 3.41 -0.76 51.41
CA GLN T 34 3.50 -0.58 52.87
C GLN T 34 3.08 0.80 53.34
N GLY T 35 3.71 1.82 52.76
CA GLY T 35 3.40 3.17 53.14
C GLY T 35 1.94 3.54 52.93
N ALA T 36 1.40 3.20 51.77
CA ALA T 36 0.01 3.51 51.46
C ALA T 36 -0.97 2.80 52.40
N ASP T 37 -0.72 1.52 52.68
CA ASP T 37 -1.61 0.78 53.59
C ASP T 37 -1.52 1.46 54.94
N ALA T 38 -0.28 1.74 55.33
CA ALA T 38 0.00 2.41 56.59
C ALA T 38 -0.79 3.71 56.63
N ILE T 39 -0.76 4.47 55.55
CA ILE T 39 -1.50 5.72 55.52
C ILE T 39 -2.99 5.47 55.65
N PHE T 40 -3.49 4.56 54.84
CA PHE T 40 -4.91 4.24 54.84
C PHE T 40 -5.40 3.76 56.21
N GLU T 41 -4.72 2.77 56.77
CA GLU T 41 -5.10 2.23 58.07
C GLU T 41 -5.07 3.29 59.15
N HIS T 42 -3.95 4.01 59.27
CA HIS T 42 -3.83 5.05 60.26
C HIS T 42 -5.03 6.00 60.11
N LEU T 43 -5.36 6.34 58.87
CA LEU T 43 -6.50 7.22 58.60
C LEU T 43 -7.83 6.66 59.10
N ASN T 44 -7.85 5.38 59.47
CA ASN T 44 -9.06 4.72 59.95
C ASN T 44 -8.80 3.90 61.21
N GLU T 45 -8.26 4.53 62.24
CA GLU T 45 -7.96 3.82 63.49
C GLU T 45 -9.19 3.21 64.16
N GLY T 46 -9.02 1.97 64.59
CA GLY T 46 -10.09 1.24 65.27
C GLY T 46 -11.36 0.95 64.48
N LYS T 47 -11.37 1.28 63.19
CA LYS T 47 -12.56 1.04 62.36
C LYS T 47 -12.45 -0.25 61.59
N LEU T 48 -11.23 -0.67 61.32
CA LEU T 48 -10.99 -1.90 60.57
C LEU T 48 -11.12 -3.14 61.43
N TRP T 49 -11.36 -4.28 60.80
CA TRP T 49 -11.47 -5.53 61.53
C TRP T 49 -10.11 -5.85 62.13
N LYS T 50 -9.06 -5.51 61.38
CA LYS T 50 -7.70 -5.74 61.85
C LYS T 50 -7.59 -5.24 63.29
N HIS T 51 -8.25 -4.12 63.58
CA HIS T 51 -8.25 -3.49 64.90
C HIS T 51 -9.16 -4.22 65.91
N ILE T 52 -10.48 -4.06 65.75
CA ILE T 52 -11.45 -4.67 66.68
C ILE T 52 -11.31 -6.18 66.84
N LYS T 53 -10.55 -6.80 65.96
CA LYS T 53 -10.35 -8.25 65.95
C LYS T 53 -10.11 -8.93 67.30
N HIS T 54 -9.21 -8.36 68.12
CA HIS T 54 -8.87 -8.93 69.43
C HIS T 54 -10.02 -9.24 70.39
N LYS T 55 -11.11 -8.48 70.26
CA LYS T 55 -12.28 -8.63 71.11
C LYS T 55 -13.03 -9.95 70.96
N TYR T 56 -12.78 -10.69 69.89
CA TYR T 56 -13.50 -11.96 69.71
C TYR T 56 -12.54 -13.11 69.37
N GLU T 57 -11.26 -12.80 69.27
CA GLU T 57 -10.24 -13.81 68.95
C GLU T 57 -9.56 -14.31 70.23
N ALA T 58 -9.66 -15.62 70.44
CA ALA T 58 -9.08 -16.33 71.60
C ALA T 58 -9.93 -17.57 71.91
N SER T 59 -9.39 -18.76 71.65
CA SER T 59 -10.10 -20.03 71.89
C SER T 59 -10.12 -20.48 73.36
N GLU T 60 -9.20 -19.96 74.16
CHA HEM U . -21.25 -24.71 18.54
CHB HEM U . -17.46 -24.74 15.63
CHC HEM U . -18.08 -20.06 14.96
CHD HEM U . -21.57 -19.99 18.19
C1A HEM U . -20.17 -25.12 17.82
C2A HEM U . -19.69 -26.48 17.80
C3A HEM U . -18.61 -26.49 16.99
C4A HEM U . -18.45 -25.14 16.52
CMA HEM U . -17.73 -27.66 16.60
CAA HEM U . -20.37 -27.66 18.43
CBA HEM U . -21.47 -27.98 17.42
CGA HEM U . -22.22 -29.26 17.74
O1A HEM U . -23.24 -29.19 18.46
O2A HEM U . -21.75 -30.33 17.26
C1B HEM U . -17.31 -23.46 15.15
C2B HEM U . -16.23 -23.04 14.29
C3B HEM U . -16.45 -21.71 14.09
C4B HEM U . -17.62 -21.33 14.87
CMB HEM U . -15.11 -23.88 13.73
CAB HEM U . -15.78 -20.82 13.25
CBB HEM U . -14.33 -20.59 13.37
C1C HEM U . -19.07 -19.62 15.79
C2C HEM U . -19.38 -18.20 16.03
C3C HEM U . -20.44 -18.21 16.90
C4C HEM U . -20.64 -19.60 17.28
CMC HEM U . -18.65 -16.96 15.43
CAC HEM U . -21.28 -17.15 17.25
CBC HEM U . -20.72 -15.84 17.79
C1D HEM U . -21.80 -21.29 18.55
C2D HEM U . -22.90 -21.71 19.43
C3D HEM U . -22.79 -23.05 19.54
C4D HEM U . -21.67 -23.45 18.69
CMD HEM U . -24.03 -20.85 19.98
CAD HEM U . -23.72 -23.89 20.38
CBD HEM U . -24.85 -24.54 19.61
CGD HEM U . -24.48 -25.92 19.12
O1D HEM U . -23.99 -26.71 19.97
O2D HEM U . -24.68 -26.23 17.92
NA HEM U . -19.41 -24.29 17.05
NB HEM U . -18.14 -22.40 15.55
NC HEM U . -19.81 -20.46 16.58
ND HEM U . -21.07 -22.38 18.06
FE HEM U . -19.61 -22.38 16.77
CHA HEM V . -3.00 -19.51 0.16
CHB HEM V . -6.87 -18.76 2.79
CHC HEM V . -5.12 -21.61 6.17
CHD HEM V . -1.06 -22.03 3.75
C1A HEM V . -4.25 -19.18 0.55
C2A HEM V . -5.22 -18.55 -0.29
C3A HEM V . -6.27 -18.18 0.48
C4A HEM V . -5.98 -18.77 1.76
CMA HEM V . -7.51 -17.41 0.08
CAA HEM V . -5.08 -18.34 -1.78
CBA HEM V . -5.71 -19.41 -2.66
CGA HEM V . -5.14 -20.79 -2.43
O1A HEM V . -5.81 -21.60 -1.74
O2A HEM V . -4.03 -21.07 -2.90
C1B HEM V . -6.75 -19.43 3.98
C2B HEM V . -7.79 -19.41 5.03
C3B HEM V . -7.16 -20.05 6.04
C4B HEM V . -5.92 -20.70 5.50
CMB HEM V . -9.20 -18.81 5.08
CAB HEM V . -7.60 -20.04 7.36
CBB HEM V . -8.97 -20.59 7.71
C1C HEM V . -3.85 -22.00 5.81
C2C HEM V . -3.08 -23.05 6.48
C3C HEM V . -1.95 -23.13 5.81
C4C HEM V . -2.03 -22.17 4.75
CMC HEM V . -3.45 -23.90 7.69
CAC HEM V . -0.94 -24.09 5.98
CBC HEM V . -0.27 -24.48 7.26
C1D HEM V . -1.17 -21.29 2.58
C2D HEM V . -0.09 -21.07 1.62
C3D HEM V . -0.66 -20.42 0.58
C4D HEM V . -2.06 -20.15 0.95
CMD HEM V . 1.32 -21.59 1.69
CAD HEM V . 0.03 -20.27 -0.75
CBD HEM V . -0.73 -21.02 -1.82
CGD HEM V . 0.07 -21.18 -3.10
O1D HEM V . 0.79 -22.20 -3.22
O2D HEM V . -0.01 -20.29 -3.97
NA HEM V . -4.74 -19.42 1.81
NB HEM V . -5.61 -20.18 4.30
NC HEM V . -3.23 -21.55 4.71
ND HEM V . -2.35 -20.62 2.24
FE HEM V . -3.95 -20.41 3.32
C1 IKR W . -6.87 -31.46 19.59
C2 IKR W . -7.94 -30.79 20.24
C3 IKR W . -8.91 -31.54 20.93
C4 IKR W . -8.80 -32.98 20.95
C5 IKR W . -7.71 -33.64 20.28
C6 IKR W . -6.77 -32.87 19.61
C11 IKR W . -7.55 -35.12 20.28
O15 IKR W . -9.73 -33.72 21.63
C16 IKR W . -10.96 -33.06 21.93
C17 IKR W . -11.99 -34.11 22.23
C20 IKR W . -13.39 -33.88 21.98
C21 IKR W . -14.36 -34.89 22.29
C22 IKR W . -13.96 -36.14 22.83
C23 IKR W . -12.58 -36.37 23.06
C24 IKR W . -11.59 -35.38 22.78
C29 IKR W . -13.89 -32.60 21.42
C30 IKR W . -14.06 -32.54 19.92
O31 IKR W . -14.34 -31.26 19.56
C32 IKR W . -14.53 -31.05 18.15
O36 IKR W . -13.94 -33.52 19.20
N37 IKR W . -14.21 -31.55 22.10
O38 IKR W . -14.01 -31.73 23.48
C39 IKR W . -14.40 -30.55 24.16
C40 IKR W . -8.19 -29.23 20.29
I1 IKR W . -5.47 -30.35 18.60
C1 UQ X . -7.71 -16.73 -4.20
C2 UQ X . -6.25 -16.62 -4.75
C3 UQ X . -5.42 -15.54 -4.40
C4 UQ X . -5.99 -14.41 -3.46
C5 UQ X . -7.43 -14.51 -2.89
C6 UQ X . -8.27 -15.61 -3.25
CM5 UQ X . -7.87 -13.33 -1.98
CM3 UQ X . -3.85 -14.75 -6.19
CM2 UQ X . -6.22 -17.60 -6.99
C7 UQ X . -9.77 -15.84 -2.77
C8 UQ X . -10.39 -15.16 -1.53
C9 UQ X . -11.72 -14.82 -1.37
C10 UQ X . -12.68 -15.14 -2.52
C11 UQ X . -12.33 -14.15 -0.13
C12 UQ X . -13.82 -14.53 0.23
O2 UQ X . -5.77 -17.67 -5.62
O3 UQ X . -4.06 -15.42 -4.90
O4 UQ X . -5.26 -13.44 -3.14
O1 UQ X . -8.43 -17.72 -4.52
C1 CDL Y . -4.81 -32.53 -10.09
O1 CDL Y . -3.37 -32.41 -9.71
CA2 CDL Y . -5.11 -33.78 -10.95
OA2 CDL Y . -3.97 -34.55 -11.15
PA1 CDL Y . -3.78 -35.47 -12.41
OA3 CDL Y . -2.44 -36.17 -12.39
OA4 CDL Y . -3.81 -34.68 -13.68
OA5 CDL Y . -4.97 -36.53 -12.34
CA3 CDL Y . -6.15 -36.42 -13.03
CA4 CDL Y . -7.21 -37.33 -12.39
OA6 CDL Y . -6.73 -38.68 -12.19
CA5 CDL Y . -7.03 -39.14 -10.92
OA7 CDL Y . -8.12 -39.08 -10.39
C11 CDL Y . -5.84 -39.79 -10.21
C12 CDL Y . -6.18 -41.06 -9.36
CA6 CDL Y . -8.41 -37.33 -13.34
OA8 CDL Y . -9.49 -36.66 -12.73
CA7 CDL Y . -10.27 -35.93 -13.61
OA9 CDL Y . -9.95 -34.90 -14.13
C31 CDL Y . -11.64 -36.55 -13.87
CB2 CDL Y . -5.31 -31.25 -10.85
OB2 CDL Y . -6.42 -31.54 -11.63
PB2 CDL Y . -7.77 -30.77 -11.54
OB3 CDL Y . -8.67 -31.14 -12.71
OB4 CDL Y . -7.61 -29.26 -11.63
OB5 CDL Y . -8.38 -31.24 -10.14
CB3 CDL Y . -9.34 -32.25 -10.01
CB4 CDL Y . -9.45 -32.78 -8.52
OB6 CDL Y . -9.13 -31.84 -7.49
CB5 CDL Y . -10.20 -31.70 -6.63
OB7 CDL Y . -11.17 -30.99 -6.82
C51 CDL Y . -10.08 -32.54 -5.35
C52 CDL Y . -11.37 -32.64 -4.45
C53 CDL Y . -11.39 -33.90 -3.56
CB6 CDL Y . -8.51 -34.00 -8.38
OB8 CDL Y . -8.96 -35.09 -9.16
CB7 CDL Y . -9.95 -35.83 -8.55
OB9 CDL Y . -11.15 -35.69 -8.73
C71 CDL Y . -9.41 -36.91 -7.59
C72 CDL Y . -10.49 -37.76 -6.84
C26 PEE Z . -2.15 -31.94 10.37
C25 PEE Z . -1.09 -32.38 9.33
C24 PEE Z . -1.65 -32.40 7.87
C23 PEE Z . -0.67 -32.97 6.77
C22 PEE Z . -1.21 -32.91 5.32
C21 PEE Z . -2.03 -33.81 4.70
C20 PEE Z . -3.54 -33.70 4.52
C19 PEE Z . -4.11 -34.74 3.57
C18 PEE Z . -4.91 -34.55 2.49
C17 PEE Z . -4.76 -35.19 1.09
C16 PEE Z . -4.93 -34.14 -0.07
C15 PEE Z . -3.65 -33.84 -0.93
C14 PEE Z . -3.95 -33.11 -2.27
C13 PEE Z . -2.71 -32.62 -3.07
C12 PEE Z . -1.90 -33.74 -3.77
C11 PEE Z . -1.44 -33.35 -5.19
C10 PEE Z . -2.27 -34.01 -6.33
O4 PEE Z . -3.40 -33.60 -6.61
O2 PEE Z . -1.62 -35.08 -7.01
C2 PEE Z . -2.20 -35.50 -8.31
C1 PEE Z . -1.24 -35.15 -9.49
O3P PEE Z . -0.19 -34.17 -9.18
P PEE Z . 0.73 -33.51 -10.35
O2P PEE Z . 2.20 -34.18 -10.29
O1P PEE Z . 0.83 -31.93 -10.08
O4P PEE Z . 0.07 -33.72 -11.84
C4 PEE Z . 0.04 -32.69 -12.90
C5 PEE Z . -0.19 -33.24 -14.34
N PEE Z . -1.59 -33.03 -14.80
C3 PEE Z . -2.62 -37.00 -8.33
O3 PEE Z . -3.47 -37.39 -7.20
C30 PEE Z . -4.88 -37.32 -7.42
O5 PEE Z . -5.42 -36.71 -8.36
C31 PEE Z . -5.71 -38.08 -6.33
C32 PEE Z . -6.39 -37.20 -5.25
C33 PEE Z . -7.00 -38.04 -4.12
C34 PEE Z . -7.56 -37.17 -2.96
C35 PEE Z . -8.30 -37.99 -1.88
C36 PEE Z . -7.77 -37.72 -0.45
C37 PEE Z . -7.95 -38.94 0.48
C38 PEE Z . -8.70 -38.58 1.78
C39 PEE Z . -7.91 -38.76 3.08
C40 PEE Z . -8.53 -38.06 4.32
C41 PEE Z . -7.48 -37.56 5.35
C42 PEE Z . -7.96 -37.75 6.81
C43 PEE Z . -7.70 -36.54 7.74
C44 PEE Z . -6.29 -36.43 8.36
C45 PEE Z . -6.02 -35.12 9.11
C46 PEE Z . -4.75 -34.42 8.62
C13 PEE AA . -18.93 -13.75 -10.47
C12 PEE AA . -18.77 -12.37 -9.80
C11 PEE AA . -19.95 -11.42 -10.13
C10 PEE AA . -19.56 -10.01 -10.72
O4 PEE AA . -18.37 -9.57 -10.66
O2 PEE AA . -20.67 -9.30 -11.29
C2 PEE AA . -20.43 -7.94 -11.85
C1 PEE AA . -20.33 -7.97 -13.42
O3P PEE AA . -18.98 -8.28 -13.93
P PEE AA . -18.49 -7.92 -15.46
O2P PEE AA . -19.10 -9.02 -16.47
O1P PEE AA . -16.88 -7.97 -15.53
O4P PEE AA . -18.97 -6.39 -15.91
C4 PEE AA . -18.09 -5.35 -16.49
C5 PEE AA . -18.82 -4.04 -16.92
C3 PEE AA . -21.43 -6.87 -11.28
O3 PEE AA . -20.75 -5.60 -10.95
C30 PEE AA . -20.84 -5.17 -9.60
O5 PEE AA . -21.59 -4.25 -9.22
C31 PEE AA . -19.87 -5.92 -8.61
C32 PEE AA . -19.19 -5.04 -7.55
C1 GOL BA . -27.95 -31.61 22.33
O1 GOL BA . -26.61 -32.17 22.14
C2 GOL BA . -29.04 -32.32 21.47
O2 GOL BA . -28.37 -33.07 20.37
C3 GOL BA . -30.15 -31.31 20.97
O3 GOL BA . -30.93 -31.76 19.78
FE HEC CA . -38.28 -48.60 29.28
CHA HEC CA . -34.91 -48.42 29.57
CHB HEC CA . -37.99 -48.14 25.97
CHC HEC CA . -41.66 -48.83 28.88
CHD HEC CA . -38.53 -49.07 32.49
NA HEC CA . -36.79 -48.26 28.07
C1A HEC CA . -35.42 -48.23 28.34
C2A HEC CA . -34.61 -48.03 27.11
C3A HEC CA . -35.52 -47.84 26.14
C4A HEC CA . -36.86 -48.07 26.71
CMA HEC CA . -35.17 -47.56 24.66
CAA HEC CA . -33.16 -48.28 26.77
CBA HEC CA . -32.12 -47.91 27.77
CGA HEC CA . -30.71 -48.19 27.26
O1A HEC CA . -29.76 -47.94 28.03
O2A HEC CA . -30.55 -48.66 26.10
NB HEC CA . -39.54 -48.53 27.74
C1B HEC CA . -39.24 -48.34 26.44
C2B HEC CA . -40.41 -48.19 25.61
C3B HEC CA . -41.45 -48.36 26.38
C4B HEC CA . -40.91 -48.59 27.72
CMB HEC CA . -40.52 -47.89 24.12
CAB HEC CA . -42.94 -48.34 26.06
CBB HEC CA . -43.33 -49.22 24.87
NC HEC CA . -39.75 -48.98 30.44
C1C HEC CA . -41.11 -49.03 30.15
C2C HEC CA . -41.90 -49.05 31.40
C3C HEC CA . -41.01 -49.05 32.38
C4C HEC CA . -39.69 -49.11 31.78
CMC HEC CA . -43.39 -48.87 31.70
CAC HEC CA . -41.16 -48.91 33.87
CBC HEC CA . -41.70 -50.26 34.31
ND HEC CA . -37.03 -48.70 30.72
C1D HEC CA . -37.30 -48.89 32.01
C2D HEC CA . -36.10 -49.03 32.81
C3D HEC CA . -35.05 -48.89 32.00
C4D HEC CA . -35.66 -48.66 30.69
CMD HEC CA . -35.99 -49.33 34.29
CAD HEC CA . -33.58 -48.97 32.44
CBD HEC CA . -32.84 -50.28 32.10
CGD HEC CA . -31.39 -50.23 32.52
O1D HEC CA . -30.72 -49.23 32.20
O2D HEC CA . -30.92 -51.21 33.15
C1 CDL DA . -9.85 -30.41 -15.70
O1 CDL DA . -10.62 -31.53 -15.07
CA2 CDL DA . -10.59 -29.07 -15.71
OA2 CDL DA . -11.06 -28.82 -14.45
PA1 CDL DA . -12.27 -27.84 -14.17
OA3 CDL DA . -13.25 -27.87 -15.32
OA4 CDL DA . -11.83 -26.41 -14.05
OA5 CDL DA . -12.94 -28.35 -12.82
CA3 CDL DA . -12.22 -28.78 -11.73
CA4 CDL DA . -13.21 -29.20 -10.60
OA6 CDL DA . -12.67 -29.08 -9.25
CA5 CDL DA . -12.89 -27.82 -8.67
OA7 CDL DA . -13.28 -26.81 -9.23
C11 CDL DA . -12.57 -27.80 -7.16
C12 CDL DA . -13.59 -28.52 -6.23
CA6 CDL DA . -13.62 -30.66 -10.89
OA8 CDL DA . -12.90 -31.57 -10.09
CA7 CDL DA . -13.53 -32.77 -9.96
OA9 CDL DA . -13.42 -33.72 -10.69
C31 CDL DA . -14.45 -32.82 -8.75
CB2 CDL DA . -9.42 -30.73 -17.16
OB2 CDL DA . -10.48 -31.21 -17.90
PB2 CDL DA . -10.36 -31.66 -19.40
OB3 CDL DA . -9.19 -32.60 -19.60
OB4 CDL DA . -10.11 -30.48 -20.33
OB5 CDL DA . -11.72 -32.37 -19.71
CB3 CDL DA . -12.93 -31.91 -19.28
CB4 CDL DA . -13.69 -33.07 -18.59
OB6 CDL DA . -15.09 -32.88 -18.62
CB5 CDL DA . -15.71 -33.79 -19.43
OB7 CDL DA . -15.20 -34.77 -19.94
C51 CDL DA . -17.18 -33.44 -19.66
C52 CDL DA . -18.09 -33.64 -18.43
C53 CDL DA . -19.40 -32.83 -18.55
CB6 CDL DA . -13.21 -33.16 -17.14
OB8 CDL DA . -13.76 -32.08 -16.37
CB7 CDL DA . -14.16 -32.51 -15.12
OB9 CDL DA . -13.45 -32.99 -14.27
C71 CDL DA . -15.67 -32.27 -14.86
C72 CDL DA . -16.04 -31.24 -13.73
C73 CDL DA . -17.36 -31.61 -12.99
C74 CDL DA . -18.61 -30.89 -13.58
C1 BOG EA . -37.03 -24.47 1.30
O1 BOG EA . -36.17 -24.41 0.16
C2 BOG EA . -37.97 -23.22 1.37
O2 BOG EA . -37.21 -22.01 1.46
C3 BOG EA . -38.89 -23.33 2.60
O3 BOG EA . -39.76 -22.21 2.67
C4 BOG EA . -39.73 -24.63 2.49
O4 BOG EA . -40.61 -24.79 3.63
C5 BOG EA . -38.76 -25.86 2.39
O5 BOG EA . -37.84 -25.70 1.24
C6 BOG EA . -39.52 -27.18 2.25
O6 BOG EA . -40.55 -27.09 1.27
C1' BOG EA . -34.73 -24.27 0.34
C2' BOG EA . -34.00 -24.95 -0.82
C3' BOG EA . -33.03 -24.02 -1.53
C4' BOG EA . -31.90 -24.83 -2.14
C5' BOG EA . -30.53 -24.15 -1.97
C6' BOG EA . -29.41 -24.86 -2.75
C7' BOG EA . -28.10 -24.06 -2.73
C8' BOG EA . -27.06 -24.81 -3.51
C1 BOG FA . -43.80 -27.69 7.42
O1 BOG FA . -44.52 -27.83 8.61
C2 BOG FA . -44.07 -28.89 6.43
O2 BOG FA . -43.72 -30.16 7.01
C3 BOG FA . -43.29 -28.69 5.12
O3 BOG FA . -43.54 -29.77 4.23
C4 BOG FA . -43.72 -27.32 4.48
O4 BOG FA . -43.01 -27.08 3.25
C5 BOG FA . -43.44 -26.15 5.51
O5 BOG FA . -44.15 -26.40 6.79
C6 BOG FA . -43.86 -24.76 4.98
O6 BOG FA . -43.18 -23.69 5.63
C1' BOG FA . -43.83 -27.60 9.88
FE1 FES GA . -52.26 2.93 38.65
FE2 FES GA . -50.45 4.78 39.44
S1 FES GA . -52.65 4.84 39.72
S2 FES GA . -50.06 2.85 38.42
C27 PEE HA . -26.25 -15.84 3.10
C26 PEE HA . -26.40 -15.78 1.57
C25 PEE HA . -26.05 -17.13 0.89
C24 PEE HA . -26.66 -17.25 -0.54
C23 PEE HA . -26.88 -18.71 -1.02
C22 PEE HA . -26.19 -19.05 -2.35
C21 PEE HA . -25.99 -20.28 -2.87
C20 PEE HA . -24.64 -20.91 -3.33
C19 PEE HA . -24.15 -20.43 -4.70
C18 PEE HA . -23.46 -19.31 -5.01
C17 PEE HA . -22.80 -18.96 -6.34
C16 PEE HA . -23.60 -17.92 -7.15
C15 PEE HA . -22.81 -17.22 -8.28
C14 PEE HA . -23.66 -16.71 -9.46
C13 PEE HA . -22.85 -15.95 -10.54
C12 PEE HA . -23.69 -15.18 -11.59
C11 PEE HA . -23.14 -13.73 -11.86
C10 PEE HA . -21.90 -13.61 -12.83
O4 PEE HA . -21.27 -14.60 -13.25
O2 PEE HA . -21.53 -12.26 -13.15
C2 PEE HA . -22.12 -11.58 -14.35
C1 PEE HA . -21.84 -12.38 -15.68
O3P PEE HA . -21.64 -11.53 -16.86
P PEE HA . -22.05 -12.05 -18.36
O2P PEE HA . -22.38 -13.64 -18.35
O1P PEE HA . -20.78 -11.83 -19.32
O4P PEE HA . -23.37 -11.20 -18.94
C4 PEE HA . -23.33 -9.94 -19.73
C5 PEE HA . -24.70 -9.22 -19.87
N PEE HA . -24.89 -8.63 -21.22
C3 PEE HA . -23.63 -11.20 -14.13
O3 PEE HA . -24.23 -10.44 -15.24
C30 PEE HA . -24.03 -9.02 -15.22
O5 PEE HA . -23.40 -8.40 -16.11
C31 PEE HA . -24.68 -8.29 -13.98
C32 PEE HA . -26.23 -8.31 -13.95
C33 PEE HA . -26.80 -9.08 -12.74
C34 PEE HA . -28.22 -8.62 -12.37
C35 PEE HA . -28.86 -9.51 -11.29
C36 PEE HA . -30.37 -9.27 -11.13
C37 PEE HA . -30.77 -8.95 -9.68
C38 PEE HA . -31.66 -10.07 -9.06
C39 PEE HA . -31.98 -9.89 -7.56
C40 PEE HA . -32.49 -11.18 -6.85
C41 PEE HA . -33.84 -10.98 -6.12
C42 PEE HA . -34.72 -12.25 -6.14
C43 PEE HA . -36.24 -11.99 -6.04
C44 PEE HA . -37.17 -13.06 -6.64
C45 PEE HA . -37.55 -14.20 -5.68
C46 PEE HA . -38.95 -14.02 -5.06
CHA HEM IA . -22.38 -4.32 29.90
CHB HEM IA . -20.85 -0.78 27.07
CHC HEM IA . -17.80 -3.81 24.99
CHD HEM IA . -19.55 -7.35 27.64
C1A HEM IA . -22.21 -3.10 29.33
C2A HEM IA . -23.00 -1.93 29.66
C3A HEM IA . -22.66 -0.97 28.80
C4A HEM IA . -21.55 -1.49 28.03
CMA HEM IA . -23.29 0.41 28.66
CAA HEM IA . -23.91 -1.80 30.85
CBA HEM IA . -22.97 -1.60 32.03
CGA HEM IA . -23.70 -1.30 33.33
O1A HEM IA . -24.01 -2.23 34.12
O2A HEM IA . -23.98 -0.10 33.53
C1B HEM IA . -19.84 -1.28 26.27
C2B HEM IA . -19.24 -0.54 25.17
C3B HEM IA . -18.30 -1.39 24.68
C4B HEM IA . -18.44 -2.66 25.38
CMB HEM IA . -19.64 0.86 24.68
CAB HEM IA . -17.37 -1.17 23.66
CBB HEM IA . -17.75 -0.60 22.30
C1C HEM IA . -18.10 -5.06 25.45
C2C HEM IA . -17.52 -6.30 24.90
C3C HEM IA . -17.92 -7.30 25.75
C4C HEM IA . -18.88 -6.68 26.67
CMC HEM IA . -16.61 -6.41 23.66
CAC HEM IA . -17.43 -8.60 25.81
CBC HEM IA . -17.41 -9.48 24.57
C1D HEM IA . -20.43 -6.82 28.51
C2D HEM IA . -21.07 -7.59 29.57
C3D HEM IA . -21.92 -6.72 30.18
C4D HEM IA . -21.73 -5.43 29.54
CMD HEM IA . -20.75 -9.05 30.02
CAD HEM IA . -22.81 -7.10 31.35
CBD HEM IA . -22.23 -6.80 32.73
CGD HEM IA . -22.58 -5.41 33.23
O1D HEM IA . -23.79 -5.07 33.23
O2D HEM IA . -21.66 -4.65 33.61
NA HEM IA . -21.30 -2.83 28.33
NB HEM IA . -19.40 -2.60 26.33
NC HEM IA . -18.98 -5.31 26.48
ND HEM IA . -20.80 -5.49 28.52
FE HEM IA . -20.11 -4.06 27.40
CHA HEM JA . -9.08 11.52 13.33
CHB HEM JA . -9.93 7.62 15.96
CHC HEM JA . -14.62 8.52 15.83
CHD HEM JA . -13.84 12.18 12.85
C1A HEM JA . -8.95 10.45 14.17
C2A HEM JA . -7.68 10.03 14.73
C3A HEM JA . -7.89 8.84 15.37
C4A HEM JA . -9.33 8.64 15.31
CMA HEM JA . -6.84 7.96 16.07
CAA HEM JA . -6.34 10.80 14.68
CBA HEM JA . -5.99 11.73 15.86
CGA HEM JA . -7.08 12.75 16.12
O1A HEM JA . -7.88 12.56 17.09
O2A HEM JA . -7.17 13.74 15.35
C1B HEM JA . -11.27 7.49 16.15
C2B HEM JA . -11.87 6.41 16.96
C3B HEM JA . -13.22 6.58 16.71
C4B HEM JA . -13.41 7.90 16.07
CMB HEM JA . -11.22 5.31 17.84
CAB HEM JA . -14.22 5.66 16.99
CBB HEM JA . -14.33 5.14 18.41
C1C HEM JA . -14.82 9.63 15.03
C2C HEM JA . -16.07 10.38 14.93
C3C HEM JA . -15.83 11.44 14.10
C4C HEM JA . -14.47 11.30 13.68
CMC HEM JA . -17.36 10.03 15.67
CAC HEM JA . -16.66 12.52 13.77
CBC HEM JA . -18.05 12.37 13.24
C1D HEM JA . -12.48 12.26 12.63
C2D HEM JA . -11.83 13.22 11.74
C3D HEM JA . -10.49 13.07 11.92
C4D HEM JA . -10.30 11.94 12.86
CMD HEM JA . -12.52 14.29 10.88
CAD HEM JA . -9.46 14.06 11.39
CBD HEM JA . -8.79 14.79 12.55
CGD HEM JA . -8.03 16.02 12.10
O1D HEM JA . -8.65 17.11 12.02
O2D HEM JA . -6.83 15.89 11.82
NA HEM JA . -10.00 9.67 14.64
NB HEM JA . -12.21 8.39 15.61
NC HEM JA . -13.83 10.28 14.35
ND HEM JA . -11.55 11.42 13.25
FE HEM JA . -11.97 9.95 14.45
C1 BOG KA . -3.49 2.89 7.64
O1 BOG KA . -4.81 3.33 7.76
C2 BOG KA . -3.32 1.47 8.29
O2 BOG KA . -3.66 1.49 9.68
C3 BOG KA . -1.88 1.02 8.11
O3 BOG KA . -1.70 -0.27 8.69
C4 BOG KA . -1.52 1.00 6.57
O4 BOG KA . -0.16 0.58 6.35
C5 BOG KA . -1.74 2.44 5.96
O5 BOG KA . -3.14 2.89 6.20
C6 BOG KA . -1.46 2.49 4.44
O6 BOG KA . -2.35 1.68 3.66
C1 IKR LA . -30.22 6.75 21.63
C2 IKR LA . -30.17 5.41 22.08
C3 IKR LA . -30.85 5.06 23.26
C4 IKR LA . -31.59 6.04 23.99
C5 IKR LA . -31.64 7.39 23.53
C6 IKR LA . -30.94 7.72 22.34
C11 IKR LA . -32.39 8.46 24.25
O15 IKR LA . -32.28 5.69 25.13
C16 IKR LA . -31.85 4.48 25.77
C17 IKR LA . -32.34 4.48 27.20
C20 IKR LA . -31.67 3.75 28.22
C21 IKR LA . -32.14 3.74 29.57
C22 IKR LA . -33.31 4.48 29.90
C23 IKR LA . -33.98 5.20 28.88
C24 IKR LA . -33.52 5.22 27.55
C29 IKR LA . -30.43 2.95 27.96
C30 IKR LA . -29.11 3.64 28.19
O31 IKR LA . -28.11 2.87 27.67
C32 IKR LA . -26.79 3.39 27.83
O36 IKR LA . -29.01 4.69 28.77
N37 IKR LA . -30.40 1.71 27.56
O38 IKR LA . -31.69 1.17 27.39
C39 IKR LA . -31.56 -0.17 26.97
C40 IKR LA . -29.41 4.22 21.42
I1 IKR LA . -29.24 7.27 19.91
C1 UQ MA . -2.35 9.99 16.03
C2 UQ MA . -2.27 10.97 14.82
C3 UQ MA . -2.54 10.54 13.51
C4 UQ MA . -2.90 9.04 13.24
C5 UQ MA . -2.99 8.04 14.44
C6 UQ MA . -2.73 8.49 15.78
CM5 UQ MA . -3.36 6.58 14.07
CM3 UQ MA . -1.18 11.57 11.69
CM2 UQ MA . -0.50 12.59 15.29
C7 UQ MA . -2.76 7.59 17.11
C8 UQ MA . -3.48 6.22 17.20
C9 UQ MA . -3.10 5.17 17.97
C10 UQ MA . -1.86 5.32 18.85
C11 UQ MA . -3.83 3.82 18.06
C12 UQ MA . -3.85 3.11 19.45
O2 UQ MA . -1.92 12.33 15.09
O3 UQ MA . -2.46 11.45 12.39
O4 UQ MA . -3.13 8.67 12.08
O1 UQ MA . -2.12 10.40 17.19
C1 CDL NA . -6.62 24.94 22.92
O1 CDL NA . -7.15 25.38 21.58
CA2 CDL NA . -6.52 26.11 23.95
OA2 CDL NA . -6.92 27.32 23.39
PA1 CDL NA . -6.40 28.74 23.86
OA3 CDL NA . -7.06 29.86 23.09
OA4 CDL NA . -4.91 28.90 23.60
OA5 CDL NA . -6.76 28.82 25.40
CA3 CDL NA . -5.89 28.50 26.41
CA4 CDL NA . -6.68 28.24 27.71
OA6 CDL NA . -7.65 29.27 27.99
CA5 CDL NA . -8.87 28.75 28.38
OA7 CDL NA . -9.04 27.88 29.20
C11 CDL NA . -10.05 29.40 27.63
C12 CDL NA . -11.35 29.60 28.48
CA6 CDL NA . -5.62 28.20 28.83
OA8 CDL NA . -5.52 26.88 29.31
CA7 CDL NA . -4.23 26.55 29.67
OA9 CDL NA . -3.31 26.36 28.93
C31 CDL NA . -4.06 26.39 31.18
CB2 CDL NA . -5.23 24.25 22.77
OB2 CDL NA . -4.50 24.37 23.94
PB2 CDL NA . -3.86 23.16 24.68
OB3 CDL NA . -2.89 23.62 25.75
OB4 CDL NA . -3.04 22.28 23.76
OB5 CDL NA . -5.11 22.39 25.29
CB3 CDL NA . -5.53 22.51 26.62
CB4 CDL NA . -7.01 22.01 26.81
OB6 CDL NA . -7.45 20.97 25.95
CB5 CDL NA . -7.85 19.87 26.69
OB7 CDL NA . -7.11 19.02 27.13
C51 CDL NA . -9.38 19.80 26.92
C52 CDL NA . -9.88 18.73 27.95
C53 CDL NA . -11.30 19.06 28.51
CB6 CDL NA . -7.95 23.22 26.64
OB8 CDL NA . -7.80 24.14 27.70
CB7 CDL NA . -8.48 23.77 28.86
OB9 CDL NA . -7.99 23.17 29.78
C71 CDL NA . -9.94 24.25 28.87
C72 CDL NA . -10.78 23.85 30.12
C26 PEE OA . -24.12 14.63 18.96
C25 PEE OA . -23.71 15.99 18.33
C24 PEE OA . -22.38 16.52 18.93
C23 PEE OA . -21.99 17.99 18.52
C22 PEE OA . -20.63 18.50 19.03
C21 PEE OA . -20.37 19.06 20.23
C20 PEE OA . -19.76 18.35 21.42
C19 PEE OA . -19.33 19.27 22.54
C18 PEE OA . -18.14 19.32 23.19
C17 PEE OA . -17.30 20.56 23.50
C16 PEE OA . -15.80 20.38 23.16
C15 PEE OA . -15.25 21.26 21.99
C14 PEE OA . -13.71 21.45 22.02
C13 PEE OA . -13.11 22.17 20.79
C12 PEE OA . -13.32 23.70 20.75
C11 PEE OA . -12.08 24.46 20.22
C10 PEE OA . -11.22 25.09 21.33
O4 PEE OA . -10.48 24.39 22.04
O2 PEE OA . -11.35 26.50 21.43
C2 PEE OA . -10.31 27.21 22.25
C1 PEE OA . -9.42 28.11 21.35
O3P PEE OA . -9.46 27.81 19.92
P PEE OA . -8.37 28.47 18.89
O2P PEE OA . -9.12 29.62 18.03
O1P PEE OA . -7.84 27.33 17.89
O4P PEE OA . -7.07 29.08 19.70
C4 PEE OA . -5.67 28.94 19.26
C5 PEE OA . -4.71 30.01 19.86
N PEE OA . -3.90 29.48 20.98
C3 PEE OA . -10.94 27.99 23.46
O3 PEE OA . -11.84 27.18 24.28
C30 PEE OA . -11.26 26.55 25.41
O5 PEE OA . -10.04 26.35 25.57
C31 PEE OA . -12.31 26.12 26.48
C32 PEE OA . -12.66 24.61 26.45
C33 PEE OA . -13.83 24.25 27.40
C34 PEE OA . -14.20 22.75 27.31
C35 PEE OA . -15.35 22.37 28.27
C36 PEE OA . -16.52 21.65 27.54
C37 PEE OA . -17.85 21.83 28.29
C38 PEE OA . -18.53 20.47 28.59
C39 PEE OA . -19.91 20.28 27.93
C40 PEE OA . -20.45 18.82 27.95
C41 PEE OA . -21.37 18.49 26.76
C42 PEE OA . -22.57 17.61 27.17
C43 PEE OA . -22.82 16.40 26.25
C44 PEE OA . -23.60 16.66 24.94
C45 PEE OA . -23.61 15.48 23.96
C46 PEE OA . -23.18 15.90 22.55
O3P PEE PA . 12.01 4.75 21.54
P PEE PA . 13.45 5.25 20.94
O2P PEE PA . 14.51 5.43 22.14
O1P PEE PA . 13.23 6.66 20.18
O4P PEE PA . 14.04 4.16 19.86
C1 GOL QA . -27.08 -5.61 39.14
O1 GOL QA . -27.56 -4.53 38.27
C2 GOL QA . -26.37 -5.10 40.43
O2 GOL QA . -25.98 -3.68 40.24
C3 GOL QA . -25.16 -5.99 40.86
O3 GOL QA . -24.11 -5.29 41.62
FE HEC RA . -38.95 -3.08 56.36
CHA HEC RA . -39.97 -1.71 53.35
CHB HEC RA . -36.08 -1.37 56.09
CHC HEC RA . -37.87 -4.36 59.28
CHD HEC RA . -41.83 -4.63 56.56
NA HEC RA . -38.18 -1.85 54.98
C1A HEC RA . -38.73 -1.36 53.79
C2A HEC RA . -37.85 -0.39 53.15
C3A HEC RA . -36.74 -0.41 53.89
C4A HEC RA . -36.96 -1.24 55.05
CMA HEC RA . -35.49 0.40 53.58
CAA HEC RA . -38.05 0.66 52.05
CBA HEC RA . -39.02 0.38 50.91
CGA HEC RA . -39.10 1.53 49.93
O1A HEC RA . -39.82 1.40 48.91
O2A HEC RA . -38.43 2.57 50.16
NB HEC RA . -37.32 -2.91 57.47
C1B HEC RA . -36.23 -2.15 57.20
C2B HEC RA . -35.21 -2.34 58.17
C3B HEC RA . -35.68 -3.19 59.07
C4B HEC RA . -37.00 -3.53 58.64
CMB HEC RA . -33.84 -1.69 58.22
CAB HEC RA . -35.05 -3.70 60.34
CBB HEC RA . -34.39 -2.65 61.21
NC HEC RA . -39.71 -4.21 57.69
C1C HEC RA . -39.14 -4.68 58.86
C2C HEC RA . -39.96 -5.76 59.41
C3C HEC RA . -41.05 -5.85 58.62
C4C HEC RA . -40.93 -4.82 57.60
CMC HEC RA . -39.68 -6.76 60.53
CAC HEC RA . -42.17 -6.89 58.51
CBC HEC RA . -43.16 -6.47 59.62
ND HEC RA . -40.54 -3.17 55.19
C1D HEC RA . -41.66 -3.89 55.44
C2D HEC RA . -42.64 -3.70 54.40
C3D HEC RA . -42.15 -2.81 53.52
C4D HEC RA . -40.82 -2.52 54.00
CMD HEC RA . -44.02 -4.36 54.31
CAD HEC RA . -42.89 -2.28 52.26
CBD HEC RA . -43.51 -0.89 52.37
CGD HEC RA . -44.21 -0.46 51.08
O1D HEC RA . -43.59 -0.60 50.02
O2D HEC RA . -45.37 0.04 51.13
C1 CDL SA . 0.22 24.31 26.37
O1 CDL SA . -0.62 24.30 27.61
CA2 CDL SA . 1.07 23.05 26.19
OA2 CDL SA . 0.26 21.94 26.32
PA1 CDL SA . 0.83 20.54 26.74
OA3 CDL SA . 2.03 20.68 27.65
OA4 CDL SA . 1.32 19.75 25.55
OA5 CDL SA . -0.36 19.79 27.47
CA3 CDL SA . -1.69 19.85 27.08
CA4 CDL SA . -2.56 18.97 28.03
OA6 CDL SA . -3.75 18.43 27.42
CA5 CDL SA . -3.55 17.15 26.89
OA7 CDL SA . -2.49 16.58 26.70
C11 CDL SA . -4.88 16.48 26.49
C12 CDL SA . -5.71 15.90 27.66
CA6 CDL SA . -2.95 19.88 29.24
OA8 CDL SA . -4.26 20.41 29.07
CA7 CDL SA . -4.80 20.83 30.26
OA9 CDL SA . -4.70 21.93 30.74
C31 CDL SA . -5.62 19.74 30.97
CB2 CDL SA . 1.17 25.54 26.33
OB2 CDL SA . 1.85 25.67 27.52
PB2 CDL SA . 2.84 26.85 27.79
OB3 CDL SA . 2.24 28.18 27.39
OB4 CDL SA . 4.13 26.72 26.99
OB5 CDL SA . 3.13 26.80 29.33
CB3 CDL SA . 3.31 25.63 30.04
CB4 CDL SA . 2.39 25.66 31.27
OB6 CDL SA . 2.86 24.84 32.32
CB5 CDL SA . 3.23 25.57 33.41
OB7 CDL SA . 3.04 26.74 33.61
C51 CDL SA . 3.98 24.70 34.44
C52 CDL SA . 3.09 23.68 35.20
C53 CDL SA . 3.92 22.56 35.88
CB6 CDL SA . 0.99 25.17 30.83
OB8 CDL SA . 1.01 23.76 30.63
CB7 CDL SA . -0.14 23.15 31.11
OB9 CDL SA . -1.28 23.40 30.76
C71 CDL SA . 0.17 22.07 32.17
C72 CDL SA . -0.17 20.60 31.78
C73 CDL SA . -0.62 19.76 33.01
C74 CDL SA . 0.54 18.96 33.67
C1 BOG TA . -3.96 -2.62 44.40
O1 BOG TA . -3.29 -1.53 43.77
C2 BOG TA . -3.01 -3.86 44.56
O2 BOG TA . -2.55 -4.32 43.29
C3 BOG TA . -3.76 -5.01 45.25
O3 BOG TA . -2.92 -6.14 45.40
C4 BOG TA . -4.25 -4.51 46.64
O4 BOG TA . -4.97 -5.55 47.33
C5 BOG TA . -5.17 -3.24 46.45
O5 BOG TA . -4.44 -2.18 45.73
C6 BOG TA . -5.63 -2.67 47.79
O6 BOG TA . -4.58 -2.56 48.72
C1' BOG TA . -3.69 -1.07 42.44
C2' BOG TA . -3.39 0.43 42.30
C3' BOG TA . -2.46 0.75 41.15
C4' BOG TA . -2.75 2.18 40.68
C5' BOG TA . -2.83 2.30 39.15
C6' BOG TA . -2.96 3.75 38.67
C7' BOG TA . -2.67 3.85 37.18
C8' BOG TA . -2.80 5.28 36.79
C1 BOG UA . -9.54 -7.27 51.17
O1 BOG UA . -10.11 -6.96 52.43
C2 BOG UA . -8.12 -7.92 51.35
O2 BOG UA . -7.23 -7.03 52.04
C3 BOG UA . -7.53 -8.26 49.97
O3 BOG UA . -6.24 -8.86 50.12
C4 BOG UA . -8.51 -9.24 49.23
O4 BOG UA . -7.99 -9.59 47.93
C5 BOG UA . -9.93 -8.56 49.08
O5 BOG UA . -10.45 -8.18 50.43
C6 BOG UA . -10.98 -9.48 48.38
O6 BOG UA . -11.24 -9.12 47.02
C1' BOG UA . -10.34 -5.56 52.76
FE1 FES VA . -17.67 -49.31 38.34
FE2 FES VA . -17.80 -50.09 35.77
S1 FES VA . -17.50 -51.36 37.55
S2 FES VA . -17.95 -48.02 36.55
C27 PEE WA . -3.94 -3.99 30.60
C26 PEE WA . -2.61 -3.27 30.82
C25 PEE WA . -2.80 -1.83 31.35
C24 PEE WA . -1.51 -1.27 32.04
C23 PEE WA . -1.75 -0.11 33.06
C22 PEE WA . -1.01 1.18 32.73
C21 PEE WA . -1.25 2.41 33.26
C20 PEE WA . -1.50 3.72 32.50
C19 PEE WA . -0.24 4.39 31.94
C18 PEE WA . 0.38 4.18 30.76
C17 PEE WA . 1.49 4.99 30.11
C16 PEE WA . 2.89 4.32 30.26
C15 PEE WA . 4.01 4.89 29.34
C14 PEE WA . 5.46 4.74 29.89
C13 PEE WA . 6.53 5.25 28.92
C12 PEE WA . 8.00 4.85 29.25
C11 PEE WA . 8.78 4.30 28.00
C10 PEE WA . 9.29 5.35 26.92
O4 PEE WA . 8.94 6.55 26.94
O2 PEE WA . 10.17 4.80 25.90
C2 PEE WA . 11.65 4.72 26.13
C1 PEE WA . 12.30 6.13 26.38
O3P PEE WA . 13.68 6.28 25.89
P PEE WA . 14.76 7.30 26.60
O2P PEE WA . 14.02 8.22 27.72
O1P PEE WA . 15.35 8.30 25.47
O4P PEE WA . 16.03 6.43 27.28
C4 PEE WA . 17.25 5.97 26.56
C5 PEE WA . 18.07 4.88 27.27
N PEE WA . 19.53 5.14 27.24
C3 PEE WA . 12.06 3.62 27.18
O3 PEE WA . 13.51 3.42 27.35
C30 PEE WA . 14.13 2.57 26.40
O5 PEE WA . 15.03 2.94 25.61
C31 PEE WA . 13.59 1.08 26.42
C32 PEE WA . 13.91 0.31 27.74
C33 PEE WA . 12.64 -0.15 28.48
C34 PEE WA . 12.91 -1.34 29.40
C35 PEE WA . 11.75 -1.63 30.36
C36 PEE WA . 12.15 -2.61 31.50
C37 PEE WA . 11.23 -3.85 31.57
C38 PEE WA . 10.40 -3.91 32.87
C39 PEE WA . 9.33 -5.03 32.91
C40 PEE WA . 8.22 -4.80 33.96
C41 PEE WA . 8.09 -5.98 34.95
C42 PEE WA . 7.69 -5.51 36.37
C43 PEE WA . 8.07 -6.50 37.50
C44 PEE WA . 8.30 -5.90 38.92
C45 PEE WA . 7.05 -5.85 39.82
C46 PEE WA . 7.03 -7.00 40.83
#